data_7MPG
#
_entry.id   7MPG
#
_cell.length_a   1.00
_cell.length_b   1.00
_cell.length_c   1.00
_cell.angle_alpha   90.00
_cell.angle_beta   90.00
_cell.angle_gamma   90.00
#
_symmetry.space_group_name_H-M   'P 1'
#
loop_
_entity.id
_entity.type
_entity.pdbx_description
1 polymer 'Fusion glycoprotein F0,Envelope glycoprotein'
2 polymer 'AM14 Fab Heavy Chain'
3 polymer 'AM14 Fab Light Chain'
4 non-polymer 2-acetamido-2-deoxy-beta-D-glucopyranose
#
loop_
_entity_poly.entity_id
_entity_poly.type
_entity_poly.pdbx_seq_one_letter_code
_entity_poly.pdbx_strand_id
1 'polypeptide(L)'
;QNITEEFYQSTCSAVSKGYLSALRTGWYTSVITIELSNIKENKCNGTDAKVKLIKQELDKYKNAVTELQLLMQSTPATNN
RAFLGFLLGVGSAIASGVAVCKVLHLEGEVNKIKSALLSTNKAVVSLSNGVSVLTFKVLDLKNYIDKQLLPILNKQSCSI
SNIETVIEFQQKNNRLLEITREFSVNAGVTTPVSTYMLTNSELLSLINDMPITNDQKKLMSNNVQIVRQQSYSIMCIIKE
EVLAYVVQLPLYGVIDTPCWKLHTSPLCTTNTKEGSNICLTRTDRGWYCDNAGSVSFFPQAETCKVQSNRVFCDTMNSLT
LPSEVNLCNVDIFNPKYDCKIMTSKTDVSSSVITSLGAIVSCYGKTKCTASNKNRGIIKTFSNGCDYVSNKGVDTVSVGN
TLYYVNKQEGKSLYVKGEPIINFYDPLVFPSDEFDASISQVNEKINQSLAFIRKSDELLSAIGGYIPEAPRDGQAYVRKD
GEWVLLSTFLGGLVPR
;
A,B,C
2 'polypeptide(L)'
;CVQLVESGGGVVQPGRSLRLSCAASGFSFSHYAMHWVRQAPGKGLEWVAVISYDGENTYYADSVKGRFSISRDNSKNTVS
LQMNSLRPEDTALYYCARDRIVDDYYYYGMDVWGQGATVTVSSASTKGPSVFPLAPSSKSTSGGTAALGCLVKDYFPEPV
TVSWNSGALTSGVHTFPAVLQSSGLYSLSSVVTVPSSSLGTQTYICNVNHKPSNTKVDKKVEPKSCDKGSENLYFQGSHH
HHHH
;
F,H,D
3 'polypeptide(L)'
;METPAELLFLLLLWLPDTTGDIQMTQSPSSLSASVGDRVTITCQASQDIKKYLNWYHQKPGKVPELLMHDASNLETGVPS
RFSGRGSGTDFTLTISSLQPEDIGTYYCQQYDNLPPLTFGGGTKVEIKRTVAAPSVFIFPPSDEQLKSGTASVVCLLNNF
YPREAKVQWKVDNALQSGNSQESVTEQDSKDSTYSLSSTLTLSKADYEKHKVYACEVTHQGLSSPVTKSFNRGEC
;
G,I,E
#
# COMPACT_ATOMS: atom_id res chain seq x y z
N GLN A 1 2.27 -28.14 24.52
CA GLN A 1 2.22 -27.44 25.80
C GLN A 1 2.54 -25.95 25.63
N ASN A 2 2.56 -25.50 24.38
CA ASN A 2 2.83 -24.09 24.07
C ASN A 2 1.57 -23.33 23.67
N ILE A 3 0.78 -23.87 22.75
CA ILE A 3 -0.45 -23.23 22.31
C ILE A 3 -1.57 -24.28 22.31
N THR A 4 -2.79 -23.80 22.48
CA THR A 4 -3.98 -24.63 22.53
C THR A 4 -5.18 -23.74 22.29
N GLU A 5 -6.38 -24.28 22.50
CA GLU A 5 -7.57 -23.46 22.38
C GLU A 5 -8.68 -24.03 23.24
N GLU A 6 -9.52 -23.14 23.77
CA GLU A 6 -10.71 -23.58 24.49
C GLU A 6 -11.89 -22.69 24.09
N PHE A 7 -13.01 -23.35 23.77
CA PHE A 7 -14.21 -22.66 23.32
C PHE A 7 -15.30 -22.88 24.37
N TYR A 8 -15.87 -21.79 24.85
CA TYR A 8 -16.97 -21.82 25.81
C TYR A 8 -18.28 -21.71 25.04
N GLN A 9 -19.14 -22.72 25.21
CA GLN A 9 -20.51 -22.65 24.73
C GLN A 9 -21.41 -21.83 25.64
N SER A 10 -20.91 -21.45 26.82
CA SER A 10 -21.69 -20.62 27.73
C SER A 10 -22.08 -19.29 27.09
N THR A 11 -21.14 -18.62 26.43
CA THR A 11 -21.47 -17.40 25.69
C THR A 11 -21.06 -17.50 24.23
N CYS A 12 -20.64 -18.68 23.77
CA CYS A 12 -20.27 -18.90 22.38
C CYS A 12 -19.06 -18.06 21.98
N SER A 13 -17.91 -18.39 22.57
CA SER A 13 -16.66 -17.70 22.24
C SER A 13 -15.48 -18.68 22.26
N ALA A 14 -14.39 -18.27 21.60
CA ALA A 14 -13.18 -19.09 21.51
C ALA A 14 -11.99 -18.31 22.04
N VAL A 15 -11.08 -19.02 22.69
CA VAL A 15 -9.89 -18.43 23.29
C VAL A 15 -8.66 -19.19 22.80
N SER A 16 -7.71 -18.46 22.21
CA SER A 16 -6.44 -18.99 21.73
C SER A 16 -5.35 -18.49 22.65
N LYS A 17 -4.83 -19.39 23.49
CA LYS A 17 -4.04 -19.02 24.67
C LYS A 17 -2.53 -19.20 24.51
N GLY A 18 -2.02 -19.40 23.30
CA GLY A 18 -0.63 -19.80 23.14
C GLY A 18 0.36 -18.69 22.85
N TYR A 19 -0.06 -17.61 22.20
CA TYR A 19 0.90 -16.64 21.68
C TYR A 19 1.59 -15.89 22.81
N LEU A 20 2.84 -15.51 22.55
CA LEU A 20 3.67 -14.77 23.49
C LEU A 20 3.69 -13.30 23.10
N SER A 21 3.53 -12.44 24.10
CA SER A 21 3.36 -11.01 23.90
C SER A 21 4.61 -10.38 23.29
N ALA A 22 4.39 -9.36 22.46
CA ALA A 22 5.46 -8.45 22.07
C ALA A 22 4.84 -7.06 21.97
N LEU A 23 4.96 -6.30 23.06
CA LEU A 23 4.36 -4.97 23.19
C LEU A 23 5.43 -3.92 23.04
N ARG A 24 5.23 -2.99 22.11
CA ARG A 24 6.09 -1.82 21.98
C ARG A 24 5.63 -0.78 23.01
N THR A 25 6.08 -0.98 24.25
CA THR A 25 5.77 -0.01 25.29
C THR A 25 6.80 1.11 25.34
N GLY A 26 7.80 1.10 24.43
CA GLY A 26 8.68 2.22 24.26
C GLY A 26 8.99 2.47 22.80
N TRP A 27 9.42 3.70 22.50
CA TRP A 27 9.90 4.07 21.17
C TRP A 27 11.40 4.31 21.22
N TYR A 28 12.01 4.32 20.03
CA TYR A 28 13.45 4.55 19.90
C TYR A 28 13.73 5.24 18.57
N THR A 29 14.43 6.38 18.64
CA THR A 29 14.77 7.14 17.45
C THR A 29 16.19 6.83 16.99
N SER A 30 16.40 6.91 15.68
CA SER A 30 17.74 6.77 15.11
C SER A 30 17.81 7.57 13.83
N VAL A 31 18.71 8.56 13.78
CA VAL A 31 18.79 9.48 12.64
C VAL A 31 19.88 8.93 11.72
N ILE A 32 19.45 8.39 10.57
CA ILE A 32 20.38 7.90 9.58
C ILE A 32 20.83 9.06 8.68
N THR A 33 22.05 8.95 8.16
CA THR A 33 22.61 9.98 7.31
C THR A 33 23.21 9.35 6.06
N ILE A 34 23.24 10.14 4.98
CA ILE A 34 23.89 9.78 3.73
C ILE A 34 24.60 11.02 3.21
N GLU A 35 25.91 10.92 3.01
CA GLU A 35 26.75 12.08 2.75
C GLU A 35 26.59 12.50 1.30
N LEU A 36 25.86 13.59 1.06
CA LEU A 36 25.45 14.01 -0.27
C LEU A 36 26.59 14.72 -1.01
N SER A 37 26.24 15.36 -2.13
CA SER A 37 27.18 16.14 -2.93
C SER A 37 26.45 17.37 -3.47
N ASN A 38 27.02 18.55 -3.24
CA ASN A 38 26.55 19.78 -3.89
C ASN A 38 27.29 19.91 -5.21
N ILE A 39 26.98 18.98 -6.13
CA ILE A 39 27.74 18.85 -7.36
C ILE A 39 27.72 20.16 -8.13
N LYS A 40 28.89 20.56 -8.60
CA LYS A 40 28.99 21.66 -9.56
C LYS A 40 28.50 21.18 -10.91
N GLU A 41 27.79 22.04 -11.63
CA GLU A 41 27.15 21.63 -12.87
C GLU A 41 28.17 20.98 -13.81
N ASN A 42 27.79 19.83 -14.36
CA ASN A 42 28.68 19.09 -15.24
C ASN A 42 28.85 19.84 -16.56
N LYS A 43 29.93 19.55 -17.26
CA LYS A 43 30.30 20.31 -18.46
C LYS A 43 31.25 19.52 -19.35
N CYS A 44 30.80 19.19 -20.56
CA CYS A 44 31.63 18.47 -21.52
C CYS A 44 31.24 18.90 -22.92
N ASN A 45 32.11 19.67 -23.57
CA ASN A 45 31.88 20.11 -24.94
C ASN A 45 32.30 19.00 -25.90
N GLY A 46 31.33 18.20 -26.32
CA GLY A 46 31.59 16.99 -27.08
C GLY A 46 30.93 15.80 -26.42
N THR A 47 30.06 15.10 -27.16
CA THR A 47 29.19 14.11 -26.56
C THR A 47 29.66 12.69 -26.93
N ASP A 48 30.09 11.97 -25.90
CA ASP A 48 30.28 10.53 -26.01
C ASP A 48 29.14 9.84 -25.26
N ALA A 49 28.69 8.70 -25.80
CA ALA A 49 27.50 8.06 -25.26
C ALA A 49 27.68 7.68 -23.80
N LYS A 50 28.87 7.18 -23.43
CA LYS A 50 29.15 6.93 -22.03
C LYS A 50 29.08 8.22 -21.21
N VAL A 51 29.60 9.31 -21.78
CA VAL A 51 29.53 10.60 -21.10
C VAL A 51 28.08 11.01 -20.92
N LYS A 52 27.25 10.80 -21.95
CA LYS A 52 25.83 11.12 -21.81
C LYS A 52 25.17 10.26 -20.74
N LEU A 53 25.57 8.99 -20.63
CA LEU A 53 25.00 8.13 -19.60
C LEU A 53 25.38 8.63 -18.21
N ILE A 54 26.64 9.02 -18.03
CA ILE A 54 27.07 9.58 -16.76
C ILE A 54 26.28 10.84 -16.44
N LYS A 55 26.10 11.70 -17.45
CA LYS A 55 25.33 12.92 -17.25
C LYS A 55 23.88 12.62 -16.88
N GLN A 56 23.29 11.61 -17.51
CA GLN A 56 21.91 11.25 -17.19
C GLN A 56 21.79 10.71 -15.78
N GLU A 57 22.77 9.92 -15.34
CA GLU A 57 22.75 9.44 -13.96
C GLU A 57 22.88 10.60 -12.98
N LEU A 58 23.78 11.55 -13.26
CA LEU A 58 23.92 12.71 -12.40
C LEU A 58 22.64 13.53 -12.37
N ASP A 59 21.99 13.68 -13.51
CA ASP A 59 20.74 14.44 -13.58
C ASP A 59 19.60 13.70 -12.89
N LYS A 60 19.60 12.37 -12.93
CA LYS A 60 18.62 11.60 -12.17
C LYS A 60 18.80 11.83 -10.68
N TYR A 61 20.05 11.79 -10.21
CA TYR A 61 20.33 12.19 -8.83
C TYR A 61 19.85 13.60 -8.53
N LYS A 62 20.07 14.53 -9.46
CA LYS A 62 19.69 15.91 -9.21
C LYS A 62 18.18 16.06 -9.12
N ASN A 63 17.44 15.32 -9.94
CA ASN A 63 15.99 15.31 -9.81
C ASN A 63 15.55 14.67 -8.50
N ALA A 64 16.24 13.60 -8.09
CA ALA A 64 15.98 12.99 -6.79
C ALA A 64 16.09 14.04 -5.68
N VAL A 65 17.19 14.78 -5.68
CA VAL A 65 17.43 15.71 -4.57
C VAL A 65 16.54 16.94 -4.71
N THR A 66 16.14 17.31 -5.93
CA THR A 66 15.17 18.39 -6.08
C THR A 66 13.83 18.00 -5.50
N GLU A 67 13.37 16.78 -5.81
CA GLU A 67 12.18 16.23 -5.17
C GLU A 67 12.30 16.27 -3.66
N LEU A 68 13.45 15.82 -3.13
CA LEU A 68 13.65 15.79 -1.69
C LEU A 68 13.60 17.20 -1.09
N GLN A 69 14.27 18.15 -1.74
CA GLN A 69 14.23 19.54 -1.28
C GLN A 69 12.79 20.02 -1.18
N LEU A 70 12.00 19.79 -2.23
CA LEU A 70 10.62 20.28 -2.19
C LEU A 70 9.80 19.49 -1.18
N LEU A 71 10.30 18.33 -0.75
CA LEU A 71 9.57 17.51 0.21
C LEU A 71 10.19 17.55 1.60
N MET A 72 10.98 18.58 1.90
CA MET A 72 11.56 18.71 3.23
C MET A 72 10.54 19.32 4.17
N GLN A 73 9.33 18.73 4.20
CA GLN A 73 8.25 19.12 5.10
C GLN A 73 8.15 20.64 5.25
N SER A 74 8.46 21.36 4.18
CA SER A 74 8.47 22.81 4.24
C SER A 74 7.04 23.33 4.33
N PHE A 83 -20.11 -2.36 17.98
CA PHE A 83 -18.86 -3.02 18.35
C PHE A 83 -17.95 -2.09 19.12
N LEU A 84 -17.40 -2.57 20.23
CA LEU A 84 -16.44 -1.81 21.02
C LEU A 84 -15.14 -1.67 20.24
N GLY A 85 -14.42 -0.57 20.50
CA GLY A 85 -13.21 -0.27 19.76
C GLY A 85 -13.18 1.16 19.27
N PHE A 86 -14.06 1.99 19.82
CA PHE A 86 -14.23 3.37 19.37
C PHE A 86 -13.89 4.42 20.42
N LEU A 87 -13.46 4.02 21.62
CA LEU A 87 -13.12 4.96 22.68
C LEU A 87 -11.62 4.97 23.01
N LEU A 88 -10.80 4.28 22.23
CA LEU A 88 -9.40 4.10 22.61
C LEU A 88 -8.71 5.45 22.84
N GLY A 89 -8.81 6.36 21.88
CA GLY A 89 -8.09 7.62 21.94
C GLY A 89 -6.80 7.56 21.15
N VAL A 90 -6.80 8.17 19.97
CA VAL A 90 -5.69 8.05 19.03
C VAL A 90 -4.45 8.77 19.56
N GLY A 91 -3.31 8.53 18.94
CA GLY A 91 -2.06 9.11 19.38
C GLY A 91 -1.13 9.51 18.25
N SER A 92 -0.32 10.54 18.49
CA SER A 92 0.60 11.05 17.45
C SER A 92 1.75 10.07 17.24
N ALA A 93 1.66 9.29 16.17
CA ALA A 93 2.69 8.28 15.91
C ALA A 93 4.02 8.91 15.53
N ILE A 94 3.99 9.98 14.76
CA ILE A 94 5.20 10.57 14.18
C ILE A 94 5.77 11.68 15.06
N ALA A 95 5.29 11.79 16.30
CA ALA A 95 5.74 12.88 17.17
C ALA A 95 7.23 12.79 17.45
N SER A 96 7.72 11.59 17.77
CA SER A 96 9.12 11.45 18.19
C SER A 96 10.08 11.67 17.04
N GLY A 97 9.81 11.03 15.90
CA GLY A 97 10.72 11.17 14.76
C GLY A 97 10.80 12.59 14.24
N VAL A 98 9.65 13.24 14.06
CA VAL A 98 9.66 14.60 13.56
C VAL A 98 10.14 15.56 14.62
N ALA A 99 9.95 15.22 15.90
CA ALA A 99 10.52 16.04 16.98
C ALA A 99 12.04 16.02 16.94
N VAL A 100 12.63 14.83 16.74
CA VAL A 100 14.08 14.74 16.59
C VAL A 100 14.53 15.48 15.34
N CYS A 101 13.79 15.31 14.24
CA CYS A 101 14.11 16.05 13.02
C CYS A 101 14.12 17.55 13.27
N LYS A 102 13.13 18.04 14.04
CA LYS A 102 13.06 19.45 14.39
C LYS A 102 14.28 19.85 15.22
N VAL A 103 14.69 19.00 16.16
CA VAL A 103 15.90 19.27 16.93
C VAL A 103 17.09 19.43 15.98
N LEU A 104 17.14 18.59 14.94
CA LEU A 104 18.18 18.74 13.92
C LEU A 104 18.07 20.06 13.17
N HIS A 105 16.85 20.54 12.90
CA HIS A 105 16.66 21.77 12.15
C HIS A 105 17.30 22.99 12.80
N LEU A 106 17.81 22.86 14.02
CA LEU A 106 18.57 23.95 14.62
C LEU A 106 19.96 23.96 13.98
N GLU A 107 20.49 25.16 13.76
CA GLU A 107 21.53 25.34 12.75
C GLU A 107 22.77 24.50 13.07
N GLY A 108 23.15 24.43 14.34
CA GLY A 108 24.46 23.90 14.68
C GLY A 108 24.61 22.39 14.70
N GLU A 109 23.52 21.66 14.93
CA GLU A 109 23.64 20.23 15.24
C GLU A 109 24.19 19.44 14.06
N VAL A 110 23.96 19.89 12.82
CA VAL A 110 24.32 19.07 11.68
C VAL A 110 25.84 18.98 11.55
N ASN A 111 26.55 20.08 11.80
CA ASN A 111 28.01 20.01 11.78
C ASN A 111 28.52 19.10 12.90
N LYS A 112 27.90 19.16 14.08
CA LYS A 112 28.26 18.27 15.17
C LYS A 112 28.11 16.81 14.77
N ILE A 113 26.95 16.46 14.20
CA ILE A 113 26.69 15.08 13.81
C ILE A 113 27.67 14.64 12.73
N LYS A 114 27.89 15.52 11.73
CA LYS A 114 28.82 15.18 10.65
C LYS A 114 30.21 14.92 11.19
N SER A 115 30.69 15.76 12.10
CA SER A 115 32.00 15.53 12.71
C SER A 115 32.02 14.23 13.49
N ALA A 116 30.94 13.93 14.23
CA ALA A 116 30.86 12.68 14.98
C ALA A 116 30.80 11.46 14.09
N LEU A 117 30.39 11.62 12.83
CA LEU A 117 30.31 10.51 11.88
C LEU A 117 31.36 10.62 10.78
N LEU A 118 32.42 11.39 10.99
CA LEU A 118 33.44 11.56 9.96
C LEU A 118 34.24 10.27 9.77
N SER A 119 34.56 9.58 10.87
CA SER A 119 35.42 8.40 10.78
C SER A 119 34.62 7.15 10.46
N THR A 120 33.65 6.81 11.31
CA THR A 120 32.85 5.60 11.15
C THR A 120 31.48 5.96 10.59
N ASN A 121 30.60 4.96 10.49
CA ASN A 121 29.24 5.15 9.99
C ASN A 121 28.21 4.66 11.02
N LYS A 122 28.56 4.73 12.30
CA LYS A 122 27.64 4.36 13.37
C LYS A 122 28.13 4.94 14.69
N ALA A 123 27.33 5.78 15.32
CA ALA A 123 27.77 6.41 16.56
C ALA A 123 26.58 6.88 17.37
N VAL A 124 26.74 6.86 18.69
CA VAL A 124 25.76 7.42 19.62
C VAL A 124 26.12 8.87 19.88
N VAL A 125 25.17 9.77 19.63
CA VAL A 125 25.37 11.20 19.78
C VAL A 125 24.22 11.80 20.58
N SER A 126 24.53 12.88 21.28
CA SER A 126 23.55 13.57 22.13
C SER A 126 23.11 14.82 21.37
N LEU A 127 21.81 14.89 21.08
CA LEU A 127 21.27 16.04 20.36
C LEU A 127 21.21 17.26 21.27
N SER A 128 20.77 18.38 20.69
CA SER A 128 20.56 19.60 21.47
C SER A 128 19.44 19.44 22.51
N ASN A 129 18.55 18.47 22.34
CA ASN A 129 17.39 18.34 23.22
C ASN A 129 17.60 17.38 24.38
N GLY A 130 18.78 16.76 24.49
CA GLY A 130 19.16 15.99 25.66
C GLY A 130 19.04 14.48 25.49
N VAL A 131 18.04 14.02 24.74
CA VAL A 131 17.80 12.58 24.60
C VAL A 131 18.80 12.03 23.60
N SER A 132 19.62 11.08 24.06
CA SER A 132 20.66 10.51 23.21
C SER A 132 20.05 9.69 22.09
N VAL A 133 20.69 9.74 20.92
CA VAL A 133 20.22 9.02 19.74
C VAL A 133 21.41 8.30 19.12
N LEU A 134 21.12 7.41 18.18
CA LEU A 134 22.15 6.68 17.46
C LEU A 134 21.98 6.90 15.96
N THR A 135 23.08 7.26 15.31
CA THR A 135 23.04 7.70 13.91
C THR A 135 24.02 6.89 13.07
N PHE A 136 23.69 6.78 11.77
CA PHE A 136 24.43 6.03 10.78
C PHE A 136 24.81 6.93 9.61
N LYS A 137 25.80 6.48 8.84
CA LYS A 137 26.10 7.07 7.54
C LYS A 137 26.31 5.89 6.58
N VAL A 138 25.20 5.33 6.08
CA VAL A 138 25.26 4.06 5.37
C VAL A 138 25.79 4.23 3.97
N LEU A 139 25.34 5.27 3.26
CA LEU A 139 25.72 5.52 1.88
C LEU A 139 26.48 6.85 1.84
N ASP A 140 27.63 6.84 1.17
CA ASP A 140 28.50 8.01 1.07
C ASP A 140 28.56 8.44 -0.40
N LEU A 141 27.81 9.50 -0.72
CA LEU A 141 27.81 10.06 -2.07
C LEU A 141 28.96 11.03 -2.29
N LYS A 142 29.48 11.65 -1.23
CA LYS A 142 30.54 12.63 -1.42
C LYS A 142 31.78 11.99 -2.04
N ASN A 143 32.16 10.79 -1.57
CA ASN A 143 33.36 10.15 -2.10
C ASN A 143 33.21 9.87 -3.58
N TYR A 144 32.17 9.13 -3.97
CA TYR A 144 32.09 8.62 -5.33
C TYR A 144 31.57 9.66 -6.31
N ILE A 145 31.28 10.87 -5.84
CA ILE A 145 30.98 12.00 -6.71
C ILE A 145 32.15 12.96 -6.78
N ASP A 146 32.93 13.06 -5.70
CA ASP A 146 34.05 14.00 -5.69
C ASP A 146 35.33 13.36 -6.23
N LYS A 147 35.81 12.31 -5.58
CA LYS A 147 37.11 11.73 -5.90
C LYS A 147 36.99 10.51 -6.80
N GLN A 148 35.91 10.40 -7.55
CA GLN A 148 35.82 9.40 -8.61
C GLN A 148 35.23 9.92 -9.91
N LEU A 149 34.59 11.08 -9.93
CA LEU A 149 34.11 11.67 -11.18
C LEU A 149 34.83 12.98 -11.50
N LEU A 150 34.89 13.93 -10.57
CA LEU A 150 35.52 15.21 -10.86
C LEU A 150 36.93 15.07 -11.39
N PRO A 151 37.82 14.27 -10.79
CA PRO A 151 39.16 14.09 -11.39
C PRO A 151 39.13 13.44 -12.75
N ILE A 152 38.05 12.73 -13.10
CA ILE A 152 37.94 12.06 -14.40
C ILE A 152 36.81 12.62 -15.24
N LEU A 153 36.16 13.70 -14.79
CA LEU A 153 35.14 14.38 -15.59
C LEU A 153 35.58 15.81 -15.88
N ASN A 154 36.84 15.98 -16.28
CA ASN A 154 37.35 17.30 -16.58
C ASN A 154 36.54 17.94 -17.71
N LYS A 155 36.60 19.28 -17.76
CA LYS A 155 35.77 20.05 -18.68
C LYS A 155 35.81 19.46 -20.09
N GLN A 156 36.99 19.43 -20.69
CA GLN A 156 37.16 19.00 -22.09
C GLN A 156 37.56 17.54 -22.20
N SER A 157 38.52 17.09 -21.39
CA SER A 157 39.03 15.72 -21.46
C SER A 157 38.10 14.79 -20.67
N CYS A 158 36.89 14.63 -21.20
CA CYS A 158 35.89 13.76 -20.58
C CYS A 158 36.09 12.30 -21.05
N SER A 159 37.27 11.77 -20.73
CA SER A 159 37.64 10.41 -21.10
C SER A 159 37.07 9.46 -20.04
N ILE A 160 35.88 8.93 -20.32
CA ILE A 160 35.20 8.03 -19.39
C ILE A 160 34.96 6.68 -20.07
N SER A 161 35.85 6.32 -21.00
CA SER A 161 35.72 5.05 -21.72
C SER A 161 35.36 3.90 -20.79
N ASN A 162 35.88 3.94 -19.56
CA ASN A 162 35.49 2.94 -18.57
C ASN A 162 33.99 3.00 -18.36
N ILE A 163 33.28 1.99 -18.87
CA ILE A 163 31.82 1.96 -18.80
C ILE A 163 31.41 1.64 -17.37
N GLU A 164 32.07 0.65 -16.78
CA GLU A 164 31.75 0.18 -15.44
C GLU A 164 31.64 1.30 -14.41
N THR A 165 32.24 2.47 -14.67
CA THR A 165 32.07 3.60 -13.78
C THR A 165 30.60 3.89 -13.54
N VAL A 166 29.82 3.96 -14.63
CA VAL A 166 28.40 4.29 -14.50
C VAL A 166 27.67 3.19 -13.74
N ILE A 167 28.09 1.94 -13.93
CA ILE A 167 27.43 0.84 -13.24
C ILE A 167 27.66 0.93 -11.74
N GLU A 168 28.90 1.20 -11.34
CA GLU A 168 29.20 1.36 -9.92
C GLU A 168 28.45 2.56 -9.33
N PHE A 169 28.43 3.67 -10.05
CA PHE A 169 27.71 4.84 -9.59
C PHE A 169 26.22 4.55 -9.46
N GLN A 170 25.65 3.82 -10.42
CA GLN A 170 24.23 3.48 -10.37
C GLN A 170 23.92 2.59 -9.18
N GLN A 171 24.80 1.63 -8.88
CA GLN A 171 24.55 0.74 -7.75
C GLN A 171 24.69 1.49 -6.43
N LYS A 172 25.60 2.46 -6.35
CA LYS A 172 25.74 3.27 -5.15
C LYS A 172 24.73 4.42 -5.09
N ASN A 173 23.97 4.64 -6.17
CA ASN A 173 22.99 5.71 -6.25
C ASN A 173 21.55 5.23 -6.07
N ASN A 174 21.22 4.05 -6.59
CA ASN A 174 19.83 3.60 -6.61
C ASN A 174 19.25 3.54 -5.21
N ARG A 175 20.09 3.28 -4.21
CA ARG A 175 19.60 3.27 -2.84
C ARG A 175 18.99 4.62 -2.46
N LEU A 176 19.75 5.70 -2.66
CA LEU A 176 19.24 7.02 -2.31
C LEU A 176 18.14 7.46 -3.27
N LEU A 177 18.20 6.99 -4.51
CA LEU A 177 17.13 7.28 -5.46
C LEU A 177 15.80 6.71 -4.95
N GLU A 178 15.82 5.48 -4.44
CA GLU A 178 14.61 4.91 -3.85
C GLU A 178 14.26 5.58 -2.53
N ILE A 179 15.25 6.07 -1.78
CA ILE A 179 14.94 6.86 -0.60
C ILE A 179 14.10 8.09 -0.97
N THR A 180 14.54 8.83 -1.98
CA THR A 180 13.77 10.01 -2.39
C THR A 180 12.43 9.61 -2.99
N ARG A 181 12.39 8.48 -3.71
CA ARG A 181 11.13 8.01 -4.25
C ARG A 181 10.13 7.72 -3.12
N GLU A 182 10.59 7.05 -2.06
CA GLU A 182 9.69 6.74 -0.94
C GLU A 182 9.32 7.98 -0.16
N PHE A 183 10.23 8.95 -0.06
CA PHE A 183 9.88 10.25 0.49
C PHE A 183 8.75 10.90 -0.31
N SER A 184 8.79 10.77 -1.64
CA SER A 184 7.76 11.36 -2.50
C SER A 184 6.59 10.42 -2.78
N VAL A 185 6.57 9.23 -2.19
CA VAL A 185 5.53 8.26 -2.46
C VAL A 185 4.67 8.05 -1.23
N ASN A 186 5.15 8.54 -0.08
CA ASN A 186 4.44 8.39 1.18
C ASN A 186 4.42 9.68 2.00
N ALA A 187 4.23 10.82 1.33
CA ALA A 187 4.21 12.12 2.00
C ALA A 187 5.41 12.27 2.93
N GLY A 188 6.57 11.78 2.51
CA GLY A 188 7.73 11.75 3.38
C GLY A 188 7.57 10.88 4.60
N VAL A 189 6.42 10.23 4.78
CA VAL A 189 6.16 9.41 5.96
C VAL A 189 5.64 8.06 5.51
N THR A 190 6.44 7.02 5.71
CA THR A 190 6.13 5.69 5.20
C THR A 190 6.23 4.67 6.32
N THR A 191 5.49 3.58 6.14
CA THR A 191 5.55 2.40 7.00
C THR A 191 5.01 1.27 6.15
N PRO A 192 5.76 0.19 5.93
CA PRO A 192 7.12 -0.09 6.44
C PRO A 192 8.21 0.76 5.79
N VAL A 193 9.40 0.74 6.37
CA VAL A 193 10.57 1.41 5.81
C VAL A 193 11.32 0.40 4.97
N SER A 194 11.54 0.72 3.70
CA SER A 194 12.19 -0.22 2.80
C SER A 194 13.66 -0.34 3.14
N THR A 195 14.27 -1.43 2.68
CA THR A 195 15.68 -1.68 2.96
C THR A 195 16.58 -0.57 2.44
N TYR A 196 16.14 0.16 1.42
CA TYR A 196 16.95 1.26 0.89
C TYR A 196 17.00 2.42 1.87
N MET A 197 16.22 2.35 2.95
CA MET A 197 16.37 3.30 4.04
C MET A 197 17.26 2.74 5.13
N LEU A 198 17.32 1.42 5.28
CA LEU A 198 18.17 0.80 6.30
C LEU A 198 18.39 -0.65 5.88
N THR A 199 19.61 -0.98 5.47
CA THR A 199 19.92 -2.34 5.05
C THR A 199 19.77 -3.30 6.22
N ASN A 200 19.41 -4.54 5.91
CA ASN A 200 19.03 -5.50 6.94
C ASN A 200 20.20 -5.77 7.89
N SER A 201 21.42 -5.89 7.35
CA SER A 201 22.60 -6.01 8.19
C SER A 201 22.79 -4.75 9.03
N GLU A 202 22.57 -3.58 8.43
CA GLU A 202 22.62 -2.35 9.18
C GLU A 202 21.57 -2.34 10.28
N LEU A 203 20.41 -2.93 10.02
CA LEU A 203 19.37 -3.03 11.04
C LEU A 203 19.81 -3.95 12.18
N LEU A 204 20.42 -5.08 11.86
CA LEU A 204 20.90 -5.98 12.91
C LEU A 204 21.93 -5.27 13.76
N SER A 205 22.84 -4.53 13.12
CA SER A 205 23.84 -3.77 13.86
C SER A 205 23.18 -2.72 14.74
N LEU A 206 22.18 -2.02 14.22
CA LEU A 206 21.48 -1.01 15.01
C LEU A 206 20.84 -1.64 16.25
N ILE A 207 20.18 -2.78 16.06
CA ILE A 207 19.51 -3.43 17.19
C ILE A 207 20.54 -3.91 18.20
N ASN A 208 21.69 -4.38 17.72
CA ASN A 208 22.73 -4.86 18.64
C ASN A 208 23.42 -3.72 19.36
N ASP A 209 23.44 -2.52 18.79
CA ASP A 209 24.19 -1.40 19.34
C ASP A 209 23.34 -0.46 20.19
N MET A 210 22.02 -0.66 20.26
CA MET A 210 21.18 0.27 20.98
C MET A 210 20.97 -0.19 22.42
N PRO A 211 20.56 0.73 23.30
CA PRO A 211 20.43 0.38 24.75
C PRO A 211 19.15 -0.38 25.11
N ILE A 212 19.19 -1.70 24.93
CA ILE A 212 18.15 -2.58 25.45
C ILE A 212 18.79 -3.84 26.00
N THR A 213 18.00 -4.69 26.65
CA THR A 213 18.53 -5.87 27.32
C THR A 213 19.02 -6.90 26.30
N ASN A 214 19.92 -7.77 26.76
CA ASN A 214 20.49 -8.79 25.89
C ASN A 214 19.43 -9.72 25.33
N ASP A 215 18.51 -10.19 26.19
CA ASP A 215 17.42 -11.01 25.70
C ASP A 215 16.57 -10.25 24.69
N GLN A 216 16.23 -8.99 25.02
CA GLN A 216 15.50 -8.17 24.06
C GLN A 216 16.36 -7.84 22.85
N LYS A 217 17.68 -7.76 23.04
CA LYS A 217 18.56 -7.53 21.90
C LYS A 217 18.46 -8.66 20.88
N LYS A 218 18.58 -9.91 21.34
CA LYS A 218 18.42 -11.05 20.46
C LYS A 218 17.00 -11.10 19.88
N LEU A 219 16.02 -10.83 20.74
CA LEU A 219 14.59 -10.83 20.40
C LEU A 219 14.30 -9.91 19.22
N MET A 220 14.89 -8.71 19.23
CA MET A 220 14.59 -7.75 18.17
C MET A 220 15.61 -7.82 17.04
N SER A 221 16.78 -8.41 17.28
CA SER A 221 17.73 -8.63 16.20
C SER A 221 17.23 -9.67 15.22
N ASN A 222 16.60 -10.74 15.70
CA ASN A 222 16.12 -11.81 14.83
C ASN A 222 14.68 -11.65 14.39
N ASN A 223 13.99 -10.56 14.75
CA ASN A 223 12.56 -10.43 14.50
C ASN A 223 12.28 -9.21 13.64
N VAL A 224 13.03 -9.06 12.54
CA VAL A 224 12.88 -7.89 11.67
C VAL A 224 11.53 -7.89 10.97
N GLN A 225 11.04 -9.09 10.62
CA GLN A 225 9.95 -9.18 9.65
C GLN A 225 8.69 -8.42 10.09
N ILE A 226 8.52 -8.17 11.38
CA ILE A 226 7.37 -7.40 11.84
C ILE A 226 7.76 -5.98 12.19
N VAL A 227 9.01 -5.76 12.60
CA VAL A 227 9.41 -4.45 13.13
C VAL A 227 9.10 -3.35 12.11
N ARG A 228 9.39 -3.61 10.83
CA ARG A 228 9.14 -2.61 9.80
C ARG A 228 7.69 -2.17 9.76
N GLN A 229 6.75 -3.10 9.93
CA GLN A 229 5.35 -2.72 10.04
C GLN A 229 5.02 -2.05 11.37
N GLN A 230 5.94 -2.08 12.33
CA GLN A 230 5.82 -1.31 13.56
C GLN A 230 6.82 -0.18 13.64
N SER A 231 7.45 0.17 12.51
CA SER A 231 8.44 1.23 12.44
C SER A 231 7.91 2.40 11.61
N TYR A 232 8.63 3.51 11.65
CA TYR A 232 8.26 4.72 10.90
C TYR A 232 9.53 5.49 10.59
N SER A 233 9.43 6.39 9.60
CA SER A 233 10.59 7.19 9.22
C SER A 233 10.10 8.40 8.40
N ILE A 234 10.42 9.60 8.88
CA ILE A 234 10.13 10.84 8.17
C ILE A 234 11.45 11.52 7.84
N MET A 235 11.42 12.45 6.88
CA MET A 235 12.58 13.26 6.54
C MET A 235 12.91 14.24 7.66
N CYS A 236 14.20 14.36 7.97
CA CYS A 236 14.66 15.43 8.85
C CYS A 236 15.22 16.62 8.07
N ILE A 237 16.29 16.42 7.29
CA ILE A 237 17.05 17.56 6.76
C ILE A 237 17.90 17.14 5.57
N ILE A 238 18.27 18.14 4.75
CA ILE A 238 19.32 18.06 3.75
C ILE A 238 20.32 19.17 4.08
N LYS A 239 20.37 19.57 5.35
CA LYS A 239 20.89 20.89 5.71
C LYS A 239 22.22 21.20 5.03
N GLU A 240 23.26 20.42 5.32
CA GLU A 240 24.61 20.68 4.82
C GLU A 240 25.23 19.38 4.33
N GLU A 241 25.21 19.17 3.02
CA GLU A 241 25.96 18.12 2.33
C GLU A 241 25.46 16.72 2.64
N VAL A 242 24.43 16.58 3.49
CA VAL A 242 24.02 15.28 4.00
C VAL A 242 22.50 15.17 3.96
N LEU A 243 22.02 13.96 3.70
CA LEU A 243 20.62 13.61 3.77
C LEU A 243 20.36 12.86 5.07
N ALA A 244 19.62 13.49 5.99
CA ALA A 244 19.42 12.91 7.32
C ALA A 244 17.94 12.67 7.52
N TYR A 245 17.60 11.46 7.95
CA TYR A 245 16.22 11.00 8.04
C TYR A 245 16.08 10.07 9.23
N VAL A 246 14.99 10.25 9.98
CA VAL A 246 14.83 9.55 11.25
C VAL A 246 14.12 8.23 11.02
N VAL A 247 14.37 7.29 11.93
CA VAL A 247 13.72 5.99 11.95
C VAL A 247 13.22 5.75 13.36
N GLN A 248 12.03 5.15 13.48
CA GLN A 248 11.30 5.00 14.74
C GLN A 248 11.06 3.51 14.99
N LEU A 249 11.90 2.91 15.83
CA LEU A 249 11.85 1.49 16.11
C LEU A 249 11.22 1.23 17.48
N PRO A 250 10.71 0.02 17.71
CA PRO A 250 10.08 -0.29 19.00
C PRO A 250 11.09 -0.61 20.08
N LEU A 251 10.60 -0.61 21.32
CA LEU A 251 11.38 -0.97 22.51
C LEU A 251 10.48 -1.79 23.41
N TYR A 252 10.69 -3.11 23.44
CA TYR A 252 9.80 -4.05 24.09
C TYR A 252 10.06 -4.06 25.60
N GLY A 253 9.42 -3.12 26.30
CA GLY A 253 9.49 -3.10 27.74
C GLY A 253 8.65 -4.15 28.43
N VAL A 254 7.84 -4.87 27.66
CA VAL A 254 7.07 -6.00 28.15
C VAL A 254 7.34 -7.17 27.22
N ILE A 255 7.87 -8.27 27.77
CA ILE A 255 8.17 -9.46 27.00
C ILE A 255 7.99 -10.69 27.90
N ASP A 256 8.00 -11.87 27.27
CA ASP A 256 7.91 -13.14 27.99
C ASP A 256 6.67 -13.20 28.86
N THR A 257 5.55 -12.69 28.33
CA THR A 257 4.26 -12.79 28.99
C THR A 257 3.29 -13.56 28.10
N PRO A 258 2.64 -14.60 28.64
CA PRO A 258 1.78 -15.44 27.78
C PRO A 258 0.43 -14.79 27.52
N CYS A 259 0.16 -14.38 26.28
CA CYS A 259 -1.05 -13.64 25.97
C CYS A 259 -1.83 -14.28 24.83
N TRP A 260 -3.12 -13.94 24.76
CA TRP A 260 -4.10 -14.73 24.02
C TRP A 260 -5.02 -13.86 23.18
N LYS A 261 -5.79 -14.52 22.32
CA LYS A 261 -6.76 -13.88 21.44
C LYS A 261 -8.15 -14.42 21.71
N LEU A 262 -9.14 -13.55 21.52
CA LEU A 262 -10.54 -13.87 21.81
C LEU A 262 -11.37 -13.67 20.55
N HIS A 263 -12.14 -14.69 20.19
CA HIS A 263 -13.01 -14.68 19.02
C HIS A 263 -14.45 -14.92 19.46
N THR A 264 -15.39 -14.32 18.73
CA THR A 264 -16.75 -14.18 19.22
C THR A 264 -17.75 -14.76 18.23
N SER A 265 -18.89 -15.19 18.75
CA SER A 265 -19.95 -15.80 17.95
C SER A 265 -21.28 -15.57 18.65
N PRO A 266 -22.35 -15.26 17.90
CA PRO A 266 -23.66 -14.97 18.51
C PRO A 266 -24.27 -16.19 19.17
N LEU A 267 -25.01 -15.95 20.25
CA LEU A 267 -25.97 -16.93 20.75
C LEU A 267 -27.38 -16.47 20.44
N CYS A 268 -28.26 -17.43 20.15
CA CYS A 268 -29.66 -17.11 19.90
C CYS A 268 -30.53 -18.29 20.33
N THR A 269 -31.80 -18.01 20.58
CA THR A 269 -32.79 -19.06 20.64
C THR A 269 -33.05 -19.58 19.22
N THR A 270 -33.55 -20.82 19.15
CA THR A 270 -33.64 -21.52 17.87
C THR A 270 -35.07 -21.82 17.50
N ASN A 271 -35.96 -20.84 17.63
CA ASN A 271 -37.35 -21.03 17.22
C ASN A 271 -37.43 -21.26 15.72
N THR A 272 -38.40 -22.10 15.31
CA THR A 272 -38.58 -22.38 13.89
C THR A 272 -38.87 -21.11 13.09
N LYS A 273 -39.40 -20.07 13.73
CA LYS A 273 -39.67 -18.81 13.06
C LYS A 273 -38.37 -18.11 12.71
N GLU A 274 -38.18 -17.75 11.44
CA GLU A 274 -36.97 -17.02 11.06
C GLU A 274 -36.95 -15.64 11.69
N GLY A 275 -38.11 -14.98 11.81
CA GLY A 275 -38.22 -13.70 12.44
C GLY A 275 -38.49 -13.81 13.93
N SER A 276 -38.52 -12.65 14.59
CA SER A 276 -38.74 -12.53 16.03
C SER A 276 -37.65 -13.23 16.83
N ASN A 277 -36.46 -13.42 16.27
CA ASN A 277 -35.40 -14.13 16.96
C ASN A 277 -34.64 -13.15 17.87
N ILE A 278 -33.99 -13.67 18.90
CA ILE A 278 -33.22 -12.88 19.85
C ILE A 278 -31.80 -13.40 19.86
N CYS A 279 -30.84 -12.48 19.72
CA CYS A 279 -29.46 -12.86 19.51
C CYS A 279 -28.53 -12.01 20.35
N LEU A 280 -27.49 -12.65 20.88
CA LEU A 280 -26.48 -12.02 21.71
C LEU A 280 -25.10 -12.46 21.25
N THR A 281 -24.16 -11.52 21.23
CA THR A 281 -22.77 -11.82 20.95
C THR A 281 -21.91 -11.15 22.00
N ARG A 282 -20.72 -11.71 22.21
CA ARG A 282 -19.69 -11.03 22.98
C ARG A 282 -18.99 -10.04 22.07
N THR A 283 -19.07 -8.76 22.42
CA THR A 283 -18.52 -7.68 21.60
C THR A 283 -17.09 -7.30 21.98
N ASP A 284 -16.33 -8.23 22.55
CA ASP A 284 -14.96 -7.97 22.99
C ASP A 284 -13.93 -8.81 22.25
N ARG A 285 -14.19 -9.17 20.98
CA ARG A 285 -13.20 -9.92 20.22
C ARG A 285 -11.95 -9.08 19.99
N GLY A 286 -10.79 -9.71 20.13
CA GLY A 286 -9.54 -8.99 20.01
C GLY A 286 -8.38 -9.65 20.72
N TRP A 287 -7.47 -8.84 21.29
CA TRP A 287 -6.25 -9.36 21.90
C TRP A 287 -6.17 -8.96 23.37
N TYR A 288 -5.75 -9.92 24.21
CA TYR A 288 -5.45 -9.65 25.61
C TYR A 288 -4.00 -10.04 25.85
N CYS A 289 -3.15 -9.07 26.23
CA CYS A 289 -1.75 -9.36 26.58
C CYS A 289 -1.37 -8.76 27.93
N ASP A 290 -0.68 -9.56 28.74
CA ASP A 290 -0.40 -9.19 30.12
C ASP A 290 0.93 -8.44 30.21
N ASN A 291 0.90 -7.24 30.79
CA ASN A 291 2.10 -6.43 30.95
C ASN A 291 2.42 -6.09 32.39
N ALA A 292 1.50 -5.52 33.15
CA ALA A 292 1.80 -4.96 34.46
C ALA A 292 0.73 -5.32 35.49
N GLY A 293 0.31 -6.59 35.49
CA GLY A 293 -0.69 -7.04 36.43
C GLY A 293 -2.12 -6.82 36.01
N SER A 294 -2.34 -6.12 34.90
CA SER A 294 -3.66 -5.97 34.31
C SER A 294 -3.51 -6.24 32.82
N VAL A 295 -4.60 -6.70 32.20
CA VAL A 295 -4.51 -7.12 30.81
C VAL A 295 -4.54 -5.89 29.92
N SER A 296 -4.00 -6.04 28.71
CA SER A 296 -4.04 -5.02 27.68
C SER A 296 -4.96 -5.51 26.58
N PHE A 297 -5.98 -4.71 26.27
CA PHE A 297 -7.07 -5.09 25.38
C PHE A 297 -6.95 -4.30 24.09
N PHE A 298 -6.77 -5.04 22.98
CA PHE A 298 -6.83 -4.48 21.64
C PHE A 298 -8.18 -4.87 21.04
N PRO A 299 -9.09 -3.90 20.77
CA PRO A 299 -10.44 -4.25 20.31
C PRO A 299 -10.51 -4.72 18.87
N GLN A 300 -9.81 -4.03 17.97
CA GLN A 300 -9.85 -4.34 16.54
C GLN A 300 -8.56 -5.07 16.19
N ALA A 301 -8.71 -6.25 15.58
CA ALA A 301 -7.57 -7.09 15.23
C ALA A 301 -6.66 -6.47 14.17
N GLU A 302 -6.95 -5.28 13.65
CA GLU A 302 -6.09 -4.64 12.65
C GLU A 302 -4.92 -3.90 13.27
N THR A 303 -4.66 -4.06 14.57
CA THR A 303 -3.55 -3.41 15.24
C THR A 303 -2.56 -4.43 15.81
N CYS A 304 -2.77 -5.71 15.51
CA CYS A 304 -1.98 -6.80 16.09
C CYS A 304 -1.58 -7.75 14.97
N LYS A 305 -0.41 -8.37 15.09
CA LYS A 305 0.14 -9.25 14.08
C LYS A 305 0.69 -10.52 14.73
N VAL A 306 0.87 -11.55 13.90
CA VAL A 306 1.13 -12.91 14.39
C VAL A 306 2.41 -13.43 13.75
N GLN A 307 3.26 -14.11 14.55
CA GLN A 307 4.47 -14.75 14.05
C GLN A 307 4.69 -16.06 14.82
N SER A 308 4.11 -17.15 14.29
CA SER A 308 4.33 -18.49 14.82
C SER A 308 3.77 -18.64 16.23
N ASN A 309 4.51 -18.14 17.21
CA ASN A 309 4.06 -18.09 18.60
C ASN A 309 4.25 -16.71 19.23
N ARG A 310 4.89 -15.78 18.53
CA ARG A 310 5.10 -14.43 19.01
C ARG A 310 4.12 -13.49 18.31
N VAL A 311 3.22 -12.90 19.09
CA VAL A 311 2.26 -11.94 18.56
C VAL A 311 2.83 -10.55 18.84
N PHE A 312 3.06 -9.79 17.78
CA PHE A 312 3.64 -8.45 17.88
C PHE A 312 2.55 -7.42 17.66
N CYS A 313 2.36 -6.53 18.64
CA CYS A 313 1.27 -5.59 18.57
C CYS A 313 1.74 -4.24 19.08
N ASP A 314 1.00 -3.20 18.71
CA ASP A 314 1.28 -1.83 19.13
C ASP A 314 0.22 -1.41 20.15
N THR A 315 0.66 -0.93 21.31
CA THR A 315 -0.24 -0.73 22.42
C THR A 315 -1.09 0.53 22.25
N MET A 316 -0.78 1.37 21.27
CA MET A 316 -1.54 2.62 21.11
C MET A 316 -2.99 2.36 20.75
N ASN A 317 -3.32 1.14 20.34
CA ASN A 317 -4.70 0.69 20.16
C ASN A 317 -5.10 -0.25 21.29
N SER A 318 -4.63 0.03 22.50
CA SER A 318 -4.87 -0.83 23.65
C SER A 318 -5.37 -0.01 24.82
N LEU A 319 -6.25 -0.64 25.60
CA LEU A 319 -6.61 -0.15 26.92
C LEU A 319 -6.06 -1.12 27.96
N THR A 320 -6.01 -0.68 29.22
CA THR A 320 -5.66 -1.56 30.33
C THR A 320 -6.93 -1.91 31.09
N LEU A 321 -7.24 -3.19 31.14
CA LEU A 321 -8.44 -3.69 31.77
C LEU A 321 -8.05 -4.52 32.99
N PRO A 322 -8.89 -4.54 34.02
CA PRO A 322 -8.56 -5.30 35.22
C PRO A 322 -8.40 -6.79 34.91
N SER A 323 -7.51 -7.44 35.67
CA SER A 323 -7.32 -8.87 35.49
C SER A 323 -8.63 -9.64 35.68
N GLU A 324 -9.57 -9.09 36.44
CA GLU A 324 -10.86 -9.74 36.62
C GLU A 324 -11.61 -9.89 35.31
N VAL A 325 -11.23 -9.14 34.27
CA VAL A 325 -11.87 -9.30 32.98
C VAL A 325 -11.61 -10.69 32.42
N ASN A 326 -10.51 -11.33 32.81
CA ASN A 326 -10.30 -12.71 32.40
C ASN A 326 -11.43 -13.61 32.89
N LEU A 327 -12.04 -13.27 34.03
CA LEU A 327 -13.15 -14.05 34.54
C LEU A 327 -14.36 -13.99 33.62
N CYS A 328 -14.39 -13.05 32.68
CA CYS A 328 -15.48 -12.99 31.70
C CYS A 328 -15.39 -14.17 30.74
N ASN A 329 -14.28 -14.90 30.76
CA ASN A 329 -14.11 -16.08 29.92
C ASN A 329 -14.69 -17.35 30.55
N VAL A 330 -15.07 -17.31 31.82
CA VAL A 330 -15.65 -18.46 32.50
C VAL A 330 -17.09 -18.19 32.93
N ASP A 331 -17.34 -17.02 33.50
CA ASP A 331 -18.67 -16.64 33.98
C ASP A 331 -18.93 -15.20 33.55
N ILE A 332 -19.71 -15.05 32.46
CA ILE A 332 -20.05 -13.72 31.98
C ILE A 332 -20.97 -13.00 32.94
N PHE A 333 -21.64 -13.75 33.83
CA PHE A 333 -22.61 -13.20 34.76
C PHE A 333 -21.99 -12.69 36.07
N ASN A 334 -20.70 -12.91 36.28
CA ASN A 334 -20.09 -12.50 37.54
C ASN A 334 -20.15 -10.98 37.68
N PRO A 335 -20.44 -10.47 38.89
CA PRO A 335 -20.52 -9.01 39.06
C PRO A 335 -19.17 -8.34 39.28
N LYS A 336 -18.08 -9.09 39.31
CA LYS A 336 -16.77 -8.49 39.56
C LYS A 336 -16.42 -7.50 38.46
N TYR A 337 -16.57 -7.90 37.20
CA TYR A 337 -16.35 -7.02 36.06
C TYR A 337 -17.53 -7.19 35.10
N ASP A 338 -18.16 -6.09 34.72
CA ASP A 338 -19.32 -6.12 33.85
C ASP A 338 -18.86 -6.43 32.42
N CYS A 339 -19.08 -7.67 31.98
CA CYS A 339 -18.65 -8.08 30.65
C CYS A 339 -19.45 -7.35 29.58
N LYS A 340 -18.80 -7.07 28.46
CA LYS A 340 -19.36 -6.26 27.39
C LYS A 340 -19.89 -7.16 26.28
N ILE A 341 -21.10 -6.86 25.82
CA ILE A 341 -21.81 -7.69 24.85
C ILE A 341 -22.64 -6.81 23.93
N MET A 342 -23.26 -7.41 22.91
CA MET A 342 -24.18 -6.69 22.04
C MET A 342 -25.35 -7.60 21.66
N THR A 343 -26.55 -7.03 21.65
CA THR A 343 -27.77 -7.78 21.40
C THR A 343 -28.44 -7.23 20.15
N SER A 344 -29.08 -8.13 19.39
CA SER A 344 -29.75 -7.75 18.16
C SER A 344 -30.85 -8.76 17.86
N LYS A 345 -31.73 -8.37 16.95
CA LYS A 345 -32.92 -9.14 16.62
C LYS A 345 -32.86 -9.79 15.24
N THR A 346 -31.79 -9.58 14.49
CA THR A 346 -31.69 -10.10 13.13
C THR A 346 -31.13 -11.52 13.15
N ASP A 347 -31.82 -12.43 12.46
CA ASP A 347 -31.46 -13.85 12.42
C ASP A 347 -30.80 -14.13 11.07
N VAL A 348 -29.47 -14.32 11.10
CA VAL A 348 -28.71 -14.66 9.90
C VAL A 348 -27.56 -15.57 10.31
N SER A 349 -26.99 -16.27 9.32
CA SER A 349 -25.95 -17.26 9.53
C SER A 349 -24.56 -16.66 9.30
N SER A 350 -23.56 -17.24 9.96
CA SER A 350 -22.18 -16.78 9.81
C SER A 350 -21.26 -17.75 10.55
N SER A 351 -19.96 -17.50 10.48
CA SER A 351 -18.98 -18.24 11.25
C SER A 351 -17.74 -17.38 11.47
N VAL A 352 -16.98 -17.70 12.51
CA VAL A 352 -15.79 -16.95 12.88
C VAL A 352 -14.62 -17.92 13.04
N ILE A 353 -13.41 -17.38 12.95
CA ILE A 353 -12.18 -18.18 12.85
C ILE A 353 -11.36 -18.02 14.13
N THR A 354 -11.19 -19.13 14.86
CA THR A 354 -10.30 -19.18 16.01
C THR A 354 -8.91 -19.63 15.54
N SER A 355 -8.03 -19.95 16.49
CA SER A 355 -6.66 -20.34 16.15
C SER A 355 -6.55 -21.75 15.60
N LEU A 356 -7.49 -22.64 15.94
CA LEU A 356 -7.41 -24.02 15.51
C LEU A 356 -8.77 -24.58 15.10
N GLY A 357 -9.66 -23.74 14.57
CA GLY A 357 -11.01 -24.16 14.30
C GLY A 357 -11.87 -22.99 13.88
N ALA A 358 -13.18 -23.25 13.80
CA ALA A 358 -14.16 -22.23 13.46
C ALA A 358 -15.45 -22.46 14.22
N ILE A 359 -16.10 -21.34 14.57
CA ILE A 359 -17.38 -21.35 15.26
C ILE A 359 -18.46 -21.04 14.24
N VAL A 360 -19.39 -21.99 14.07
CA VAL A 360 -20.50 -21.86 13.13
C VAL A 360 -21.71 -21.36 13.91
N SER A 361 -22.04 -20.08 13.71
CA SER A 361 -23.31 -19.53 14.15
C SER A 361 -24.28 -19.78 13.00
N CYS A 362 -24.76 -21.02 12.92
CA CYS A 362 -25.66 -21.43 11.84
C CYS A 362 -27.08 -21.07 12.23
N TYR A 363 -27.55 -19.91 11.77
CA TYR A 363 -28.85 -19.40 12.12
C TYR A 363 -29.66 -19.17 10.85
N GLY A 364 -30.98 -19.10 11.02
CA GLY A 364 -31.86 -19.19 9.88
C GLY A 364 -31.98 -20.63 9.43
N LYS A 365 -31.69 -20.91 8.15
CA LYS A 365 -31.77 -22.27 7.65
C LYS A 365 -30.63 -22.60 6.68
N THR A 366 -29.53 -21.83 6.70
CA THR A 366 -28.45 -22.06 5.75
C THR A 366 -27.82 -23.43 6.00
N LYS A 367 -27.45 -24.10 4.90
CA LYS A 367 -26.86 -25.43 4.98
C LYS A 367 -25.39 -25.35 5.38
N CYS A 368 -25.11 -25.28 6.67
CA CYS A 368 -23.75 -25.22 7.17
C CYS A 368 -23.15 -26.62 7.22
N THR A 369 -21.85 -26.70 6.95
CA THR A 369 -21.20 -28.01 6.88
C THR A 369 -19.71 -27.86 7.20
N ALA A 370 -19.16 -28.93 7.79
CA ALA A 370 -17.74 -29.04 8.09
C ALA A 370 -17.16 -30.24 7.34
N SER A 371 -16.02 -30.04 6.70
CA SER A 371 -15.45 -30.98 5.76
C SER A 371 -13.94 -30.82 5.69
N ASN A 372 -13.30 -31.83 5.09
CA ASN A 372 -11.89 -31.82 4.77
C ASN A 372 -11.74 -31.79 3.26
N LYS A 373 -10.53 -31.50 2.79
CA LYS A 373 -10.29 -31.38 1.35
C LYS A 373 -10.67 -32.66 0.62
N ASN A 374 -10.19 -33.81 1.10
CA ASN A 374 -10.34 -35.08 0.40
C ASN A 374 -11.48 -35.94 0.93
N ARG A 375 -12.24 -35.46 1.91
CA ARG A 375 -13.35 -36.22 2.47
C ARG A 375 -14.71 -35.65 2.10
N GLY A 376 -14.83 -34.33 2.01
CA GLY A 376 -16.10 -33.70 1.77
C GLY A 376 -16.89 -33.51 3.04
N ILE A 377 -18.19 -33.24 2.87
CA ILE A 377 -19.05 -32.97 4.02
C ILE A 377 -19.00 -34.15 4.98
N ILE A 378 -18.48 -33.92 6.19
CA ILE A 378 -18.40 -34.97 7.19
C ILE A 378 -19.33 -34.65 8.35
N LYS A 379 -19.56 -33.35 8.61
CA LYS A 379 -20.46 -32.97 9.69
C LYS A 379 -21.45 -31.93 9.21
N THR A 380 -22.72 -32.14 9.57
CA THR A 380 -23.80 -31.20 9.28
C THR A 380 -24.39 -30.73 10.60
N PHE A 381 -24.53 -29.42 10.76
CA PHE A 381 -25.01 -28.82 11.99
C PHE A 381 -26.51 -28.54 11.90
N SER A 382 -27.07 -28.00 12.99
CA SER A 382 -28.52 -27.79 13.06
C SER A 382 -28.80 -26.56 13.93
N ASN A 383 -28.96 -25.41 13.26
CA ASN A 383 -29.64 -24.24 13.82
C ASN A 383 -29.16 -23.90 15.23
N GLY A 384 -27.89 -23.47 15.32
CA GLY A 384 -27.39 -22.97 16.58
C GLY A 384 -25.89 -22.73 16.65
N CYS A 385 -25.45 -22.04 17.70
CA CYS A 385 -24.03 -21.96 17.99
C CYS A 385 -23.43 -23.36 18.11
N ASP A 386 -22.54 -23.69 17.18
CA ASP A 386 -21.75 -24.91 17.29
C ASP A 386 -20.31 -24.55 16.99
N TYR A 387 -19.39 -25.41 17.42
CA TYR A 387 -17.98 -25.20 17.17
C TYR A 387 -17.37 -26.45 16.56
N VAL A 388 -16.38 -26.25 15.68
CA VAL A 388 -15.63 -27.34 15.09
C VAL A 388 -14.16 -26.95 15.10
N SER A 389 -13.29 -27.95 15.18
CA SER A 389 -11.86 -27.71 15.29
C SER A 389 -11.22 -27.63 13.91
N ASN A 390 -9.89 -27.70 13.90
CA ASN A 390 -9.11 -27.83 12.68
C ASN A 390 -8.61 -29.25 12.45
N LYS A 391 -8.69 -30.11 13.46
CA LYS A 391 -8.00 -31.40 13.47
C LYS A 391 -8.26 -32.19 12.19
N GLY A 392 -9.52 -32.52 11.93
CA GLY A 392 -9.88 -33.28 10.75
C GLY A 392 -10.61 -32.47 9.70
N VAL A 393 -10.71 -31.15 9.92
CA VAL A 393 -11.52 -30.29 9.07
C VAL A 393 -10.69 -29.10 8.62
N ASP A 394 -10.82 -28.75 7.34
CA ASP A 394 -10.22 -27.52 6.81
C ASP A 394 -11.12 -26.82 5.80
N THR A 395 -12.43 -27.05 5.88
CA THR A 395 -13.37 -26.40 4.98
C THR A 395 -14.74 -26.35 5.63
N VAL A 396 -15.15 -25.17 6.08
CA VAL A 396 -16.46 -24.99 6.67
C VAL A 396 -17.26 -24.06 5.77
N SER A 397 -18.39 -24.54 5.27
CA SER A 397 -19.24 -23.79 4.36
C SER A 397 -20.49 -23.34 5.11
N VAL A 398 -20.77 -22.04 5.02
CA VAL A 398 -22.02 -21.47 5.52
C VAL A 398 -22.59 -20.60 4.42
N GLY A 399 -23.85 -20.83 4.08
CA GLY A 399 -24.41 -20.16 2.92
C GLY A 399 -23.60 -20.50 1.68
N ASN A 400 -22.81 -19.54 1.20
CA ASN A 400 -21.89 -19.77 0.10
C ASN A 400 -20.45 -19.36 0.42
N THR A 401 -20.13 -19.07 1.67
CA THR A 401 -18.74 -18.82 2.06
C THR A 401 -18.11 -20.11 2.57
N LEU A 402 -16.87 -20.36 2.12
CA LEU A 402 -16.18 -21.63 2.30
C LEU A 402 -14.84 -21.34 2.96
N TYR A 403 -14.85 -21.23 4.30
CA TYR A 403 -13.66 -20.79 5.03
C TYR A 403 -12.70 -21.95 5.26
N TYR A 404 -11.42 -21.62 5.26
CA TYR A 404 -10.36 -22.53 5.65
C TYR A 404 -10.04 -22.35 7.14
N VAL A 405 -9.39 -23.36 7.72
CA VAL A 405 -9.07 -23.37 9.14
C VAL A 405 -7.56 -23.48 9.28
N ASN A 406 -6.98 -22.56 10.05
CA ASN A 406 -5.54 -22.54 10.24
C ASN A 406 -5.09 -23.83 10.92
N LYS A 407 -4.11 -24.51 10.33
CA LYS A 407 -3.77 -25.88 10.70
C LYS A 407 -2.62 -25.94 11.72
N GLN A 408 -2.47 -24.93 12.55
CA GLN A 408 -1.41 -24.94 13.56
C GLN A 408 -1.58 -26.14 14.49
N GLU A 409 -0.54 -26.42 15.27
CA GLU A 409 -0.55 -27.56 16.18
C GLU A 409 -1.08 -27.13 17.54
N GLY A 410 -2.08 -27.86 18.04
CA GLY A 410 -2.67 -27.49 19.31
C GLY A 410 -3.69 -28.52 19.77
N LYS A 411 -4.19 -28.28 20.98
CA LYS A 411 -5.19 -29.13 21.63
C LYS A 411 -6.45 -28.32 21.83
N SER A 412 -7.59 -28.86 21.38
CA SER A 412 -8.86 -28.15 21.37
C SER A 412 -9.76 -28.65 22.50
N LEU A 413 -10.30 -27.71 23.28
CA LEU A 413 -11.22 -28.03 24.36
C LEU A 413 -12.55 -27.32 24.11
N TYR A 414 -13.64 -28.02 24.44
CA TYR A 414 -15.01 -27.58 24.14
C TYR A 414 -15.84 -27.68 25.41
N VAL A 415 -16.02 -26.56 26.10
CA VAL A 415 -16.78 -26.54 27.35
C VAL A 415 -18.27 -26.48 27.02
N LYS A 416 -19.00 -27.52 27.41
CA LYS A 416 -20.45 -27.50 27.26
C LYS A 416 -21.09 -26.57 28.29
N GLY A 417 -22.26 -26.04 27.94
CA GLY A 417 -22.98 -25.16 28.83
C GLY A 417 -24.22 -24.58 28.19
N GLU A 418 -25.24 -24.31 28.99
CA GLU A 418 -26.49 -23.75 28.47
C GLU A 418 -26.28 -22.28 28.11
N PRO A 419 -26.53 -21.87 26.85
CA PRO A 419 -26.31 -20.47 26.49
C PRO A 419 -27.16 -19.53 27.32
N ILE A 420 -26.60 -18.37 27.68
CA ILE A 420 -27.27 -17.40 28.52
C ILE A 420 -28.52 -16.89 27.83
N ILE A 421 -28.57 -16.99 26.50
CA ILE A 421 -29.74 -16.53 25.76
C ILE A 421 -31.00 -17.23 26.25
N ASN A 422 -30.85 -18.46 26.76
CA ASN A 422 -32.01 -19.17 27.30
C ASN A 422 -32.63 -18.41 28.46
N PHE A 423 -31.80 -17.83 29.33
CA PHE A 423 -32.32 -17.06 30.45
C PHE A 423 -33.12 -15.86 29.96
N TYR A 424 -32.62 -15.16 28.95
CA TYR A 424 -33.34 -14.02 28.40
C TYR A 424 -34.64 -14.49 27.74
N ASP A 425 -35.73 -13.79 28.05
CA ASP A 425 -37.02 -14.17 27.49
C ASP A 425 -37.51 -13.12 26.50
N PRO A 426 -38.27 -13.50 25.46
CA PRO A 426 -38.75 -12.49 24.51
C PRO A 426 -39.89 -11.64 25.06
N LEU A 427 -40.44 -10.77 24.21
CA LEU A 427 -41.59 -9.93 24.51
C LEU A 427 -41.26 -8.77 25.44
N VAL A 428 -40.04 -8.74 25.98
CA VAL A 428 -39.64 -7.65 26.88
C VAL A 428 -38.28 -7.11 26.51
N PHE A 429 -37.47 -7.93 25.83
CA PHE A 429 -36.09 -7.55 25.59
C PHE A 429 -36.02 -6.38 24.61
N PRO A 430 -35.03 -5.47 24.77
CA PRO A 430 -34.85 -4.40 23.80
C PRO A 430 -34.04 -4.89 22.59
N SER A 431 -34.52 -4.54 21.40
CA SER A 431 -33.96 -5.05 20.16
C SER A 431 -32.87 -4.15 19.58
N ASP A 432 -32.15 -3.41 20.42
CA ASP A 432 -31.09 -2.54 19.92
C ASP A 432 -30.08 -2.31 21.06
N GLU A 433 -28.94 -2.99 20.98
CA GLU A 433 -27.88 -2.83 21.96
C GLU A 433 -26.56 -3.29 21.36
N PHE A 434 -25.60 -2.36 21.25
CA PHE A 434 -24.26 -2.68 20.76
C PHE A 434 -23.21 -2.41 21.82
N ASP A 435 -23.24 -1.26 22.48
CA ASP A 435 -22.33 -0.97 23.59
C ASP A 435 -22.88 -1.46 24.93
N ALA A 436 -23.78 -2.44 24.91
CA ALA A 436 -24.41 -2.93 26.12
C ALA A 436 -23.49 -3.90 26.86
N SER A 437 -23.92 -4.26 28.06
CA SER A 437 -23.22 -5.20 28.92
C SER A 437 -24.24 -6.02 29.69
N ILE A 438 -23.74 -6.91 30.55
CA ILE A 438 -24.64 -7.73 31.37
C ILE A 438 -25.42 -6.85 32.33
N SER A 439 -24.73 -5.96 33.05
CA SER A 439 -25.39 -5.11 34.02
C SER A 439 -26.40 -4.18 33.35
N GLN A 440 -26.01 -3.58 32.22
CA GLN A 440 -26.92 -2.66 31.53
C GLN A 440 -28.16 -3.39 31.05
N VAL A 441 -27.99 -4.57 30.45
CA VAL A 441 -29.13 -5.34 29.96
C VAL A 441 -30.05 -5.72 31.11
N ASN A 442 -29.46 -6.18 32.22
CA ASN A 442 -30.28 -6.54 33.37
C ASN A 442 -31.04 -5.34 33.92
N GLU A 443 -30.37 -4.18 34.01
CA GLU A 443 -31.05 -2.98 34.49
C GLU A 443 -32.22 -2.61 33.59
N LYS A 444 -32.01 -2.65 32.27
CA LYS A 444 -33.10 -2.33 31.35
C LYS A 444 -34.24 -3.33 31.46
N ILE A 445 -33.92 -4.62 31.59
CA ILE A 445 -34.97 -5.64 31.72
C ILE A 445 -35.76 -5.42 32.99
N ASN A 446 -35.07 -5.11 34.10
CA ASN A 446 -35.77 -4.84 35.35
C ASN A 446 -36.65 -3.60 35.23
N GLN A 447 -36.17 -2.57 34.54
CA GLN A 447 -37.00 -1.39 34.31
C GLN A 447 -38.25 -1.73 33.53
N SER A 448 -38.11 -2.52 32.46
CA SER A 448 -39.29 -2.91 31.67
C SER A 448 -40.26 -3.73 32.50
N LEU A 449 -39.75 -4.68 33.30
CA LEU A 449 -40.62 -5.48 34.15
C LEU A 449 -41.34 -4.61 35.16
N ALA A 450 -40.63 -3.66 35.78
CA ALA A 450 -41.25 -2.79 36.76
C ALA A 450 -42.35 -1.95 36.13
N PHE A 451 -42.09 -1.40 34.94
CA PHE A 451 -43.12 -0.61 34.27
C PHE A 451 -44.33 -1.46 33.93
N ILE A 452 -44.11 -2.66 33.38
CA ILE A 452 -45.22 -3.53 33.02
C ILE A 452 -46.04 -3.88 34.24
N ARG A 453 -45.38 -4.23 35.35
CA ARG A 453 -46.10 -4.66 36.54
C ARG A 453 -46.82 -3.51 37.24
N LYS A 454 -46.18 -2.36 37.39
CA LYS A 454 -46.85 -1.22 38.01
C LYS A 454 -48.02 -0.73 37.17
N SER A 455 -47.89 -0.80 35.84
CA SER A 455 -49.03 -0.48 34.99
C SER A 455 -50.19 -1.44 35.25
N ASP A 456 -49.89 -2.74 35.41
CA ASP A 456 -50.92 -3.70 35.71
C ASP A 456 -51.34 -3.65 37.18
N GLU A 457 -50.37 -3.40 38.07
CA GLU A 457 -50.68 -3.45 39.50
C GLU A 457 -51.66 -2.37 39.91
N LEU A 458 -51.51 -1.16 39.35
CA LEU A 458 -52.35 -0.04 39.77
C LEU A 458 -53.83 -0.31 39.56
N LEU A 459 -54.18 -1.25 38.68
CA LEU A 459 -55.58 -1.59 38.42
C LEU A 459 -56.28 -1.96 39.72
N GLN B 1 2.07 33.77 16.28
CA GLN B 1 0.83 34.41 15.87
C GLN B 1 0.19 33.69 14.68
N ASN B 2 0.70 32.49 14.37
CA ASN B 2 0.19 31.68 13.28
C ASN B 2 -0.68 30.53 13.76
N ILE B 3 -0.20 29.76 14.75
CA ILE B 3 -0.94 28.62 15.27
C ILE B 3 -0.86 28.65 16.80
N THR B 4 -1.87 28.06 17.42
CA THR B 4 -1.99 28.00 18.87
C THR B 4 -3.01 26.92 19.20
N GLU B 5 -3.36 26.80 20.48
CA GLU B 5 -4.36 25.82 20.87
C GLU B 5 -5.16 26.35 22.04
N GLU B 6 -6.45 26.00 22.08
CA GLU B 6 -7.25 26.29 23.26
C GLU B 6 -8.12 25.08 23.58
N PHE B 7 -8.11 24.68 24.85
CA PHE B 7 -8.82 23.50 25.32
C PHE B 7 -9.90 23.93 26.29
N TYR B 8 -11.14 23.51 26.01
CA TYR B 8 -12.28 23.82 26.86
C TYR B 8 -12.54 22.63 27.78
N GLN B 9 -12.54 22.90 29.09
CA GLN B 9 -12.93 21.91 30.08
C GLN B 9 -14.44 21.78 30.21
N SER B 10 -15.20 22.70 29.60
CA SER B 10 -16.65 22.61 29.62
C SER B 10 -17.15 21.34 28.96
N THR B 11 -16.58 20.97 27.81
CA THR B 11 -16.92 19.73 27.14
C THR B 11 -15.70 18.83 26.94
N CYS B 12 -14.56 19.20 27.52
CA CYS B 12 -13.36 18.37 27.47
C CYS B 12 -12.92 18.16 26.02
N SER B 13 -12.59 19.26 25.34
CA SER B 13 -12.17 19.20 23.95
C SER B 13 -11.03 20.19 23.68
N ALA B 14 -10.30 19.93 22.60
CA ALA B 14 -9.17 20.77 22.20
C ALA B 14 -9.39 21.30 20.80
N VAL B 15 -8.99 22.55 20.58
CA VAL B 15 -9.13 23.21 19.29
C VAL B 15 -7.76 23.71 18.85
N SER B 16 -7.35 23.28 17.66
CA SER B 16 -6.08 23.68 17.04
C SER B 16 -6.40 24.60 15.88
N LYS B 17 -6.20 25.91 16.09
CA LYS B 17 -6.79 26.96 15.26
C LYS B 17 -5.86 27.52 14.18
N GLY B 18 -4.65 26.98 14.02
CA GLY B 18 -3.68 27.66 13.19
C GLY B 18 -3.61 27.24 11.73
N TYR B 19 -4.11 26.07 11.37
CA TYR B 19 -3.84 25.54 10.04
C TYR B 19 -4.55 26.33 8.96
N LEU B 20 -3.93 26.37 7.79
CA LEU B 20 -4.47 27.06 6.63
C LEU B 20 -5.05 26.02 5.65
N SER B 21 -6.24 26.33 5.13
CA SER B 21 -7.01 25.40 4.33
C SER B 21 -6.37 25.16 2.97
N ALA B 22 -6.49 23.91 2.50
CA ALA B 22 -6.27 23.62 1.09
C ALA B 22 -7.34 22.61 0.67
N LEU B 23 -8.40 23.13 0.05
CA LEU B 23 -9.57 22.36 -0.34
C LEU B 23 -9.54 22.09 -1.84
N ARG B 24 -9.63 20.82 -2.21
CA ARG B 24 -9.82 20.42 -3.61
C ARG B 24 -11.29 20.57 -3.96
N THR B 25 -11.69 21.82 -4.22
CA THR B 25 -13.06 22.08 -4.62
C THR B 25 -13.25 22.00 -6.13
N GLY B 26 -12.16 21.73 -6.87
CA GLY B 26 -12.27 21.43 -8.29
C GLY B 26 -11.36 20.27 -8.68
N TRP B 27 -11.68 19.63 -9.80
CA TRP B 27 -10.82 18.61 -10.38
C TRP B 27 -10.24 19.11 -11.70
N TYR B 28 -9.18 18.45 -12.14
CA TYR B 28 -8.50 18.81 -13.38
C TYR B 28 -7.94 17.55 -14.03
N THR B 29 -8.29 17.34 -15.30
CA THR B 29 -7.81 16.18 -16.03
C THR B 29 -6.61 16.55 -16.91
N SER B 30 -5.73 15.57 -17.11
CA SER B 30 -4.60 15.75 -18.02
C SER B 30 -4.22 14.39 -18.57
N VAL B 31 -4.32 14.22 -19.89
CA VAL B 31 -4.06 12.92 -20.53
C VAL B 31 -2.59 12.93 -20.93
N ILE B 32 -1.81 12.04 -20.31
CA ILE B 32 -0.41 11.88 -20.67
C ILE B 32 -0.29 10.84 -21.78
N THR B 33 0.67 11.04 -22.67
CA THR B 33 0.92 10.15 -23.78
C THR B 33 2.39 9.74 -23.81
N ILE B 34 2.63 8.52 -24.30
CA ILE B 34 3.97 8.00 -24.56
C ILE B 34 3.93 7.26 -25.88
N GLU B 35 4.80 7.66 -26.81
CA GLU B 35 4.69 7.23 -28.20
C GLU B 35 5.29 5.83 -28.33
N LEU B 36 4.42 4.82 -28.47
CA LEU B 36 4.81 3.42 -28.42
C LEU B 36 5.46 2.97 -29.73
N SER B 37 5.61 1.66 -29.89
CA SER B 37 6.14 1.04 -31.10
C SER B 37 5.42 -0.27 -31.34
N ASN B 38 4.86 -0.44 -32.53
CA ASN B 38 4.32 -1.73 -32.97
C ASN B 38 5.47 -2.52 -33.60
N ILE B 39 6.43 -2.89 -32.75
CA ILE B 39 7.68 -3.46 -33.23
C ILE B 39 7.42 -4.69 -34.07
N LYS B 40 8.08 -4.77 -35.22
CA LYS B 40 8.09 -6.01 -36.00
C LYS B 40 9.00 -7.01 -35.30
N GLU B 41 8.59 -8.28 -35.32
CA GLU B 41 9.30 -9.31 -34.55
C GLU B 41 10.78 -9.29 -34.89
N ASN B 42 11.62 -9.31 -33.84
CA ASN B 42 13.06 -9.26 -34.01
C ASN B 42 13.55 -10.59 -34.60
N LYS B 43 14.73 -10.54 -35.24
CA LYS B 43 15.24 -11.67 -35.99
C LYS B 43 16.74 -11.58 -36.20
N CYS B 44 17.48 -12.53 -35.62
CA CYS B 44 18.94 -12.56 -35.76
C CYS B 44 19.39 -14.01 -35.72
N ASN B 45 19.76 -14.56 -36.87
CA ASN B 45 20.27 -15.93 -36.95
C ASN B 45 21.73 -15.94 -36.53
N GLY B 46 21.98 -16.29 -35.27
CA GLY B 46 23.29 -16.20 -34.68
C GLY B 46 23.24 -15.39 -33.40
N THR B 47 23.67 -15.98 -32.29
CA THR B 47 23.44 -15.39 -30.98
C THR B 47 24.75 -14.81 -30.42
N ASP B 48 24.73 -13.49 -30.28
CA ASP B 48 25.76 -12.79 -29.50
C ASP B 48 25.14 -12.29 -28.21
N ALA B 49 25.95 -12.25 -27.15
CA ALA B 49 25.41 -11.89 -25.84
C ALA B 49 24.76 -10.51 -25.86
N LYS B 50 25.39 -9.55 -26.55
CA LYS B 50 24.75 -8.24 -26.70
C LYS B 50 23.42 -8.36 -27.43
N VAL B 51 23.38 -9.17 -28.49
CA VAL B 51 22.14 -9.35 -29.24
C VAL B 51 21.08 -9.99 -28.35
N LYS B 52 21.47 -10.97 -27.54
CA LYS B 52 20.50 -11.59 -26.64
C LYS B 52 19.98 -10.60 -25.61
N LEU B 53 20.86 -9.73 -25.12
CA LEU B 53 20.42 -8.73 -24.15
C LEU B 53 19.43 -7.76 -24.78
N ILE B 54 19.71 -7.31 -26.01
CA ILE B 54 18.78 -6.44 -26.70
C ILE B 54 17.44 -7.13 -26.91
N LYS B 55 17.49 -8.41 -27.30
CA LYS B 55 16.26 -9.16 -27.51
C LYS B 55 15.48 -9.32 -26.21
N GLN B 56 16.17 -9.56 -25.10
CA GLN B 56 15.49 -9.70 -23.81
C GLN B 56 14.85 -8.39 -23.39
N GLU B 57 15.53 -7.27 -23.63
CA GLU B 57 14.91 -5.97 -23.32
C GLU B 57 13.67 -5.75 -24.18
N LEU B 58 13.75 -6.07 -25.47
CA LEU B 58 12.60 -5.91 -26.34
C LEU B 58 11.45 -6.81 -25.90
N ASP B 59 11.76 -8.03 -25.47
CA ASP B 59 10.72 -8.96 -25.02
C ASP B 59 10.13 -8.52 -23.67
N LYS B 60 10.95 -7.91 -22.80
CA LYS B 60 10.41 -7.34 -21.58
C LYS B 60 9.43 -6.22 -21.89
N TYR B 61 9.78 -5.34 -22.83
CA TYR B 61 8.82 -4.36 -23.31
C TYR B 61 7.57 -5.01 -23.87
N LYS B 62 7.72 -6.11 -24.61
CA LYS B 62 6.57 -6.74 -25.22
C LYS B 62 5.65 -7.35 -24.17
N ASN B 63 6.22 -7.88 -23.09
CA ASN B 63 5.41 -8.34 -21.97
C ASN B 63 4.75 -7.17 -21.25
N ALA B 64 5.47 -6.06 -21.12
CA ALA B 64 4.87 -4.86 -20.55
C ALA B 64 3.62 -4.46 -21.33
N VAL B 65 3.72 -4.43 -22.65
CA VAL B 65 2.61 -3.95 -23.46
C VAL B 65 1.52 -5.02 -23.55
N THR B 66 1.88 -6.30 -23.43
CA THR B 66 0.86 -7.34 -23.31
C THR B 66 0.04 -7.15 -22.04
N GLU B 67 0.72 -6.83 -20.94
CA GLU B 67 0.03 -6.51 -19.69
C GLU B 67 -0.88 -5.29 -19.88
N LEU B 68 -0.36 -4.24 -20.52
CA LEU B 68 -1.17 -3.06 -20.79
C LEU B 68 -2.40 -3.42 -21.60
N GLN B 69 -2.22 -4.19 -22.67
CA GLN B 69 -3.34 -4.60 -23.52
C GLN B 69 -4.40 -5.33 -22.71
N LEU B 70 -4.00 -6.36 -21.97
CA LEU B 70 -5.00 -7.17 -21.28
C LEU B 70 -5.64 -6.38 -20.15
N LEU B 71 -4.97 -5.31 -19.69
CA LEU B 71 -5.57 -4.46 -18.69
C LEU B 71 -6.20 -3.21 -19.31
N MET B 72 -6.69 -3.31 -20.55
CA MET B 72 -7.39 -2.18 -21.16
C MET B 72 -8.64 -1.90 -20.34
N GLN B 73 -8.84 -0.65 -19.94
CA GLN B 73 -9.91 -0.33 -19.01
C GLN B 73 -11.26 -0.45 -19.68
N SER B 74 -11.76 -1.68 -19.76
CA SER B 74 -13.02 -1.97 -20.44
C SER B 74 -14.17 -1.12 -19.91
N PHE B 83 -20.29 7.19 16.71
CA PHE B 83 -19.45 8.24 16.16
C PHE B 83 -20.00 8.75 14.84
N LEU B 84 -20.15 10.07 14.72
CA LEU B 84 -20.61 10.68 13.49
C LEU B 84 -19.55 10.53 12.41
N GLY B 85 -20.00 10.47 11.15
CA GLY B 85 -19.10 10.24 10.03
C GLY B 85 -19.62 9.17 9.09
N PHE B 86 -20.89 8.83 9.22
CA PHE B 86 -21.50 7.73 8.47
C PHE B 86 -22.61 8.15 7.53
N LEU B 87 -22.93 9.45 7.44
CA LEU B 87 -23.99 9.94 6.56
C LEU B 87 -23.47 10.79 5.42
N LEU B 88 -22.14 10.87 5.23
CA LEU B 88 -21.60 11.84 4.28
C LEU B 88 -22.21 11.67 2.90
N GLY B 89 -22.17 10.45 2.35
CA GLY B 89 -22.63 10.21 1.00
C GLY B 89 -21.47 10.15 0.03
N VAL B 90 -21.06 8.94 -0.35
CA VAL B 90 -19.83 8.74 -1.11
C VAL B 90 -20.00 9.27 -2.54
N GLY B 91 -18.89 9.38 -3.26
CA GLY B 91 -18.90 9.93 -4.61
C GLY B 91 -17.95 9.23 -5.55
N SER B 92 -18.30 9.21 -6.84
CA SER B 92 -17.47 8.53 -7.83
C SER B 92 -16.17 9.29 -8.04
N ALA B 93 -15.08 8.76 -7.48
CA ALA B 93 -13.79 9.46 -7.55
C ALA B 93 -13.19 9.42 -8.94
N ILE B 94 -13.29 8.28 -9.62
CA ILE B 94 -12.62 8.06 -10.89
C ILE B 94 -13.53 8.41 -12.07
N ALA B 95 -14.62 9.13 -11.81
CA ALA B 95 -15.56 9.45 -12.88
C ALA B 95 -14.92 10.31 -13.96
N SER B 96 -14.19 11.35 -13.56
CA SER B 96 -13.68 12.32 -14.53
C SER B 96 -12.57 11.71 -15.39
N GLY B 97 -11.61 11.04 -14.74
CA GLY B 97 -10.51 10.47 -15.50
C GLY B 97 -10.97 9.41 -16.50
N VAL B 98 -11.81 8.48 -16.05
CA VAL B 98 -12.28 7.43 -16.95
C VAL B 98 -13.27 7.99 -17.96
N ALA B 99 -13.97 9.07 -17.61
CA ALA B 99 -14.83 9.74 -18.58
C ALA B 99 -14.01 10.33 -19.72
N VAL B 100 -12.89 10.98 -19.39
CA VAL B 100 -12.00 11.50 -20.41
C VAL B 100 -11.40 10.34 -21.22
N CYS B 101 -10.99 9.27 -20.53
CA CYS B 101 -10.50 8.09 -21.23
C CYS B 101 -11.53 7.58 -22.23
N LYS B 102 -12.80 7.55 -21.83
CA LYS B 102 -13.88 7.15 -22.71
C LYS B 102 -14.00 8.07 -23.90
N VAL B 103 -13.89 9.38 -23.67
CA VAL B 103 -13.91 10.34 -24.77
C VAL B 103 -12.79 10.01 -25.75
N LEU B 104 -11.63 9.60 -25.23
CA LEU B 104 -10.55 9.16 -26.11
C LEU B 104 -10.92 7.91 -26.89
N HIS B 105 -11.67 6.97 -26.29
CA HIS B 105 -12.02 5.72 -26.95
C HIS B 105 -12.83 5.91 -28.22
N LEU B 106 -13.22 7.13 -28.56
CA LEU B 106 -13.80 7.38 -29.87
C LEU B 106 -12.67 7.41 -30.90
N GLU B 107 -12.97 6.92 -32.10
CA GLU B 107 -11.90 6.46 -32.99
C GLU B 107 -10.96 7.60 -33.36
N GLY B 108 -11.49 8.78 -33.60
CA GLY B 108 -10.70 9.84 -34.24
C GLY B 108 -9.83 10.69 -33.33
N GLU B 109 -10.19 10.81 -32.06
CA GLU B 109 -9.54 11.82 -31.22
C GLU B 109 -8.05 11.56 -31.04
N VAL B 110 -7.63 10.29 -31.06
CA VAL B 110 -6.24 9.98 -30.79
C VAL B 110 -5.34 10.55 -31.87
N ASN B 111 -5.81 10.57 -33.11
CA ASN B 111 -5.03 11.19 -34.17
C ASN B 111 -4.84 12.68 -33.93
N LYS B 112 -5.89 13.39 -33.51
CA LYS B 112 -5.76 14.80 -33.22
C LYS B 112 -4.79 15.04 -32.06
N ILE B 113 -4.91 14.22 -31.00
CA ILE B 113 -4.02 14.37 -29.86
C ILE B 113 -2.57 14.14 -30.28
N LYS B 114 -2.33 13.09 -31.07
CA LYS B 114 -0.98 12.81 -31.54
C LYS B 114 -0.43 13.95 -32.38
N SER B 115 -1.23 14.46 -33.33
CA SER B 115 -0.77 15.53 -34.20
C SER B 115 -0.48 16.80 -33.40
N ALA B 116 -1.33 17.13 -32.43
CA ALA B 116 -1.10 18.28 -31.58
C ALA B 116 0.16 18.15 -30.73
N LEU B 117 0.64 16.93 -30.53
CA LEU B 117 1.86 16.68 -29.77
C LEU B 117 2.99 16.18 -30.65
N LEU B 118 2.91 16.41 -31.96
CA LEU B 118 3.95 15.93 -32.87
C LEU B 118 5.23 16.76 -32.73
N SER B 119 5.09 18.07 -32.55
CA SER B 119 6.25 18.95 -32.46
C SER B 119 6.79 19.01 -31.03
N THR B 120 5.96 19.43 -30.09
CA THR B 120 6.33 19.55 -28.69
C THR B 120 5.77 18.37 -27.91
N ASN B 121 5.97 18.38 -26.59
CA ASN B 121 5.46 17.35 -25.70
C ASN B 121 4.59 17.95 -24.61
N LYS B 122 3.91 19.06 -24.92
CA LYS B 122 2.97 19.68 -23.99
C LYS B 122 2.06 20.64 -24.74
N ALA B 123 0.75 20.41 -24.69
CA ALA B 123 -0.17 21.27 -25.42
C ALA B 123 -1.58 21.10 -24.87
N VAL B 124 -2.37 22.16 -25.01
CA VAL B 124 -3.79 22.14 -24.66
C VAL B 124 -4.60 21.79 -25.90
N VAL B 125 -5.45 20.78 -25.78
CA VAL B 125 -6.28 20.31 -26.88
C VAL B 125 -7.70 20.14 -26.37
N SER B 126 -8.65 20.30 -27.29
CA SER B 126 -10.07 20.20 -26.99
C SER B 126 -10.55 18.82 -27.43
N LEU B 127 -11.01 18.02 -26.48
CA LEU B 127 -11.49 16.68 -26.79
C LEU B 127 -12.79 16.75 -27.58
N SER B 128 -13.29 15.58 -27.97
CA SER B 128 -14.58 15.51 -28.64
C SER B 128 -15.72 16.00 -27.75
N ASN B 129 -15.58 15.91 -26.42
CA ASN B 129 -16.67 16.20 -25.51
C ASN B 129 -16.73 17.66 -25.07
N GLY B 130 -15.81 18.52 -25.53
CA GLY B 130 -15.90 19.95 -25.35
C GLY B 130 -15.00 20.51 -24.26
N VAL B 131 -14.73 19.73 -23.21
CA VAL B 131 -13.92 20.22 -22.11
C VAL B 131 -12.45 20.10 -22.50
N SER B 132 -11.73 21.23 -22.45
CA SER B 132 -10.34 21.24 -22.85
C SER B 132 -9.47 20.50 -21.84
N VAL B 133 -8.40 19.87 -22.33
CA VAL B 133 -7.50 19.11 -21.49
C VAL B 133 -6.09 19.32 -22.02
N LEU B 134 -5.12 19.24 -21.11
CA LEU B 134 -3.72 19.49 -21.45
C LEU B 134 -2.94 18.17 -21.39
N THR B 135 -2.20 17.88 -22.45
CA THR B 135 -1.55 16.58 -22.62
C THR B 135 -0.08 16.75 -22.97
N PHE B 136 0.72 15.79 -22.51
CA PHE B 136 2.14 15.69 -22.82
C PHE B 136 2.45 14.42 -23.60
N LYS B 137 3.69 14.38 -24.09
CA LYS B 137 4.29 13.16 -24.64
C LYS B 137 5.69 13.07 -24.01
N VAL B 138 5.74 12.56 -22.77
CA VAL B 138 6.95 12.67 -21.97
C VAL B 138 8.02 11.72 -22.47
N LEU B 139 7.64 10.48 -22.78
CA LEU B 139 8.57 9.45 -23.22
C LEU B 139 8.19 9.06 -24.64
N ASP B 140 9.20 8.97 -25.52
CA ASP B 140 9.02 8.64 -26.92
C ASP B 140 9.70 7.30 -27.20
N LEU B 141 8.90 6.24 -27.32
CA LEU B 141 9.42 4.92 -27.66
C LEU B 141 9.55 4.72 -29.16
N LYS B 142 8.82 5.49 -29.97
CA LYS B 142 8.90 5.27 -31.42
C LYS B 142 10.29 5.58 -31.94
N ASN B 143 10.89 6.69 -31.48
CA ASN B 143 12.20 7.07 -32.00
C ASN B 143 13.25 5.99 -31.70
N TYR B 144 13.45 5.68 -30.42
CA TYR B 144 14.59 4.86 -30.04
C TYR B 144 14.36 3.39 -30.36
N ILE B 145 13.17 3.01 -30.80
CA ILE B 145 12.91 1.67 -31.30
C ILE B 145 12.97 1.64 -32.83
N ASP B 146 12.67 2.77 -33.47
CA ASP B 146 12.65 2.80 -34.93
C ASP B 146 14.01 3.22 -35.50
N LYS B 147 14.48 4.42 -35.16
CA LYS B 147 15.67 4.99 -35.77
C LYS B 147 16.91 4.83 -34.89
N GLN B 148 16.90 3.86 -33.97
CA GLN B 148 18.12 3.51 -33.26
C GLN B 148 18.33 2.01 -33.12
N LEU B 149 17.33 1.17 -33.38
CA LEU B 149 17.53 -0.28 -33.38
C LEU B 149 17.33 -0.87 -34.77
N LEU B 150 16.22 -0.59 -35.44
CA LEU B 150 15.98 -1.18 -36.75
C LEU B 150 17.12 -0.95 -37.74
N PRO B 151 17.63 0.28 -37.91
CA PRO B 151 18.78 0.45 -38.81
C PRO B 151 20.03 -0.29 -38.35
N ILE B 152 20.13 -0.67 -37.07
CA ILE B 152 21.29 -1.38 -36.55
C ILE B 152 20.94 -2.76 -36.03
N LEU B 153 19.71 -3.22 -36.24
CA LEU B 153 19.31 -4.57 -35.89
C LEU B 153 18.86 -5.33 -37.15
N ASN B 154 19.65 -5.22 -38.21
CA ASN B 154 19.32 -5.88 -39.46
C ASN B 154 19.24 -7.39 -39.25
N LYS B 155 18.56 -8.07 -40.18
CA LYS B 155 18.27 -9.49 -40.02
C LYS B 155 19.52 -10.27 -39.66
N GLN B 156 20.52 -10.25 -40.55
CA GLN B 156 21.73 -11.04 -40.38
C GLN B 156 22.87 -10.25 -39.75
N SER B 157 23.11 -9.03 -40.21
CA SER B 157 24.21 -8.22 -39.71
C SER B 157 23.81 -7.53 -38.40
N CYS B 158 23.58 -8.32 -37.35
CA CYS B 158 23.20 -7.76 -36.04
C CYS B 158 24.44 -7.33 -35.28
N SER B 159 25.15 -6.36 -35.86
CA SER B 159 26.37 -5.81 -35.27
C SER B 159 25.96 -4.74 -34.25
N ILE B 160 25.79 -5.16 -33.00
CA ILE B 160 25.37 -4.27 -31.92
C ILE B 160 26.47 -4.23 -30.87
N SER B 161 27.73 -4.38 -31.31
CA SER B 161 28.87 -4.41 -30.41
C SER B 161 28.78 -3.31 -29.34
N ASN B 162 28.23 -2.16 -29.71
CA ASN B 162 28.05 -1.09 -28.74
C ASN B 162 27.16 -1.56 -27.60
N ILE B 163 27.76 -1.75 -26.43
CA ILE B 163 27.04 -2.27 -25.27
C ILE B 163 26.07 -1.21 -24.77
N GLU B 164 26.55 0.04 -24.68
CA GLU B 164 25.77 1.14 -24.15
C GLU B 164 24.40 1.28 -24.80
N THR B 165 24.18 0.70 -25.97
CA THR B 165 22.86 0.75 -26.58
C THR B 165 21.79 0.20 -25.65
N VAL B 166 22.07 -0.97 -25.05
CA VAL B 166 21.08 -1.59 -24.16
C VAL B 166 20.88 -0.72 -22.93
N ILE B 167 21.95 -0.08 -22.46
CA ILE B 167 21.82 0.77 -21.26
C ILE B 167 20.90 1.95 -21.55
N GLU B 168 21.11 2.61 -22.70
CA GLU B 168 20.25 3.73 -23.08
C GLU B 168 18.81 3.27 -23.25
N PHE B 169 18.60 2.13 -23.94
CA PHE B 169 17.25 1.64 -24.14
C PHE B 169 16.58 1.30 -22.81
N GLN B 170 17.33 0.69 -21.89
CA GLN B 170 16.76 0.35 -20.59
C GLN B 170 16.40 1.58 -19.79
N GLN B 171 17.24 2.62 -19.84
CA GLN B 171 16.94 3.83 -19.08
C GLN B 171 15.74 4.56 -19.67
N LYS B 172 15.56 4.48 -21.00
CA LYS B 172 14.39 5.09 -21.63
C LYS B 172 13.17 4.17 -21.60
N ASN B 173 13.33 2.92 -21.17
CA ASN B 173 12.25 1.94 -21.11
C ASN B 173 11.68 1.75 -19.71
N ASN B 174 12.54 1.79 -18.68
CA ASN B 174 12.10 1.45 -17.34
C ASN B 174 10.92 2.30 -16.90
N ARG B 175 10.84 3.54 -17.41
CA ARG B 175 9.72 4.40 -17.05
C ARG B 175 8.40 3.76 -17.48
N LEU B 176 8.29 3.37 -18.76
CA LEU B 176 7.03 2.79 -19.22
C LEU B 176 6.84 1.38 -18.67
N LEU B 177 7.94 0.66 -18.44
CA LEU B 177 7.84 -0.65 -17.81
C LEU B 177 7.17 -0.54 -16.44
N GLU B 178 7.59 0.45 -15.64
CA GLU B 178 6.94 0.65 -14.34
C GLU B 178 5.55 1.24 -14.50
N ILE B 179 5.30 1.98 -15.58
CA ILE B 179 3.93 2.46 -15.82
C ILE B 179 2.98 1.28 -16.00
N THR B 180 3.35 0.32 -16.84
CA THR B 180 2.51 -0.86 -17.01
C THR B 180 2.46 -1.68 -15.73
N ARG B 181 3.58 -1.75 -15.01
CA ARG B 181 3.60 -2.46 -13.73
C ARG B 181 2.57 -1.88 -12.77
N GLU B 182 2.52 -0.55 -12.66
CA GLU B 182 1.58 0.10 -11.76
C GLU B 182 0.15 -0.02 -12.26
N PHE B 183 -0.05 -0.02 -13.58
CA PHE B 183 -1.37 -0.35 -14.12
C PHE B 183 -1.81 -1.73 -13.64
N SER B 184 -0.90 -2.70 -13.63
CA SER B 184 -1.24 -4.06 -13.21
C SER B 184 -1.08 -4.30 -11.71
N VAL B 185 -0.68 -3.29 -10.94
CA VAL B 185 -0.44 -3.45 -9.52
C VAL B 185 -1.53 -2.74 -8.73
N ASN B 186 -2.33 -1.92 -9.40
CA ASN B 186 -3.39 -1.16 -8.76
C ASN B 186 -4.68 -1.19 -9.58
N ALA B 187 -4.98 -2.33 -10.21
CA ALA B 187 -6.17 -2.46 -11.04
C ALA B 187 -6.27 -1.31 -12.04
N GLY B 188 -5.15 -0.91 -12.62
CA GLY B 188 -5.12 0.24 -13.49
C GLY B 188 -5.46 1.55 -12.80
N VAL B 189 -5.77 1.54 -11.52
CA VAL B 189 -6.19 2.73 -10.79
C VAL B 189 -5.36 2.84 -9.52
N THR B 190 -4.47 3.82 -9.46
CA THR B 190 -3.53 3.93 -8.37
C THR B 190 -3.57 5.33 -7.78
N THR B 191 -3.19 5.42 -6.50
CA THR B 191 -3.01 6.67 -5.81
C THR B 191 -2.10 6.34 -4.62
N PRO B 192 -0.94 7.01 -4.50
CA PRO B 192 -0.41 8.07 -5.36
C PRO B 192 0.07 7.57 -6.73
N VAL B 193 0.34 8.49 -7.63
CA VAL B 193 0.90 8.17 -8.96
C VAL B 193 2.41 8.32 -8.86
N SER B 194 3.12 7.26 -9.21
CA SER B 194 4.57 7.29 -9.10
C SER B 194 5.16 8.24 -10.14
N THR B 195 6.41 8.64 -9.90
CA THR B 195 7.07 9.58 -10.80
C THR B 195 7.17 9.03 -12.21
N TYR B 196 7.13 7.72 -12.39
CA TYR B 196 7.20 7.14 -13.73
C TYR B 196 5.92 7.38 -14.51
N MET B 197 4.89 7.92 -13.84
CA MET B 197 3.71 8.36 -14.56
C MET B 197 3.80 9.84 -14.91
N LEU B 198 4.58 10.62 -14.15
CA LEU B 198 4.73 12.05 -14.42
C LEU B 198 6.02 12.51 -13.71
N THR B 199 7.04 12.84 -14.50
CA THR B 199 8.27 13.35 -13.92
C THR B 199 8.00 14.64 -13.15
N ASN B 200 8.72 14.81 -12.05
CA ASN B 200 8.41 15.90 -11.11
C ASN B 200 8.54 17.26 -11.78
N SER B 201 9.57 17.42 -12.62
CA SER B 201 9.69 18.63 -13.42
C SER B 201 8.51 18.78 -14.38
N GLU B 202 8.09 17.66 -14.97
CA GLU B 202 6.90 17.70 -15.82
C GLU B 202 5.68 18.13 -15.01
N LEU B 203 5.59 17.71 -13.75
CA LEU B 203 4.50 18.15 -12.90
C LEU B 203 4.56 19.65 -12.64
N LEU B 204 5.75 20.18 -12.35
CA LEU B 204 5.86 21.62 -12.12
C LEU B 204 5.46 22.39 -13.38
N SER B 205 5.91 21.92 -14.55
CA SER B 205 5.51 22.56 -15.80
C SER B 205 4.00 22.48 -16.01
N LEU B 206 3.41 21.31 -15.72
CA LEU B 206 1.96 21.14 -15.85
C LEU B 206 1.23 22.17 -14.99
N ILE B 207 1.64 22.30 -13.74
CA ILE B 207 0.98 23.23 -12.83
C ILE B 207 1.15 24.66 -13.33
N ASN B 208 2.35 25.00 -13.78
CA ASN B 208 2.59 26.34 -14.31
C ASN B 208 1.80 26.61 -15.59
N ASP B 209 1.36 25.56 -16.28
CA ASP B 209 0.69 25.69 -17.57
C ASP B 209 -0.82 25.54 -17.48
N MET B 210 -1.34 24.97 -16.40
CA MET B 210 -2.78 24.72 -16.34
C MET B 210 -3.54 25.96 -15.90
N PRO B 211 -4.84 26.05 -16.22
CA PRO B 211 -5.61 27.28 -15.94
C PRO B 211 -6.00 27.46 -14.47
N ILE B 212 -5.09 28.03 -13.69
CA ILE B 212 -5.40 28.47 -12.33
C ILE B 212 -4.69 29.79 -12.06
N THR B 213 -5.02 30.42 -10.94
CA THR B 213 -4.49 31.75 -10.65
C THR B 213 -2.99 31.69 -10.35
N ASN B 214 -2.35 32.85 -10.50
CA ASN B 214 -0.90 32.92 -10.29
C ASN B 214 -0.52 32.53 -8.88
N ASP B 215 -1.24 33.05 -7.88
CA ASP B 215 -0.99 32.61 -6.51
C ASP B 215 -1.26 31.12 -6.37
N GLN B 216 -2.36 30.63 -6.94
CA GLN B 216 -2.62 29.20 -6.92
C GLN B 216 -1.58 28.44 -7.75
N LYS B 217 -1.04 29.08 -8.80
CA LYS B 217 0.00 28.44 -9.59
C LYS B 217 1.25 28.18 -8.75
N LYS B 218 1.74 29.21 -8.05
CA LYS B 218 2.88 29.02 -7.16
C LYS B 218 2.54 28.02 -6.06
N LEU B 219 1.34 28.15 -5.50
CA LEU B 219 0.79 27.32 -4.43
C LEU B 219 0.87 25.84 -4.76
N MET B 220 0.38 25.44 -5.93
CA MET B 220 0.41 24.03 -6.29
C MET B 220 1.66 23.65 -7.07
N SER B 221 2.50 24.62 -7.46
CA SER B 221 3.77 24.26 -8.03
C SER B 221 4.77 23.81 -6.97
N ASN B 222 4.71 24.41 -5.78
CA ASN B 222 5.67 24.06 -4.74
C ASN B 222 5.15 23.04 -3.74
N ASN B 223 4.02 22.38 -4.00
CA ASN B 223 3.36 21.53 -3.00
C ASN B 223 3.09 20.13 -3.56
N VAL B 224 4.12 19.51 -4.15
CA VAL B 224 3.94 18.21 -4.79
C VAL B 224 3.75 17.12 -3.74
N GLN B 225 4.41 17.26 -2.59
CA GLN B 225 4.52 16.14 -1.64
C GLN B 225 3.15 15.62 -1.19
N ILE B 226 2.12 16.47 -1.25
CA ILE B 226 0.80 16.04 -0.80
C ILE B 226 -0.13 15.76 -1.98
N VAL B 227 0.10 16.44 -3.11
CA VAL B 227 -0.83 16.34 -4.24
C VAL B 227 -1.02 14.88 -4.65
N ARG B 228 0.08 14.14 -4.76
CA ARG B 228 -0.02 12.75 -5.24
C ARG B 228 -0.97 11.93 -4.40
N GLN B 229 -1.09 12.21 -3.10
CA GLN B 229 -2.12 11.56 -2.29
C GLN B 229 -3.51 12.11 -2.58
N GLN B 230 -3.64 13.19 -3.33
CA GLN B 230 -4.91 13.67 -3.85
C GLN B 230 -4.99 13.57 -5.36
N SER B 231 -4.12 12.79 -5.98
CA SER B 231 -4.13 12.59 -7.42
C SER B 231 -4.64 11.19 -7.74
N TYR B 232 -4.99 10.97 -9.00
CA TYR B 232 -5.45 9.68 -9.47
C TYR B 232 -5.09 9.56 -10.94
N SER B 233 -5.06 8.31 -11.43
CA SER B 233 -4.71 8.09 -12.84
C SER B 233 -5.16 6.68 -13.23
N ILE B 234 -6.02 6.60 -14.23
CA ILE B 234 -6.48 5.33 -14.78
C ILE B 234 -5.98 5.23 -16.22
N MET B 235 -5.87 3.99 -16.72
CA MET B 235 -5.44 3.75 -18.09
C MET B 235 -6.56 4.13 -19.05
N CYS B 236 -6.23 4.92 -20.06
CA CYS B 236 -7.21 5.29 -21.08
C CYS B 236 -7.16 4.39 -22.31
N ILE B 237 -6.04 4.40 -23.03
CA ILE B 237 -6.01 3.79 -24.36
C ILE B 237 -4.58 3.39 -24.75
N ILE B 238 -4.50 2.47 -25.71
CA ILE B 238 -3.27 2.09 -26.39
C ILE B 238 -3.54 2.21 -27.88
N LYS B 239 -4.51 3.06 -28.24
CA LYS B 239 -5.22 2.92 -29.51
C LYS B 239 -4.28 2.78 -30.71
N GLU B 240 -3.47 3.81 -30.99
CA GLU B 240 -2.62 3.82 -32.18
C GLU B 240 -1.24 4.35 -31.80
N GLU B 241 -0.27 3.44 -31.65
CA GLU B 241 1.15 3.74 -31.51
C GLU B 241 1.46 4.44 -30.19
N VAL B 242 0.48 4.74 -29.35
CA VAL B 242 0.67 5.59 -28.18
C VAL B 242 -0.04 4.99 -26.98
N LEU B 243 0.60 5.12 -25.83
CA LEU B 243 0.04 4.77 -24.53
C LEU B 243 -0.46 6.04 -23.87
N ALA B 244 -1.78 6.13 -23.66
CA ALA B 244 -2.38 7.36 -23.14
C ALA B 244 -3.14 7.03 -21.87
N TYR B 245 -2.89 7.82 -20.83
CA TYR B 245 -3.41 7.57 -19.49
C TYR B 245 -3.69 8.89 -18.79
N VAL B 246 -4.83 8.97 -18.12
CA VAL B 246 -5.30 10.23 -17.56
C VAL B 246 -4.71 10.42 -16.18
N VAL B 247 -4.61 11.68 -15.77
CA VAL B 247 -4.19 12.07 -14.42
C VAL B 247 -5.19 13.08 -13.89
N GLN B 248 -5.52 12.97 -12.62
CA GLN B 248 -6.61 13.71 -11.97
C GLN B 248 -6.02 14.52 -10.82
N LEU B 249 -5.88 15.83 -11.02
CA LEU B 249 -5.23 16.71 -10.07
C LEU B 249 -6.24 17.67 -9.42
N PRO B 250 -5.96 18.14 -8.21
CA PRO B 250 -6.88 19.10 -7.56
C PRO B 250 -6.78 20.49 -8.13
N LEU B 251 -7.84 21.27 -7.87
CA LEU B 251 -7.94 22.67 -8.27
C LEU B 251 -8.48 23.45 -7.07
N TYR B 252 -7.61 24.19 -6.40
CA TYR B 252 -7.93 24.82 -5.12
C TYR B 252 -8.72 26.10 -5.37
N GLY B 253 -10.04 25.93 -5.50
CA GLY B 253 -10.93 27.07 -5.58
C GLY B 253 -11.22 27.75 -4.27
N VAL B 254 -10.76 27.16 -3.17
CA VAL B 254 -10.85 27.76 -1.84
C VAL B 254 -9.47 27.69 -1.21
N ILE B 255 -8.90 28.85 -0.90
CA ILE B 255 -7.57 28.93 -0.29
C ILE B 255 -7.50 30.19 0.57
N ASP B 256 -6.41 30.31 1.32
CA ASP B 256 -6.16 31.48 2.16
C ASP B 256 -7.28 31.69 3.17
N THR B 257 -7.80 30.58 3.70
CA THR B 257 -8.80 30.62 4.76
C THR B 257 -8.27 29.90 5.99
N PRO B 258 -8.34 30.52 7.17
CA PRO B 258 -7.75 29.89 8.37
C PRO B 258 -8.64 28.81 8.95
N CYS B 259 -8.21 27.54 8.94
CA CYS B 259 -9.05 26.45 9.37
C CYS B 259 -8.36 25.56 10.39
N TRP B 260 -9.17 24.84 11.18
CA TRP B 260 -8.74 24.28 12.44
C TRP B 260 -9.19 22.83 12.60
N LYS B 261 -8.66 22.19 13.64
CA LYS B 261 -8.95 20.80 13.96
C LYS B 261 -9.55 20.69 15.36
N LEU B 262 -10.42 19.69 15.52
CA LEU B 262 -11.20 19.49 16.75
C LEU B 262 -10.87 18.11 17.30
N HIS B 263 -10.45 18.05 18.56
CA HIS B 263 -10.11 16.81 19.24
C HIS B 263 -10.98 16.65 20.49
N THR B 264 -11.36 15.41 20.79
CA THR B 264 -12.45 15.15 21.72
C THR B 264 -11.98 14.26 22.86
N SER B 265 -12.67 14.38 23.99
CA SER B 265 -12.36 13.64 25.20
C SER B 265 -13.63 13.53 26.05
N PRO B 266 -13.86 12.37 26.69
CA PRO B 266 -15.06 12.18 27.51
C PRO B 266 -15.06 13.05 28.76
N LEU B 267 -16.26 13.50 29.15
CA LEU B 267 -16.48 13.97 30.51
C LEU B 267 -17.26 12.92 31.30
N CYS B 268 -16.97 12.83 32.60
CA CYS B 268 -17.67 11.88 33.45
C CYS B 268 -17.73 12.42 34.86
N THR B 269 -18.64 11.85 35.66
CA THR B 269 -18.56 12.01 37.10
C THR B 269 -17.41 11.17 37.63
N THR B 270 -17.02 11.44 38.88
CA THR B 270 -15.82 10.84 39.46
C THR B 270 -16.14 10.11 40.76
N ASN B 271 -17.20 9.31 40.77
CA ASN B 271 -17.53 8.52 41.95
C ASN B 271 -16.46 7.46 42.18
N THR B 272 -16.21 7.14 43.45
CA THR B 272 -15.24 6.10 43.78
C THR B 272 -15.63 4.75 43.19
N LYS B 273 -16.91 4.53 42.92
CA LYS B 273 -17.38 3.29 42.32
C LYS B 273 -16.92 3.20 40.86
N GLU B 274 -16.25 2.11 40.50
CA GLU B 274 -15.85 1.93 39.10
C GLU B 274 -17.07 1.71 38.21
N GLY B 275 -18.11 1.06 38.73
CA GLY B 275 -19.35 0.87 38.01
C GLY B 275 -20.35 1.98 38.28
N SER B 276 -21.46 1.91 37.55
CA SER B 276 -22.54 2.88 37.63
C SER B 276 -22.08 4.29 37.26
N ASN B 277 -21.04 4.42 36.44
CA ASN B 277 -20.50 5.72 36.08
C ASN B 277 -21.26 6.26 34.86
N ILE B 278 -21.21 7.58 34.66
CA ILE B 278 -21.88 8.24 33.55
C ILE B 278 -20.85 9.06 32.80
N CYS B 279 -20.84 8.93 31.48
CA CYS B 279 -19.80 9.55 30.66
C CYS B 279 -20.40 10.16 29.40
N LEU B 280 -19.85 11.32 29.03
CA LEU B 280 -20.24 12.04 27.84
C LEU B 280 -18.98 12.51 27.11
N THR B 281 -19.01 12.44 25.78
CA THR B 281 -17.92 12.98 24.96
C THR B 281 -18.52 13.82 23.86
N ARG B 282 -17.73 14.76 23.36
CA ARG B 282 -18.07 15.42 22.11
C ARG B 282 -17.73 14.50 20.96
N THR B 283 -18.76 14.13 20.20
CA THR B 283 -18.61 13.19 19.10
C THR B 283 -18.37 13.90 17.76
N ASP B 284 -17.72 15.07 17.78
CA ASP B 284 -17.46 15.85 16.58
C ASP B 284 -15.97 16.10 16.36
N ARG B 285 -15.11 15.10 16.59
CA ARG B 285 -13.70 15.26 16.30
C ARG B 285 -13.47 15.22 14.80
N GLY B 286 -12.61 16.10 14.31
CA GLY B 286 -12.37 16.18 12.88
C GLY B 286 -11.82 17.51 12.41
N TRP B 287 -12.19 17.92 11.20
CA TRP B 287 -11.62 19.12 10.59
C TRP B 287 -12.72 20.11 10.24
N TYR B 288 -12.48 21.39 10.55
CA TYR B 288 -13.38 22.48 10.16
C TYR B 288 -12.57 23.45 9.30
N CYS B 289 -12.95 23.61 8.03
CA CYS B 289 -12.31 24.59 7.15
C CYS B 289 -13.32 25.48 6.45
N ASP B 290 -13.04 26.78 6.44
CA ASP B 290 -13.99 27.78 5.96
C ASP B 290 -13.81 28.01 4.46
N ASN B 291 -14.91 27.87 3.72
CA ASN B 291 -14.88 28.04 2.27
C ASN B 291 -15.80 29.14 1.77
N ALA B 292 -17.10 29.08 2.09
CA ALA B 292 -18.09 29.95 1.47
C ALA B 292 -19.06 30.51 2.51
N GLY B 293 -18.52 30.97 3.63
CA GLY B 293 -19.34 31.55 4.68
C GLY B 293 -19.94 30.54 5.65
N SER B 294 -19.76 29.25 5.40
CA SER B 294 -20.15 28.20 6.32
C SER B 294 -19.01 27.21 6.41
N VAL B 295 -18.89 26.53 7.54
CA VAL B 295 -17.73 25.70 7.77
C VAL B 295 -17.88 24.40 6.99
N SER B 296 -16.76 23.74 6.72
CA SER B 296 -16.73 22.43 6.10
C SER B 296 -16.21 21.44 7.14
N PHE B 297 -16.98 20.39 7.37
CA PHE B 297 -16.74 19.44 8.43
C PHE B 297 -16.32 18.10 7.84
N PHE B 298 -15.12 17.66 8.19
CA PHE B 298 -14.62 16.33 7.87
C PHE B 298 -14.68 15.50 9.14
N PRO B 299 -15.51 14.44 9.21
CA PRO B 299 -15.70 13.70 10.47
C PRO B 299 -14.54 12.81 10.86
N GLN B 300 -14.02 12.06 9.89
CA GLN B 300 -12.94 11.10 10.13
C GLN B 300 -11.64 11.72 9.64
N ALA B 301 -10.64 11.76 10.51
CA ALA B 301 -9.36 12.39 10.22
C ALA B 301 -8.59 11.66 9.10
N GLU B 302 -9.10 10.58 8.52
CA GLU B 302 -8.42 9.89 7.45
C GLU B 302 -8.67 10.51 6.07
N THR B 303 -9.33 11.68 6.02
CA THR B 303 -9.61 12.36 4.76
C THR B 303 -8.90 13.71 4.70
N CYS B 304 -8.00 13.98 5.64
CA CYS B 304 -7.31 15.27 5.76
C CYS B 304 -5.84 14.98 6.07
N LYS B 305 -4.95 15.85 5.61
CA LYS B 305 -3.51 15.66 5.78
C LYS B 305 -2.84 16.99 6.16
N VAL B 306 -1.65 16.87 6.75
CA VAL B 306 -1.01 17.99 7.43
C VAL B 306 0.40 18.21 6.86
N GLN B 307 0.81 19.49 6.75
CA GLN B 307 2.17 19.87 6.35
C GLN B 307 2.43 21.27 6.92
N SER B 308 3.20 21.31 8.02
CA SER B 308 3.63 22.57 8.65
C SER B 308 2.41 23.25 9.27
N ASN B 309 2.05 24.45 8.85
CA ASN B 309 0.82 25.11 9.27
C ASN B 309 -0.27 25.03 8.21
N ARG B 310 -0.15 24.11 7.26
CA ARG B 310 -1.05 24.06 6.11
C ARG B 310 -1.62 22.66 5.97
N VAL B 311 -2.94 22.55 5.98
CA VAL B 311 -3.63 21.27 5.93
C VAL B 311 -4.24 21.13 4.54
N PHE B 312 -3.89 20.05 3.86
CA PHE B 312 -4.45 19.72 2.55
C PHE B 312 -5.46 18.59 2.73
N CYS B 313 -6.70 18.83 2.31
CA CYS B 313 -7.75 17.87 2.62
C CYS B 313 -8.64 17.69 1.41
N ASP B 314 -9.34 16.54 1.39
CA ASP B 314 -10.25 16.19 0.31
C ASP B 314 -11.68 16.45 0.78
N THR B 315 -12.50 17.00 -0.11
CA THR B 315 -13.80 17.50 0.32
C THR B 315 -14.91 16.47 0.17
N MET B 316 -14.66 15.36 -0.54
CA MET B 316 -15.73 14.38 -0.72
C MET B 316 -16.14 13.72 0.59
N ASN B 317 -15.34 13.89 1.64
CA ASN B 317 -15.71 13.51 2.99
C ASN B 317 -16.02 14.75 3.83
N SER B 318 -16.65 15.74 3.20
CA SER B 318 -16.94 17.01 3.84
C SER B 318 -18.41 17.35 3.72
N LEU B 319 -18.98 17.86 4.80
CA LEU B 319 -20.30 18.47 4.80
C LEU B 319 -20.16 19.97 5.02
N THR B 320 -21.18 20.72 4.64
CA THR B 320 -21.23 22.15 4.93
C THR B 320 -22.14 22.37 6.12
N LEU B 321 -21.57 22.87 7.21
CA LEU B 321 -22.30 23.08 8.45
C LEU B 321 -22.40 24.59 8.68
N PRO B 322 -23.47 25.04 9.33
CA PRO B 322 -23.63 26.47 9.57
C PRO B 322 -22.50 27.01 10.42
N SER B 323 -22.15 28.28 10.18
CA SER B 323 -21.11 28.93 10.97
C SER B 323 -21.44 28.91 12.46
N GLU B 324 -22.72 28.85 12.81
CA GLU B 324 -23.11 28.77 14.21
C GLU B 324 -22.56 27.54 14.90
N VAL B 325 -22.16 26.52 14.13
CA VAL B 325 -21.56 25.34 14.74
C VAL B 325 -20.26 25.70 15.45
N ASN B 326 -19.58 26.75 15.02
CA ASN B 326 -18.41 27.21 15.75
C ASN B 326 -18.76 27.56 17.19
N LEU B 327 -19.99 28.03 17.42
CA LEU B 327 -20.42 28.37 18.77
C LEU B 327 -20.49 27.14 19.66
N CYS B 328 -20.45 25.93 19.09
CA CYS B 328 -20.43 24.71 19.88
C CYS B 328 -19.08 24.55 20.58
N ASN B 329 -18.10 25.38 20.22
CA ASN B 329 -16.80 25.36 20.87
C ASN B 329 -16.75 26.23 22.12
N VAL B 330 -17.79 27.01 22.40
CA VAL B 330 -17.84 27.85 23.59
C VAL B 330 -19.03 27.48 24.48
N ASP B 331 -20.22 27.36 23.89
CA ASP B 331 -21.45 27.07 24.63
C ASP B 331 -22.14 25.89 23.94
N ILE B 332 -21.84 24.68 24.42
CA ILE B 332 -22.46 23.49 23.84
C ILE B 332 -23.97 23.50 24.10
N PHE B 333 -24.41 24.22 25.13
CA PHE B 333 -25.82 24.31 25.48
C PHE B 333 -26.59 25.33 24.67
N ASN B 334 -25.92 26.07 23.80
CA ASN B 334 -26.61 27.08 23.01
C ASN B 334 -27.65 26.43 22.11
N PRO B 335 -28.85 27.02 21.99
CA PRO B 335 -29.89 26.43 21.14
C PRO B 335 -29.77 26.80 19.68
N LYS B 336 -28.79 27.63 19.30
CA LYS B 336 -28.67 28.04 17.91
C LYS B 336 -28.38 26.84 17.01
N TYR B 337 -27.41 26.02 17.37
CA TYR B 337 -27.10 24.79 16.66
C TYR B 337 -27.00 23.66 17.68
N ASP B 338 -27.72 22.58 17.43
CA ASP B 338 -27.74 21.45 18.35
C ASP B 338 -26.43 20.69 18.24
N CYS B 339 -25.55 20.89 19.22
CA CYS B 339 -24.24 20.25 19.19
C CYS B 339 -24.37 18.74 19.36
N LYS B 340 -23.50 18.01 18.66
CA LYS B 340 -23.58 16.55 18.60
C LYS B 340 -22.61 15.94 19.60
N ILE B 341 -23.10 14.96 20.36
CA ILE B 341 -22.32 14.34 21.43
C ILE B 341 -22.68 12.86 21.52
N MET B 342 -21.95 12.13 22.37
CA MET B 342 -22.26 10.72 22.64
C MET B 342 -22.20 10.47 24.14
N THR B 343 -23.10 9.61 24.62
CA THR B 343 -23.17 9.27 26.04
C THR B 343 -23.02 7.77 26.18
N SER B 344 -22.31 7.36 27.24
CA SER B 344 -22.08 5.95 27.51
C SER B 344 -21.84 5.75 28.99
N LYS B 345 -21.96 4.49 29.42
CA LYS B 345 -21.90 4.13 30.83
C LYS B 345 -20.60 3.41 31.20
N THR B 346 -19.69 3.22 30.26
CA THR B 346 -18.46 2.49 30.52
C THR B 346 -17.37 3.43 31.01
N ASP B 347 -16.73 3.08 32.12
CA ASP B 347 -15.70 3.90 32.76
C ASP B 347 -14.35 3.25 32.49
N VAL B 348 -13.58 3.84 31.57
CA VAL B 348 -12.24 3.37 31.26
C VAL B 348 -11.36 4.58 30.94
N SER B 349 -10.05 4.37 30.99
CA SER B 349 -9.07 5.44 30.82
C SER B 349 -8.60 5.53 29.37
N SER B 350 -8.17 6.72 28.97
CA SER B 350 -7.70 6.95 27.61
C SER B 350 -7.11 8.36 27.53
N SER B 351 -6.57 8.70 26.35
CA SER B 351 -6.13 10.06 26.08
C SER B 351 -6.12 10.28 24.57
N VAL B 352 -6.24 11.55 24.17
CA VAL B 352 -6.29 11.94 22.77
C VAL B 352 -5.23 13.01 22.53
N ILE B 353 -4.83 13.16 21.28
CA ILE B 353 -3.69 14.01 20.91
C ILE B 353 -4.17 15.15 20.02
N THR B 354 -3.97 16.38 20.50
CA THR B 354 -4.27 17.59 19.74
C THR B 354 -3.02 18.03 18.98
N SER B 355 -3.03 19.24 18.44
CA SER B 355 -1.89 19.76 17.68
C SER B 355 -0.72 20.17 18.56
N LEU B 356 -0.98 20.49 19.84
CA LEU B 356 0.08 20.95 20.73
C LEU B 356 -0.05 20.39 22.13
N GLY B 357 -0.56 19.17 22.29
CA GLY B 357 -0.79 18.64 23.62
C GLY B 357 -1.61 17.37 23.58
N ALA B 358 -2.04 16.94 24.76
CA ALA B 358 -2.82 15.72 24.90
C ALA B 358 -3.82 15.87 26.04
N ILE B 359 -5.03 15.36 25.81
CA ILE B 359 -6.11 15.36 26.79
C ILE B 359 -6.18 13.98 27.43
N VAL B 360 -5.98 13.93 28.73
CA VAL B 360 -6.01 12.69 29.50
C VAL B 360 -7.39 12.54 30.11
N SER B 361 -8.18 11.61 29.56
CA SER B 361 -9.42 11.18 30.20
C SER B 361 -9.02 10.01 31.11
N CYS B 362 -8.47 10.37 32.27
CA CYS B 362 -8.01 9.38 33.22
C CYS B 362 -9.18 8.93 34.08
N TYR B 363 -9.81 7.81 33.69
CA TYR B 363 -11.01 7.33 34.34
C TYR B 363 -10.77 5.91 34.82
N GLY B 364 -11.55 5.50 35.80
CA GLY B 364 -11.23 4.30 36.55
C GLY B 364 -10.18 4.61 37.61
N LYS B 365 -9.06 3.89 37.59
CA LYS B 365 -7.99 4.15 38.55
C LYS B 365 -6.60 4.03 37.93
N THR B 366 -6.49 4.11 36.61
CA THR B 366 -5.20 3.90 35.95
C THR B 366 -4.23 5.00 36.36
N LYS B 367 -2.96 4.63 36.52
CA LYS B 367 -1.92 5.57 36.92
C LYS B 367 -1.47 6.40 35.72
N CYS B 368 -2.22 7.46 35.42
CA CYS B 368 -1.86 8.35 34.33
C CYS B 368 -0.78 9.31 34.78
N THR B 369 0.08 9.71 33.84
CA THR B 369 1.21 10.57 34.18
C THR B 369 1.66 11.35 32.96
N ALA B 370 2.19 12.55 33.23
CA ALA B 370 2.79 13.42 32.23
C ALA B 370 4.25 13.65 32.59
N SER B 371 5.12 13.49 31.60
CA SER B 371 6.56 13.43 31.81
C SER B 371 7.31 13.94 30.58
N ASN B 372 8.59 14.21 30.79
CA ASN B 372 9.52 14.56 29.73
C ASN B 372 10.57 13.46 29.62
N LYS B 373 11.29 13.44 28.50
CA LYS B 373 12.27 12.39 28.26
C LYS B 373 13.30 12.32 29.38
N ASN B 374 13.88 13.47 29.74
CA ASN B 374 14.99 13.51 30.69
C ASN B 374 14.54 13.83 32.12
N ARG B 375 13.25 13.99 32.36
CA ARG B 375 12.76 14.34 33.70
C ARG B 375 11.98 13.21 34.34
N GLY B 376 11.17 12.50 33.57
CA GLY B 376 10.31 11.46 34.11
C GLY B 376 8.97 12.02 34.56
N ILE B 377 8.29 11.23 35.40
CA ILE B 377 6.97 11.63 35.86
C ILE B 377 7.07 12.98 36.57
N ILE B 378 6.43 13.99 36.01
CA ILE B 378 6.43 15.32 36.61
C ILE B 378 5.03 15.68 37.09
N LYS B 379 4.00 15.15 36.42
CA LYS B 379 2.63 15.42 36.84
C LYS B 379 1.83 14.12 36.92
N THR B 380 1.11 13.97 38.02
CA THR B 380 0.20 12.85 38.24
C THR B 380 -1.21 13.41 38.38
N PHE B 381 -2.13 12.89 37.56
CA PHE B 381 -3.50 13.38 37.54
C PHE B 381 -4.36 12.59 38.53
N SER B 382 -5.64 12.97 38.62
CA SER B 382 -6.53 12.35 39.61
C SER B 382 -7.94 12.25 39.00
N ASN B 383 -8.23 11.09 38.40
CA ASN B 383 -9.59 10.62 38.15
C ASN B 383 -10.48 11.72 37.55
N GLY B 384 -10.13 12.11 36.33
CA GLY B 384 -11.00 13.04 35.60
C GLY B 384 -10.43 13.60 34.31
N CYS B 385 -11.29 14.28 33.56
CA CYS B 385 -10.82 15.04 32.40
C CYS B 385 -9.75 16.03 32.82
N ASP B 386 -8.53 15.82 32.34
CA ASP B 386 -7.47 16.80 32.51
C ASP B 386 -6.80 16.98 31.15
N TYR B 387 -6.08 18.09 31.01
CA TYR B 387 -5.35 18.35 29.78
C TYR B 387 -3.93 18.75 30.10
N VAL B 388 -3.00 18.39 29.22
CA VAL B 388 -1.60 18.78 29.35
C VAL B 388 -1.10 19.25 27.99
N SER B 389 -0.11 20.13 28.01
CA SER B 389 0.38 20.76 26.79
C SER B 389 1.53 19.95 26.20
N ASN B 390 2.24 20.59 25.27
CA ASN B 390 3.41 20.01 24.64
C ASN B 390 4.71 20.60 25.17
N LYS B 391 4.63 21.69 25.95
CA LYS B 391 5.78 22.53 26.24
C LYS B 391 6.90 21.75 26.92
N GLY B 392 6.66 21.35 28.17
CA GLY B 392 7.68 20.67 28.96
C GLY B 392 7.45 19.18 29.05
N VAL B 393 6.51 18.67 28.28
CA VAL B 393 6.10 17.27 28.36
C VAL B 393 6.10 16.67 26.96
N ASP B 394 6.64 15.44 26.84
CA ASP B 394 6.55 14.69 25.59
C ASP B 394 6.32 13.20 25.85
N THR B 395 5.74 12.85 27.00
CA THR B 395 5.45 11.46 27.31
C THR B 395 4.28 11.41 28.27
N VAL B 396 3.10 11.07 27.76
CA VAL B 396 1.92 10.91 28.59
C VAL B 396 1.54 9.44 28.60
N SER B 397 1.53 8.83 29.78
CA SER B 397 1.22 7.43 29.93
C SER B 397 -0.14 7.27 30.59
N VAL B 398 -0.97 6.40 30.02
CA VAL B 398 -2.23 6.00 30.63
C VAL B 398 -2.23 4.48 30.68
N GLY B 399 -2.45 3.92 31.87
CA GLY B 399 -2.34 2.49 32.01
C GLY B 399 -0.95 2.02 31.63
N ASN B 400 -0.84 1.39 30.46
CA ASN B 400 0.44 0.94 29.92
C ASN B 400 0.75 1.49 28.54
N THR B 401 -0.04 2.44 28.02
CA THR B 401 0.28 3.10 26.77
C THR B 401 1.01 4.42 27.06
N LEU B 402 1.98 4.74 26.19
CA LEU B 402 2.95 5.81 26.42
C LEU B 402 3.03 6.68 25.16
N TYR B 403 2.17 7.69 25.07
CA TYR B 403 2.06 8.48 23.86
C TYR B 403 3.02 9.66 23.87
N TYR B 404 3.45 10.07 22.67
CA TYR B 404 4.23 11.27 22.46
C TYR B 404 3.31 12.44 22.11
N VAL B 405 3.82 13.65 22.31
CA VAL B 405 3.07 14.88 22.07
C VAL B 405 3.83 15.70 21.03
N ASN B 406 3.12 16.11 19.98
CA ASN B 406 3.76 16.84 18.89
C ASN B 406 4.31 18.17 19.39
N LYS B 407 5.54 18.48 19.00
CA LYS B 407 6.30 19.57 19.59
C LYS B 407 6.28 20.85 18.75
N GLN B 408 5.21 21.09 18.00
CA GLN B 408 5.13 22.28 17.16
C GLN B 408 5.16 23.54 18.02
N GLU B 409 5.37 24.68 17.38
CA GLU B 409 5.48 25.96 18.08
C GLU B 409 4.11 26.60 18.23
N GLY B 410 3.69 26.81 19.48
CA GLY B 410 2.36 27.35 19.72
C GLY B 410 2.19 27.80 21.15
N LYS B 411 1.06 28.47 21.39
CA LYS B 411 0.66 28.98 22.68
C LYS B 411 -0.59 28.23 23.14
N SER B 412 -0.56 27.72 24.36
CA SER B 412 -1.62 26.85 24.89
C SER B 412 -2.50 27.61 25.86
N LEU B 413 -3.82 27.52 25.66
CA LEU B 413 -4.80 28.13 26.54
C LEU B 413 -5.73 27.06 27.09
N TYR B 414 -6.06 27.18 28.38
CA TYR B 414 -6.82 26.18 29.12
C TYR B 414 -8.00 26.86 29.80
N VAL B 415 -9.18 26.77 29.20
CA VAL B 415 -10.37 27.43 29.74
C VAL B 415 -10.94 26.55 30.86
N LYS B 416 -11.00 27.09 32.07
CA LYS B 416 -11.64 26.38 33.16
C LYS B 416 -13.16 26.47 33.03
N GLY B 417 -13.83 25.45 33.54
CA GLY B 417 -15.28 25.40 33.52
C GLY B 417 -15.84 24.11 34.09
N GLU B 418 -17.04 24.18 34.67
CA GLU B 418 -17.65 23.00 35.26
C GLU B 418 -18.17 22.08 34.15
N PRO B 419 -17.73 20.81 34.10
CA PRO B 419 -18.19 19.93 33.03
C PRO B 419 -19.71 19.75 33.06
N ILE B 420 -20.32 19.69 31.87
CA ILE B 420 -21.77 19.59 31.75
C ILE B 420 -22.26 18.29 32.40
N ILE B 421 -21.36 17.30 32.52
CA ILE B 421 -21.76 16.03 33.13
C ILE B 421 -22.30 16.25 34.52
N ASN B 422 -21.85 17.31 35.20
CA ASN B 422 -22.36 17.62 36.53
C ASN B 422 -23.86 17.89 36.49
N PHE B 423 -24.32 18.62 35.48
CA PHE B 423 -25.75 18.90 35.38
C PHE B 423 -26.55 17.61 35.21
N TYR B 424 -26.06 16.70 34.37
CA TYR B 424 -26.74 15.42 34.19
C TYR B 424 -26.71 14.62 35.48
N ASP B 425 -27.86 14.06 35.86
CA ASP B 425 -27.94 13.30 37.10
C ASP B 425 -28.18 11.82 36.80
N PRO B 426 -27.69 10.90 37.64
CA PRO B 426 -27.93 9.48 37.37
C PRO B 426 -29.35 9.04 37.69
N LEU B 427 -29.60 7.73 37.57
CA LEU B 427 -30.87 7.08 37.91
C LEU B 427 -31.97 7.36 36.89
N VAL B 428 -31.71 8.25 35.92
CA VAL B 428 -32.71 8.56 34.90
C VAL B 428 -32.09 8.56 33.52
N PHE B 429 -30.78 8.75 33.45
CA PHE B 429 -30.12 8.96 32.17
C PHE B 429 -30.16 7.66 31.35
N PRO B 430 -30.27 7.75 30.01
CA PRO B 430 -30.16 6.55 29.17
C PRO B 430 -28.71 6.20 28.90
N SER B 431 -28.38 4.92 29.06
CA SER B 431 -27.00 4.44 28.97
C SER B 431 -26.61 4.01 27.57
N ASP B 432 -27.22 4.58 26.52
CA ASP B 432 -26.88 4.19 25.15
C ASP B 432 -27.23 5.37 24.23
N GLU B 433 -26.21 6.11 23.80
CA GLU B 433 -26.40 7.20 22.86
C GLU B 433 -25.08 7.53 22.18
N PHE B 434 -25.04 7.37 20.86
CA PHE B 434 -23.86 7.72 20.07
C PHE B 434 -24.16 8.84 19.08
N ASP B 435 -25.25 8.75 18.33
CA ASP B 435 -25.67 9.82 17.42
C ASP B 435 -26.52 10.87 18.12
N ALA B 436 -26.43 10.95 19.45
CA ALA B 436 -27.26 11.87 20.21
C ALA B 436 -26.68 13.28 20.16
N SER B 437 -27.44 14.22 20.72
CA SER B 437 -27.07 15.62 20.78
C SER B 437 -27.61 16.20 22.09
N ILE B 438 -27.37 17.50 22.29
CA ILE B 438 -27.87 18.17 23.49
C ILE B 438 -29.39 18.16 23.49
N SER B 439 -30.00 18.56 22.36
CA SER B 439 -31.46 18.64 22.30
C SER B 439 -32.09 17.27 22.45
N GLN B 440 -31.53 16.25 21.80
CA GLN B 440 -32.10 14.90 21.89
C GLN B 440 -32.00 14.37 23.31
N VAL B 441 -30.84 14.56 23.96
CA VAL B 441 -30.67 14.09 25.33
C VAL B 441 -31.63 14.80 26.26
N ASN B 442 -31.78 16.11 26.10
CA ASN B 442 -32.72 16.85 26.94
C ASN B 442 -34.16 16.38 26.72
N GLU B 443 -34.54 16.14 25.47
CA GLU B 443 -35.89 15.66 25.18
C GLU B 443 -36.13 14.31 25.85
N LYS B 444 -35.16 13.40 25.74
CA LYS B 444 -35.32 12.09 26.38
C LYS B 444 -35.39 12.20 27.90
N ILE B 445 -34.56 13.08 28.49
CA ILE B 445 -34.58 13.25 29.94
C ILE B 445 -35.93 13.81 30.38
N ASN B 446 -36.45 14.79 29.63
CA ASN B 446 -37.76 15.34 29.97
C ASN B 446 -38.84 14.29 29.85
N GLN B 447 -38.77 13.43 28.83
CA GLN B 447 -39.73 12.35 28.69
C GLN B 447 -39.67 11.41 29.89
N SER B 448 -38.46 11.03 30.31
CA SER B 448 -38.32 10.14 31.46
C SER B 448 -38.86 10.79 32.72
N LEU B 449 -38.56 12.08 32.93
CA LEU B 449 -39.06 12.77 34.10
C LEU B 449 -40.58 12.83 34.08
N ALA B 450 -41.17 13.13 32.93
CA ALA B 450 -42.62 13.19 32.83
C ALA B 450 -43.24 11.84 33.14
N PHE B 451 -42.66 10.75 32.61
CA PHE B 451 -43.21 9.43 32.87
C PHE B 451 -43.13 9.09 34.35
N ILE B 452 -41.97 9.31 34.97
CA ILE B 452 -41.82 8.99 36.40
C ILE B 452 -42.80 9.81 37.23
N ARG B 453 -42.93 11.11 36.93
CA ARG B 453 -43.79 11.97 37.75
C ARG B 453 -45.27 11.64 37.55
N LYS B 454 -45.73 11.48 36.32
CA LYS B 454 -47.13 11.15 36.10
C LYS B 454 -47.46 9.77 36.68
N SER B 455 -46.49 8.84 36.66
CA SER B 455 -46.72 7.57 37.33
C SER B 455 -46.93 7.77 38.82
N ASP B 456 -46.14 8.65 39.44
CA ASP B 456 -46.31 8.93 40.86
C ASP B 456 -47.50 9.85 41.11
N GLU B 457 -47.72 10.82 40.22
CA GLU B 457 -48.75 11.82 40.44
C GLU B 457 -50.14 11.18 40.50
N LEU B 458 -50.41 10.23 39.61
CA LEU B 458 -51.76 9.67 39.50
C LEU B 458 -52.21 9.03 40.81
N LEU B 459 -51.28 8.65 41.69
CA LEU B 459 -51.63 8.04 42.96
C LEU B 459 -52.60 8.92 43.73
N GLN C 1 -29.12 -3.13 -23.59
CA GLN C 1 -29.84 -4.28 -23.05
C GLN C 1 -28.96 -5.08 -22.09
N ASN C 2 -27.81 -4.52 -21.73
CA ASN C 2 -26.88 -5.16 -20.80
C ASN C 2 -26.91 -4.54 -19.41
N ILE C 3 -26.84 -3.21 -19.30
CA ILE C 3 -26.86 -2.53 -18.03
C ILE C 3 -27.84 -1.36 -18.12
N THR C 4 -28.38 -0.98 -16.97
CA THR C 4 -29.36 0.08 -16.85
C THR C 4 -29.44 0.49 -15.38
N GLU C 5 -30.43 1.31 -15.05
CA GLU C 5 -30.57 1.75 -13.67
C GLU C 5 -32.01 2.10 -13.39
N GLU C 6 -32.47 1.84 -12.16
CA GLU C 6 -33.78 2.30 -11.74
C GLU C 6 -33.72 2.80 -10.31
N PHE C 7 -34.29 3.98 -10.09
CA PHE C 7 -34.25 4.64 -8.79
C PHE C 7 -35.68 4.71 -8.25
N TYR C 8 -35.86 4.20 -7.03
CA TYR C 8 -37.16 4.23 -6.36
C TYR C 8 -37.18 5.41 -5.39
N GLN C 9 -38.19 6.28 -5.57
CA GLN C 9 -38.43 7.36 -4.63
C GLN C 9 -39.20 6.90 -3.41
N SER C 10 -39.72 5.67 -3.42
CA SER C 10 -40.43 5.14 -2.26
C SER C 10 -39.53 5.07 -1.03
N THR C 11 -38.28 4.64 -1.20
CA THR C 11 -37.31 4.61 -0.12
C THR C 11 -36.05 5.40 -0.45
N CYS C 12 -36.06 6.18 -1.52
CA CYS C 12 -34.94 7.05 -1.87
C CYS C 12 -33.68 6.21 -2.07
N SER C 13 -33.72 5.30 -3.05
CA SER C 13 -32.58 4.43 -3.34
C SER C 13 -32.46 4.19 -4.84
N ALA C 14 -31.28 3.71 -5.24
CA ALA C 14 -30.97 3.44 -6.65
C ALA C 14 -30.47 2.00 -6.79
N VAL C 15 -30.81 1.39 -7.92
CA VAL C 15 -30.43 0.01 -8.21
C VAL C 15 -29.77 -0.03 -9.58
N SER C 16 -28.54 -0.58 -9.61
CA SER C 16 -27.76 -0.75 -10.84
C SER C 16 -27.73 -2.23 -11.18
N LYS C 17 -28.49 -2.63 -12.19
CA LYS C 17 -28.85 -4.03 -12.44
C LYS C 17 -28.04 -4.70 -13.53
N GLY C 18 -26.96 -4.11 -14.01
CA GLY C 18 -26.30 -4.62 -15.19
C GLY C 18 -25.13 -5.57 -14.97
N TYR C 19 -24.43 -5.47 -13.84
CA TYR C 19 -23.15 -6.14 -13.71
C TYR C 19 -23.31 -7.66 -13.66
N LEU C 20 -22.28 -8.36 -14.12
CA LEU C 20 -22.23 -9.81 -14.14
C LEU C 20 -21.30 -10.30 -13.04
N SER C 21 -21.74 -11.33 -12.32
CA SER C 21 -21.06 -11.80 -11.12
C SER C 21 -19.72 -12.45 -11.44
N ALA C 22 -18.76 -12.24 -10.53
CA ALA C 22 -17.57 -13.07 -10.49
C ALA C 22 -17.26 -13.33 -9.01
N LEU C 23 -17.68 -14.50 -8.52
CA LEU C 23 -17.56 -14.89 -7.12
C LEU C 23 -16.43 -15.89 -6.96
N ARG C 24 -15.51 -15.58 -6.05
CA ARG C 24 -14.48 -16.54 -5.63
C ARG C 24 -15.10 -17.50 -4.61
N THR C 25 -15.87 -18.45 -5.12
CA THR C 25 -16.47 -19.44 -4.25
C THR C 25 -15.55 -20.64 -4.02
N GLY C 26 -14.35 -20.63 -4.64
CA GLY C 26 -13.34 -21.62 -4.32
C GLY C 26 -11.96 -20.98 -4.27
N TRP C 27 -11.04 -21.65 -3.57
CA TRP C 27 -9.64 -21.25 -3.56
C TRP C 27 -8.80 -22.28 -4.31
N TYR C 28 -7.59 -21.87 -4.70
CA TYR C 28 -6.67 -22.74 -5.42
C TYR C 28 -5.23 -22.37 -5.06
N THR C 29 -4.45 -23.38 -4.67
CA THR C 29 -3.06 -23.17 -4.28
C THR C 29 -2.12 -23.56 -5.41
N SER C 30 -0.98 -22.86 -5.46
CA SER C 30 0.08 -23.22 -6.42
C SER C 30 1.41 -22.84 -5.81
N VAL C 31 2.30 -23.82 -5.63
CA VAL C 31 3.59 -23.60 -4.96
C VAL C 31 4.61 -23.32 -6.06
N ILE C 32 5.06 -22.07 -6.13
CA ILE C 32 6.09 -21.69 -7.08
C ILE C 32 7.46 -21.99 -6.48
N THR C 33 8.42 -22.32 -7.34
CA THR C 33 9.78 -22.62 -6.92
C THR C 33 10.77 -21.85 -7.78
N ILE C 34 11.92 -21.55 -7.18
CA ILE C 34 13.06 -20.95 -7.87
C ILE C 34 14.33 -21.60 -7.34
N GLU C 35 15.14 -22.14 -8.23
CA GLU C 35 16.22 -23.05 -7.85
C GLU C 35 17.43 -22.24 -7.38
N LEU C 36 17.64 -22.20 -6.06
CA LEU C 36 18.62 -21.32 -5.43
C LEU C 36 20.04 -21.88 -5.57
N SER C 37 20.98 -21.30 -4.81
CA SER C 37 22.36 -21.76 -4.75
C SER C 37 22.92 -21.40 -3.37
N ASN C 38 23.56 -22.39 -2.73
CA ASN C 38 24.34 -22.14 -1.52
C ASN C 38 25.78 -21.83 -1.96
N ILE C 39 25.93 -20.66 -2.59
CA ILE C 39 27.20 -20.31 -3.22
C ILE C 39 28.33 -20.41 -2.22
N LYS C 40 29.40 -21.09 -2.62
CA LYS C 40 30.64 -21.08 -1.85
C LYS C 40 31.24 -19.67 -1.91
N GLU C 41 31.77 -19.21 -0.79
CA GLU C 41 32.23 -17.82 -0.70
C GLU C 41 33.17 -17.49 -1.84
N ASN C 42 32.92 -16.36 -2.50
CA ASN C 42 33.74 -15.93 -3.62
C ASN C 42 35.13 -15.53 -3.13
N LYS C 43 36.10 -15.57 -4.05
CA LYS C 43 37.50 -15.38 -3.68
C LYS C 43 38.34 -14.98 -4.88
N CYS C 44 38.90 -13.77 -4.86
CA CYS C 44 39.76 -13.28 -5.94
C CYS C 44 40.82 -12.37 -5.34
N ASN C 45 42.05 -12.86 -5.26
CA ASN C 45 43.17 -12.06 -4.78
C ASN C 45 43.66 -11.17 -5.91
N GLY C 46 43.23 -9.90 -5.87
CA GLY C 46 43.47 -8.98 -6.97
C GLY C 46 42.14 -8.47 -7.50
N THR C 47 41.90 -7.17 -7.40
CA THR C 47 40.57 -6.61 -7.64
C THR C 47 40.51 -5.95 -9.01
N ASP C 48 39.64 -6.51 -9.85
CA ASP C 48 39.24 -5.84 -11.08
C ASP C 48 37.82 -5.31 -10.92
N ALA C 49 37.56 -4.13 -11.47
CA ALA C 49 36.29 -3.47 -11.22
C ALA C 49 35.11 -4.33 -11.66
N LYS C 50 35.25 -5.04 -12.79
CA LYS C 50 34.20 -5.98 -13.18
C LYS C 50 34.06 -7.09 -12.14
N VAL C 51 35.17 -7.58 -11.61
CA VAL C 51 35.11 -8.57 -10.54
C VAL C 51 34.44 -7.97 -9.31
N LYS C 52 34.71 -6.69 -9.04
CA LYS C 52 34.04 -6.01 -7.94
C LYS C 52 32.53 -6.00 -8.15
N LEU C 53 32.09 -5.71 -9.37
CA LEU C 53 30.65 -5.67 -9.65
C LEU C 53 30.02 -7.04 -9.50
N ILE C 54 30.71 -8.08 -9.99
CA ILE C 54 30.22 -9.44 -9.83
C ILE C 54 30.08 -9.79 -8.35
N LYS C 55 31.10 -9.45 -7.56
CA LYS C 55 31.06 -9.72 -6.13
C LYS C 55 29.93 -8.96 -5.45
N GLN C 56 29.70 -7.71 -5.85
CA GLN C 56 28.63 -6.93 -5.26
C GLN C 56 27.27 -7.54 -5.59
N GLU C 57 27.09 -7.99 -6.82
CA GLU C 57 25.83 -8.65 -7.18
C GLU C 57 25.63 -9.93 -6.37
N LEU C 58 26.70 -10.73 -6.23
CA LEU C 58 26.59 -11.95 -5.44
C LEU C 58 26.25 -11.63 -3.99
N ASP C 59 26.86 -10.58 -3.43
CA ASP C 59 26.59 -10.20 -2.05
C ASP C 59 25.18 -9.64 -1.89
N LYS C 60 24.67 -8.94 -2.91
CA LYS C 60 23.28 -8.49 -2.88
C LYS C 60 22.33 -9.68 -2.84
N TYR C 61 22.59 -10.69 -3.68
CA TYR C 61 21.84 -11.94 -3.58
C TYR C 61 21.96 -12.57 -2.20
N LYS C 62 23.16 -12.53 -1.61
CA LYS C 62 23.34 -13.18 -0.31
C LYS C 62 22.57 -12.45 0.77
N ASN C 63 22.49 -11.12 0.68
CA ASN C 63 21.63 -10.36 1.61
C ASN C 63 20.16 -10.66 1.36
N ALA C 64 19.77 -10.81 0.10
CA ALA C 64 18.40 -11.20 -0.22
C ALA C 64 18.05 -12.51 0.48
N VAL C 65 18.93 -13.51 0.36
CA VAL C 65 18.60 -14.81 0.91
C VAL C 65 18.76 -14.82 2.43
N THR C 66 19.62 -13.97 2.97
CA THR C 66 19.67 -13.80 4.43
C THR C 66 18.34 -13.25 4.95
N GLU C 67 17.78 -12.26 4.25
CA GLU C 67 16.46 -11.75 4.58
C GLU C 67 15.41 -12.85 4.51
N LEU C 68 15.42 -13.61 3.41
CA LEU C 68 14.47 -14.72 3.25
C LEU C 68 14.59 -15.71 4.41
N GLN C 69 15.84 -16.08 4.74
CA GLN C 69 16.07 -16.99 5.86
C GLN C 69 15.45 -16.44 7.14
N LEU C 70 15.74 -15.18 7.46
CA LEU C 70 15.37 -14.66 8.77
C LEU C 70 13.86 -14.43 8.86
N LEU C 71 13.19 -14.38 7.71
CA LEU C 71 11.75 -14.10 7.72
C LEU C 71 10.90 -15.38 7.60
N MET C 72 11.31 -16.48 8.24
CA MET C 72 10.59 -17.75 8.12
C MET C 72 9.32 -17.77 8.96
N GLN C 73 8.17 -17.98 8.31
CA GLN C 73 6.85 -17.85 8.92
C GLN C 73 6.22 -19.23 9.10
N SER C 74 6.00 -19.62 10.36
CA SER C 74 5.32 -20.88 10.67
C SER C 74 3.82 -20.69 10.80
N PHE C 83 -24.98 1.46 10.69
CA PHE C 83 -24.88 0.82 9.37
C PHE C 83 -24.63 -0.67 9.52
N LEU C 84 -25.32 -1.46 8.70
CA LEU C 84 -25.12 -2.91 8.68
C LEU C 84 -23.81 -3.24 7.98
N GLY C 85 -23.21 -4.36 8.38
CA GLY C 85 -21.90 -4.73 7.88
C GLY C 85 -20.96 -5.15 8.99
N PHE C 86 -21.51 -5.41 10.18
CA PHE C 86 -20.73 -5.68 11.37
C PHE C 86 -20.95 -7.08 11.95
N LEU C 87 -21.77 -7.91 11.33
CA LEU C 87 -22.03 -9.27 11.81
C LEU C 87 -21.53 -10.36 10.87
N LEU C 88 -20.80 -9.99 9.81
CA LEU C 88 -20.47 -10.96 8.78
C LEU C 88 -19.76 -12.18 9.37
N GLY C 89 -18.70 -11.97 10.13
CA GLY C 89 -17.87 -13.06 10.60
C GLY C 89 -16.64 -13.24 9.73
N VAL C 90 -15.49 -12.79 10.22
CA VAL C 90 -14.28 -12.72 9.41
C VAL C 90 -13.77 -14.12 9.10
N GLY C 91 -12.82 -14.22 8.17
CA GLY C 91 -12.31 -15.50 7.71
C GLY C 91 -10.81 -15.50 7.50
N SER C 92 -10.19 -16.67 7.68
CA SER C 92 -8.73 -16.78 7.56
C SER C 92 -8.32 -16.80 6.10
N ALA C 93 -7.78 -15.66 5.62
CA ALA C 93 -7.39 -15.56 4.22
C ALA C 93 -6.20 -16.46 3.91
N ILE C 94 -5.23 -16.52 4.81
CA ILE C 94 -3.94 -17.15 4.52
C ILE C 94 -3.89 -18.59 5.04
N ALA C 95 -5.05 -19.17 5.38
CA ALA C 95 -5.04 -20.52 5.92
C ALA C 95 -4.56 -21.53 4.90
N SER C 96 -5.05 -21.46 3.66
CA SER C 96 -4.75 -22.48 2.67
C SER C 96 -3.29 -22.39 2.22
N GLY C 97 -2.82 -21.19 1.91
CA GLY C 97 -1.45 -21.06 1.45
C GLY C 97 -0.43 -21.47 2.49
N VAL C 98 -0.60 -21.00 3.73
CA VAL C 98 0.35 -21.36 4.78
C VAL C 98 0.17 -22.82 5.19
N ALA C 99 -1.04 -23.36 5.02
CA ALA C 99 -1.24 -24.79 5.26
C ALA C 99 -0.46 -25.64 4.26
N VAL C 100 -0.51 -25.25 2.97
CA VAL C 100 0.29 -25.94 1.97
C VAL C 100 1.77 -25.77 2.27
N CYS C 101 2.18 -24.56 2.65
CA CYS C 101 3.57 -24.33 3.02
C CYS C 101 3.99 -25.24 4.17
N LYS C 102 3.13 -25.37 5.18
CA LYS C 102 3.41 -26.26 6.30
C LYS C 102 3.56 -27.70 5.82
N VAL C 103 2.71 -28.12 4.89
CA VAL C 103 2.86 -29.43 4.28
C VAL C 103 4.25 -29.56 3.65
N LEU C 104 4.71 -28.49 3.01
CA LEU C 104 6.07 -28.49 2.47
C LEU C 104 7.13 -28.61 3.56
N HIS C 105 6.94 -27.93 4.71
CA HIS C 105 7.90 -28.00 5.81
C HIS C 105 8.20 -29.41 6.27
N LEU C 106 7.40 -30.40 5.87
CA LEU C 106 7.76 -31.78 6.10
C LEU C 106 8.96 -32.13 5.23
N GLU C 107 9.92 -32.85 5.82
CA GLU C 107 11.26 -32.90 5.25
C GLU C 107 11.25 -33.46 3.83
N GLY C 108 10.47 -34.52 3.60
CA GLY C 108 10.60 -35.28 2.38
C GLY C 108 10.05 -34.63 1.12
N GLU C 109 9.09 -33.71 1.26
CA GLU C 109 8.34 -33.25 0.09
C GLU C 109 9.21 -32.44 -0.86
N VAL C 110 10.17 -31.68 -0.34
CA VAL C 110 10.92 -30.77 -1.22
C VAL C 110 11.76 -31.56 -2.22
N ASN C 111 12.33 -32.69 -1.79
CA ASN C 111 13.09 -33.50 -2.72
C ASN C 111 12.20 -34.05 -3.84
N LYS C 112 10.99 -34.51 -3.50
CA LYS C 112 10.06 -34.99 -4.52
C LYS C 112 9.66 -33.87 -5.46
N ILE C 113 9.37 -32.69 -4.93
CA ILE C 113 8.97 -31.56 -5.77
C ILE C 113 10.10 -31.20 -6.72
N LYS C 114 11.32 -31.12 -6.20
CA LYS C 114 12.47 -30.82 -7.04
C LYS C 114 12.64 -31.86 -8.14
N SER C 115 12.52 -33.15 -7.79
CA SER C 115 12.66 -34.20 -8.79
C SER C 115 11.59 -34.08 -9.87
N ALA C 116 10.34 -33.81 -9.46
CA ALA C 116 9.25 -33.65 -10.42
C ALA C 116 9.39 -32.40 -11.27
N LEU C 117 10.18 -31.43 -10.84
CA LEU C 117 10.43 -30.20 -11.59
C LEU C 117 11.85 -30.14 -12.14
N LEU C 118 12.51 -31.30 -12.29
CA LEU C 118 13.88 -31.30 -12.81
C LEU C 118 13.90 -31.05 -14.31
N SER C 119 12.95 -31.61 -15.05
CA SER C 119 12.96 -31.50 -16.50
C SER C 119 12.27 -30.21 -16.96
N THR C 120 11.00 -30.04 -16.62
CA THR C 120 10.23 -28.87 -17.02
C THR C 120 10.14 -27.90 -15.85
N ASN C 121 9.39 -26.81 -16.07
CA ASN C 121 9.16 -25.81 -15.02
C ASN C 121 7.66 -25.64 -14.77
N LYS C 122 6.88 -26.70 -14.96
CA LYS C 122 5.46 -26.69 -14.67
C LYS C 122 4.92 -28.12 -14.58
N ALA C 123 4.35 -28.47 -13.44
CA ALA C 123 3.87 -29.84 -13.26
C ALA C 123 2.88 -29.89 -12.11
N VAL C 124 1.95 -30.83 -12.21
CA VAL C 124 0.99 -31.13 -11.15
C VAL C 124 1.58 -32.22 -10.26
N VAL C 125 1.64 -31.94 -8.96
CA VAL C 125 2.21 -32.86 -7.98
C VAL C 125 1.23 -32.99 -6.82
N SER C 126 1.26 -34.17 -6.20
CA SER C 126 0.39 -34.49 -5.07
C SER C 126 1.24 -34.39 -3.80
N LEU C 127 0.88 -33.44 -2.93
CA LEU C 127 1.60 -33.27 -1.68
C LEU C 127 1.33 -34.45 -0.75
N SER C 128 2.03 -34.45 0.39
CA SER C 128 1.76 -35.45 1.41
C SER C 128 0.35 -35.33 1.98
N ASN C 129 -0.23 -34.13 2.00
CA ASN C 129 -1.51 -33.91 2.64
C ASN C 129 -2.70 -34.34 1.79
N GLY C 130 -2.49 -34.62 0.50
CA GLY C 130 -3.49 -35.22 -0.36
C GLY C 130 -3.99 -34.31 -1.47
N VAL C 131 -4.22 -33.03 -1.17
CA VAL C 131 -4.79 -32.11 -2.14
C VAL C 131 -3.72 -31.80 -3.19
N SER C 132 -4.02 -32.12 -4.44
CA SER C 132 -3.06 -31.92 -5.52
C SER C 132 -2.83 -30.43 -5.77
N VAL C 133 -1.59 -30.09 -6.10
CA VAL C 133 -1.19 -28.71 -6.34
C VAL C 133 -0.42 -28.68 -7.65
N LEU C 134 -0.20 -27.48 -8.17
CA LEU C 134 0.55 -27.30 -9.40
C LEU C 134 1.69 -26.30 -9.17
N THR C 135 2.90 -26.69 -9.56
CA THR C 135 4.11 -25.94 -9.22
C THR C 135 4.93 -25.65 -10.46
N PHE C 136 5.60 -24.50 -10.45
CA PHE C 136 6.55 -24.09 -11.47
C PHE C 136 7.94 -23.93 -10.88
N LYS C 137 8.91 -23.84 -11.79
CA LYS C 137 10.27 -23.40 -11.46
C LYS C 137 10.61 -22.30 -12.47
N VAL C 138 10.12 -21.09 -12.21
CA VAL C 138 10.15 -20.05 -13.23
C VAL C 138 11.56 -19.52 -13.43
N LEU C 139 12.30 -19.31 -12.33
CA LEU C 139 13.64 -18.77 -12.38
C LEU C 139 14.60 -19.81 -11.80
N ASP C 140 15.71 -20.03 -12.49
CA ASP C 140 16.71 -21.03 -12.13
C ASP C 140 18.01 -20.32 -11.80
N LEU C 141 18.31 -20.20 -10.50
CA LEU C 141 19.55 -19.59 -10.04
C LEU C 141 20.70 -20.60 -9.99
N LYS C 142 20.40 -21.89 -9.89
CA LYS C 142 21.49 -22.85 -9.77
C LYS C 142 22.34 -22.88 -11.04
N ASN C 143 21.71 -22.82 -12.21
CA ASN C 143 22.48 -22.89 -13.45
C ASN C 143 23.44 -21.72 -13.55
N TYR C 144 22.92 -20.49 -13.54
CA TYR C 144 23.75 -19.33 -13.85
C TYR C 144 24.72 -19.01 -12.72
N ILE C 145 24.60 -19.66 -11.58
CA ILE C 145 25.57 -19.54 -10.50
C ILE C 145 26.56 -20.70 -10.50
N ASP C 146 26.20 -21.82 -11.14
CA ASP C 146 27.05 -23.00 -11.12
C ASP C 146 27.92 -23.11 -12.37
N LYS C 147 27.30 -23.24 -13.54
CA LYS C 147 28.01 -23.58 -14.76
C LYS C 147 28.26 -22.37 -15.65
N GLN C 148 28.03 -21.17 -15.14
CA GLN C 148 28.29 -19.96 -15.92
C GLN C 148 28.94 -18.84 -15.14
N LEU C 149 29.19 -18.99 -13.84
CA LEU C 149 30.09 -18.11 -13.11
C LEU C 149 31.25 -18.87 -12.47
N LEU C 150 30.98 -19.96 -11.75
CA LEU C 150 32.06 -20.68 -11.07
C LEU C 150 33.16 -21.14 -12.02
N PRO C 151 32.88 -21.78 -13.15
CA PRO C 151 33.97 -22.12 -14.08
C PRO C 151 34.69 -20.91 -14.64
N ILE C 152 34.11 -19.71 -14.53
CA ILE C 152 34.75 -18.48 -14.99
C ILE C 152 35.07 -17.54 -13.84
N LEU C 153 34.86 -17.97 -12.59
CA LEU C 153 35.22 -17.19 -11.42
C LEU C 153 36.25 -17.95 -10.58
N ASN C 154 37.28 -18.49 -11.23
CA ASN C 154 38.29 -19.26 -10.52
C ASN C 154 38.99 -18.38 -9.49
N LYS C 155 39.63 -19.05 -8.51
CA LYS C 155 40.23 -18.36 -7.38
C LYS C 155 41.09 -17.19 -7.84
N GLN C 156 42.14 -17.47 -8.60
CA GLN C 156 43.11 -16.46 -9.01
C GLN C 156 42.82 -15.91 -10.40
N SER C 157 42.51 -16.78 -11.36
CA SER C 157 42.28 -16.35 -12.74
C SER C 157 40.84 -15.88 -12.89
N CYS C 158 40.55 -14.75 -12.24
CA CYS C 158 39.22 -14.12 -12.29
C CYS C 158 39.10 -13.25 -13.54
N SER C 159 39.29 -13.88 -14.70
CA SER C 159 39.22 -13.19 -15.98
C SER C 159 37.76 -13.11 -16.40
N ILE C 160 37.11 -11.98 -16.08
CA ILE C 160 35.70 -11.78 -16.36
C ILE C 160 35.55 -10.57 -17.29
N SER C 161 36.56 -10.35 -18.13
CA SER C 161 36.56 -9.20 -19.03
C SER C 161 35.21 -8.99 -19.70
N ASN C 162 34.54 -10.09 -20.06
CA ASN C 162 33.18 -9.99 -20.57
C ASN C 162 32.31 -9.26 -19.57
N ILE C 163 31.90 -8.04 -19.93
CA ILE C 163 31.09 -7.23 -19.03
C ILE C 163 29.68 -7.80 -18.89
N GLU C 164 29.10 -8.32 -19.97
CA GLU C 164 27.70 -8.69 -19.96
C GLU C 164 27.39 -9.85 -19.02
N THR C 165 28.42 -10.50 -18.46
CA THR C 165 28.16 -11.48 -17.41
C THR C 165 27.33 -10.86 -16.30
N VAL C 166 27.74 -9.70 -15.79
CA VAL C 166 27.02 -9.07 -14.69
C VAL C 166 25.64 -8.63 -15.15
N ILE C 167 25.52 -8.17 -16.39
CA ILE C 167 24.22 -7.71 -16.87
C ILE C 167 23.23 -8.87 -16.91
N GLU C 168 23.66 -10.01 -17.47
CA GLU C 168 22.81 -11.19 -17.51
C GLU C 168 22.46 -11.67 -16.11
N PHE C 169 23.45 -11.72 -15.22
CA PHE C 169 23.19 -12.15 -13.85
C PHE C 169 22.20 -11.22 -13.16
N GLN C 170 22.35 -9.91 -13.37
CA GLN C 170 21.45 -8.95 -12.74
C GLN C 170 20.04 -9.11 -13.28
N GLN C 171 19.89 -9.33 -14.59
CA GLN C 171 18.55 -9.47 -15.15
C GLN C 171 17.89 -10.77 -14.71
N LYS C 172 18.70 -11.82 -14.45
CA LYS C 172 18.17 -13.07 -13.94
C LYS C 172 18.08 -13.09 -12.41
N ASN C 173 18.59 -12.06 -11.74
CA ASN C 173 18.60 -11.96 -10.28
C ASN C 173 17.55 -11.00 -9.74
N ASN C 174 17.32 -9.88 -10.43
CA ASN C 174 16.44 -8.84 -9.91
C ASN C 174 15.06 -9.38 -9.60
N ARG C 175 14.63 -10.43 -10.30
CA ARG C 175 13.34 -11.02 -10.02
C ARG C 175 13.29 -11.56 -8.60
N LEU C 176 14.25 -12.41 -8.24
CA LEU C 176 14.24 -12.97 -6.88
C LEU C 176 14.61 -11.92 -5.85
N LEU C 177 15.40 -10.93 -6.25
CA LEU C 177 15.70 -9.82 -5.34
C LEU C 177 14.41 -9.08 -4.95
N GLU C 178 13.54 -8.83 -5.94
CA GLU C 178 12.25 -8.23 -5.62
C GLU C 178 11.36 -9.20 -4.85
N ILE C 179 11.48 -10.50 -5.11
CA ILE C 179 10.72 -11.47 -4.32
C ILE C 179 11.06 -11.35 -2.84
N THR C 180 12.36 -11.33 -2.52
CA THR C 180 12.75 -11.21 -1.12
C THR C 180 12.40 -9.83 -0.56
N ARG C 181 12.53 -8.77 -1.36
CA ARG C 181 12.14 -7.45 -0.92
C ARG C 181 10.66 -7.42 -0.53
N GLU C 182 9.80 -8.03 -1.35
CA GLU C 182 8.37 -8.06 -1.05
C GLU C 182 8.07 -8.96 0.14
N PHE C 183 8.82 -10.04 0.30
CA PHE C 183 8.69 -10.85 1.51
C PHE C 183 8.98 -10.02 2.76
N SER C 184 9.97 -9.12 2.67
CA SER C 184 10.31 -8.26 3.81
C SER C 184 9.55 -6.94 3.81
N VAL C 185 8.69 -6.69 2.83
CA VAL C 185 7.96 -5.43 2.73
C VAL C 185 6.50 -5.64 3.10
N ASN C 186 6.07 -6.89 3.12
CA ASN C 186 4.68 -7.22 3.43
C ASN C 186 4.57 -8.37 4.43
N ALA C 187 5.47 -8.42 5.42
CA ALA C 187 5.47 -9.47 6.43
C ALA C 187 5.37 -10.85 5.77
N GLY C 188 6.09 -11.05 4.68
CA GLY C 188 5.97 -12.29 3.92
C GLY C 188 4.58 -12.56 3.40
N VAL C 189 3.64 -11.63 3.55
CA VAL C 189 2.26 -11.82 3.12
C VAL C 189 1.80 -10.56 2.41
N THR C 190 1.63 -10.65 1.09
CA THR C 190 1.34 -9.48 0.27
C THR C 190 0.13 -9.76 -0.61
N THR C 191 -0.56 -8.67 -0.97
CA THR C 191 -1.65 -8.69 -1.92
C THR C 191 -1.77 -7.26 -2.43
N PRO C 192 -1.67 -7.03 -3.75
CA PRO C 192 -1.47 -8.00 -4.83
C PRO C 192 -0.07 -8.61 -4.85
N VAL C 193 0.12 -9.67 -5.63
CA VAL C 193 1.43 -10.29 -5.81
C VAL C 193 2.05 -9.70 -7.06
N SER C 194 3.26 -9.17 -6.92
CA SER C 194 3.92 -8.54 -8.05
C SER C 194 4.34 -9.61 -9.07
N THR C 195 4.62 -9.14 -10.28
CA THR C 195 4.96 -10.06 -11.37
C THR C 195 6.22 -10.87 -11.07
N TYR C 196 7.12 -10.35 -10.25
CA TYR C 196 8.33 -11.10 -9.92
C TYR C 196 8.00 -12.32 -9.08
N MET C 197 6.78 -12.42 -8.60
CA MET C 197 6.34 -13.65 -7.95
C MET C 197 5.73 -14.62 -8.97
N LEU C 198 5.16 -14.10 -10.06
CA LEU C 198 4.57 -14.93 -11.10
C LEU C 198 4.45 -14.07 -12.36
N THR C 199 5.26 -14.36 -13.37
CA THR C 199 5.23 -13.59 -14.60
C THR C 199 3.89 -13.72 -15.30
N ASN C 200 3.53 -12.69 -16.07
CA ASN C 200 2.18 -12.62 -16.64
C ASN C 200 1.90 -13.80 -17.55
N SER C 201 2.86 -14.14 -18.42
CA SER C 201 2.70 -15.32 -19.28
C SER C 201 2.67 -16.60 -18.45
N GLU C 202 3.51 -16.67 -17.42
CA GLU C 202 3.45 -17.80 -16.50
C GLU C 202 2.08 -17.90 -15.86
N LEU C 203 1.45 -16.76 -15.57
CA LEU C 203 0.12 -16.77 -14.95
C LEU C 203 -0.93 -17.26 -15.95
N LEU C 204 -0.84 -16.83 -17.20
CA LEU C 204 -1.77 -17.35 -18.21
C LEU C 204 -1.62 -18.84 -18.36
N SER C 205 -0.38 -19.33 -18.39
CA SER C 205 -0.15 -20.77 -18.46
C SER C 205 -0.74 -21.47 -17.24
N LEU C 206 -0.56 -20.88 -16.06
CA LEU C 206 -1.08 -21.45 -14.83
C LEU C 206 -2.60 -21.61 -14.92
N ILE C 207 -3.28 -20.55 -15.36
CA ILE C 207 -4.74 -20.61 -15.51
C ILE C 207 -5.14 -21.68 -16.52
N ASN C 208 -4.45 -21.71 -17.66
CA ASN C 208 -4.80 -22.69 -18.70
C ASN C 208 -4.53 -24.14 -18.28
N ASP C 209 -3.58 -24.38 -17.38
CA ASP C 209 -3.17 -25.74 -17.02
C ASP C 209 -3.82 -26.28 -15.75
N MET C 210 -4.61 -25.49 -15.06
CA MET C 210 -5.20 -25.98 -13.83
C MET C 210 -6.61 -26.50 -14.07
N PRO C 211 -7.13 -27.27 -13.12
CA PRO C 211 -8.48 -27.88 -13.23
C PRO C 211 -9.64 -26.91 -13.00
N ILE C 212 -10.02 -26.22 -14.06
CA ILE C 212 -11.30 -25.50 -14.09
C ILE C 212 -11.89 -25.66 -15.48
N THR C 213 -13.14 -25.23 -15.65
CA THR C 213 -13.85 -25.45 -16.89
C THR C 213 -13.25 -24.61 -18.02
N ASN C 214 -13.51 -25.04 -19.25
CA ASN C 214 -12.97 -24.34 -20.42
C ASN C 214 -13.47 -22.90 -20.48
N ASP C 215 -14.77 -22.68 -20.27
CA ASP C 215 -15.28 -21.32 -20.23
C ASP C 215 -14.62 -20.53 -19.11
N GLN C 216 -14.49 -21.13 -17.93
CA GLN C 216 -13.81 -20.46 -16.83
C GLN C 216 -12.32 -20.33 -17.11
N LYS C 217 -11.76 -21.27 -17.86
CA LYS C 217 -10.35 -21.16 -18.24
C LYS C 217 -10.12 -19.89 -19.05
N LYS C 218 -10.90 -19.71 -20.12
CA LYS C 218 -10.81 -18.47 -20.90
C LYS C 218 -11.11 -17.26 -20.04
N LEU C 219 -12.19 -17.36 -19.24
CA LEU C 219 -12.66 -16.32 -18.33
C LEU C 219 -11.55 -15.72 -17.48
N MET C 220 -10.94 -16.56 -16.63
CA MET C 220 -9.95 -16.03 -15.69
C MET C 220 -8.54 -16.09 -16.25
N SER C 221 -8.36 -16.64 -17.47
CA SER C 221 -7.10 -16.41 -18.18
C SER C 221 -7.02 -15.00 -18.71
N ASN C 222 -8.15 -14.43 -19.12
CA ASN C 222 -8.14 -13.07 -19.64
C ASN C 222 -8.57 -12.03 -18.62
N ASN C 223 -8.72 -12.38 -17.34
CA ASN C 223 -9.20 -11.46 -16.31
C ASN C 223 -8.12 -11.22 -15.26
N VAL C 224 -6.90 -10.93 -15.70
CA VAL C 224 -5.76 -10.83 -14.79
C VAL C 224 -5.85 -9.59 -13.91
N GLN C 225 -6.34 -8.48 -14.48
CA GLN C 225 -6.16 -7.18 -13.83
C GLN C 225 -6.83 -7.11 -12.46
N ILE C 226 -7.79 -8.01 -12.19
CA ILE C 226 -8.47 -7.97 -10.89
C ILE C 226 -8.02 -9.11 -9.99
N VAL C 227 -7.60 -10.23 -10.59
CA VAL C 227 -7.29 -11.42 -9.78
C VAL C 227 -6.22 -11.09 -8.74
N ARG C 228 -5.21 -10.32 -9.13
CA ARG C 228 -4.13 -10.00 -8.20
C ARG C 228 -4.67 -9.40 -6.90
N GLN C 229 -5.72 -8.58 -6.98
CA GLN C 229 -6.35 -8.09 -5.76
C GLN C 229 -7.22 -9.13 -5.08
N GLN C 230 -7.47 -10.27 -5.72
CA GLN C 230 -8.07 -11.43 -5.08
C GLN C 230 -7.08 -12.57 -4.94
N SER C 231 -5.79 -12.31 -5.10
CA SER C 231 -4.76 -13.31 -4.94
C SER C 231 -4.00 -13.07 -3.64
N TYR C 232 -3.27 -14.07 -3.19
CA TYR C 232 -2.45 -13.98 -1.99
C TYR C 232 -1.26 -14.91 -2.16
N SER C 233 -0.19 -14.64 -1.41
CA SER C 233 1.01 -15.46 -1.52
C SER C 233 1.88 -15.24 -0.28
N ILE C 234 2.09 -16.29 0.48
CA ILE C 234 3.00 -16.30 1.62
C ILE C 234 4.19 -17.17 1.27
N MET C 235 5.31 -16.94 1.95
CA MET C 235 6.50 -17.75 1.73
C MET C 235 6.31 -19.11 2.37
N CYS C 236 6.75 -20.16 1.68
CA CYS C 236 6.70 -21.49 2.27
C CYS C 236 8.02 -21.91 2.89
N ILE C 237 9.09 -22.00 2.09
CA ILE C 237 10.31 -22.67 2.52
C ILE C 237 11.48 -22.22 1.66
N ILE C 238 12.69 -22.45 2.19
CA ILE C 238 13.95 -22.26 1.48
C ILE C 238 14.71 -23.57 1.59
N LYS C 239 13.97 -24.66 1.83
CA LYS C 239 14.51 -25.86 2.48
C LYS C 239 15.84 -26.33 1.88
N GLU C 240 15.82 -26.76 0.62
CA GLU C 240 17.01 -27.36 -0.01
C GLU C 240 17.17 -26.79 -1.41
N GLU C 241 18.10 -25.86 -1.56
CA GLU C 241 18.56 -25.33 -2.84
C GLU C 241 17.48 -24.53 -3.56
N VAL C 242 16.28 -24.41 -3.00
CA VAL C 242 15.14 -23.84 -3.71
C VAL C 242 14.37 -22.89 -2.81
N LEU C 243 13.84 -21.84 -3.41
CA LEU C 243 12.94 -20.90 -2.77
C LEU C 243 11.52 -21.21 -3.23
N ALA C 244 10.68 -21.65 -2.30
CA ALA C 244 9.33 -22.10 -2.66
C ALA C 244 8.32 -21.27 -1.86
N TYR C 245 7.30 -20.78 -2.57
CA TYR C 245 6.34 -19.84 -2.03
C TYR C 245 4.98 -20.07 -2.68
N VAL C 246 3.93 -20.03 -1.86
CA VAL C 246 2.60 -20.40 -2.32
C VAL C 246 1.91 -19.18 -2.92
N VAL C 247 0.98 -19.46 -3.84
CA VAL C 247 0.12 -18.44 -4.43
C VAL C 247 -1.31 -18.95 -4.33
N GLN C 248 -2.23 -18.03 -4.02
CA GLN C 248 -3.62 -18.35 -3.67
C GLN C 248 -4.54 -17.64 -4.66
N LEU C 249 -5.04 -18.39 -5.64
CA LEU C 249 -5.86 -17.83 -6.71
C LEU C 249 -7.32 -18.22 -6.53
N PRO C 250 -8.25 -17.43 -7.08
CA PRO C 250 -9.67 -17.76 -6.97
C PRO C 250 -10.11 -18.84 -7.95
N LEU C 251 -11.26 -19.44 -7.63
CA LEU C 251 -11.89 -20.48 -8.44
C LEU C 251 -13.38 -20.13 -8.54
N TYR C 252 -13.78 -19.63 -9.71
CA TYR C 252 -15.11 -19.08 -9.91
C TYR C 252 -16.11 -20.21 -10.14
N GLY C 253 -16.58 -20.79 -9.04
CA GLY C 253 -17.61 -21.80 -9.12
C GLY C 253 -19.00 -21.25 -9.37
N VAL C 254 -19.15 -19.94 -9.35
CA VAL C 254 -20.40 -19.26 -9.70
C VAL C 254 -20.07 -18.15 -10.69
N ILE C 255 -20.64 -18.24 -11.89
CA ILE C 255 -20.42 -17.25 -12.94
C ILE C 255 -21.67 -17.20 -13.82
N ASP C 256 -21.69 -16.21 -14.72
CA ASP C 256 -22.80 -16.03 -15.66
C ASP C 256 -24.13 -15.84 -14.93
N THR C 257 -24.07 -15.14 -13.80
CA THR C 257 -25.26 -14.78 -13.04
C THR C 257 -25.38 -13.26 -12.98
N PRO C 258 -26.53 -12.70 -13.40
CA PRO C 258 -26.65 -11.24 -13.47
C PRO C 258 -26.85 -10.59 -12.11
N CYS C 259 -25.89 -9.82 -11.63
CA CYS C 259 -25.95 -9.29 -10.28
C CYS C 259 -25.75 -7.78 -10.24
N TRP C 260 -26.25 -7.15 -9.17
CA TRP C 260 -26.52 -5.72 -9.16
C TRP C 260 -26.00 -5.06 -7.88
N LYS C 261 -26.10 -3.74 -7.85
CA LYS C 261 -25.64 -2.91 -6.73
C LYS C 261 -26.75 -2.00 -6.23
N LEU C 262 -26.69 -1.71 -4.93
CA LEU C 262 -27.70 -0.92 -4.24
C LEU C 262 -27.04 0.32 -3.65
N HIS C 263 -27.58 1.49 -3.95
CA HIS C 263 -27.11 2.77 -3.42
C HIS C 263 -28.25 3.45 -2.68
N THR C 264 -27.90 4.17 -1.60
CA THR C 264 -28.89 4.57 -0.62
C THR C 264 -28.86 6.07 -0.38
N SER C 265 -30.00 6.60 0.05
CA SER C 265 -30.18 8.03 0.28
C SER C 265 -31.28 8.22 1.32
N PRO C 266 -31.14 9.19 2.22
CA PRO C 266 -32.12 9.41 3.30
C PRO C 266 -33.44 9.99 2.79
N LEU C 267 -34.55 9.45 3.30
CA LEU C 267 -35.83 10.15 3.22
C LEU C 267 -36.05 10.99 4.48
N CYS C 268 -36.72 12.13 4.30
CA CYS C 268 -37.09 12.97 5.43
C CYS C 268 -38.34 13.76 5.08
N THR C 269 -39.00 14.27 6.12
CA THR C 269 -39.98 15.34 5.92
C THR C 269 -39.25 16.65 5.65
N THR C 270 -39.98 17.61 5.09
CA THR C 270 -39.37 18.84 4.58
C THR C 270 -39.94 20.07 5.27
N ASN C 271 -40.06 20.03 6.60
CA ASN C 271 -40.53 21.20 7.33
C ASN C 271 -39.54 22.35 7.20
N THR C 272 -40.05 23.58 7.17
CA THR C 272 -39.17 24.74 7.08
C THR C 272 -38.21 24.82 8.24
N LYS C 273 -38.55 24.24 9.39
CA LYS C 273 -37.66 24.22 10.55
C LYS C 273 -36.46 23.32 10.26
N GLU C 274 -35.24 23.85 10.45
CA GLU C 274 -34.06 23.03 10.25
C GLU C 274 -33.96 21.92 11.29
N GLY C 275 -34.40 22.20 12.52
CA GLY C 275 -34.43 21.21 13.58
C GLY C 275 -35.76 20.47 13.63
N SER C 276 -35.81 19.49 14.54
CA SER C 276 -36.98 18.64 14.74
C SER C 276 -37.32 17.82 13.50
N ASN C 277 -36.36 17.57 12.62
CA ASN C 277 -36.61 16.85 11.39
C ASN C 277 -36.56 15.35 11.68
N ILE C 278 -37.21 14.56 10.82
CA ILE C 278 -37.22 13.11 10.93
C ILE C 278 -36.72 12.52 9.63
N CYS C 279 -35.77 11.59 9.73
CA CYS C 279 -35.08 11.09 8.56
C CYS C 279 -34.94 9.58 8.62
N LEU C 280 -35.10 8.95 7.45
CA LEU C 280 -34.95 7.51 7.28
C LEU C 280 -34.12 7.24 6.04
N THR C 281 -33.26 6.22 6.12
CA THR C 281 -32.50 5.77 4.97
C THR C 281 -32.60 4.26 4.90
N ARG C 282 -32.45 3.74 3.68
CA ARG C 282 -32.23 2.31 3.52
C ARG C 282 -30.77 2.00 3.84
N THR C 283 -30.55 1.24 4.90
CA THR C 283 -29.22 0.92 5.39
C THR C 283 -28.65 -0.33 4.76
N ASP C 284 -29.04 -0.65 3.52
CA ASP C 284 -28.60 -1.85 2.82
C ASP C 284 -27.82 -1.55 1.54
N ARG C 285 -26.99 -0.50 1.54
CA ARG C 285 -26.18 -0.21 0.36
C ARG C 285 -25.05 -1.23 0.24
N GLY C 286 -24.84 -1.70 -0.99
CA GLY C 286 -23.83 -2.73 -1.21
C GLY C 286 -24.05 -3.55 -2.48
N TRP C 287 -23.70 -4.84 -2.43
CA TRP C 287 -23.72 -5.68 -3.63
C TRP C 287 -24.61 -6.89 -3.41
N TYR C 288 -25.40 -7.23 -4.44
CA TYR C 288 -26.19 -8.47 -4.43
C TYR C 288 -25.83 -9.27 -5.67
N CYS C 289 -25.28 -10.48 -5.47
CA CYS C 289 -24.99 -11.40 -6.57
C CYS C 289 -25.59 -12.78 -6.32
N ASP C 290 -26.25 -13.32 -7.35
CA ASP C 290 -27.04 -14.54 -7.19
C ASP C 290 -26.20 -15.76 -7.54
N ASN C 291 -26.13 -16.71 -6.61
CA ASN C 291 -25.30 -17.91 -6.79
C ASN C 291 -26.08 -19.21 -6.74
N ALA C 292 -26.84 -19.46 -5.68
CA ALA C 292 -27.42 -20.79 -5.45
C ALA C 292 -28.89 -20.68 -5.03
N GLY C 293 -29.66 -19.87 -5.75
CA GLY C 293 -31.07 -19.71 -5.47
C GLY C 293 -31.39 -18.69 -4.42
N SER C 294 -30.39 -18.11 -3.76
CA SER C 294 -30.56 -17.01 -2.83
C SER C 294 -29.46 -16.01 -3.10
N VAL C 295 -29.72 -14.74 -2.79
CA VAL C 295 -28.78 -13.70 -3.17
C VAL C 295 -27.62 -13.68 -2.18
N SER C 296 -26.51 -13.11 -2.60
CA SER C 296 -25.33 -12.92 -1.76
C SER C 296 -25.15 -11.42 -1.57
N PHE C 297 -25.10 -11.01 -0.30
CA PHE C 297 -25.12 -9.61 0.08
C PHE C 297 -23.76 -9.23 0.65
N PHE C 298 -23.14 -8.24 0.03
CA PHE C 298 -21.91 -7.62 0.52
C PHE C 298 -22.27 -6.25 1.08
N PRO C 299 -22.12 -6.01 2.40
CA PRO C 299 -22.60 -4.75 3.00
C PRO C 299 -21.72 -3.54 2.67
N GLN C 300 -20.41 -3.70 2.77
CA GLN C 300 -19.46 -2.61 2.56
C GLN C 300 -18.86 -2.77 1.17
N ALA C 301 -18.94 -1.71 0.37
CA ALA C 301 -18.46 -1.74 -1.01
C ALA C 301 -16.95 -1.88 -1.13
N GLU C 302 -16.20 -1.98 -0.03
CA GLU C 302 -14.75 -2.17 -0.09
C GLU C 302 -14.36 -3.63 -0.28
N THR C 303 -15.30 -4.51 -0.59
CA THR C 303 -15.01 -5.93 -0.80
C THR C 303 -15.41 -6.38 -2.21
N CYS C 304 -15.75 -5.42 -3.08
CA CYS C 304 -16.24 -5.69 -4.44
C CYS C 304 -15.53 -4.72 -5.38
N LYS C 305 -15.23 -5.17 -6.60
CA LYS C 305 -14.49 -4.36 -7.56
C LYS C 305 -15.15 -4.45 -8.94
N VAL C 306 -14.92 -3.41 -9.74
CA VAL C 306 -15.68 -3.17 -10.96
C VAL C 306 -14.74 -3.06 -12.15
N GLN C 307 -15.12 -3.69 -13.27
CA GLN C 307 -14.42 -3.59 -14.55
C GLN C 307 -15.44 -3.80 -15.67
N SER C 308 -15.95 -2.70 -16.21
CA SER C 308 -16.88 -2.69 -17.34
C SER C 308 -18.23 -3.21 -16.87
N ASN C 309 -18.78 -4.27 -17.46
CA ASN C 309 -20.03 -4.86 -17.01
C ASN C 309 -19.84 -6.12 -16.17
N ARG C 310 -18.60 -6.49 -15.84
CA ARG C 310 -18.33 -7.66 -15.02
C ARG C 310 -17.71 -7.20 -13.71
N VAL C 311 -18.33 -7.56 -12.59
CA VAL C 311 -17.88 -7.16 -11.26
C VAL C 311 -17.27 -8.39 -10.60
N PHE C 312 -16.05 -8.21 -10.08
CA PHE C 312 -15.34 -9.28 -9.39
C PHE C 312 -15.31 -8.98 -7.91
N CYS C 313 -15.78 -9.92 -7.09
CA CYS C 313 -15.94 -9.63 -5.67
C CYS C 313 -15.52 -10.83 -4.85
N ASP C 314 -15.19 -10.57 -3.59
CA ASP C 314 -14.75 -11.60 -2.65
C ASP C 314 -15.92 -11.95 -1.73
N THR C 315 -16.07 -13.24 -1.44
CA THR C 315 -17.29 -13.70 -0.78
C THR C 315 -17.16 -13.71 0.74
N MET C 316 -15.93 -13.62 1.29
CA MET C 316 -15.79 -13.69 2.74
C MET C 316 -16.46 -12.52 3.43
N ASN C 317 -16.83 -11.48 2.68
CA ASN C 317 -17.67 -10.39 3.17
C ASN C 317 -19.09 -10.52 2.60
N SER C 318 -19.59 -11.75 2.54
CA SER C 318 -20.89 -12.05 1.96
C SER C 318 -21.75 -12.81 2.94
N LEU C 319 -23.04 -12.49 2.94
CA LEU C 319 -24.06 -13.33 3.56
C LEU C 319 -24.98 -13.85 2.47
N THR C 320 -25.69 -14.93 2.75
CA THR C 320 -26.71 -15.44 1.84
C THR C 320 -28.07 -15.03 2.37
N LEU C 321 -28.76 -14.18 1.62
CA LEU C 321 -30.04 -13.64 2.01
C LEU C 321 -31.12 -14.25 1.12
N PRO C 322 -32.34 -14.40 1.63
CA PRO C 322 -33.40 -15.00 0.82
C PRO C 322 -33.67 -14.16 -0.42
N SER C 323 -34.09 -14.84 -1.49
CA SER C 323 -34.44 -14.13 -2.72
C SER C 323 -35.54 -13.11 -2.48
N GLU C 324 -36.38 -13.32 -1.47
CA GLU C 324 -37.43 -12.36 -1.15
C GLU C 324 -36.85 -10.99 -0.77
N VAL C 325 -35.57 -10.92 -0.43
CA VAL C 325 -34.96 -9.63 -0.13
C VAL C 325 -34.98 -8.73 -1.36
N ASN C 326 -34.99 -9.32 -2.55
CA ASN C 326 -35.13 -8.50 -3.75
C ASN C 326 -36.43 -7.71 -3.73
N LEU C 327 -37.47 -8.27 -3.10
CA LEU C 327 -38.74 -7.57 -3.00
C LEU C 327 -38.64 -6.30 -2.16
N CYS C 328 -37.56 -6.14 -1.41
CA CYS C 328 -37.35 -4.91 -0.66
C CYS C 328 -37.02 -3.75 -1.60
N ASN C 329 -36.77 -4.05 -2.88
CA ASN C 329 -36.54 -3.02 -3.88
C ASN C 329 -37.82 -2.50 -4.51
N VAL C 330 -38.96 -3.10 -4.22
CA VAL C 330 -40.24 -2.66 -4.76
C VAL C 330 -41.20 -2.24 -3.65
N ASP C 331 -41.30 -3.03 -2.58
CA ASP C 331 -42.21 -2.76 -1.47
C ASP C 331 -41.44 -3.00 -0.18
N ILE C 332 -40.90 -1.93 0.40
CA ILE C 332 -40.16 -2.05 1.66
C ILE C 332 -41.09 -2.47 2.78
N PHE C 333 -42.39 -2.22 2.64
CA PHE C 333 -43.38 -2.56 3.65
C PHE C 333 -43.84 -4.01 3.58
N ASN C 334 -43.37 -4.77 2.59
CA ASN C 334 -43.80 -6.16 2.47
C ASN C 334 -43.38 -6.96 3.70
N PRO C 335 -44.27 -7.79 4.25
CA PRO C 335 -43.90 -8.57 5.44
C PRO C 335 -43.13 -9.85 5.14
N LYS C 336 -42.88 -10.15 3.86
CA LYS C 336 -42.18 -11.38 3.53
C LYS C 336 -40.77 -11.38 4.11
N TYR C 337 -40.03 -10.29 3.89
CA TYR C 337 -38.70 -10.11 4.46
C TYR C 337 -38.63 -8.74 5.09
N ASP C 338 -38.22 -8.68 6.35
CA ASP C 338 -38.15 -7.42 7.07
C ASP C 338 -36.96 -6.60 6.56
N CYS C 339 -37.25 -5.60 5.73
CA CYS C 339 -36.20 -4.78 5.15
C CYS C 339 -35.50 -3.96 6.23
N LYS C 340 -34.19 -3.80 6.07
CA LYS C 340 -33.33 -3.17 7.06
C LYS C 340 -33.14 -1.71 6.70
N ILE C 341 -33.29 -0.83 7.70
CA ILE C 341 -33.22 0.62 7.49
C ILE C 341 -32.60 1.28 8.71
N MET C 342 -32.37 2.59 8.63
CA MET C 342 -31.90 3.37 9.78
C MET C 342 -32.68 4.67 9.87
N THR C 343 -32.93 5.11 11.10
CA THR C 343 -33.67 6.35 11.34
C THR C 343 -32.81 7.27 12.21
N SER C 344 -32.89 8.56 11.92
CA SER C 344 -32.12 9.55 12.66
C SER C 344 -32.82 10.90 12.57
N LYS C 345 -32.39 11.81 13.45
CA LYS C 345 -33.04 13.10 13.61
C LYS C 345 -32.20 14.27 13.09
N THR C 346 -31.02 14.00 12.54
CA THR C 346 -30.14 15.06 12.08
C THR C 346 -30.46 15.42 10.62
N ASP C 347 -30.63 16.70 10.35
CA ASP C 347 -31.01 17.21 9.03
C ASP C 347 -29.80 17.90 8.40
N VAL C 348 -29.14 17.22 7.47
CA VAL C 348 -28.03 17.78 6.72
C VAL C 348 -28.14 17.30 5.27
N SER C 349 -27.46 18.00 4.37
CA SER C 349 -27.50 17.72 2.94
C SER C 349 -26.40 16.75 2.54
N SER C 350 -26.64 16.01 1.47
CA SER C 350 -25.64 15.07 0.94
C SER C 350 -26.14 14.54 -0.40
N SER C 351 -25.32 13.71 -1.03
CA SER C 351 -25.71 13.02 -2.25
C SER C 351 -24.90 11.74 -2.38
N VAL C 352 -25.46 10.79 -3.13
CA VAL C 352 -24.81 9.49 -3.36
C VAL C 352 -24.77 9.22 -4.85
N ILE C 353 -23.85 8.35 -5.27
CA ILE C 353 -23.52 8.15 -6.67
C ILE C 353 -23.75 6.68 -7.03
N THR C 354 -24.69 6.44 -7.94
CA THR C 354 -24.98 5.10 -8.44
C THR C 354 -24.18 4.84 -9.71
N SER C 355 -24.43 3.72 -10.38
CA SER C 355 -23.72 3.37 -11.60
C SER C 355 -24.03 4.30 -12.76
N LEU C 356 -25.22 4.90 -12.77
CA LEU C 356 -25.61 5.75 -13.89
C LEU C 356 -26.38 7.00 -13.45
N GLY C 357 -26.10 7.55 -12.27
CA GLY C 357 -26.83 8.72 -11.81
C GLY C 357 -26.35 9.18 -10.46
N ALA C 358 -27.04 10.21 -9.95
CA ALA C 358 -26.73 10.80 -8.66
C ALA C 358 -28.02 11.17 -7.92
N ILE C 359 -28.07 10.78 -6.65
CA ILE C 359 -29.21 11.05 -5.78
C ILE C 359 -28.83 12.19 -4.85
N VAL C 360 -29.52 13.34 -5.00
CA VAL C 360 -29.30 14.50 -4.15
C VAL C 360 -30.32 14.46 -3.03
N SER C 361 -29.87 14.10 -1.82
CA SER C 361 -30.64 14.28 -0.60
C SER C 361 -30.32 15.69 -0.12
N CYS C 362 -30.98 16.65 -0.75
CA CYS C 362 -30.74 18.06 -0.44
C CYS C 362 -31.60 18.46 0.76
N TYR C 363 -30.98 18.46 1.94
CA TYR C 363 -31.68 18.71 3.18
C TYR C 363 -31.05 19.92 3.87
N GLY C 364 -31.79 20.49 4.81
CA GLY C 364 -31.44 21.79 5.33
C GLY C 364 -31.77 22.87 4.32
N LYS C 365 -30.77 23.67 3.92
CA LYS C 365 -31.00 24.70 2.92
C LYS C 365 -29.83 24.84 1.94
N THR C 366 -28.98 23.83 1.82
CA THR C 366 -27.80 23.95 0.97
C THR C 366 -28.22 24.09 -0.49
N LYS C 367 -27.48 24.91 -1.24
CA LYS C 367 -27.78 25.16 -2.64
C LYS C 367 -27.29 24.00 -3.50
N CYS C 368 -28.13 22.99 -3.68
CA CYS C 368 -27.79 21.83 -4.50
C CYS C 368 -28.12 22.13 -5.96
N THR C 369 -27.30 21.59 -6.86
CA THR C 369 -27.46 21.89 -8.27
C THR C 369 -26.89 20.75 -9.12
N ALA C 370 -27.49 20.56 -10.29
CA ALA C 370 -27.04 19.60 -11.30
C ALA C 370 -26.64 20.37 -12.55
N SER C 371 -25.48 20.01 -13.11
CA SER C 371 -24.81 20.78 -14.13
C SER C 371 -23.94 19.89 -15.00
N ASN C 372 -23.54 20.44 -16.15
CA ASN C 372 -22.61 19.81 -17.06
C ASN C 372 -21.36 20.68 -17.14
N LYS C 373 -20.28 20.11 -17.69
CA LYS C 373 -19.02 20.84 -17.76
C LYS C 373 -19.18 22.16 -18.49
N ASN C 374 -19.81 22.14 -19.66
CA ASN C 374 -19.89 23.32 -20.52
C ASN C 374 -21.17 24.12 -20.34
N ARG C 375 -22.04 23.73 -19.42
CA ARG C 375 -23.29 24.46 -19.17
C ARG C 375 -23.30 25.18 -17.83
N GLY C 376 -22.93 24.49 -16.76
CA GLY C 376 -23.12 25.01 -15.43
C GLY C 376 -24.47 24.60 -14.88
N ILE C 377 -24.93 25.35 -13.88
CA ILE C 377 -26.18 25.00 -13.20
C ILE C 377 -27.30 24.94 -14.23
N ILE C 378 -27.86 23.75 -14.41
CA ILE C 378 -28.99 23.57 -15.32
C ILE C 378 -30.23 23.20 -14.53
N LYS C 379 -30.06 22.52 -13.39
CA LYS C 379 -31.20 22.15 -12.55
C LYS C 379 -30.92 22.51 -11.10
N THR C 380 -31.93 23.11 -10.46
CA THR C 380 -31.88 23.46 -9.05
C THR C 380 -32.97 22.71 -8.32
N PHE C 381 -32.60 22.06 -7.21
CA PHE C 381 -33.53 21.21 -6.48
C PHE C 381 -34.10 21.95 -5.27
N SER C 382 -34.95 21.26 -4.50
CA SER C 382 -35.65 21.91 -3.39
C SER C 382 -35.98 20.87 -2.32
N ASN C 383 -35.16 20.83 -1.27
CA ASN C 383 -35.52 20.28 0.03
C ASN C 383 -36.15 18.87 -0.09
N GLY C 384 -35.32 17.92 -0.52
CA GLY C 384 -35.72 16.53 -0.48
C GLY C 384 -34.94 15.62 -1.40
N CYS C 385 -35.22 14.32 -1.36
CA CYS C 385 -34.68 13.43 -2.38
C CYS C 385 -35.12 13.88 -3.76
N ASP C 386 -34.15 14.34 -4.55
CA ASP C 386 -34.33 14.39 -6.00
C ASP C 386 -33.25 13.50 -6.60
N TYR C 387 -33.51 13.03 -7.81
CA TYR C 387 -32.57 12.16 -8.49
C TYR C 387 -32.32 12.70 -9.90
N VAL C 388 -31.06 12.61 -10.33
CA VAL C 388 -30.67 13.07 -11.65
C VAL C 388 -29.82 11.99 -12.29
N SER C 389 -29.78 11.99 -13.63
CA SER C 389 -29.10 10.94 -14.38
C SER C 389 -27.65 11.32 -14.63
N ASN C 390 -27.03 10.56 -15.53
CA ASN C 390 -25.68 10.84 -16.01
C ASN C 390 -25.67 11.42 -17.41
N LYS C 391 -26.81 11.39 -18.11
CA LYS C 391 -26.89 11.66 -19.53
C LYS C 391 -26.31 13.02 -19.90
N GLY C 392 -26.94 14.09 -19.40
CA GLY C 392 -26.52 15.43 -19.72
C GLY C 392 -25.84 16.14 -18.56
N VAL C 393 -25.57 15.42 -17.48
CA VAL C 393 -25.04 16.01 -16.26
C VAL C 393 -23.80 15.24 -15.82
N ASP C 394 -22.74 15.99 -15.46
CA ASP C 394 -21.55 15.37 -14.89
C ASP C 394 -20.96 16.22 -13.75
N THR C 395 -21.78 17.05 -13.10
CA THR C 395 -21.31 17.85 -11.99
C THR C 395 -22.50 18.20 -11.11
N VAL C 396 -22.59 17.55 -9.95
CA VAL C 396 -23.64 17.84 -8.99
C VAL C 396 -22.99 18.40 -7.74
N SER C 397 -23.40 19.62 -7.37
CA SER C 397 -22.84 20.32 -6.23
C SER C 397 -23.85 20.33 -5.10
N VAL C 398 -23.40 19.96 -3.90
CA VAL C 398 -24.19 20.10 -2.67
C VAL C 398 -23.31 20.82 -1.67
N GLY C 399 -23.81 21.91 -1.10
CA GLY C 399 -22.99 22.72 -0.23
C GLY C 399 -21.75 23.20 -0.96
N ASN C 400 -20.60 22.61 -0.65
CA ASN C 400 -19.35 22.91 -1.32
C ASN C 400 -18.66 21.68 -1.90
N THR C 401 -19.33 20.54 -1.97
CA THR C 401 -18.79 19.37 -2.64
C THR C 401 -19.37 19.27 -4.06
N LEU C 402 -18.50 18.90 -5.01
CA LEU C 402 -18.79 18.98 -6.43
C LEU C 402 -18.48 17.61 -7.06
N TYR C 403 -19.45 16.70 -7.01
CA TYR C 403 -19.21 15.33 -7.41
C TYR C 403 -19.38 15.15 -8.92
N TYR C 404 -18.60 14.24 -9.49
CA TYR C 404 -18.75 13.79 -10.86
C TYR C 404 -19.69 12.59 -10.91
N VAL C 405 -20.23 12.33 -12.09
CA VAL C 405 -21.17 11.24 -12.31
C VAL C 405 -20.61 10.31 -13.38
N ASN C 406 -20.52 9.03 -13.07
CA ASN C 406 -19.95 8.06 -13.99
C ASN C 406 -20.75 8.04 -15.28
N LYS C 407 -20.05 8.09 -16.42
CA LYS C 407 -20.67 8.31 -17.71
C LYS C 407 -20.88 7.02 -18.51
N GLN C 408 -21.12 5.90 -17.85
CA GLN C 408 -21.32 4.64 -18.55
C GLN C 408 -22.59 4.70 -19.40
N GLU C 409 -22.74 3.72 -20.28
CA GLU C 409 -23.90 3.65 -21.17
C GLU C 409 -25.03 2.89 -20.50
N GLY C 410 -26.21 3.51 -20.44
CA GLY C 410 -27.33 2.90 -19.76
C GLY C 410 -28.62 3.64 -19.99
N LYS C 411 -29.69 3.05 -19.47
CA LYS C 411 -31.05 3.60 -19.54
C LYS C 411 -31.55 3.81 -18.11
N SER C 412 -32.02 5.03 -17.82
CA SER C 412 -32.38 5.42 -16.48
C SER C 412 -33.89 5.45 -16.30
N LEU C 413 -34.36 4.83 -15.21
CA LEU C 413 -35.78 4.81 -14.87
C LEU C 413 -35.96 5.40 -13.47
N TYR C 414 -37.04 6.19 -13.31
CA TYR C 414 -37.31 6.95 -12.09
C TYR C 414 -38.73 6.65 -11.64
N VAL C 415 -38.86 5.77 -10.65
CA VAL C 415 -40.19 5.36 -10.17
C VAL C 415 -40.68 6.42 -9.19
N LYS C 416 -41.79 7.08 -9.51
CA LYS C 416 -42.41 8.01 -8.59
C LYS C 416 -43.16 7.25 -7.49
N GLY C 417 -43.31 7.91 -6.34
CA GLY C 417 -44.03 7.32 -5.23
C GLY C 417 -43.92 8.17 -3.98
N GLU C 418 -44.94 8.09 -3.11
CA GLU C 418 -44.94 8.87 -1.88
C GLU C 418 -43.97 8.25 -0.88
N PRO C 419 -42.96 9.00 -0.41
CA PRO C 419 -41.99 8.40 0.52
C PRO C 419 -42.65 7.92 1.81
N ILE C 420 -42.15 6.82 2.35
CA ILE C 420 -42.73 6.21 3.55
C ILE C 420 -42.60 7.15 4.73
N ILE C 421 -41.65 8.09 4.66
CA ILE C 421 -41.45 9.04 5.76
C ILE C 421 -42.74 9.79 6.04
N ASN C 422 -43.57 9.98 5.01
CA ASN C 422 -44.85 10.65 5.20
C ASN C 422 -45.73 9.89 6.17
N PHE C 423 -45.75 8.56 6.06
CA PHE C 423 -46.54 7.74 6.97
C PHE C 423 -46.08 7.92 8.41
N TYR C 424 -44.78 7.93 8.64
CA TYR C 424 -44.26 8.16 9.98
C TYR C 424 -44.60 9.56 10.46
N ASP C 425 -45.10 9.66 11.68
CA ASP C 425 -45.48 10.95 12.22
C ASP C 425 -44.55 11.36 13.36
N PRO C 426 -44.30 12.66 13.56
CA PRO C 426 -43.42 13.08 14.67
C PRO C 426 -44.08 12.96 16.03
N LEU C 427 -43.37 13.43 17.07
CA LEU C 427 -43.85 13.49 18.45
C LEU C 427 -43.92 12.13 19.12
N VAL C 428 -43.68 11.06 18.38
CA VAL C 428 -43.72 9.72 18.97
C VAL C 428 -42.52 8.89 18.52
N PHE C 429 -41.93 9.26 17.39
CA PHE C 429 -40.91 8.43 16.79
C PHE C 429 -39.64 8.43 17.65
N PRO C 430 -38.90 7.29 17.69
CA PRO C 430 -37.62 7.28 18.41
C PRO C 430 -36.51 7.82 17.52
N SER C 431 -35.69 8.70 18.09
CA SER C 431 -34.67 9.42 17.34
C SER C 431 -33.32 8.74 17.37
N ASP C 432 -33.29 7.40 17.46
CA ASP C 432 -32.01 6.69 17.47
C ASP C 432 -32.25 5.26 16.99
N GLU C 433 -31.88 4.97 15.75
CA GLU C 433 -32.02 3.63 15.18
C GLU C 433 -31.09 3.50 13.99
N PHE C 434 -30.15 2.55 14.07
CA PHE C 434 -29.25 2.25 12.96
C PHE C 434 -29.42 0.81 12.48
N ASP C 435 -29.46 -0.16 13.38
CA ASP C 435 -29.72 -1.55 13.01
C ASP C 435 -31.20 -1.86 12.97
N ALA C 436 -32.05 -0.85 12.80
CA ALA C 436 -33.49 -1.03 12.82
C ALA C 436 -33.99 -1.57 11.48
N SER C 437 -35.27 -1.90 11.45
CA SER C 437 -35.95 -2.40 10.26
C SER C 437 -37.39 -1.90 10.27
N ILE C 438 -38.15 -2.30 9.26
CA ILE C 438 -39.56 -1.92 9.19
C ILE C 438 -40.32 -2.55 10.36
N SER C 439 -40.11 -3.84 10.59
CA SER C 439 -40.81 -4.53 11.68
C SER C 439 -40.43 -3.97 13.04
N GLN C 440 -39.14 -3.70 13.26
CA GLN C 440 -38.71 -3.17 14.55
C GLN C 440 -39.32 -1.80 14.81
N VAL C 441 -39.30 -0.92 13.81
CA VAL C 441 -39.88 0.41 13.98
C VAL C 441 -41.38 0.30 14.21
N ASN C 442 -42.05 -0.58 13.49
CA ASN C 442 -43.49 -0.76 13.69
C ASN C 442 -43.80 -1.25 15.09
N GLU C 443 -43.01 -2.20 15.60
CA GLU C 443 -43.22 -2.68 16.96
C GLU C 443 -43.00 -1.58 17.98
N LYS C 444 -41.95 -0.76 17.78
CA LYS C 444 -41.71 0.33 18.71
C LYS C 444 -42.83 1.36 18.66
N ILE C 445 -43.37 1.64 17.48
CA ILE C 445 -44.50 2.56 17.37
C ILE C 445 -45.72 1.97 18.08
N ASN C 446 -45.96 0.67 17.90
CA ASN C 446 -47.01 -0.01 18.66
C ASN C 446 -46.84 0.24 20.15
N GLN C 447 -45.62 0.01 20.66
CA GLN C 447 -45.37 0.18 22.09
C GLN C 447 -45.63 1.62 22.54
N SER C 448 -45.12 2.59 21.78
CA SER C 448 -45.29 3.99 22.16
C SER C 448 -46.76 4.39 22.16
N LEU C 449 -47.50 4.00 21.11
CA LEU C 449 -48.92 4.33 21.06
C LEU C 449 -49.68 3.67 22.20
N ALA C 450 -49.39 2.40 22.48
CA ALA C 450 -50.07 1.70 23.57
C ALA C 450 -49.81 2.40 24.90
N PHE C 451 -48.55 2.76 25.16
CA PHE C 451 -48.24 3.42 26.42
C PHE C 451 -48.94 4.77 26.52
N ILE C 452 -48.88 5.57 25.45
CA ILE C 452 -49.50 6.89 25.49
C ILE C 452 -51.00 6.77 25.72
N ARG C 453 -51.65 5.85 25.02
CA ARG C 453 -53.10 5.73 25.13
C ARG C 453 -53.54 5.15 26.47
N LYS C 454 -52.89 4.08 26.94
CA LYS C 454 -53.25 3.50 28.23
C LYS C 454 -52.99 4.48 29.36
N SER C 455 -51.94 5.31 29.23
CA SER C 455 -51.73 6.36 30.21
C SER C 455 -52.90 7.32 30.25
N ASP C 456 -53.41 7.70 29.07
CA ASP C 456 -54.56 8.58 29.00
C ASP C 456 -55.85 7.85 29.31
N GLU C 457 -55.96 6.59 28.88
CA GLU C 457 -57.22 5.86 29.04
C GLU C 457 -57.57 5.65 30.50
N LEU C 458 -56.57 5.35 31.33
CA LEU C 458 -56.86 5.01 32.72
C LEU C 458 -57.52 6.15 33.48
N LEU C 459 -57.43 7.38 32.97
CA LEU C 459 -58.05 8.52 33.61
C LEU C 459 -59.55 8.29 33.78
N VAL D 2 28.35 30.27 16.89
CA VAL D 2 27.82 29.97 18.21
C VAL D 2 28.55 30.81 19.25
N GLN D 3 28.29 32.12 19.20
CA GLN D 3 28.94 33.07 20.12
C GLN D 3 27.85 33.85 20.83
N LEU D 4 28.22 34.42 21.97
CA LEU D 4 27.39 35.41 22.65
C LEU D 4 28.27 36.53 23.16
N VAL D 5 27.85 37.76 22.87
CA VAL D 5 28.61 38.98 23.20
C VAL D 5 27.76 39.87 24.08
N GLU D 6 28.43 40.74 24.84
CA GLU D 6 27.79 41.61 25.81
C GLU D 6 28.14 43.06 25.52
N SER D 7 27.22 43.96 25.87
CA SER D 7 27.43 45.39 25.71
C SER D 7 26.61 46.14 26.75
N GLY D 8 27.01 47.38 27.01
CA GLY D 8 26.36 48.23 28.00
C GLY D 8 27.07 48.25 29.33
N GLY D 9 28.02 47.35 29.57
CA GLY D 9 28.73 47.31 30.84
C GLY D 9 29.41 48.61 31.19
N GLY D 10 29.20 49.07 32.42
CA GLY D 10 29.80 50.31 32.86
C GLY D 10 29.78 50.43 34.37
N VAL D 11 29.71 51.67 34.83
CA VAL D 11 29.70 52.01 36.25
C VAL D 11 28.41 52.73 36.59
N VAL D 12 27.73 52.25 37.63
CA VAL D 12 26.46 52.83 38.05
C VAL D 12 26.47 53.00 39.56
N GLN D 13 26.07 54.18 40.03
CA GLN D 13 25.97 54.41 41.45
C GLN D 13 24.84 53.56 42.04
N PRO D 14 24.90 53.21 43.33
CA PRO D 14 23.83 52.42 43.92
C PRO D 14 22.48 53.12 43.79
N GLY D 15 21.44 52.33 43.53
CA GLY D 15 20.09 52.86 43.44
C GLY D 15 19.77 53.44 42.08
N ARG D 16 20.13 52.73 41.01
CA ARG D 16 19.78 53.15 39.67
C ARG D 16 19.79 51.93 38.76
N SER D 17 19.19 52.08 37.59
CA SER D 17 18.97 50.97 36.66
C SER D 17 20.09 50.87 35.63
N LEU D 18 20.14 49.73 34.95
CA LEU D 18 21.14 49.52 33.91
C LEU D 18 20.73 48.38 32.99
N ARG D 19 20.66 48.63 31.68
CA ARG D 19 20.24 47.62 30.72
C ARG D 19 21.48 47.02 30.04
N LEU D 20 21.97 45.92 30.59
CA LEU D 20 22.97 45.14 29.88
C LEU D 20 22.32 44.41 28.71
N SER D 21 23.02 44.39 27.57
CA SER D 21 22.47 43.79 26.37
C SER D 21 23.37 42.64 25.93
N CYS D 22 22.73 41.60 25.40
CA CYS D 22 23.37 40.36 24.99
C CYS D 22 22.96 40.05 23.57
N ALA D 23 23.93 39.64 22.75
CA ALA D 23 23.68 39.28 21.36
C ALA D 23 24.26 37.91 21.07
N ALA D 24 23.41 37.02 20.56
CA ALA D 24 23.81 35.66 20.20
C ALA D 24 23.96 35.57 18.69
N SER D 25 24.85 34.67 18.25
CA SER D 25 25.10 34.52 16.83
C SER D 25 25.43 33.07 16.52
N GLY D 26 24.93 32.60 15.39
CA GLY D 26 25.34 31.32 14.84
C GLY D 26 24.50 30.12 15.20
N PHE D 27 23.51 30.26 16.08
CA PHE D 27 22.69 29.11 16.46
C PHE D 27 21.29 29.58 16.80
N SER D 28 20.42 28.59 17.07
CA SER D 28 18.98 28.80 17.20
C SER D 28 18.70 29.46 18.55
N PHE D 29 18.77 30.79 18.56
CA PHE D 29 18.39 31.56 19.73
C PHE D 29 16.90 31.46 20.04
N SER D 30 16.10 31.00 19.07
CA SER D 30 14.65 30.92 19.21
C SER D 30 14.18 29.63 19.87
N HIS D 31 14.85 28.51 19.62
CA HIS D 31 14.46 27.22 20.17
C HIS D 31 15.03 26.94 21.55
N TYR D 32 15.88 27.83 22.06
CA TYR D 32 16.62 27.59 23.29
C TYR D 32 16.24 28.59 24.38
N ALA D 33 16.38 28.15 25.63
CA ALA D 33 16.21 28.99 26.80
C ALA D 33 17.46 29.84 27.01
N MET D 34 17.34 30.86 27.86
CA MET D 34 18.43 31.80 28.06
C MET D 34 18.61 32.09 29.55
N HIS D 35 19.85 32.24 29.98
CA HIS D 35 20.17 32.59 31.36
C HIS D 35 21.11 33.79 31.43
N TRP D 36 20.96 34.56 32.50
CA TRP D 36 21.97 35.52 32.94
C TRP D 36 22.52 35.05 34.27
N VAL D 37 23.84 35.04 34.41
CA VAL D 37 24.48 34.55 35.63
C VAL D 37 25.54 35.56 36.06
N ARG D 38 25.77 35.62 37.38
CA ARG D 38 26.68 36.60 37.97
C ARG D 38 27.65 35.93 38.93
N GLN D 39 28.87 36.45 38.97
CA GLN D 39 29.90 36.04 39.92
C GLN D 39 30.74 37.24 40.29
N ALA D 40 30.83 37.53 41.58
CA ALA D 40 31.66 38.65 42.01
C ALA D 40 33.14 38.29 41.91
N PRO D 41 33.99 39.24 41.50
CA PRO D 41 35.43 38.92 41.39
C PRO D 41 35.99 38.40 42.70
N GLY D 42 36.78 37.33 42.61
CA GLY D 42 37.32 36.68 43.78
C GLY D 42 36.28 35.90 44.56
N LYS D 43 35.16 35.56 43.93
CA LYS D 43 34.05 34.87 44.59
C LYS D 43 33.51 33.79 43.67
N GLY D 44 32.56 33.02 44.20
CA GLY D 44 31.98 31.92 43.45
C GLY D 44 30.73 32.32 42.67
N LEU D 45 30.18 31.32 41.98
CA LEU D 45 28.99 31.54 41.17
C LEU D 45 27.76 31.70 42.04
N GLU D 46 26.80 32.48 41.53
CA GLU D 46 25.46 32.56 42.10
C GLU D 46 24.48 32.83 40.97
N TRP D 47 23.56 31.90 40.74
CA TRP D 47 22.64 32.00 39.61
C TRP D 47 21.77 33.24 39.76
N VAL D 48 21.41 33.84 38.61
CA VAL D 48 20.66 35.10 38.58
C VAL D 48 19.27 34.91 37.98
N ALA D 49 19.19 34.57 36.70
CA ALA D 49 17.90 34.67 36.04
C ALA D 49 17.81 33.68 34.89
N VAL D 50 16.60 33.21 34.64
CA VAL D 50 16.32 32.28 33.55
C VAL D 50 15.08 32.80 32.82
N ILE D 51 15.26 33.18 31.55
CA ILE D 51 14.12 33.56 30.72
C ILE D 51 13.92 32.48 29.67
N SER D 52 12.65 32.09 29.52
CA SER D 52 12.29 30.97 28.68
C SER D 52 12.59 31.28 27.22
N TYR D 53 12.57 30.23 26.39
CA TYR D 53 12.91 30.37 24.99
C TYR D 53 12.03 31.40 24.30
N ASP D 54 10.79 31.56 24.78
CA ASP D 54 9.83 32.46 24.15
C ASP D 54 9.74 33.81 24.82
N GLY D 55 10.21 33.93 26.06
CA GLY D 55 10.04 35.15 26.82
C GLY D 55 8.70 35.27 27.52
N GLU D 56 7.82 34.29 27.36
CA GLU D 56 6.54 34.33 28.05
C GLU D 56 6.71 34.07 29.54
N ASN D 57 7.50 33.07 29.90
CA ASN D 57 7.72 32.65 31.28
C ASN D 57 9.16 32.93 31.67
N THR D 58 9.36 33.50 32.86
CA THR D 58 10.69 33.86 33.32
C THR D 58 10.75 33.81 34.83
N TYR D 59 11.90 33.37 35.36
CA TYR D 59 12.11 33.19 36.79
C TYR D 59 13.41 33.88 37.20
N TYR D 60 13.44 34.37 38.43
CA TYR D 60 14.59 35.10 38.97
C TYR D 60 15.09 34.43 40.23
N ALA D 61 16.17 34.97 40.78
CA ALA D 61 16.70 34.50 42.05
C ALA D 61 15.95 35.13 43.21
N ASP D 62 15.85 34.37 44.31
CA ASP D 62 15.05 34.82 45.44
C ASP D 62 15.64 36.10 46.05
N SER D 63 16.96 36.17 46.19
CA SER D 63 17.60 37.33 46.77
C SER D 63 17.44 38.59 45.91
N VAL D 64 17.02 38.44 44.66
CA VAL D 64 16.83 39.59 43.77
C VAL D 64 15.47 39.51 43.10
N LYS D 65 14.58 38.66 43.63
CA LYS D 65 13.27 38.49 43.02
C LYS D 65 12.51 39.81 42.99
N GLY D 66 11.93 40.12 41.83
CA GLY D 66 11.17 41.33 41.65
C GLY D 66 11.98 42.56 41.32
N ARG D 67 13.31 42.44 41.22
CA ARG D 67 14.17 43.59 40.94
C ARG D 67 14.45 43.73 39.45
N PHE D 68 15.03 42.70 38.84
CA PHE D 68 15.49 42.79 37.47
C PHE D 68 14.32 42.79 36.50
N SER D 69 14.63 43.03 35.23
CA SER D 69 13.67 42.85 34.15
C SER D 69 14.40 42.26 32.95
N ILE D 70 14.10 41.01 32.63
CA ILE D 70 14.79 40.28 31.57
C ILE D 70 13.87 40.22 30.36
N SER D 71 14.42 40.54 29.19
CA SER D 71 13.62 40.63 27.97
C SER D 71 14.43 40.09 26.80
N ARG D 72 13.71 39.68 25.75
CA ARG D 72 14.35 39.17 24.55
C ARG D 72 13.49 39.53 23.35
N ASP D 73 14.16 39.85 22.24
CA ASP D 73 13.50 40.11 20.97
C ASP D 73 14.00 39.11 19.94
N ASN D 74 13.06 38.41 19.31
CA ASN D 74 13.39 37.42 18.30
C ASN D 74 13.89 38.08 17.02
N SER D 75 13.26 39.19 16.63
CA SER D 75 13.61 39.82 15.36
C SER D 75 15.02 40.39 15.40
N LYS D 76 15.36 41.09 16.47
CA LYS D 76 16.70 41.63 16.65
C LYS D 76 17.68 40.58 17.17
N ASN D 77 17.20 39.38 17.50
CA ASN D 77 18.05 38.30 18.01
C ASN D 77 18.85 38.79 19.22
N THR D 78 18.13 39.37 20.17
CA THR D 78 18.79 40.06 21.27
C THR D 78 18.14 39.69 22.60
N VAL D 79 18.94 39.80 23.66
CA VAL D 79 18.49 39.63 25.04
C VAL D 79 18.94 40.86 25.81
N SER D 80 18.32 41.09 26.96
CA SER D 80 18.64 42.24 27.79
C SER D 80 18.27 41.94 29.24
N LEU D 81 19.11 42.40 30.16
CA LEU D 81 18.84 42.34 31.58
C LEU D 81 18.86 43.76 32.14
N GLN D 82 17.79 44.14 32.83
CA GLN D 82 17.60 45.49 33.36
C GLN D 82 17.74 45.42 34.87
N MET D 83 18.89 45.85 35.37
CA MET D 83 19.05 46.13 36.79
C MET D 83 18.14 47.31 37.16
N ASN D 84 17.50 47.20 38.32
CA ASN D 84 16.63 48.28 38.82
C ASN D 84 16.87 48.42 40.32
N SER D 85 16.91 49.66 40.79
CA SER D 85 17.17 49.94 42.20
C SER D 85 18.39 49.15 42.69
N LEU D 86 19.48 49.32 41.96
CA LEU D 86 20.68 48.53 42.18
C LEU D 86 21.30 48.85 43.54
N ARG D 87 21.96 47.85 44.12
CA ARG D 87 22.60 47.96 45.41
C ARG D 87 24.11 47.69 45.27
N PRO D 88 24.92 48.22 46.20
CA PRO D 88 26.38 48.08 46.03
C PRO D 88 26.86 46.64 45.98
N GLU D 89 26.21 45.72 46.67
CA GLU D 89 26.65 44.33 46.71
C GLU D 89 26.49 43.62 45.37
N ASP D 90 25.81 44.24 44.40
CA ASP D 90 25.56 43.59 43.12
C ASP D 90 26.75 43.63 42.18
N THR D 91 27.89 44.16 42.61
CA THR D 91 29.08 44.21 41.76
C THR D 91 29.52 42.79 41.38
N ALA D 92 29.69 42.56 40.07
CA ALA D 92 30.12 41.24 39.61
C ALA D 92 30.31 41.17 38.10
N LEU D 93 31.01 40.13 37.65
CA LEU D 93 31.10 39.80 36.23
C LEU D 93 29.95 38.89 35.86
N TYR D 94 29.32 39.16 34.72
CA TYR D 94 28.11 38.48 34.29
C TYR D 94 28.36 37.73 32.99
N TYR D 95 27.79 36.54 32.88
CA TYR D 95 27.82 35.73 31.67
C TYR D 95 26.40 35.52 31.16
N CYS D 96 26.23 35.64 29.85
CA CYS D 96 24.94 35.44 29.18
C CYS D 96 24.95 34.10 28.47
N ALA D 97 24.21 33.12 29.00
CA ALA D 97 24.47 31.73 28.68
C ALA D 97 23.24 31.02 28.12
N ARG D 98 23.50 29.84 27.57
CA ARG D 98 22.51 29.03 26.87
C ARG D 98 22.36 27.68 27.58
N ASP D 99 21.12 27.24 27.75
CA ASP D 99 20.84 25.95 28.35
C ASP D 99 21.32 24.82 27.45
N ARG D 100 21.61 23.67 28.07
CA ARG D 100 22.08 22.51 27.30
C ARG D 100 20.96 21.85 26.52
N ILE D 101 19.70 22.07 26.91
CA ILE D 101 18.56 21.42 26.28
C ILE D 101 17.69 22.47 25.60
N VAL D 102 16.88 22.02 24.63
CA VAL D 102 16.10 22.89 23.76
C VAL D 102 14.77 23.25 24.41
N ASP D 103 14.38 24.52 24.27
CA ASP D 103 13.04 25.01 24.61
C ASP D 103 12.42 24.35 25.84
N ASP D 104 13.13 24.34 26.96
CA ASP D 104 12.69 23.61 28.13
C ASP D 104 12.31 24.58 29.25
N TYR D 105 11.07 24.49 29.72
CA TYR D 105 10.63 25.24 30.89
C TYR D 105 11.24 24.72 32.18
N TYR D 106 11.63 23.45 32.25
CA TYR D 106 12.34 22.90 33.39
C TYR D 106 13.81 22.82 32.98
N TYR D 107 14.56 23.88 33.26
CA TYR D 107 15.80 24.13 32.54
C TYR D 107 16.95 23.28 33.10
N TYR D 108 18.11 23.38 32.44
CA TYR D 108 19.30 22.62 32.77
C TYR D 108 20.55 23.51 32.87
N GLY D 109 21.71 22.88 33.01
CA GLY D 109 22.97 23.59 33.17
C GLY D 109 23.43 24.29 31.91
N MET D 110 24.73 24.57 31.88
CA MET D 110 25.30 25.43 30.84
C MET D 110 26.41 24.75 30.04
N ASP D 111 26.49 25.16 28.77
CA ASP D 111 27.34 24.59 27.74
C ASP D 111 28.20 25.63 27.01
N VAL D 112 27.61 26.74 26.58
CA VAL D 112 28.32 27.80 25.87
C VAL D 112 28.24 29.07 26.70
N TRP D 113 29.39 29.66 27.00
CA TRP D 113 29.46 30.94 27.70
C TRP D 113 30.12 31.98 26.80
N GLY D 114 30.18 33.21 27.30
CA GLY D 114 30.82 34.30 26.63
C GLY D 114 31.87 34.99 27.51
N GLN D 115 32.57 35.96 26.91
CA GLN D 115 33.65 36.65 27.60
C GLN D 115 33.20 37.23 28.94
N GLY D 116 31.97 37.73 29.01
CA GLY D 116 31.43 38.27 30.25
C GLY D 116 31.61 39.75 30.40
N ALA D 117 30.58 40.42 30.92
CA ALA D 117 30.60 41.86 31.14
C ALA D 117 30.74 42.15 32.62
N THR D 118 31.73 42.97 32.97
CA THR D 118 31.95 43.35 34.36
C THR D 118 31.09 44.56 34.71
N VAL D 119 30.42 44.48 35.87
CA VAL D 119 29.61 45.57 36.39
C VAL D 119 30.15 45.92 37.77
N THR D 120 30.66 47.14 37.91
CA THR D 120 31.20 47.64 39.17
C THR D 120 30.30 48.77 39.66
N VAL D 121 29.84 48.66 40.90
CA VAL D 121 28.84 49.56 41.45
C VAL D 121 29.33 50.08 42.79
N SER D 122 29.31 51.40 42.97
CA SER D 122 29.68 52.05 44.22
C SER D 122 29.39 53.53 44.10
N SER D 123 29.14 54.17 45.25
CA SER D 123 28.85 55.60 45.24
C SER D 123 29.98 56.41 44.63
N ALA D 124 31.23 56.00 44.85
CA ALA D 124 32.36 56.71 44.28
C ALA D 124 32.32 56.65 42.76
N SER D 125 32.62 57.79 42.13
CA SER D 125 32.55 57.90 40.67
C SER D 125 33.89 57.48 40.07
N THR D 126 33.97 57.53 38.73
CA THR D 126 35.18 57.12 38.04
C THR D 126 36.31 58.12 38.31
N LYS D 127 37.54 57.63 38.16
CA LYS D 127 38.73 58.45 38.41
C LYS D 127 39.89 57.89 37.61
N GLY D 128 40.76 58.78 37.16
CA GLY D 128 41.88 58.40 36.33
C GLY D 128 43.06 57.92 37.15
N PRO D 129 43.90 57.04 36.57
CA PRO D 129 45.02 56.48 37.33
C PRO D 129 46.27 57.35 37.31
N SER D 130 47.21 57.02 38.21
CA SER D 130 48.51 57.67 38.27
C SER D 130 49.58 56.58 38.16
N VAL D 131 50.62 56.84 37.37
CA VAL D 131 51.55 55.81 36.92
C VAL D 131 52.94 56.09 37.50
N PHE D 132 53.61 55.03 37.92
CA PHE D 132 54.99 55.12 38.38
C PHE D 132 55.75 53.89 37.91
N PRO D 133 57.07 53.99 37.70
CA PRO D 133 57.85 52.81 37.28
C PRO D 133 58.46 52.06 38.45
N LEU D 134 59.04 50.89 38.17
CA LEU D 134 59.73 50.09 39.18
C LEU D 134 60.86 49.35 38.48
N ALA D 135 62.10 49.74 38.76
CA ALA D 135 63.28 49.17 38.10
C ALA D 135 64.23 48.60 39.15
N PRO D 136 64.51 47.29 39.13
CA PRO D 136 65.45 46.73 40.11
C PRO D 136 66.89 47.14 39.82
N SER D 137 67.26 47.15 38.54
CA SER D 137 68.61 47.52 38.14
C SER D 137 68.67 47.78 36.64
N GLY D 144 71.53 36.89 34.79
CA GLY D 144 70.68 37.43 35.82
C GLY D 144 69.30 37.80 35.31
N THR D 145 68.36 38.00 36.23
CA THR D 145 66.99 38.37 35.90
C THR D 145 66.60 39.63 36.66
N ALA D 146 65.94 40.54 35.95
CA ALA D 146 65.44 41.78 36.53
C ALA D 146 63.92 41.74 36.56
N ALA D 147 63.34 42.20 37.67
CA ALA D 147 61.89 42.22 37.83
C ALA D 147 61.38 43.66 37.64
N LEU D 148 61.17 44.02 36.37
CA LEU D 148 60.62 45.32 36.07
C LEU D 148 59.15 45.37 36.48
N GLY D 149 58.62 46.58 36.63
CA GLY D 149 57.23 46.70 37.02
C GLY D 149 56.66 48.08 36.79
N CYS D 150 55.33 48.13 36.72
CA CYS D 150 54.59 49.38 36.61
C CYS D 150 53.55 49.42 37.72
N LEU D 151 53.49 50.53 38.44
CA LEU D 151 52.68 50.67 39.65
C LEU D 151 51.64 51.76 39.43
N VAL D 152 50.38 51.45 39.73
CA VAL D 152 49.26 52.34 39.48
C VAL D 152 48.60 52.69 40.80
N LYS D 153 48.40 53.99 41.04
CA LYS D 153 47.71 54.50 42.22
C LYS D 153 46.50 55.30 41.81
N ASP D 154 45.57 55.46 42.76
CA ASP D 154 44.49 56.44 42.68
C ASP D 154 43.68 56.27 41.41
N TYR D 155 43.00 55.12 41.33
CA TYR D 155 42.08 54.85 40.23
C TYR D 155 40.90 54.06 40.76
N PHE D 156 39.80 54.12 40.01
CA PHE D 156 38.59 53.39 40.34
C PHE D 156 37.72 53.31 39.10
N PRO D 157 37.04 52.18 38.83
CA PRO D 157 37.01 50.92 39.57
C PRO D 157 37.93 49.85 39.00
N GLU D 158 37.98 48.70 39.68
CA GLU D 158 38.72 47.55 39.17
C GLU D 158 38.00 46.94 37.98
N PRO D 159 38.72 46.25 37.09
CA PRO D 159 40.18 46.06 37.04
C PRO D 159 40.87 47.09 36.16
N VAL D 160 42.21 47.06 36.15
CA VAL D 160 43.02 47.87 35.25
C VAL D 160 43.96 46.93 34.50
N THR D 161 43.94 47.01 33.17
CA THR D 161 44.71 46.09 32.34
C THR D 161 46.10 46.67 32.12
N VAL D 162 47.09 46.10 32.79
CA VAL D 162 48.48 46.55 32.68
C VAL D 162 49.16 45.53 31.76
N SER D 163 49.28 45.88 30.48
CA SER D 163 49.78 44.97 29.46
C SER D 163 51.12 45.47 28.92
N TRP D 164 51.80 44.57 28.20
CA TRP D 164 53.05 44.89 27.53
C TRP D 164 52.92 44.55 26.05
N ASN D 165 53.39 45.48 25.20
CA ASN D 165 53.42 45.28 23.76
C ASN D 165 52.04 44.87 23.24
N SER D 166 51.00 45.52 23.76
CA SER D 166 49.63 45.21 23.37
C SER D 166 49.31 43.73 23.59
N GLY D 167 49.86 43.17 24.66
CA GLY D 167 49.63 41.78 25.00
C GLY D 167 50.54 40.80 24.32
N ALA D 168 51.48 41.26 23.48
CA ALA D 168 52.37 40.34 22.79
C ALA D 168 53.25 39.58 23.76
N LEU D 169 53.77 40.26 24.77
CA LEU D 169 54.64 39.64 25.77
C LEU D 169 53.79 39.12 26.93
N THR D 170 53.93 37.84 27.24
CA THR D 170 53.17 37.17 28.29
C THR D 170 54.07 36.26 29.11
N SER D 171 55.25 36.75 29.46
CA SER D 171 56.26 35.96 30.15
C SER D 171 56.47 36.51 31.56
N GLY D 172 56.38 35.63 32.55
CA GLY D 172 56.67 36.01 33.92
C GLY D 172 55.78 37.10 34.48
N VAL D 173 54.48 37.01 34.25
CA VAL D 173 53.55 38.03 34.70
C VAL D 173 53.24 37.83 36.18
N HIS D 174 53.19 38.94 36.92
CA HIS D 174 52.77 38.95 38.32
C HIS D 174 51.91 40.20 38.51
N THR D 175 50.60 40.04 38.41
CA THR D 175 49.66 41.15 38.62
C THR D 175 49.31 41.20 40.10
N PHE D 176 49.89 42.17 40.81
CA PHE D 176 49.63 42.29 42.23
C PHE D 176 48.15 42.59 42.46
N PRO D 177 47.46 41.86 43.34
CA PRO D 177 46.02 42.09 43.51
C PRO D 177 45.69 43.51 43.95
N ALA D 178 44.46 43.94 43.67
CA ALA D 178 44.07 45.31 43.97
C ALA D 178 44.13 45.57 45.46
N VAL D 179 44.51 46.80 45.83
CA VAL D 179 44.66 47.21 47.23
C VAL D 179 43.68 48.34 47.48
N LEU D 180 42.70 48.10 48.35
CA LEU D 180 41.72 49.11 48.73
C LEU D 180 42.13 49.68 50.07
N GLN D 181 42.75 50.86 50.05
CA GLN D 181 43.16 51.51 51.29
C GLN D 181 41.95 52.13 52.00
N SER D 182 42.23 52.84 53.09
CA SER D 182 41.16 53.35 53.93
C SER D 182 40.28 54.34 53.19
N SER D 183 40.86 55.15 52.30
CA SER D 183 40.09 56.19 51.62
C SER D 183 38.95 55.60 50.81
N GLY D 184 39.20 54.51 50.09
CA GLY D 184 38.17 53.88 49.28
C GLY D 184 38.47 53.91 47.79
N LEU D 185 39.74 54.07 47.45
CA LEU D 185 40.22 54.01 46.08
C LEU D 185 41.05 52.73 45.92
N TYR D 186 41.62 52.53 44.74
CA TYR D 186 42.35 51.31 44.44
C TYR D 186 43.74 51.64 43.89
N SER D 187 44.67 50.71 44.13
CA SER D 187 46.05 50.85 43.71
C SER D 187 46.70 49.47 43.73
N LEU D 188 47.54 49.20 42.75
CA LEU D 188 48.20 47.90 42.64
C LEU D 188 49.41 48.05 41.73
N SER D 189 49.99 46.92 41.33
CA SER D 189 51.21 46.91 40.53
C SER D 189 51.16 45.70 39.58
N SER D 190 52.05 45.71 38.59
CA SER D 190 52.21 44.57 37.70
C SER D 190 53.69 44.45 37.36
N VAL D 191 54.24 43.25 37.55
CA VAL D 191 55.68 43.01 37.46
C VAL D 191 55.94 41.92 36.43
N VAL D 192 57.04 42.08 35.69
CA VAL D 192 57.53 41.08 34.75
C VAL D 192 59.00 40.81 35.08
N THR D 193 59.33 39.54 35.28
CA THR D 193 60.69 39.11 35.57
C THR D 193 61.30 38.55 34.30
N VAL D 194 62.31 39.23 33.77
CA VAL D 194 62.90 38.86 32.47
C VAL D 194 64.41 38.90 32.58
N PRO D 195 65.09 38.11 31.75
CA PRO D 195 66.56 38.06 31.83
C PRO D 195 67.18 39.44 31.61
N SER D 196 68.28 39.69 32.32
CA SER D 196 68.95 40.98 32.24
C SER D 196 69.47 41.27 30.84
N SER D 197 70.02 40.25 30.15
CA SER D 197 70.53 40.47 28.81
C SER D 197 69.45 41.01 27.88
N SER D 198 68.19 40.66 28.12
CA SER D 198 67.10 41.16 27.30
C SER D 198 66.87 42.65 27.48
N LEU D 199 67.38 43.24 28.57
CA LEU D 199 67.23 44.67 28.79
C LEU D 199 68.21 45.45 27.92
N GLY D 200 67.78 46.64 27.51
CA GLY D 200 68.57 47.50 26.66
C GLY D 200 68.33 47.34 25.18
N THR D 201 67.74 46.22 24.76
CA THR D 201 67.41 45.99 23.35
C THR D 201 65.91 45.82 23.13
N GLN D 202 65.26 44.97 23.92
CA GLN D 202 63.84 44.76 23.76
C GLN D 202 63.06 45.96 24.30
N THR D 203 61.93 46.24 23.64
CA THR D 203 61.10 47.38 24.02
C THR D 203 60.10 46.94 25.11
N TYR D 204 60.19 47.59 26.28
CA TYR D 204 59.31 47.32 27.41
C TYR D 204 58.57 48.60 27.75
N ILE D 205 57.38 48.78 27.18
CA ILE D 205 56.51 49.91 27.48
C ILE D 205 55.20 49.33 27.99
N CYS D 206 54.89 49.58 29.26
CA CYS D 206 53.68 49.07 29.87
C CYS D 206 52.53 50.04 29.57
N ASN D 207 51.45 49.50 29.02
CA ASN D 207 50.24 50.27 28.80
C ASN D 207 49.23 49.91 29.89
N VAL D 208 48.85 50.90 30.69
CA VAL D 208 47.75 50.75 31.65
C VAL D 208 46.50 51.24 30.95
N ASN D 209 45.59 50.32 30.66
CA ASN D 209 44.32 50.63 30.00
C ASN D 209 43.20 50.42 30.99
N HIS D 210 42.36 51.45 31.14
CA HIS D 210 41.18 51.44 31.98
C HIS D 210 39.99 51.70 31.05
N LYS D 211 39.36 50.61 30.61
CA LYS D 211 38.26 50.72 29.67
C LYS D 211 37.08 51.50 30.23
N PRO D 212 36.57 51.22 31.43
CA PRO D 212 35.42 51.99 31.92
C PRO D 212 35.69 53.47 32.02
N SER D 213 36.91 53.86 32.39
CA SER D 213 37.29 55.27 32.38
C SER D 213 37.92 55.70 31.06
N ASN D 214 38.16 54.77 30.14
CA ASN D 214 38.71 55.07 28.83
C ASN D 214 40.05 55.80 28.93
N THR D 215 40.91 55.38 29.85
CA THR D 215 42.22 56.00 30.04
C THR D 215 43.29 54.98 29.65
N LYS D 216 44.00 55.26 28.57
CA LYS D 216 45.05 54.38 28.04
C LYS D 216 46.38 55.12 28.12
N VAL D 217 47.09 54.92 29.22
CA VAL D 217 48.35 55.62 29.49
C VAL D 217 49.50 54.65 29.24
N ASP D 218 50.44 55.08 28.40
CA ASP D 218 51.61 54.26 28.03
C ASP D 218 52.83 54.84 28.71
N LYS D 219 53.51 54.03 29.53
CA LYS D 219 54.71 54.44 30.24
C LYS D 219 55.82 53.43 30.00
N LYS D 220 57.01 53.94 29.68
CA LYS D 220 58.15 53.09 29.36
C LYS D 220 59.12 53.05 30.53
N VAL D 221 59.57 51.85 30.88
CA VAL D 221 60.62 51.64 31.87
C VAL D 221 61.89 51.29 31.10
N GLU D 222 62.94 52.07 31.31
CA GLU D 222 64.17 51.95 30.54
C GLU D 222 65.35 51.92 31.50
N PRO D 223 66.50 51.39 31.05
CA PRO D 223 67.70 51.34 31.91
C PRO D 223 68.18 52.72 32.33
N ASP E 21 14.49 28.22 49.71
CA ASP E 21 15.45 28.06 48.59
C ASP E 21 16.44 26.94 48.88
N ILE E 22 16.90 26.27 47.83
CA ILE E 22 17.87 25.19 47.99
C ILE E 22 19.22 25.78 48.35
N GLN E 23 19.75 25.38 49.51
CA GLN E 23 21.08 25.78 49.95
C GLN E 23 22.02 24.59 49.79
N MET E 24 22.90 24.67 48.80
CA MET E 24 23.65 23.53 48.29
C MET E 24 25.14 23.81 48.47
N THR E 25 25.77 23.06 49.37
CA THR E 25 27.15 23.32 49.77
C THR E 25 28.12 22.42 49.02
N GLN E 26 29.39 22.81 49.05
CA GLN E 26 30.46 22.08 48.38
C GLN E 26 31.66 22.00 49.33
N SER E 27 32.49 20.97 49.13
CA SER E 27 33.62 20.73 50.01
C SER E 27 34.73 19.99 49.29
N PRO E 28 36.01 20.25 49.61
CA PRO E 28 36.47 21.28 50.56
C PRO E 28 36.48 22.66 49.92
N SER E 29 36.42 23.72 50.74
CA SER E 29 36.37 25.07 50.20
C SER E 29 37.53 25.35 49.24
N SER E 30 38.72 24.83 49.54
CA SER E 30 39.87 24.97 48.66
C SER E 30 40.73 23.72 48.79
N LEU E 31 41.39 23.37 47.69
CA LEU E 31 42.17 22.14 47.64
C LEU E 31 43.43 22.37 46.82
N SER E 32 44.49 21.69 47.21
CA SER E 32 45.76 21.72 46.49
C SER E 32 46.33 20.32 46.42
N ALA E 33 47.06 20.04 45.34
CA ALA E 33 47.64 18.73 45.11
C ALA E 33 48.86 18.89 44.20
N SER E 34 49.33 17.77 43.66
CA SER E 34 50.46 17.77 42.73
C SER E 34 50.04 17.08 41.44
N VAL E 35 50.78 17.37 40.37
CA VAL E 35 50.46 16.79 39.07
C VAL E 35 50.49 15.28 39.16
N GLY E 36 49.47 14.64 38.59
CA GLY E 36 49.37 13.19 38.59
C GLY E 36 48.62 12.60 39.77
N ASP E 37 48.26 13.40 40.75
CA ASP E 37 47.56 12.88 41.92
C ASP E 37 46.07 12.69 41.61
N ARG E 38 45.34 12.21 42.62
CA ARG E 38 43.90 12.01 42.53
C ARG E 38 43.21 12.97 43.49
N VAL E 39 42.06 13.50 43.09
CA VAL E 39 41.31 14.42 43.93
C VAL E 39 39.83 14.05 43.88
N THR E 40 39.18 14.18 45.03
CA THR E 40 37.74 13.95 45.17
C THR E 40 37.10 15.15 45.83
N ILE E 41 36.02 15.65 45.22
CA ILE E 41 35.32 16.84 45.69
C ILE E 41 33.86 16.46 45.91
N THR E 42 33.32 16.83 47.07
CA THR E 42 31.97 16.47 47.45
C THR E 42 31.05 17.68 47.29
N CYS E 43 29.79 17.40 46.94
CA CYS E 43 28.78 18.44 46.80
C CYS E 43 27.48 17.92 47.40
N GLN E 44 27.00 18.62 48.43
CA GLN E 44 25.83 18.20 49.20
C GLN E 44 24.69 19.16 48.95
N ALA E 45 23.47 18.61 48.94
CA ALA E 45 22.25 19.39 48.73
C ALA E 45 21.41 19.40 49.99
N SER E 46 20.65 20.49 50.17
CA SER E 46 19.81 20.62 51.35
C SER E 46 18.73 19.54 51.39
N GLN E 47 18.11 19.27 50.23
CA GLN E 47 17.01 18.32 50.16
C GLN E 47 17.30 17.31 49.05
N ASP E 48 16.48 16.27 48.99
CA ASP E 48 16.76 15.15 48.09
C ASP E 48 16.52 15.54 46.64
N ILE E 49 17.51 15.22 45.79
CA ILE E 49 17.38 15.35 44.35
C ILE E 49 17.84 14.05 43.72
N LYS E 50 17.04 13.53 42.79
CA LYS E 50 17.29 12.20 42.24
C LYS E 50 18.65 12.10 41.58
N LYS E 51 18.81 12.77 40.43
CA LYS E 51 20.09 12.77 39.74
C LYS E 51 20.44 14.15 39.17
N TYR E 52 19.74 15.21 39.58
CA TYR E 52 19.80 16.51 38.91
C TYR E 52 20.97 17.32 39.49
N LEU E 53 22.13 17.17 38.86
CA LEU E 53 23.31 17.94 39.22
C LEU E 53 24.29 17.97 38.07
N ASN E 54 25.03 19.07 37.97
CA ASN E 54 26.10 19.24 36.99
C ASN E 54 27.36 19.72 37.67
N TRP E 55 28.50 19.32 37.12
CA TRP E 55 29.81 19.71 37.60
C TRP E 55 30.41 20.69 36.60
N TYR E 56 30.96 21.81 37.10
CA TYR E 56 31.47 22.89 36.28
C TYR E 56 32.95 23.14 36.56
N HIS E 57 33.73 23.23 35.50
CA HIS E 57 35.09 23.72 35.51
C HIS E 57 35.07 25.24 35.36
N GLN E 58 36.11 25.88 35.88
CA GLN E 58 36.29 27.32 35.66
C GLN E 58 37.79 27.59 35.70
N LYS E 59 38.38 27.72 34.52
CA LYS E 59 39.81 27.94 34.43
C LYS E 59 40.16 29.36 34.87
N PRO E 60 41.37 29.59 35.38
CA PRO E 60 41.72 30.94 35.83
C PRO E 60 41.66 31.95 34.67
N GLY E 61 41.05 33.10 34.96
CA GLY E 61 40.93 34.14 33.95
C GLY E 61 40.23 33.71 32.69
N LYS E 62 39.18 32.89 32.81
CA LYS E 62 38.46 32.38 31.65
C LYS E 62 36.99 32.22 32.00
N VAL E 63 36.20 31.83 31.00
CA VAL E 63 34.78 31.57 31.21
C VAL E 63 34.59 30.20 31.84
N PRO E 64 33.59 30.00 32.70
CA PRO E 64 33.35 28.66 33.24
C PRO E 64 33.04 27.64 32.16
N GLU E 65 33.51 26.42 32.38
CA GLU E 65 33.26 25.29 31.49
C GLU E 65 32.59 24.17 32.25
N LEU E 66 31.47 23.68 31.72
CA LEU E 66 30.71 22.58 32.32
C LEU E 66 31.49 21.27 32.16
N LEU E 67 31.92 20.72 33.31
CA LEU E 67 32.58 19.43 33.29
C LEU E 67 31.63 18.35 32.80
N MET E 68 30.55 18.12 33.53
CA MET E 68 29.59 17.08 33.16
C MET E 68 28.20 17.51 33.60
N HIS E 69 27.20 16.85 33.01
CA HIS E 69 25.80 17.11 33.31
C HIS E 69 25.13 15.84 33.81
N ASP E 70 24.09 16.01 34.62
CA ASP E 70 23.34 14.92 35.25
C ASP E 70 24.18 14.17 36.27
N ALA E 71 25.37 14.67 36.61
CA ALA E 71 26.30 14.16 37.60
C ALA E 71 27.01 12.89 37.14
N SER E 72 26.63 12.29 36.02
CA SER E 72 27.33 11.11 35.50
C SER E 72 27.43 11.11 33.99
N ASN E 73 26.96 12.16 33.30
CA ASN E 73 26.98 12.23 31.85
C ASN E 73 27.93 13.35 31.43
N LEU E 74 29.06 12.97 30.84
CA LEU E 74 30.07 13.93 30.47
C LEU E 74 29.58 14.86 29.37
N GLU E 75 30.20 16.04 29.28
CA GLU E 75 29.99 16.96 28.17
C GLU E 75 31.08 16.69 27.15
N THR E 76 30.67 16.25 25.96
CA THR E 76 31.64 15.82 24.96
C THR E 76 32.63 16.94 24.66
N GLY E 77 33.81 16.55 24.20
CA GLY E 77 34.89 17.48 23.99
C GLY E 77 35.82 17.66 25.17
N VAL E 78 35.77 16.77 26.15
CA VAL E 78 36.58 16.88 27.36
C VAL E 78 37.22 15.52 27.64
N PRO E 79 38.37 15.46 28.30
CA PRO E 79 38.98 14.16 28.59
C PRO E 79 38.13 13.32 29.52
N SER E 80 38.33 12.00 29.46
CA SER E 80 37.60 11.06 30.29
C SER E 80 38.08 11.04 31.74
N ARG E 81 39.13 11.79 32.06
CA ARG E 81 39.69 11.74 33.42
C ARG E 81 38.65 12.14 34.46
N PHE E 82 37.86 13.17 34.17
CA PHE E 82 36.83 13.60 35.11
C PHE E 82 35.75 12.52 35.20
N SER E 83 35.26 12.27 36.42
CA SER E 83 34.14 11.36 36.59
C SER E 83 33.23 11.88 37.69
N GLY E 84 31.94 11.61 37.55
CA GLY E 84 30.95 12.02 38.53
C GLY E 84 30.10 10.86 38.99
N ARG E 85 29.82 10.82 40.29
CA ARG E 85 28.97 9.77 40.85
C ARG E 85 28.15 10.37 41.99
N GLY E 86 27.30 9.53 42.58
CA GLY E 86 26.50 9.91 43.71
C GLY E 86 25.03 9.84 43.41
N SER E 87 24.23 10.25 44.40
CA SER E 87 22.77 10.21 44.29
C SER E 87 22.20 10.97 45.48
N GLY E 88 20.88 10.94 45.59
CA GLY E 88 20.18 11.58 46.69
C GLY E 88 20.62 13.02 46.89
N THR E 89 21.23 13.30 48.03
CA THR E 89 21.70 14.64 48.36
C THR E 89 23.19 14.83 48.14
N ASP E 90 23.95 13.75 47.93
CA ASP E 90 25.40 13.81 47.88
C ASP E 90 25.91 13.36 46.52
N PHE E 91 26.80 14.16 45.93
CA PHE E 91 27.45 13.82 44.68
C PHE E 91 28.95 14.07 44.82
N THR E 92 29.72 13.37 44.00
CA THR E 92 31.18 13.38 44.10
C THR E 92 31.79 13.49 42.71
N LEU E 93 32.84 14.30 42.61
CA LEU E 93 33.64 14.45 41.40
C LEU E 93 35.03 13.91 41.68
N THR E 94 35.50 13.01 40.82
CA THR E 94 36.78 12.35 40.99
C THR E 94 37.67 12.58 39.77
N ILE E 95 38.91 12.99 40.03
CA ILE E 95 39.95 13.09 39.02
C ILE E 95 41.05 12.11 39.40
N SER E 96 41.40 11.23 38.46
CA SER E 96 42.38 10.18 38.74
C SER E 96 43.79 10.75 38.74
N SER E 97 44.22 11.32 37.62
CA SER E 97 45.56 11.89 37.47
C SER E 97 45.43 13.35 37.11
N LEU E 98 45.85 14.23 38.01
CA LEU E 98 45.76 15.66 37.76
C LEU E 98 46.71 16.07 36.65
N GLN E 99 46.34 17.16 35.97
CA GLN E 99 47.14 17.74 34.90
C GLN E 99 47.26 19.23 35.14
N PRO E 100 48.34 19.86 34.65
CA PRO E 100 48.52 21.30 34.94
C PRO E 100 47.37 22.16 34.47
N GLU E 101 46.72 21.79 33.36
CA GLU E 101 45.56 22.55 32.89
C GLU E 101 44.32 22.34 33.74
N ASP E 102 44.34 21.37 34.66
CA ASP E 102 43.20 21.07 35.50
C ASP E 102 43.06 22.04 36.67
N ILE E 103 44.04 22.94 36.86
CA ILE E 103 44.00 23.92 37.94
C ILE E 103 42.88 24.92 37.66
N GLY E 104 42.52 25.70 38.66
CA GLY E 104 41.44 26.66 38.52
C GLY E 104 40.45 26.55 39.65
N THR E 105 39.15 26.45 39.34
CA THR E 105 38.16 26.29 40.39
C THR E 105 36.98 25.50 39.87
N TYR E 106 36.50 24.56 40.69
CA TYR E 106 35.41 23.66 40.36
C TYR E 106 34.18 24.00 41.18
N TYR E 107 33.00 23.82 40.58
CA TYR E 107 31.72 24.11 41.22
C TYR E 107 30.70 23.04 40.85
N CYS E 108 29.58 23.04 41.56
CA CYS E 108 28.46 22.15 41.29
C CYS E 108 27.14 22.92 41.29
N GLN E 109 26.26 22.58 40.34
CA GLN E 109 24.99 23.26 40.15
C GLN E 109 23.86 22.24 40.17
N GLN E 110 22.67 22.68 40.57
CA GLN E 110 21.49 21.83 40.63
C GLN E 110 20.33 22.46 39.87
N TYR E 111 19.49 21.59 39.31
CA TYR E 111 18.33 21.99 38.51
C TYR E 111 17.13 21.13 38.89
N ASP E 112 16.88 20.98 40.19
CA ASP E 112 15.96 19.97 40.69
C ASP E 112 14.53 20.36 40.33
N ASN E 113 14.17 20.13 39.07
CA ASN E 113 12.78 20.13 38.61
C ASN E 113 12.17 21.53 38.56
N LEU E 114 12.87 22.53 39.11
CA LEU E 114 12.29 23.87 39.20
C LEU E 114 13.37 24.89 39.55
N PRO E 115 13.36 26.07 38.94
CA PRO E 115 14.19 27.17 39.45
C PRO E 115 13.62 27.70 40.76
N PRO E 116 14.35 28.56 41.48
CA PRO E 116 15.67 29.10 41.10
C PRO E 116 16.78 28.07 41.18
N LEU E 117 17.75 28.17 40.26
CA LEU E 117 18.89 27.26 40.25
C LEU E 117 19.88 27.66 41.33
N THR E 118 20.85 26.80 41.61
CA THR E 118 21.79 27.04 42.69
C THR E 118 23.18 26.61 42.27
N PHE E 119 24.16 27.43 42.63
CA PHE E 119 25.57 27.14 42.37
C PHE E 119 26.31 26.89 43.68
N GLY E 120 27.51 26.31 43.54
CA GLY E 120 28.33 25.98 44.68
C GLY E 120 29.23 27.13 45.12
N GLY E 121 29.82 26.96 46.31
CA GLY E 121 30.70 27.96 46.86
C GLY E 121 32.07 28.02 46.23
N GLY E 122 32.54 26.92 45.66
CA GLY E 122 33.81 26.92 44.94
C GLY E 122 34.85 26.04 45.59
N THR E 123 35.65 25.37 44.75
CA THR E 123 36.76 24.54 45.17
C THR E 123 37.97 24.91 44.32
N LYS E 124 38.90 25.66 44.90
CA LYS E 124 40.10 26.04 44.16
C LYS E 124 41.07 24.88 44.06
N VAL E 125 41.79 24.84 42.94
CA VAL E 125 42.76 23.78 42.67
C VAL E 125 44.05 24.39 42.14
N GLU E 126 45.12 24.29 42.92
CA GLU E 126 46.42 24.83 42.56
C GLU E 126 47.48 23.79 42.95
N ILE E 127 48.74 24.13 42.69
CA ILE E 127 49.85 23.20 42.86
C ILE E 127 50.91 23.83 43.75
N LYS E 128 51.70 22.98 44.39
CA LYS E 128 52.79 23.40 45.26
C LYS E 128 54.13 23.18 44.56
N ARG E 129 55.17 23.83 45.08
CA ARG E 129 56.46 23.93 44.41
C ARG E 129 57.62 23.68 45.37
N THR E 130 57.36 22.91 46.43
CA THR E 130 58.42 22.47 47.34
C THR E 130 59.28 23.64 47.81
N VAL E 131 58.65 24.56 48.55
CA VAL E 131 59.27 25.73 49.19
C VAL E 131 60.53 26.24 48.50
N ALA E 132 60.51 27.51 48.10
CA ALA E 132 61.64 28.14 47.44
C ALA E 132 62.06 29.37 48.24
N ALA E 133 63.34 29.72 48.14
CA ALA E 133 63.90 30.81 48.92
C ALA E 133 63.29 32.15 48.47
N PRO E 134 63.16 33.12 49.39
CA PRO E 134 62.54 34.40 49.04
C PRO E 134 63.51 35.43 48.48
N SER E 135 62.99 36.60 48.11
CA SER E 135 63.80 37.73 47.65
C SER E 135 63.31 38.98 48.35
N VAL E 136 64.21 39.92 48.61
CA VAL E 136 63.94 41.11 49.40
C VAL E 136 64.37 42.34 48.62
N PHE E 137 63.54 43.39 48.66
CA PHE E 137 63.88 44.68 48.08
C PHE E 137 63.18 45.77 48.89
N ILE E 138 63.61 47.02 48.69
CA ILE E 138 63.01 48.15 49.38
C ILE E 138 63.18 49.38 48.49
N PHE E 139 62.21 50.29 48.54
CA PHE E 139 62.26 51.49 47.71
C PHE E 139 61.41 52.58 48.36
N PRO E 140 61.74 53.84 48.12
CA PRO E 140 60.86 54.94 48.51
C PRO E 140 59.92 55.30 47.38
N PRO E 141 59.03 56.28 47.59
CA PRO E 141 58.13 56.69 46.51
C PRO E 141 58.76 57.68 45.55
N SER E 142 57.95 58.19 44.61
CA SER E 142 58.40 59.24 43.70
C SER E 142 58.39 60.57 44.45
N ASP E 143 58.58 61.67 43.71
CA ASP E 143 58.65 63.00 44.31
C ASP E 143 57.38 63.81 44.08
N GLU E 144 56.84 63.79 42.86
CA GLU E 144 55.62 64.53 42.60
C GLU E 144 54.49 64.10 43.53
N GLN E 145 54.47 62.81 43.90
CA GLN E 145 53.47 62.35 44.85
C GLN E 145 53.65 63.03 46.21
N LEU E 146 54.89 63.41 46.55
CA LEU E 146 55.10 64.20 47.75
C LEU E 146 54.42 65.56 47.65
N LYS E 147 54.56 66.23 46.50
CA LYS E 147 53.86 67.49 46.30
C LYS E 147 52.35 67.30 46.35
N SER E 148 51.88 66.14 45.89
CA SER E 148 50.45 65.84 45.95
C SER E 148 49.92 65.83 47.38
N GLY E 149 50.79 65.64 48.36
CA GLY E 149 50.40 65.66 49.77
C GLY E 149 50.44 64.32 50.48
N THR E 150 51.02 63.29 49.87
CA THR E 150 51.06 61.96 50.46
C THR E 150 52.36 61.28 50.10
N ALA E 151 52.87 60.45 51.01
CA ALA E 151 54.07 59.64 50.77
C ALA E 151 53.76 58.17 51.04
N SER E 152 54.55 57.31 50.40
CA SER E 152 54.35 55.86 50.52
C SER E 152 55.69 55.16 50.34
N VAL E 153 56.11 54.40 51.34
CA VAL E 153 57.35 53.64 51.27
C VAL E 153 57.02 52.17 51.05
N VAL E 154 57.78 51.50 50.17
CA VAL E 154 57.45 50.16 49.72
C VAL E 154 58.57 49.20 50.10
N CYS E 155 58.21 48.09 50.73
CA CYS E 155 59.09 46.93 50.84
C CYS E 155 58.54 45.83 49.94
N LEU E 156 59.44 45.15 49.24
CA LEU E 156 59.02 44.25 48.17
C LEU E 156 59.57 42.86 48.43
N LEU E 157 58.70 41.87 48.24
CA LEU E 157 59.06 40.46 48.35
C LEU E 157 58.70 39.76 47.05
N ASN E 158 59.68 39.04 46.49
CA ASN E 158 59.50 38.39 45.19
C ASN E 158 60.06 36.98 45.29
N ASN E 159 59.44 36.07 44.54
CA ASN E 159 59.90 34.69 44.44
C ASN E 159 60.01 34.06 45.83
N PHE E 160 58.88 33.96 46.52
CA PHE E 160 58.84 33.46 47.89
C PHE E 160 57.73 32.44 48.06
N TYR E 161 57.95 31.54 49.02
CA TYR E 161 57.00 30.50 49.41
C TYR E 161 57.52 29.86 50.69
N PRO E 162 56.66 29.52 51.67
CA PRO E 162 55.19 29.63 51.72
C PRO E 162 54.68 31.07 51.90
N ARG E 163 53.38 31.20 52.18
CA ARG E 163 52.77 32.50 52.38
C ARG E 163 53.17 33.15 53.68
N GLU E 164 53.83 32.43 54.58
CA GLU E 164 54.22 32.97 55.89
C GLU E 164 55.40 33.91 55.70
N ALA E 165 55.11 35.09 55.15
CA ALA E 165 56.12 36.13 54.92
C ALA E 165 55.58 37.43 55.49
N LYS E 166 56.13 37.85 56.63
CA LYS E 166 55.64 39.03 57.34
C LYS E 166 56.64 40.17 57.21
N VAL E 167 56.12 41.38 57.04
CA VAL E 167 56.92 42.59 56.92
C VAL E 167 56.52 43.55 58.03
N GLN E 168 57.51 44.03 58.77
CA GLN E 168 57.32 45.03 59.83
C GLN E 168 57.98 46.32 59.39
N TRP E 169 57.20 47.40 59.34
CA TRP E 169 57.76 48.71 59.03
C TRP E 169 58.30 49.36 60.30
N LYS E 170 59.44 50.02 60.17
CA LYS E 170 60.10 50.69 61.30
C LYS E 170 60.37 52.13 60.88
N VAL E 171 59.74 53.07 61.58
CA VAL E 171 59.97 54.50 61.39
C VAL E 171 60.20 55.09 62.77
N ASP E 172 61.47 55.31 63.13
CA ASP E 172 61.85 55.77 64.46
C ASP E 172 61.25 54.85 65.52
N ASN E 173 61.37 53.55 65.28
CA ASN E 173 60.88 52.52 66.20
C ASN E 173 59.39 52.71 66.50
N ALA E 174 58.60 52.96 65.45
CA ALA E 174 57.15 53.13 65.55
C ALA E 174 56.50 52.33 64.42
N LEU E 175 56.21 51.06 64.68
CA LEU E 175 55.54 50.25 63.68
C LEU E 175 54.18 50.84 63.35
N GLN E 176 53.82 50.78 62.07
CA GLN E 176 52.59 51.38 61.57
C GLN E 176 51.54 50.28 61.37
N SER E 177 50.41 50.43 62.05
CA SER E 177 49.30 49.48 61.96
C SER E 177 48.03 50.22 61.63
N GLY E 178 47.18 49.59 60.81
CA GLY E 178 45.95 50.21 60.39
C GLY E 178 46.08 51.23 59.30
N ASN E 179 47.29 51.41 58.75
CA ASN E 179 47.50 52.36 57.66
C ASN E 179 48.45 51.81 56.59
N SER E 180 48.75 50.51 56.61
CA SER E 180 49.62 49.87 55.65
C SER E 180 48.88 48.72 54.99
N GLN E 181 49.35 48.31 53.82
CA GLN E 181 48.69 47.24 53.08
C GLN E 181 49.73 46.38 52.40
N GLU E 182 49.31 45.18 52.00
CA GLU E 182 50.15 44.25 51.27
C GLU E 182 49.37 43.64 50.12
N SER E 183 50.10 43.22 49.09
CA SER E 183 49.50 42.65 47.89
C SER E 183 50.38 41.50 47.42
N VAL E 184 49.80 40.30 47.34
CA VAL E 184 50.52 39.10 46.99
C VAL E 184 49.98 38.57 45.66
N THR E 185 50.90 38.25 44.75
CA THR E 185 50.58 37.89 43.37
C THR E 185 50.16 36.42 43.28
N GLU E 186 49.97 35.96 42.05
CA GLU E 186 49.44 34.63 41.76
C GLU E 186 50.57 33.64 41.56
N GLN E 187 50.22 32.43 41.12
CA GLN E 187 51.20 31.39 40.82
C GLN E 187 51.89 31.73 39.49
N ASP E 188 53.21 31.90 39.55
CA ASP E 188 53.98 32.21 38.35
C ASP E 188 53.92 31.04 37.37
N SER E 189 54.16 31.32 36.09
CA SER E 189 54.06 30.30 35.05
C SER E 189 55.38 29.61 34.74
N LYS E 190 56.51 30.19 35.16
CA LYS E 190 57.83 29.59 34.94
C LYS E 190 58.49 29.19 36.25
N ASP E 191 58.65 30.12 37.18
CA ASP E 191 59.25 29.83 38.47
C ASP E 191 58.23 29.35 39.50
N SER E 192 56.94 29.49 39.22
CA SER E 192 55.83 29.06 40.07
C SER E 192 55.72 29.86 41.35
N THR E 193 56.61 30.82 41.60
CA THR E 193 56.68 31.51 42.87
C THR E 193 55.79 32.77 42.84
N TYR E 194 55.36 33.18 44.03
CA TYR E 194 54.52 34.36 44.18
C TYR E 194 55.39 35.61 44.28
N SER E 195 54.77 36.74 44.62
CA SER E 195 55.50 37.98 44.82
C SER E 195 54.61 38.93 45.62
N LEU E 196 55.15 39.41 46.74
CA LEU E 196 54.39 40.22 47.69
C LEU E 196 55.05 41.58 47.85
N SER E 197 54.26 42.64 47.78
CA SER E 197 54.72 44.00 48.00
C SER E 197 53.87 44.66 49.07
N SER E 198 54.51 45.25 50.08
CA SER E 198 53.85 45.95 51.16
C SER E 198 54.13 47.44 51.04
N THR E 199 53.07 48.24 51.08
CA THR E 199 53.15 49.69 50.98
C THR E 199 52.62 50.32 52.26
N LEU E 200 53.40 51.25 52.81
CA LEU E 200 53.03 52.02 53.98
C LEU E 200 52.83 53.47 53.53
N THR E 201 51.59 53.96 53.64
CA THR E 201 51.20 55.26 53.12
C THR E 201 50.86 56.19 54.27
N LEU E 202 51.52 57.35 54.32
CA LEU E 202 51.25 58.37 55.31
C LEU E 202 51.15 59.73 54.62
N SER E 203 50.80 60.75 55.38
CA SER E 203 50.80 62.11 54.88
C SER E 203 52.23 62.64 54.82
N LYS E 204 52.47 63.59 53.91
CA LYS E 204 53.81 64.15 53.76
C LYS E 204 54.24 64.86 55.03
N ALA E 205 53.31 65.57 55.68
CA ALA E 205 53.66 66.28 56.91
C ALA E 205 54.14 65.31 57.98
N ASP E 206 53.45 64.18 58.14
CA ASP E 206 53.90 63.14 59.07
C ASP E 206 55.09 62.38 58.51
N TYR E 207 55.20 62.27 57.19
CA TYR E 207 56.31 61.57 56.57
C TYR E 207 57.63 62.26 56.89
N GLU E 208 57.65 63.60 56.84
CA GLU E 208 58.88 64.36 57.02
C GLU E 208 59.38 64.33 58.47
N LYS E 209 58.51 64.03 59.44
CA LYS E 209 58.88 64.14 60.84
C LYS E 209 60.03 63.17 61.18
N HIS E 210 59.97 61.96 60.66
CA HIS E 210 60.93 60.92 61.00
C HIS E 210 62.01 60.83 59.93
N LYS E 211 63.07 60.08 60.24
CA LYS E 211 64.22 59.96 59.35
C LYS E 211 64.42 58.52 58.89
N VAL E 212 64.48 57.57 59.82
CA VAL E 212 64.76 56.18 59.48
C VAL E 212 63.51 55.54 58.90
N TYR E 213 63.69 54.73 57.87
CA TYR E 213 62.60 53.98 57.24
C TYR E 213 63.13 52.60 56.87
N ALA E 214 62.64 51.57 57.56
CA ALA E 214 63.15 50.22 57.37
C ALA E 214 62.00 49.23 57.28
N CYS E 215 62.28 48.09 56.64
CA CYS E 215 61.35 46.96 56.60
C CYS E 215 62.08 45.71 57.04
N GLU E 216 61.48 44.99 57.99
CA GLU E 216 62.01 43.76 58.54
C GLU E 216 61.17 42.60 58.04
N VAL E 217 61.82 41.64 57.39
CA VAL E 217 61.14 40.55 56.69
C VAL E 217 61.41 39.26 57.43
N THR E 218 60.33 38.57 57.82
CA THR E 218 60.40 37.25 58.43
C THR E 218 59.78 36.22 57.49
N HIS E 219 60.52 35.17 57.21
CA HIS E 219 60.06 34.11 56.32
C HIS E 219 60.76 32.82 56.66
N GLN E 220 60.16 31.69 56.25
CA GLN E 220 60.75 30.39 56.55
C GLN E 220 62.13 30.24 55.92
N GLY E 221 62.26 30.60 54.65
CA GLY E 221 63.55 30.47 53.99
C GLY E 221 64.62 31.32 54.65
N LEU E 222 64.26 32.51 55.11
CA LEU E 222 65.19 33.42 55.78
C LEU E 222 65.15 33.11 57.27
N SER E 223 66.02 32.18 57.70
CA SER E 223 66.10 31.85 59.12
C SER E 223 66.42 33.08 59.95
N SER E 224 67.20 34.00 59.40
CA SER E 224 67.49 35.27 60.05
C SER E 224 66.69 36.36 59.34
N PRO E 225 65.68 36.95 59.98
CA PRO E 225 64.87 37.97 59.29
C PRO E 225 65.75 39.08 58.72
N VAL E 226 65.44 39.49 57.50
CA VAL E 226 66.23 40.50 56.81
C VAL E 226 65.79 41.89 57.28
N THR E 227 66.73 42.83 57.26
CA THR E 227 66.53 44.18 57.78
C THR E 227 66.94 45.18 56.70
N LYS E 228 66.02 45.54 55.82
CA LYS E 228 66.29 46.59 54.83
C LYS E 228 66.08 47.96 55.48
N SER E 229 66.99 48.89 55.20
CA SER E 229 66.94 50.21 55.79
C SER E 229 67.25 51.26 54.75
N PHE E 230 66.68 52.45 54.93
CA PHE E 230 66.96 53.59 54.07
C PHE E 230 66.51 54.86 54.80
N ASN E 231 67.04 55.98 54.33
CA ASN E 231 66.81 57.28 54.97
C ASN E 231 65.81 58.09 54.15
N ARG E 232 65.59 59.33 54.57
CA ARG E 232 64.64 60.25 53.94
C ARG E 232 65.41 61.49 53.47
N GLY E 233 65.93 61.42 52.26
CA GLY E 233 66.69 62.52 51.68
C GLY E 233 68.01 62.07 51.10
N VAL F 2 12.82 -42.05 5.06
CA VAL F 2 11.63 -42.80 4.70
C VAL F 2 11.91 -44.28 4.95
N GLN F 3 12.53 -44.55 6.10
CA GLN F 3 12.85 -45.90 6.53
C GLN F 3 12.06 -46.23 7.78
N LEU F 4 11.59 -47.47 7.88
CA LEU F 4 10.93 -47.97 9.07
C LEU F 4 11.44 -49.37 9.39
N VAL F 5 11.88 -49.55 10.65
CA VAL F 5 12.45 -50.81 11.11
C VAL F 5 11.71 -51.24 12.38
N GLU F 6 11.81 -52.54 12.67
CA GLU F 6 11.11 -53.15 13.80
C GLU F 6 12.11 -53.83 14.72
N SER F 7 11.79 -53.83 16.02
CA SER F 7 12.63 -54.47 17.02
C SER F 7 11.73 -55.08 18.10
N GLY F 8 12.25 -56.13 18.75
CA GLY F 8 11.51 -56.85 19.77
C GLY F 8 10.78 -58.08 19.29
N GLY F 9 10.68 -58.29 17.98
CA GLY F 9 9.97 -59.44 17.44
C GLY F 9 10.55 -60.76 17.87
N GLY F 10 9.73 -61.63 18.43
CA GLY F 10 10.17 -62.92 18.89
C GLY F 10 9.02 -63.90 19.04
N VAL F 11 9.16 -64.80 20.01
CA VAL F 11 8.18 -65.85 20.27
C VAL F 11 7.85 -65.85 21.76
N VAL F 12 6.64 -66.30 22.09
CA VAL F 12 6.19 -66.40 23.47
C VAL F 12 4.98 -67.32 23.50
N GLN F 13 4.76 -67.94 24.66
CA GLN F 13 3.63 -68.84 24.82
C GLN F 13 2.33 -68.03 24.93
N PRO F 14 1.18 -68.68 24.71
CA PRO F 14 -0.09 -67.94 24.74
C PRO F 14 -0.34 -67.31 26.10
N GLY F 15 -1.06 -66.20 26.09
CA GLY F 15 -1.41 -65.51 27.32
C GLY F 15 -0.30 -64.74 27.97
N ARG F 16 0.71 -64.33 27.19
CA ARG F 16 1.86 -63.60 27.71
C ARG F 16 2.00 -62.30 26.93
N SER F 17 2.36 -61.23 27.63
CA SER F 17 2.46 -59.92 27.00
C SER F 17 3.69 -59.85 26.10
N LEU F 18 3.66 -58.91 25.16
CA LEU F 18 4.78 -58.71 24.25
C LEU F 18 4.80 -57.26 23.82
N ARG F 19 5.97 -56.82 23.35
CA ARG F 19 6.17 -55.46 22.85
C ARG F 19 6.83 -55.51 21.48
N LEU F 20 6.35 -54.66 20.57
CA LEU F 20 7.02 -54.40 19.30
C LEU F 20 7.32 -52.92 19.16
N SER F 21 8.57 -52.59 18.91
CA SER F 21 9.02 -51.21 18.72
C SER F 21 9.21 -50.94 17.24
N CYS F 22 8.71 -49.80 16.79
CA CYS F 22 8.89 -49.33 15.42
C CYS F 22 9.71 -48.06 15.46
N ALA F 23 10.78 -48.03 14.67
CA ALA F 23 11.65 -46.88 14.56
C ALA F 23 11.59 -46.34 13.13
N ALA F 24 11.32 -45.04 13.02
CA ALA F 24 11.19 -44.37 11.74
C ALA F 24 12.36 -43.41 11.55
N SER F 25 12.67 -43.12 10.28
CA SER F 25 13.82 -42.26 9.96
C SER F 25 13.56 -41.58 8.63
N GLY F 26 14.00 -40.32 8.54
CA GLY F 26 14.09 -39.61 7.27
C GLY F 26 12.83 -38.92 6.80
N PHE F 27 11.78 -38.86 7.62
CA PHE F 27 10.57 -38.14 7.20
C PHE F 27 9.82 -37.66 8.43
N SER F 28 8.73 -36.94 8.17
CA SER F 28 7.94 -36.30 9.23
C SER F 28 7.14 -37.34 9.99
N PHE F 29 7.82 -37.95 10.95
CA PHE F 29 7.17 -38.83 11.92
C PHE F 29 6.24 -38.07 12.84
N SER F 30 6.32 -36.74 12.85
CA SER F 30 5.55 -35.87 13.74
C SER F 30 4.18 -35.51 13.20
N HIS F 31 4.00 -35.47 11.88
CA HIS F 31 2.77 -34.98 11.27
C HIS F 31 1.84 -36.08 10.79
N TYR F 32 2.21 -37.35 10.96
CA TYR F 32 1.52 -38.45 10.29
C TYR F 32 0.87 -39.40 11.31
N ALA F 33 -0.25 -39.98 10.91
CA ALA F 33 -0.87 -41.08 11.62
C ALA F 33 -0.12 -42.37 11.34
N MET F 34 -0.03 -43.24 12.35
CA MET F 34 0.84 -44.40 12.29
C MET F 34 0.00 -45.67 12.31
N HIS F 35 0.36 -46.63 11.45
CA HIS F 35 -0.42 -47.85 11.28
C HIS F 35 0.38 -49.08 11.66
N TRP F 36 -0.35 -50.08 12.15
CA TRP F 36 0.13 -51.44 12.33
C TRP F 36 -0.81 -52.41 11.63
N VAL F 37 -0.23 -53.31 10.83
CA VAL F 37 -1.00 -54.32 10.11
C VAL F 37 -0.34 -55.67 10.31
N ARG F 38 -1.14 -56.73 10.18
CA ARG F 38 -0.66 -58.09 10.39
C ARG F 38 -1.11 -58.99 9.26
N GLN F 39 -0.27 -59.97 8.94
CA GLN F 39 -0.53 -60.94 7.89
C GLN F 39 0.09 -62.26 8.31
N ALA F 40 -0.74 -63.29 8.46
CA ALA F 40 -0.21 -64.60 8.79
C ALA F 40 0.57 -65.16 7.60
N PRO F 41 1.65 -65.90 7.84
CA PRO F 41 2.42 -66.44 6.72
C PRO F 41 1.55 -67.22 5.76
N GLY F 42 1.64 -66.88 4.48
CA GLY F 42 0.80 -67.52 3.47
C GLY F 42 -0.67 -67.21 3.61
N LYS F 43 -1.00 -65.98 4.04
CA LYS F 43 -2.39 -65.56 4.22
C LYS F 43 -2.51 -64.10 3.85
N GLY F 44 -3.76 -63.62 3.80
CA GLY F 44 -4.02 -62.23 3.49
C GLY F 44 -3.95 -61.33 4.70
N LEU F 45 -4.04 -60.03 4.44
CA LEU F 45 -3.99 -59.04 5.49
C LEU F 45 -5.31 -58.97 6.26
N GLU F 46 -5.23 -58.45 7.48
CA GLU F 46 -6.38 -57.95 8.20
C GLU F 46 -5.89 -56.97 9.25
N TRP F 47 -6.60 -55.85 9.36
CA TRP F 47 -6.08 -54.68 10.07
C TRP F 47 -5.77 -54.99 11.53
N VAL F 48 -4.71 -54.36 12.04
CA VAL F 48 -4.38 -54.45 13.46
C VAL F 48 -4.80 -53.18 14.18
N ALA F 49 -4.24 -52.04 13.82
CA ALA F 49 -4.53 -50.84 14.57
C ALA F 49 -4.00 -49.61 13.85
N VAL F 50 -4.52 -48.45 14.25
CA VAL F 50 -4.07 -47.16 13.74
C VAL F 50 -4.10 -46.17 14.90
N ILE F 51 -2.95 -45.55 15.16
CA ILE F 51 -2.83 -44.55 16.21
C ILE F 51 -2.69 -43.18 15.55
N SER F 52 -3.46 -42.23 16.08
CA SER F 52 -3.48 -40.89 15.54
C SER F 52 -2.09 -40.26 15.61
N TYR F 53 -1.88 -39.22 14.80
CA TYR F 53 -0.58 -38.57 14.74
C TYR F 53 -0.12 -38.08 16.10
N ASP F 54 -1.07 -37.72 16.96
CA ASP F 54 -0.75 -37.14 18.26
C ASP F 54 -0.73 -38.16 19.38
N GLY F 55 -1.29 -39.35 19.18
CA GLY F 55 -1.40 -40.33 20.23
C GLY F 55 -2.63 -40.19 21.10
N GLU F 56 -3.49 -39.19 20.85
CA GLU F 56 -4.69 -39.03 21.64
C GLU F 56 -5.75 -40.05 21.25
N ASN F 57 -6.13 -40.08 19.97
CA ASN F 57 -7.17 -40.97 19.47
C ASN F 57 -6.51 -42.21 18.87
N THR F 58 -7.06 -43.38 19.20
CA THR F 58 -6.56 -44.66 18.72
C THR F 58 -7.73 -45.50 18.26
N TYR F 59 -7.49 -46.36 17.26
CA TYR F 59 -8.51 -47.27 16.77
C TYR F 59 -7.91 -48.65 16.55
N TYR F 60 -8.70 -49.67 16.90
CA TYR F 60 -8.26 -51.05 16.91
C TYR F 60 -9.24 -51.89 16.10
N ALA F 61 -8.80 -53.08 15.70
CA ALA F 61 -9.71 -54.04 15.09
C ALA F 61 -10.61 -54.67 16.14
N ASP F 62 -11.84 -54.98 15.74
CA ASP F 62 -12.82 -55.51 16.69
C ASP F 62 -12.38 -56.85 17.26
N SER F 63 -11.83 -57.73 16.43
CA SER F 63 -11.42 -59.06 16.88
C SER F 63 -10.25 -59.01 17.86
N VAL F 64 -9.60 -57.86 18.01
CA VAL F 64 -8.47 -57.71 18.93
C VAL F 64 -8.69 -56.49 19.81
N LYS F 65 -9.92 -55.98 19.84
CA LYS F 65 -10.22 -54.80 20.64
C LYS F 65 -9.91 -55.04 22.10
N GLY F 66 -9.20 -54.10 22.71
CA GLY F 66 -8.79 -54.18 24.10
C GLY F 66 -7.50 -54.93 24.34
N ARG F 67 -7.24 -55.98 23.55
CA ARG F 67 -6.02 -56.75 23.71
C ARG F 67 -4.79 -55.89 23.44
N PHE F 68 -4.84 -55.07 22.39
CA PHE F 68 -3.71 -54.25 21.99
C PHE F 68 -3.69 -52.93 22.75
N SER F 69 -2.49 -52.36 22.86
CA SER F 69 -2.29 -51.06 23.49
C SER F 69 -1.21 -50.33 22.71
N ILE F 70 -1.61 -49.29 21.98
CA ILE F 70 -0.71 -48.60 21.06
C ILE F 70 -0.20 -47.32 21.72
N SER F 71 1.12 -47.10 21.61
CA SER F 71 1.72 -45.89 22.18
C SER F 71 2.71 -45.33 21.17
N ARG F 72 2.97 -44.02 21.30
CA ARG F 72 3.88 -43.32 20.42
C ARG F 72 4.60 -42.24 21.21
N ASP F 73 5.92 -42.16 21.02
CA ASP F 73 6.77 -41.21 21.74
C ASP F 73 7.48 -40.33 20.72
N ASN F 74 7.15 -39.04 20.75
CA ASN F 74 7.83 -38.07 19.90
C ASN F 74 9.30 -37.96 20.26
N SER F 75 9.61 -37.99 21.56
CA SER F 75 10.98 -37.78 22.01
C SER F 75 11.90 -38.88 21.49
N LYS F 76 11.43 -40.12 21.50
CA LYS F 76 12.23 -41.25 21.06
C LYS F 76 11.99 -41.58 19.58
N ASN F 77 11.27 -40.73 18.86
CA ASN F 77 11.00 -40.94 17.44
C ASN F 77 10.47 -42.35 17.21
N THR F 78 9.62 -42.80 18.14
CA THR F 78 9.35 -44.22 18.26
C THR F 78 7.85 -44.50 18.35
N VAL F 79 7.45 -45.67 17.86
CA VAL F 79 6.11 -46.19 18.05
C VAL F 79 6.26 -47.52 18.78
N SER F 80 5.19 -47.94 19.46
CA SER F 80 5.25 -49.17 20.24
C SER F 80 3.86 -49.80 20.26
N LEU F 81 3.83 -51.13 20.20
CA LEU F 81 2.61 -51.90 20.30
C LEU F 81 2.77 -52.91 21.44
N GLN F 82 1.88 -52.83 22.43
CA GLN F 82 1.82 -53.79 23.52
C GLN F 82 0.70 -54.78 23.23
N MET F 83 1.02 -56.06 23.35
CA MET F 83 0.10 -57.16 23.02
C MET F 83 -0.15 -57.93 24.32
N ASN F 84 -1.40 -57.91 24.78
CA ASN F 84 -1.79 -58.54 26.02
C ASN F 84 -2.82 -59.63 25.77
N SER F 85 -2.79 -60.67 26.60
CA SER F 85 -3.68 -61.81 26.46
C SER F 85 -3.59 -62.41 25.05
N LEU F 86 -2.38 -62.84 24.71
CA LEU F 86 -2.12 -63.35 23.37
C LEU F 86 -2.88 -64.65 23.13
N ARG F 87 -3.31 -64.84 21.89
CA ARG F 87 -4.02 -66.03 21.46
C ARG F 87 -3.22 -66.76 20.38
N PRO F 88 -3.43 -68.06 20.23
CA PRO F 88 -2.65 -68.80 19.21
C PRO F 88 -2.85 -68.29 17.79
N GLU F 89 -4.02 -67.74 17.47
CA GLU F 89 -4.31 -67.31 16.11
C GLU F 89 -3.68 -65.97 15.76
N ASP F 90 -2.98 -65.32 16.70
CA ASP F 90 -2.34 -64.04 16.39
C ASP F 90 -0.96 -64.21 15.75
N THR F 91 -0.53 -65.44 15.48
CA THR F 91 0.75 -65.66 14.82
C THR F 91 0.77 -65.01 13.45
N ALA F 92 1.75 -64.14 13.21
CA ALA F 92 1.80 -63.44 11.92
C ALA F 92 3.02 -62.53 11.79
N LEU F 93 3.28 -62.08 10.57
CA LEU F 93 4.27 -61.03 10.31
C LEU F 93 3.57 -59.69 10.36
N TYR F 94 4.19 -58.72 11.03
CA TYR F 94 3.60 -57.42 11.29
C TYR F 94 4.40 -56.35 10.56
N TYR F 95 3.67 -55.41 9.94
CA TYR F 95 4.26 -54.27 9.26
C TYR F 95 3.83 -52.98 9.96
N CYS F 96 4.82 -52.16 10.30
CA CYS F 96 4.60 -50.81 10.81
C CYS F 96 4.69 -49.81 9.66
N ALA F 97 3.65 -49.00 9.49
CA ALA F 97 3.46 -48.25 8.25
C ALA F 97 3.15 -46.79 8.52
N ARG F 98 3.51 -45.95 7.56
CA ARG F 98 3.16 -44.53 7.55
C ARG F 98 1.85 -44.34 6.80
N ASP F 99 1.03 -43.39 7.27
CA ASP F 99 -0.23 -43.12 6.60
C ASP F 99 0.01 -42.40 5.28
N ARG F 100 -1.02 -42.39 4.44
CA ARG F 100 -0.94 -41.77 3.13
C ARG F 100 -1.10 -40.25 3.18
N ILE F 101 -1.63 -39.71 4.28
CA ILE F 101 -1.90 -38.28 4.40
C ILE F 101 -1.40 -37.78 5.75
N VAL F 102 -1.18 -36.47 5.83
CA VAL F 102 -0.52 -35.84 6.97
C VAL F 102 -1.54 -35.49 8.04
N ASP F 103 -1.18 -35.78 9.29
CA ASP F 103 -1.93 -35.36 10.48
C ASP F 103 -3.44 -35.45 10.29
N ASP F 104 -3.94 -36.59 9.85
CA ASP F 104 -5.35 -36.73 9.51
C ASP F 104 -6.01 -37.66 10.53
N TYR F 105 -6.94 -37.12 11.32
CA TYR F 105 -7.71 -37.96 12.22
C TYR F 105 -8.47 -39.04 11.48
N TYR F 106 -9.20 -38.68 10.42
CA TYR F 106 -9.88 -39.64 9.57
C TYR F 106 -8.82 -40.32 8.72
N TYR F 107 -8.66 -41.63 8.88
CA TYR F 107 -7.49 -42.33 8.40
C TYR F 107 -7.65 -42.73 6.94
N TYR F 108 -6.51 -43.01 6.31
CA TYR F 108 -6.43 -43.50 4.94
C TYR F 108 -5.58 -44.77 4.95
N GLY F 109 -5.23 -45.22 3.76
CA GLY F 109 -4.36 -46.37 3.63
C GLY F 109 -2.98 -46.10 4.20
N MET F 110 -2.05 -46.97 3.81
CA MET F 110 -0.67 -46.92 4.29
C MET F 110 0.27 -46.87 3.09
N ASP F 111 1.30 -46.03 3.18
CA ASP F 111 2.13 -45.71 2.02
C ASP F 111 3.57 -46.21 2.18
N VAL F 112 4.21 -45.95 3.33
CA VAL F 112 5.59 -46.35 3.57
C VAL F 112 5.59 -47.49 4.58
N TRP F 113 6.15 -48.63 4.18
CA TRP F 113 6.21 -49.81 5.04
C TRP F 113 7.66 -50.19 5.28
N GLY F 114 7.88 -51.07 6.26
CA GLY F 114 9.19 -51.58 6.59
C GLY F 114 9.29 -53.09 6.38
N GLN F 115 10.49 -53.62 6.65
CA GLN F 115 10.77 -55.02 6.40
C GLN F 115 9.75 -55.94 7.06
N GLY F 116 9.30 -55.62 8.27
CA GLY F 116 8.32 -56.43 8.97
C GLY F 116 8.92 -57.40 9.96
N ALA F 117 8.28 -57.56 11.11
CA ALA F 117 8.75 -58.45 12.17
C ALA F 117 7.78 -59.61 12.35
N THR F 118 8.31 -60.82 12.35
CA THR F 118 7.49 -62.01 12.53
C THR F 118 7.34 -62.34 14.00
N VAL F 119 6.10 -62.58 14.42
CA VAL F 119 5.81 -62.99 15.79
C VAL F 119 5.03 -64.31 15.74
N THR F 120 5.50 -65.28 16.53
CA THR F 120 4.90 -66.60 16.61
C THR F 120 4.46 -66.87 18.03
N VAL F 121 3.28 -67.47 18.19
CA VAL F 121 2.74 -67.82 19.49
C VAL F 121 2.24 -69.26 19.43
N SER F 122 2.64 -70.06 20.42
CA SER F 122 2.26 -71.47 20.47
C SER F 122 2.74 -72.05 21.78
N SER F 123 2.11 -73.16 22.19
CA SER F 123 2.50 -73.81 23.43
C SER F 123 3.95 -74.32 23.36
N ALA F 124 4.34 -74.88 22.22
CA ALA F 124 5.70 -75.38 22.06
C ALA F 124 6.70 -74.25 22.22
N SER F 125 7.83 -74.55 22.86
CA SER F 125 8.86 -73.56 23.15
C SER F 125 9.92 -73.59 22.06
N THR F 126 10.88 -72.66 22.15
CA THR F 126 11.95 -72.57 21.17
C THR F 126 12.81 -73.82 21.20
N LYS F 127 13.30 -74.22 20.02
CA LYS F 127 14.07 -75.45 19.89
C LYS F 127 14.92 -75.37 18.64
N GLY F 128 16.18 -75.80 18.74
CA GLY F 128 17.07 -75.83 17.60
C GLY F 128 16.83 -77.06 16.73
N PRO F 129 17.02 -76.92 15.43
CA PRO F 129 16.76 -78.05 14.53
C PRO F 129 17.78 -79.16 14.69
N SER F 130 17.33 -80.38 14.37
CA SER F 130 18.17 -81.56 14.32
C SER F 130 18.32 -81.99 12.88
N VAL F 131 19.57 -82.19 12.45
CA VAL F 131 19.91 -82.47 11.06
C VAL F 131 20.12 -83.96 10.89
N PHE F 132 19.43 -84.56 9.92
CA PHE F 132 19.54 -85.98 9.61
C PHE F 132 19.86 -86.12 8.12
N PRO F 133 20.99 -86.70 7.74
CA PRO F 133 21.34 -86.79 6.32
C PRO F 133 20.34 -87.62 5.53
N LEU F 134 20.55 -87.63 4.21
CA LEU F 134 19.79 -88.44 3.26
C LEU F 134 20.76 -88.82 2.15
N ALA F 135 21.34 -90.01 2.27
CA ALA F 135 22.45 -90.49 1.46
C ALA F 135 21.96 -91.39 0.34
N PRO F 136 22.79 -91.60 -0.70
CA PRO F 136 22.39 -92.49 -1.79
C PRO F 136 22.38 -93.95 -1.36
N SER F 137 21.91 -94.79 -2.27
CA SER F 137 21.84 -96.23 -2.03
C SER F 137 23.07 -96.93 -2.58
N GLY F 144 22.73 -91.62 -14.40
CA GLY F 144 23.65 -90.57 -14.76
C GLY F 144 23.56 -89.37 -13.84
N THR F 145 22.34 -89.06 -13.40
CA THR F 145 22.07 -87.95 -12.50
C THR F 145 21.42 -88.48 -11.23
N ALA F 146 22.05 -88.19 -10.09
CA ALA F 146 21.51 -88.63 -8.80
C ALA F 146 21.35 -87.43 -7.87
N ALA F 147 21.05 -87.68 -6.60
CA ALA F 147 20.79 -86.62 -5.66
C ALA F 147 21.16 -87.05 -4.25
N LEU F 148 21.31 -86.06 -3.38
CA LEU F 148 21.50 -86.26 -1.95
C LEU F 148 20.62 -85.26 -1.21
N GLY F 149 20.64 -85.32 0.12
CA GLY F 149 19.90 -84.33 0.88
C GLY F 149 20.22 -84.37 2.36
N CYS F 150 19.57 -83.47 3.09
CA CYS F 150 19.57 -83.52 4.54
C CYS F 150 18.31 -82.84 5.04
N LEU F 151 17.74 -83.36 6.13
CA LEU F 151 16.44 -82.91 6.61
C LEU F 151 16.55 -82.39 8.04
N VAL F 152 15.86 -81.29 8.30
CA VAL F 152 15.84 -80.66 9.60
C VAL F 152 14.50 -80.97 10.27
N LYS F 153 14.56 -81.44 11.52
CA LYS F 153 13.38 -81.83 12.26
C LYS F 153 13.39 -81.19 13.63
N ASP F 154 12.20 -80.97 14.18
CA ASP F 154 12.04 -80.57 15.58
C ASP F 154 12.67 -79.19 15.83
N TYR F 155 12.18 -78.19 15.11
CA TYR F 155 12.58 -76.81 15.34
C TYR F 155 11.35 -75.91 15.32
N PHE F 156 11.49 -74.74 15.93
CA PHE F 156 10.43 -73.75 15.99
C PHE F 156 11.02 -72.41 16.43
N PRO F 157 10.65 -71.28 15.80
CA PRO F 157 9.72 -71.11 14.68
C PRO F 157 10.38 -71.06 13.30
N GLU F 158 9.54 -70.98 12.28
CA GLU F 158 10.00 -70.85 10.91
C GLU F 158 10.65 -69.47 10.73
N PRO F 159 11.63 -69.34 9.79
CA PRO F 159 12.24 -70.33 8.91
C PRO F 159 13.67 -70.70 9.27
N VAL F 160 14.23 -71.65 8.51
CA VAL F 160 15.63 -72.04 8.62
C VAL F 160 16.22 -71.97 7.22
N THR F 161 17.40 -71.37 7.10
CA THR F 161 18.04 -71.19 5.79
C THR F 161 19.06 -72.31 5.56
N VAL F 162 18.98 -72.94 4.40
CA VAL F 162 19.77 -74.13 4.08
C VAL F 162 20.72 -73.79 2.95
N SER F 163 21.98 -74.20 3.08
CA SER F 163 22.98 -74.09 2.03
C SER F 163 23.76 -75.39 1.98
N TRP F 164 24.49 -75.60 0.88
CA TRP F 164 25.32 -76.78 0.71
C TRP F 164 26.74 -76.37 0.35
N ASN F 165 27.71 -77.05 0.97
CA ASN F 165 29.12 -76.67 0.86
C ASN F 165 29.30 -75.19 1.17
N SER F 166 28.65 -74.73 2.25
CA SER F 166 28.63 -73.32 2.63
C SER F 166 28.06 -72.44 1.52
N GLY F 167 27.09 -72.98 0.78
CA GLY F 167 26.46 -72.23 -0.30
C GLY F 167 27.23 -72.18 -1.60
N ALA F 168 28.30 -72.97 -1.74
CA ALA F 168 29.07 -72.94 -2.98
C ALA F 168 28.23 -73.42 -4.16
N LEU F 169 27.43 -74.46 -3.94
CA LEU F 169 26.60 -75.05 -4.99
C LEU F 169 25.23 -74.35 -4.97
N THR F 170 25.06 -73.36 -5.84
CA THR F 170 23.81 -72.62 -5.94
C THR F 170 22.85 -73.22 -6.97
N SER F 171 23.22 -74.33 -7.60
CA SER F 171 22.37 -74.99 -8.58
C SER F 171 21.92 -76.34 -8.04
N GLY F 172 20.67 -76.69 -8.31
CA GLY F 172 20.12 -77.95 -7.85
C GLY F 172 19.63 -77.96 -6.42
N VAL F 173 19.72 -76.83 -5.71
CA VAL F 173 19.26 -76.77 -4.34
C VAL F 173 17.75 -76.58 -4.32
N HIS F 174 17.05 -77.45 -3.58
CA HIS F 174 15.60 -77.38 -3.42
C HIS F 174 15.30 -77.49 -1.93
N THR F 175 14.80 -76.39 -1.35
CA THR F 175 14.45 -76.34 0.07
C THR F 175 12.94 -76.41 0.18
N PHE F 176 12.43 -77.59 0.50
CA PHE F 176 10.99 -77.82 0.53
C PHE F 176 10.39 -77.23 1.81
N PRO F 177 9.16 -76.70 1.75
CA PRO F 177 8.56 -76.13 2.96
C PRO F 177 8.31 -77.19 4.01
N ALA F 178 8.37 -76.78 5.27
CA ALA F 178 8.20 -77.69 6.39
C ALA F 178 6.74 -78.07 6.57
N VAL F 179 6.52 -79.22 7.20
CA VAL F 179 5.17 -79.71 7.51
C VAL F 179 5.09 -79.92 9.00
N LEU F 180 4.10 -79.29 9.63
CA LEU F 180 3.93 -79.36 11.08
C LEU F 180 3.30 -80.69 11.43
N GLN F 181 4.12 -81.63 11.91
CA GLN F 181 3.63 -82.93 12.33
C GLN F 181 2.74 -82.78 13.56
N SER F 182 1.89 -83.78 13.78
CA SER F 182 0.94 -83.77 14.88
C SER F 182 1.59 -83.40 16.21
N SER F 183 2.89 -83.66 16.34
CA SER F 183 3.62 -83.28 17.55
C SER F 183 3.79 -81.78 17.68
N GLY F 184 3.49 -81.01 16.63
CA GLY F 184 3.60 -79.57 16.71
C GLY F 184 5.00 -79.05 16.48
N LEU F 185 5.80 -79.72 15.65
CA LEU F 185 7.17 -79.32 15.36
C LEU F 185 7.36 -79.18 13.85
N TYR F 186 8.28 -78.31 13.45
CA TYR F 186 8.57 -78.11 12.05
C TYR F 186 9.56 -79.16 11.55
N SER F 187 9.38 -79.57 10.30
CA SER F 187 10.22 -80.60 9.70
C SER F 187 10.21 -80.45 8.19
N LEU F 188 11.39 -80.34 7.59
CA LEU F 188 11.51 -80.29 6.14
C LEU F 188 12.77 -81.04 5.72
N SER F 189 12.95 -81.19 4.40
CA SER F 189 14.08 -81.92 3.84
C SER F 189 14.60 -81.17 2.63
N SER F 190 15.85 -80.73 2.69
CA SER F 190 16.51 -80.06 1.58
C SER F 190 17.22 -81.07 0.70
N VAL F 191 17.16 -80.85 -0.61
CA VAL F 191 17.61 -81.81 -1.61
C VAL F 191 18.55 -81.11 -2.58
N VAL F 192 19.57 -81.84 -3.04
CA VAL F 192 20.52 -81.35 -4.04
C VAL F 192 20.65 -82.41 -5.12
N THR F 193 20.39 -82.03 -6.37
CA THR F 193 20.49 -82.92 -7.51
C THR F 193 21.74 -82.57 -8.31
N VAL F 194 22.57 -83.58 -8.56
CA VAL F 194 23.83 -83.38 -9.29
C VAL F 194 24.04 -84.62 -10.15
N PRO F 195 25.06 -84.67 -11.02
CA PRO F 195 25.35 -85.92 -11.72
C PRO F 195 25.66 -87.05 -10.75
N SER F 196 25.18 -88.25 -11.09
CA SER F 196 25.39 -89.41 -10.22
C SER F 196 26.84 -89.82 -10.18
N SER F 197 27.60 -89.54 -11.24
CA SER F 197 29.01 -89.89 -11.27
C SER F 197 29.79 -89.19 -10.17
N SER F 198 29.24 -88.12 -9.59
CA SER F 198 29.92 -87.35 -8.55
C SER F 198 29.81 -87.97 -7.17
N LEU F 199 29.14 -89.11 -7.03
CA LEU F 199 29.06 -89.76 -5.73
C LEU F 199 30.46 -90.12 -5.25
N GLY F 200 30.75 -89.79 -3.99
CA GLY F 200 32.06 -90.05 -3.44
C GLY F 200 33.18 -89.32 -4.15
N THR F 201 32.84 -88.25 -4.88
CA THR F 201 33.83 -87.46 -5.60
C THR F 201 33.94 -86.04 -5.03
N GLN F 202 32.81 -85.37 -4.85
CA GLN F 202 32.79 -84.02 -4.28
C GLN F 202 32.22 -84.10 -2.86
N THR F 203 33.01 -83.68 -1.88
CA THR F 203 32.57 -83.72 -0.49
C THR F 203 31.44 -82.73 -0.27
N TYR F 204 30.41 -83.17 0.44
CA TYR F 204 29.18 -82.40 0.61
C TYR F 204 28.96 -82.10 2.09
N ILE F 205 28.80 -80.83 2.42
CA ILE F 205 28.39 -80.40 3.75
C ILE F 205 27.20 -79.45 3.57
N CYS F 206 26.12 -79.73 4.28
CA CYS F 206 24.94 -78.88 4.25
C CYS F 206 24.81 -78.19 5.60
N ASN F 207 24.53 -76.89 5.56
CA ASN F 207 24.47 -76.02 6.73
C ASN F 207 23.06 -75.47 6.83
N VAL F 208 22.49 -75.51 8.04
CA VAL F 208 21.15 -75.00 8.29
C VAL F 208 21.25 -73.98 9.41
N ASN F 209 20.79 -72.75 9.14
CA ASN F 209 20.86 -71.65 10.08
C ASN F 209 19.48 -71.34 10.63
N HIS F 210 19.38 -71.26 11.96
CA HIS F 210 18.17 -70.86 12.66
C HIS F 210 18.56 -69.74 13.61
N LYS F 211 18.12 -68.51 13.29
CA LYS F 211 18.56 -67.36 14.07
C LYS F 211 17.82 -67.24 15.41
N PRO F 212 16.54 -67.58 15.53
CA PRO F 212 15.89 -67.43 16.85
C PRO F 212 16.59 -68.23 17.94
N SER F 213 17.11 -69.41 17.60
CA SER F 213 17.95 -70.16 18.54
C SER F 213 19.43 -69.84 18.38
N ASN F 214 19.80 -69.04 17.37
CA ASN F 214 21.19 -68.66 17.14
C ASN F 214 22.07 -69.89 16.97
N THR F 215 21.70 -70.74 16.01
CA THR F 215 22.40 -72.00 15.78
C THR F 215 22.64 -72.20 14.29
N LYS F 216 23.75 -72.86 13.97
CA LYS F 216 24.09 -73.26 12.61
C LYS F 216 24.49 -74.73 12.67
N VAL F 217 23.56 -75.61 12.35
CA VAL F 217 23.82 -77.05 12.37
C VAL F 217 24.45 -77.45 11.03
N ASP F 218 25.60 -78.10 11.10
CA ASP F 218 26.37 -78.48 9.92
C ASP F 218 26.43 -80.00 9.87
N LYS F 219 26.24 -80.57 8.68
CA LYS F 219 26.26 -82.02 8.58
C LYS F 219 26.69 -82.45 7.19
N LYS F 220 27.51 -83.49 7.12
CA LYS F 220 27.96 -84.06 5.86
C LYS F 220 27.16 -85.32 5.56
N VAL F 221 26.95 -85.58 4.27
CA VAL F 221 26.17 -86.71 3.80
C VAL F 221 27.10 -87.65 3.05
N GLU F 222 27.08 -88.92 3.42
CA GLU F 222 27.86 -89.96 2.77
C GLU F 222 26.98 -91.19 2.58
N PRO F 223 27.26 -92.01 1.55
CA PRO F 223 26.47 -93.22 1.30
C PRO F 223 26.29 -94.10 2.54
N ASP G 21 -19.26 -54.41 11.39
CA ASP G 21 -17.95 -54.12 10.73
C ASP G 21 -18.08 -54.27 9.22
N ILE G 22 -17.33 -53.44 8.47
CA ILE G 22 -17.36 -53.52 7.02
C ILE G 22 -16.65 -54.78 6.55
N GLN G 23 -17.32 -55.55 5.71
CA GLN G 23 -16.77 -56.77 5.16
C GLN G 23 -16.67 -56.63 3.63
N MET G 24 -15.48 -56.88 3.10
CA MET G 24 -15.19 -56.70 1.68
C MET G 24 -14.75 -58.04 1.10
N THR G 25 -15.43 -58.48 0.05
CA THR G 25 -15.09 -59.71 -0.62
C THR G 25 -14.38 -59.44 -1.94
N GLN G 26 -13.29 -60.15 -2.17
CA GLN G 26 -12.45 -59.95 -3.35
C GLN G 26 -12.52 -61.20 -4.22
N SER G 27 -12.58 -60.98 -5.53
CA SER G 27 -12.74 -62.08 -6.48
C SER G 27 -11.87 -61.87 -7.71
N PRO G 28 -11.35 -62.94 -8.33
CA PRO G 28 -11.41 -64.32 -7.85
C PRO G 28 -10.39 -64.58 -6.74
N SER G 29 -10.63 -65.59 -5.91
CA SER G 29 -9.72 -65.85 -4.79
C SER G 29 -8.27 -66.03 -5.26
N SER G 30 -8.07 -66.71 -6.39
CA SER G 30 -6.74 -66.86 -6.97
C SER G 30 -6.87 -66.82 -8.48
N LEU G 31 -5.82 -66.33 -9.14
CA LEU G 31 -5.86 -66.13 -10.58
C LEU G 31 -4.49 -66.42 -11.17
N SER G 32 -4.48 -66.86 -12.42
CA SER G 32 -3.25 -67.09 -13.16
C SER G 32 -3.45 -66.61 -14.60
N ALA G 33 -2.35 -66.21 -15.23
CA ALA G 33 -2.37 -65.69 -16.59
C ALA G 33 -0.99 -65.91 -17.20
N SER G 34 -0.74 -65.25 -18.33
CA SER G 34 0.54 -65.31 -19.00
C SER G 34 1.04 -63.90 -19.27
N VAL G 35 2.34 -63.80 -19.57
CA VAL G 35 2.95 -62.49 -19.78
C VAL G 35 2.29 -61.80 -20.96
N GLY G 36 1.93 -60.53 -20.78
CA GLY G 36 1.28 -59.74 -21.81
C GLY G 36 -0.23 -59.81 -21.82
N ASP G 37 -0.84 -60.63 -20.98
CA ASP G 37 -2.29 -60.77 -20.98
C ASP G 37 -2.94 -59.64 -20.18
N ARG G 38 -4.26 -59.68 -20.13
CA ARG G 38 -5.07 -58.72 -19.39
C ARG G 38 -5.78 -59.44 -18.25
N VAL G 39 -5.90 -58.78 -17.10
CA VAL G 39 -6.61 -59.35 -15.96
C VAL G 39 -7.48 -58.29 -15.31
N THR G 40 -8.59 -58.74 -14.74
CA THR G 40 -9.52 -57.89 -14.01
C THR G 40 -9.86 -58.54 -12.68
N ILE G 41 -9.82 -57.73 -11.61
CA ILE G 41 -10.06 -58.21 -10.25
C ILE G 41 -11.12 -57.32 -9.63
N THR G 42 -12.09 -57.95 -8.96
CA THR G 42 -13.24 -57.23 -8.40
C THR G 42 -13.16 -57.22 -6.88
N CYS G 43 -13.60 -56.11 -6.29
CA CYS G 43 -13.67 -55.95 -4.84
C CYS G 43 -15.03 -55.34 -4.50
N GLN G 44 -15.83 -56.10 -3.75
CA GLN G 44 -17.19 -55.71 -3.40
C GLN G 44 -17.27 -55.39 -1.91
N ALA G 45 -17.92 -54.28 -1.60
CA ALA G 45 -18.09 -53.83 -0.23
C ALA G 45 -19.47 -54.21 0.30
N SER G 46 -19.55 -54.43 1.61
CA SER G 46 -20.82 -54.79 2.23
C SER G 46 -21.83 -53.67 2.09
N GLN G 47 -21.41 -52.42 2.28
CA GLN G 47 -22.31 -51.27 2.25
C GLN G 47 -21.70 -50.21 1.33
N ASP G 48 -22.49 -49.17 1.07
CA ASP G 48 -22.12 -48.19 0.06
C ASP G 48 -20.96 -47.32 0.53
N ILE G 49 -19.96 -47.17 -0.34
CA ILE G 49 -18.86 -46.24 -0.12
C ILE G 49 -18.67 -45.44 -1.40
N LYS G 50 -18.60 -44.11 -1.27
CA LYS G 50 -18.61 -43.25 -2.44
C LYS G 50 -17.45 -43.54 -3.38
N LYS G 51 -16.22 -43.22 -2.94
CA LYS G 51 -15.04 -43.52 -3.73
C LYS G 51 -13.87 -44.01 -2.87
N TYR G 52 -14.12 -44.41 -1.63
CA TYR G 52 -13.07 -44.63 -0.64
C TYR G 52 -12.58 -46.08 -0.73
N LEU G 53 -11.57 -46.28 -1.58
CA LEU G 53 -10.95 -47.59 -1.74
C LEU G 53 -9.55 -47.44 -2.31
N ASN G 54 -8.67 -48.35 -1.92
CA ASN G 54 -7.31 -48.42 -2.44
C ASN G 54 -7.03 -49.84 -2.90
N TRP G 55 -6.16 -49.95 -3.90
CA TRP G 55 -5.67 -51.22 -4.43
C TRP G 55 -4.22 -51.38 -4.03
N TYR G 56 -3.88 -52.56 -3.50
CA TYR G 56 -2.57 -52.84 -2.95
C TYR G 56 -1.90 -53.99 -3.67
N HIS G 57 -0.62 -53.81 -3.98
CA HIS G 57 0.25 -54.86 -4.48
C HIS G 57 0.96 -55.51 -3.31
N GLN G 58 1.36 -56.76 -3.52
CA GLN G 58 2.27 -57.41 -2.58
C GLN G 58 3.10 -58.41 -3.37
N LYS G 59 4.36 -58.06 -3.61
CA LYS G 59 5.28 -58.94 -4.32
C LYS G 59 5.65 -60.12 -3.42
N PRO G 60 5.97 -61.28 -4.01
CA PRO G 60 6.32 -62.44 -3.17
C PRO G 60 7.54 -62.15 -2.31
N GLY G 61 7.43 -62.50 -1.03
CA GLY G 61 8.52 -62.32 -0.10
C GLY G 61 8.96 -60.87 0.06
N LYS G 62 8.02 -59.93 0.02
CA LYS G 62 8.33 -58.52 0.15
C LYS G 62 7.21 -57.81 0.90
N VAL G 63 7.44 -56.54 1.18
CA VAL G 63 6.41 -55.72 1.84
C VAL G 63 5.32 -55.37 0.84
N PRO G 64 4.05 -55.31 1.25
CA PRO G 64 3.01 -54.85 0.32
C PRO G 64 3.29 -53.45 -0.21
N GLU G 65 2.99 -53.27 -1.50
CA GLU G 65 3.13 -52.00 -2.18
C GLU G 65 1.75 -51.53 -2.63
N LEU G 66 1.43 -50.27 -2.32
CA LEU G 66 0.12 -49.70 -2.59
C LEU G 66 0.02 -49.34 -4.06
N LEU G 67 -0.75 -50.13 -4.82
CA LEU G 67 -0.95 -49.82 -6.23
C LEU G 67 -1.48 -48.40 -6.40
N MET G 68 -2.67 -48.15 -5.90
CA MET G 68 -3.32 -46.85 -6.10
C MET G 68 -4.28 -46.59 -4.95
N HIS G 69 -4.68 -45.33 -4.82
CA HIS G 69 -5.56 -44.89 -3.76
C HIS G 69 -6.78 -44.20 -4.35
N ASP G 70 -7.86 -44.18 -3.57
CA ASP G 70 -9.15 -43.63 -3.95
C ASP G 70 -9.80 -44.40 -5.11
N ALA G 71 -9.24 -45.55 -5.48
CA ALA G 71 -9.71 -46.47 -6.49
C ALA G 71 -9.47 -45.96 -7.91
N SER G 72 -9.05 -44.70 -8.08
CA SER G 72 -8.78 -44.19 -9.42
C SER G 72 -7.58 -43.27 -9.49
N ASN G 73 -6.86 -43.06 -8.38
CA ASN G 73 -5.70 -42.18 -8.34
C ASN G 73 -4.47 -43.02 -8.06
N LEU G 74 -3.60 -43.14 -9.06
CA LEU G 74 -2.42 -43.97 -8.94
C LEU G 74 -1.43 -43.39 -7.93
N GLU G 75 -0.62 -44.27 -7.35
CA GLU G 75 0.50 -43.88 -6.50
C GLU G 75 1.72 -43.69 -7.39
N THR G 76 2.20 -42.45 -7.49
CA THR G 76 3.29 -42.14 -8.40
C THR G 76 4.50 -43.02 -8.10
N GLY G 77 5.35 -43.18 -9.11
CA GLY G 77 6.46 -44.12 -9.03
C GLY G 77 6.15 -45.51 -9.48
N VAL G 78 5.04 -45.71 -10.19
CA VAL G 78 4.59 -47.04 -10.63
C VAL G 78 4.16 -46.94 -12.08
N PRO G 79 4.24 -48.02 -12.87
CA PRO G 79 3.80 -47.93 -14.27
C PRO G 79 2.30 -47.65 -14.38
N SER G 80 1.92 -47.06 -15.51
CA SER G 80 0.53 -46.72 -15.78
C SER G 80 -0.32 -47.91 -16.15
N ARG G 81 0.26 -49.11 -16.25
CA ARG G 81 -0.51 -50.27 -16.68
C ARG G 81 -1.69 -50.54 -15.76
N PHE G 82 -1.51 -50.36 -14.46
CA PHE G 82 -2.61 -50.55 -13.52
C PHE G 82 -3.68 -49.48 -13.73
N SER G 83 -4.94 -49.88 -13.60
CA SER G 83 -6.03 -48.91 -13.64
C SER G 83 -7.13 -49.35 -12.68
N GLY G 84 -7.80 -48.38 -12.07
CA GLY G 84 -8.88 -48.65 -11.13
C GLY G 84 -10.13 -47.89 -11.50
N ARG G 85 -11.27 -48.57 -11.39
CA ARG G 85 -12.56 -47.94 -11.67
C ARG G 85 -13.60 -48.51 -10.71
N GLY G 86 -14.81 -47.99 -10.82
CA GLY G 86 -15.94 -48.46 -10.03
C GLY G 86 -16.49 -47.37 -9.15
N SER G 87 -17.48 -47.75 -8.34
CA SER G 87 -18.15 -46.81 -7.44
C SER G 87 -19.04 -47.62 -6.51
N GLY G 88 -19.80 -46.91 -5.69
CA GLY G 88 -20.73 -47.54 -4.76
C GLY G 88 -20.07 -48.62 -3.94
N THR G 89 -20.51 -49.87 -4.13
CA THR G 89 -19.95 -51.00 -3.41
C THR G 89 -18.95 -51.80 -4.21
N ASP G 90 -18.88 -51.61 -5.52
CA ASP G 90 -18.08 -52.44 -6.40
C ASP G 90 -16.97 -51.63 -7.05
N PHE G 91 -15.74 -52.16 -6.96
CA PHE G 91 -14.59 -51.55 -7.61
C PHE G 91 -13.81 -52.62 -8.35
N THR G 92 -13.09 -52.19 -9.39
CA THR G 92 -12.40 -53.10 -10.29
C THR G 92 -11.00 -52.59 -10.57
N LEU G 93 -10.06 -53.53 -10.63
CA LEU G 93 -8.67 -53.26 -11.00
C LEU G 93 -8.37 -54.00 -12.29
N THR G 94 -7.86 -53.27 -13.28
CA THR G 94 -7.57 -53.82 -14.59
C THR G 94 -6.09 -53.64 -14.92
N ILE G 95 -5.47 -54.72 -15.38
CA ILE G 95 -4.11 -54.71 -15.91
C ILE G 95 -4.19 -55.10 -17.39
N SER G 96 -3.64 -54.24 -18.25
CA SER G 96 -3.72 -54.49 -19.69
C SER G 96 -2.72 -55.54 -20.14
N SER G 97 -1.43 -55.31 -19.88
CA SER G 97 -0.37 -56.22 -20.29
C SER G 97 0.40 -56.67 -19.06
N LEU G 98 0.28 -57.95 -18.72
CA LEU G 98 0.98 -58.48 -17.57
C LEU G 98 2.49 -58.54 -17.82
N GLN G 99 3.24 -58.46 -16.73
CA GLN G 99 4.69 -58.57 -16.76
C GLN G 99 5.12 -59.58 -15.70
N PRO G 100 6.27 -60.23 -15.88
CA PRO G 100 6.68 -61.25 -14.90
C PRO G 100 6.81 -60.70 -13.49
N GLU G 101 7.20 -59.43 -13.35
CA GLU G 101 7.28 -58.82 -12.03
C GLU G 101 5.92 -58.54 -11.42
N ASP G 102 4.84 -58.60 -12.21
CA ASP G 102 3.50 -58.30 -11.74
C ASP G 102 2.90 -59.44 -10.93
N ILE G 103 3.58 -60.59 -10.85
CA ILE G 103 3.08 -61.72 -10.08
C ILE G 103 3.11 -61.38 -8.60
N GLY G 104 2.43 -62.18 -7.79
CA GLY G 104 2.35 -61.90 -6.36
C GLY G 104 0.93 -61.99 -5.86
N THR G 105 0.47 -60.99 -5.10
CA THR G 105 -0.92 -61.00 -4.65
C THR G 105 -1.45 -59.58 -4.58
N TYR G 106 -2.68 -59.40 -5.05
CA TYR G 106 -3.35 -58.11 -5.10
C TYR G 106 -4.51 -58.08 -4.10
N TYR G 107 -4.67 -56.92 -3.46
CA TYR G 107 -5.58 -56.74 -2.34
C TYR G 107 -6.35 -55.43 -2.53
N CYS G 108 -7.46 -55.29 -1.80
CA CYS G 108 -8.22 -54.06 -1.76
C CYS G 108 -8.50 -53.66 -0.33
N GLN G 109 -8.51 -52.34 -0.07
CA GLN G 109 -8.74 -51.80 1.27
C GLN G 109 -9.71 -50.63 1.18
N GLN G 110 -10.40 -50.35 2.29
CA GLN G 110 -11.40 -49.29 2.37
C GLN G 110 -11.15 -48.41 3.59
N TYR G 111 -11.53 -47.14 3.46
CA TYR G 111 -11.40 -46.16 4.54
C TYR G 111 -12.66 -45.30 4.61
N ASP G 112 -13.82 -45.93 4.56
CA ASP G 112 -15.09 -45.22 4.34
C ASP G 112 -15.46 -44.39 5.57
N ASN G 113 -14.90 -43.18 5.65
CA ASN G 113 -15.41 -42.14 6.54
C ASN G 113 -15.11 -42.41 8.01
N LEU G 114 -14.58 -43.58 8.34
CA LEU G 114 -14.33 -43.93 9.73
C LEU G 114 -13.64 -45.28 9.84
N PRO G 115 -12.88 -45.52 10.92
CA PRO G 115 -12.44 -46.88 11.22
C PRO G 115 -13.59 -47.73 11.70
N PRO G 116 -13.42 -49.05 11.82
CA PRO G 116 -12.16 -49.77 11.57
C PRO G 116 -11.85 -49.97 10.08
N LEU G 117 -10.57 -49.89 9.73
CA LEU G 117 -10.12 -50.19 8.38
C LEU G 117 -10.06 -51.70 8.19
N THR G 118 -10.10 -52.17 6.94
CA THR G 118 -10.15 -53.61 6.69
C THR G 118 -9.51 -53.91 5.34
N PHE G 119 -8.90 -55.09 5.25
CA PHE G 119 -8.27 -55.57 4.03
C PHE G 119 -9.12 -56.69 3.40
N GLY G 120 -8.81 -56.99 2.14
CA GLY G 120 -9.55 -57.98 1.38
C GLY G 120 -8.95 -59.38 1.52
N GLY G 121 -9.70 -60.35 1.00
CA GLY G 121 -9.29 -61.75 1.05
C GLY G 121 -8.05 -62.06 0.24
N GLY G 122 -7.94 -61.53 -0.96
CA GLY G 122 -6.71 -61.66 -1.72
C GLY G 122 -6.89 -62.31 -3.08
N THR G 123 -6.04 -61.90 -4.02
CA THR G 123 -6.02 -62.45 -5.38
C THR G 123 -4.59 -62.77 -5.75
N LYS G 124 -4.25 -64.06 -5.76
CA LYS G 124 -2.91 -64.46 -6.16
C LYS G 124 -2.75 -64.42 -7.67
N VAL G 125 -1.52 -64.14 -8.12
CA VAL G 125 -1.23 -64.02 -9.54
C VAL G 125 0.10 -64.71 -9.84
N GLU G 126 0.03 -65.78 -10.65
CA GLU G 126 1.20 -66.53 -11.09
C GLU G 126 1.02 -66.86 -12.57
N ILE G 127 1.95 -67.63 -13.12
CA ILE G 127 2.02 -67.89 -14.55
C ILE G 127 2.08 -69.39 -14.80
N LYS G 128 1.66 -69.79 -16.00
CA LYS G 128 1.65 -71.18 -16.43
C LYS G 128 2.83 -71.44 -17.37
N ARG G 129 3.00 -72.71 -17.74
CA ARG G 129 4.22 -73.19 -18.38
C ARG G 129 3.91 -74.03 -19.61
N THR G 130 2.65 -74.43 -19.78
CA THR G 130 2.26 -75.41 -20.79
C THR G 130 2.92 -76.76 -20.52
N VAL G 131 2.57 -77.31 -19.35
CA VAL G 131 3.00 -78.62 -18.83
C VAL G 131 4.45 -79.00 -19.15
N ALA G 132 5.16 -79.47 -18.12
CA ALA G 132 6.53 -79.95 -18.27
C ALA G 132 6.64 -81.30 -17.58
N ALA G 133 7.63 -82.10 -18.01
CA ALA G 133 7.77 -83.47 -17.52
C ALA G 133 8.29 -83.48 -16.08
N PRO G 134 7.94 -84.53 -15.31
CA PRO G 134 8.40 -84.60 -13.91
C PRO G 134 9.71 -85.34 -13.73
N SER G 135 10.14 -85.50 -12.48
CA SER G 135 11.30 -86.31 -12.12
C SER G 135 10.99 -87.04 -10.82
N VAL G 136 11.63 -88.20 -10.61
CA VAL G 136 11.32 -89.07 -9.48
C VAL G 136 12.63 -89.53 -8.84
N PHE G 137 12.62 -89.63 -7.51
CA PHE G 137 13.74 -90.16 -6.75
C PHE G 137 13.20 -90.79 -5.47
N ILE G 138 14.08 -91.46 -4.72
CA ILE G 138 13.69 -92.09 -3.45
C ILE G 138 14.93 -92.23 -2.60
N PHE G 139 14.76 -92.09 -1.28
CA PHE G 139 15.90 -92.18 -0.38
C PHE G 139 15.40 -92.65 1.00
N PRO G 140 16.26 -93.31 1.77
CA PRO G 140 15.90 -93.68 3.14
C PRO G 140 16.35 -92.62 4.13
N PRO G 141 16.08 -92.81 5.43
CA PRO G 141 16.58 -91.85 6.43
C PRO G 141 18.06 -92.01 6.72
N SER G 142 18.57 -91.22 7.67
CA SER G 142 19.95 -91.33 8.11
C SER G 142 20.07 -92.48 9.10
N ASP G 143 21.21 -92.59 9.78
CA ASP G 143 21.45 -93.64 10.75
C ASP G 143 21.20 -93.20 12.19
N GLU G 144 21.89 -92.15 12.63
CA GLU G 144 21.71 -91.69 14.00
C GLU G 144 20.26 -91.29 14.26
N GLN G 145 19.52 -90.93 13.22
CA GLN G 145 18.08 -90.73 13.38
C GLN G 145 17.40 -92.02 13.80
N LEU G 146 17.91 -93.17 13.33
CA LEU G 146 17.38 -94.45 13.79
C LEU G 146 17.68 -94.66 15.26
N LYS G 147 18.87 -94.27 15.73
CA LYS G 147 19.17 -94.35 17.15
C LYS G 147 18.26 -93.44 17.95
N SER G 148 17.91 -92.29 17.41
CA SER G 148 17.03 -91.35 18.11
C SER G 148 15.67 -91.96 18.44
N GLY G 149 15.25 -92.99 17.70
CA GLY G 149 13.99 -93.66 17.94
C GLY G 149 12.94 -93.53 16.86
N THR G 150 13.28 -92.95 15.70
CA THR G 150 12.30 -92.72 14.65
C THR G 150 13.01 -92.75 13.29
N ALA G 151 12.37 -93.33 12.30
CA ALA G 151 12.87 -93.38 10.93
C ALA G 151 11.90 -92.68 9.99
N SER G 152 12.42 -92.25 8.85
CA SER G 152 11.62 -91.50 7.87
C SER G 152 12.14 -91.82 6.47
N VAL G 153 11.28 -92.39 5.63
CA VAL G 153 11.62 -92.71 4.25
C VAL G 153 10.97 -91.67 3.34
N VAL G 154 11.74 -91.18 2.36
CA VAL G 154 11.31 -90.06 1.53
C VAL G 154 11.23 -90.50 0.08
N CYS G 155 10.11 -90.20 -0.57
CA CYS G 155 10.02 -90.24 -2.02
C CYS G 155 10.02 -88.81 -2.54
N LEU G 156 10.85 -88.56 -3.55
CA LEU G 156 11.20 -87.20 -3.92
C LEU G 156 10.69 -86.89 -5.32
N LEU G 157 10.04 -85.75 -5.46
CA LEU G 157 9.57 -85.27 -6.75
C LEU G 157 10.15 -83.87 -6.98
N ASN G 158 10.86 -83.72 -8.10
CA ASN G 158 11.54 -82.48 -8.41
C ASN G 158 11.24 -82.10 -9.86
N ASN G 159 11.17 -80.80 -10.11
CA ASN G 159 11.00 -80.29 -11.47
C ASN G 159 9.77 -80.90 -12.12
N PHE G 160 8.61 -80.70 -11.49
CA PHE G 160 7.37 -81.33 -11.92
C PHE G 160 6.26 -80.30 -12.00
N TYR G 161 5.28 -80.58 -12.87
CA TYR G 161 4.07 -79.79 -13.03
C TYR G 161 3.14 -80.54 -13.97
N PRO G 162 1.81 -80.51 -13.75
CA PRO G 162 1.03 -79.79 -12.73
C PRO G 162 1.17 -80.36 -11.33
N ARG G 163 0.36 -79.85 -10.40
CA ARG G 163 0.36 -80.31 -9.02
C ARG G 163 -0.22 -81.71 -8.87
N GLU G 164 -0.86 -82.25 -9.90
CA GLU G 164 -1.47 -83.58 -9.84
C GLU G 164 -0.37 -84.63 -9.90
N ALA G 165 0.37 -84.74 -8.79
CA ALA G 165 1.45 -85.72 -8.66
C ALA G 165 1.25 -86.43 -7.33
N LYS G 166 0.83 -87.69 -7.39
CA LYS G 166 0.49 -88.45 -6.20
C LYS G 166 1.55 -89.52 -5.94
N VAL G 167 1.85 -89.75 -4.67
CA VAL G 167 2.83 -90.74 -4.24
C VAL G 167 2.15 -91.69 -3.27
N GLN G 168 2.28 -92.99 -3.53
CA GLN G 168 1.74 -94.04 -2.68
C GLN G 168 2.91 -94.80 -2.08
N TRP G 169 2.97 -94.86 -0.75
CA TRP G 169 4.01 -95.64 -0.08
C TRP G 169 3.58 -97.09 0.01
N LYS G 170 4.55 -98.00 -0.11
CA LYS G 170 4.31 -99.44 -0.05
C LYS G 170 5.37 -100.03 0.87
N VAL G 171 4.93 -100.55 2.01
CA VAL G 171 5.79 -101.24 2.95
C VAL G 171 5.12 -102.58 3.25
N ASP G 172 5.60 -103.64 2.60
CA ASP G 172 4.99 -104.97 2.70
C ASP G 172 3.51 -104.89 2.33
N ASN G 173 3.23 -104.16 1.24
CA ASN G 173 1.86 -103.98 0.75
C ASN G 173 0.95 -103.38 1.82
N ALA G 174 1.44 -102.37 2.52
CA ALA G 174 0.68 -101.68 3.56
C ALA G 174 0.87 -100.17 3.36
N LEU G 175 -0.03 -99.56 2.58
CA LEU G 175 0.03 -98.13 2.38
C LEU G 175 -0.19 -97.40 3.69
N GLN G 176 0.55 -96.31 3.89
CA GLN G 176 0.52 -95.55 5.15
C GLN G 176 -0.27 -94.28 4.95
N SER G 177 -1.30 -94.08 5.76
CA SER G 177 -2.13 -92.88 5.74
C SER G 177 -2.29 -92.35 7.16
N GLY G 178 -2.38 -91.03 7.26
CA GLY G 178 -2.49 -90.39 8.57
C GLY G 178 -1.19 -90.30 9.32
N ASN G 179 -0.07 -90.69 8.71
CA ASN G 179 1.23 -90.58 9.36
C ASN G 179 2.31 -90.09 8.41
N SER G 180 1.95 -89.62 7.22
CA SER G 180 2.89 -89.15 6.21
C SER G 180 2.50 -87.73 5.80
N GLN G 181 3.46 -87.03 5.20
CA GLN G 181 3.22 -85.66 4.78
C GLN G 181 3.91 -85.41 3.45
N GLU G 182 3.55 -84.30 2.80
CA GLU G 182 4.16 -83.87 1.56
C GLU G 182 4.49 -82.39 1.64
N SER G 183 5.51 -81.99 0.88
CA SER G 183 5.99 -80.60 0.89
C SER G 183 6.35 -80.23 -0.54
N VAL G 184 5.70 -79.20 -1.07
CA VAL G 184 5.89 -78.77 -2.44
C VAL G 184 6.41 -77.34 -2.45
N THR G 185 7.17 -77.01 -3.49
CA THR G 185 7.86 -75.73 -3.61
C THR G 185 7.02 -74.74 -4.42
N GLU G 186 7.60 -73.56 -4.66
CA GLU G 186 6.96 -72.48 -5.38
C GLU G 186 7.41 -72.50 -6.83
N GLN G 187 7.05 -71.45 -7.58
CA GLN G 187 7.49 -71.28 -8.96
C GLN G 187 8.94 -70.83 -8.96
N ASP G 188 9.84 -71.69 -9.44
CA ASP G 188 11.25 -71.34 -9.52
C ASP G 188 11.46 -70.22 -10.52
N SER G 189 12.70 -69.77 -10.69
CA SER G 189 13.01 -68.64 -11.55
C SER G 189 13.56 -69.01 -12.91
N LYS G 190 14.39 -70.06 -13.00
CA LYS G 190 14.98 -70.48 -14.25
C LYS G 190 14.17 -71.55 -14.96
N ASP G 191 13.97 -72.69 -14.33
CA ASP G 191 13.13 -73.75 -14.90
C ASP G 191 11.66 -73.56 -14.55
N SER G 192 11.35 -72.76 -13.54
CA SER G 192 10.00 -72.34 -13.14
C SER G 192 9.21 -73.48 -12.50
N THR G 193 9.73 -74.70 -12.46
CA THR G 193 8.97 -75.85 -12.00
C THR G 193 9.03 -75.94 -10.47
N TYR G 194 8.12 -76.74 -9.91
CA TYR G 194 8.01 -76.94 -8.49
C TYR G 194 8.89 -78.12 -8.08
N SER G 195 8.72 -78.58 -6.83
CA SER G 195 9.44 -79.75 -6.34
C SER G 195 8.74 -80.24 -5.09
N LEU G 196 8.32 -81.51 -5.11
CA LEU G 196 7.51 -82.08 -4.05
C LEU G 196 8.20 -83.31 -3.48
N SER G 197 8.24 -83.40 -2.15
CA SER G 197 8.77 -84.57 -1.46
C SER G 197 7.75 -85.06 -0.45
N SER G 198 7.49 -86.37 -0.47
CA SER G 198 6.62 -87.03 0.49
C SER G 198 7.45 -87.82 1.47
N THR G 199 7.29 -87.50 2.76
CA THR G 199 8.01 -88.14 3.84
C THR G 199 7.06 -88.99 4.67
N LEU G 200 7.44 -90.25 4.88
CA LEU G 200 6.70 -91.18 5.72
C LEU G 200 7.54 -91.48 6.94
N THR G 201 7.05 -91.06 8.11
CA THR G 201 7.79 -91.15 9.36
C THR G 201 7.13 -92.17 10.26
N LEU G 202 7.90 -93.17 10.69
CA LEU G 202 7.43 -94.20 11.61
C LEU G 202 8.44 -94.36 12.74
N SER G 203 8.04 -95.11 13.76
CA SER G 203 8.96 -95.44 14.84
C SER G 203 9.98 -96.47 14.36
N LYS G 204 11.16 -96.46 14.98
CA LYS G 204 12.20 -97.41 14.60
C LYS G 204 11.74 -98.84 14.86
N ALA G 205 11.03 -99.06 15.97
CA ALA G 205 10.55 -100.40 16.28
C ALA G 205 9.61 -100.91 15.19
N ASP G 206 8.68 -100.06 14.75
CA ASP G 206 7.79 -100.45 13.66
C ASP G 206 8.48 -100.42 12.30
N TYR G 207 9.45 -99.52 12.14
CA TYR G 207 10.15 -99.41 10.86
C TYR G 207 11.00 -100.65 10.59
N GLU G 208 11.58 -101.23 11.64
CA GLU G 208 12.43 -102.40 11.47
C GLU G 208 11.64 -103.66 11.15
N LYS G 209 10.34 -103.68 11.44
CA LYS G 209 9.55 -104.89 11.23
C LYS G 209 9.53 -105.28 9.76
N HIS G 210 9.36 -104.30 8.87
CA HIS G 210 9.21 -104.54 7.45
C HIS G 210 10.54 -104.42 6.72
N LYS G 211 10.57 -104.89 5.48
CA LYS G 211 11.80 -104.93 4.70
C LYS G 211 11.70 -104.06 3.45
N VAL G 212 10.65 -104.26 2.65
CA VAL G 212 10.52 -103.54 1.39
C VAL G 212 9.98 -102.14 1.65
N TYR G 213 10.56 -101.15 0.96
CA TYR G 213 10.12 -99.75 1.07
C TYR G 213 10.08 -99.17 -0.34
N ALA G 214 8.88 -98.91 -0.85
CA ALA G 214 8.73 -98.43 -2.23
C ALA G 214 7.78 -97.24 -2.28
N CYS G 215 7.93 -96.44 -3.32
CA CYS G 215 7.01 -95.33 -3.59
C CYS G 215 6.58 -95.40 -5.05
N GLU G 216 5.27 -95.31 -5.26
CA GLU G 216 4.67 -95.34 -6.59
C GLU G 216 4.17 -93.94 -6.93
N VAL G 217 4.62 -93.42 -8.07
CA VAL G 217 4.40 -92.03 -8.46
C VAL G 217 3.46 -92.02 -9.66
N THR G 218 2.36 -91.27 -9.54
CA THR G 218 1.44 -91.02 -10.63
C THR G 218 1.45 -89.54 -10.98
N HIS G 219 1.63 -89.24 -12.27
CA HIS G 219 1.64 -87.87 -12.74
C HIS G 219 1.20 -87.85 -14.20
N GLN G 220 0.75 -86.67 -14.65
CA GLN G 220 0.26 -86.53 -16.02
C GLN G 220 1.34 -86.86 -17.04
N GLY G 221 2.53 -86.30 -16.86
CA GLY G 221 3.61 -86.57 -17.80
C GLY G 221 3.99 -88.03 -17.83
N LEU G 222 3.98 -88.69 -16.67
CA LEU G 222 4.29 -90.11 -16.56
C LEU G 222 3.01 -90.90 -16.81
N SER G 223 2.73 -91.18 -18.08
CA SER G 223 1.56 -91.98 -18.41
C SER G 223 1.60 -93.34 -17.72
N SER G 224 2.80 -93.89 -17.52
CA SER G 224 2.99 -95.12 -16.77
C SER G 224 3.54 -94.77 -15.40
N PRO G 225 2.80 -94.94 -14.31
CA PRO G 225 3.32 -94.55 -12.99
C PRO G 225 4.63 -95.25 -12.69
N VAL G 226 5.55 -94.51 -12.06
CA VAL G 226 6.87 -95.04 -11.74
C VAL G 226 6.80 -95.79 -10.42
N THR G 227 7.68 -96.77 -10.26
CA THR G 227 7.71 -97.64 -9.07
C THR G 227 9.14 -97.68 -8.53
N LYS G 228 9.48 -96.72 -7.67
CA LYS G 228 10.79 -96.72 -7.02
C LYS G 228 10.76 -97.66 -5.83
N SER G 229 11.85 -98.40 -5.63
CA SER G 229 11.93 -99.37 -4.55
C SER G 229 13.31 -99.36 -3.92
N PHE G 230 13.37 -99.69 -2.64
CA PHE G 230 14.63 -99.86 -1.92
C PHE G 230 14.36 -100.71 -0.69
N ASN G 231 15.43 -101.30 -0.17
CA ASN G 231 15.35 -102.25 0.92
C ASN G 231 15.71 -101.57 2.24
N ARG G 232 15.80 -102.38 3.31
CA ARG G 232 16.09 -101.91 4.65
C ARG G 232 17.37 -102.58 5.12
N GLY G 233 18.52 -101.98 4.79
CA GLY G 233 19.81 -102.53 5.15
C GLY G 233 20.54 -103.11 3.96
N VAL H 2 -14.94 10.17 -40.23
CA VAL H 2 -15.32 11.58 -40.19
C VAL H 2 -15.90 11.97 -41.54
N GLN H 3 -16.67 11.05 -42.12
CA GLN H 3 -17.34 11.28 -43.39
C GLN H 3 -18.84 11.02 -43.21
N LEU H 4 -19.66 11.83 -43.87
CA LEU H 4 -21.10 11.60 -43.95
C LEU H 4 -21.56 11.75 -45.39
N VAL H 5 -22.31 10.75 -45.86
CA VAL H 5 -22.84 10.74 -47.22
C VAL H 5 -24.37 10.73 -47.14
N GLU H 6 -25.00 11.60 -47.93
CA GLU H 6 -26.44 11.71 -47.98
C GLU H 6 -26.95 11.13 -49.30
N SER H 7 -27.97 10.29 -49.22
CA SER H 7 -28.51 9.61 -50.39
C SER H 7 -30.03 9.50 -50.27
N GLY H 8 -30.68 9.28 -51.42
CA GLY H 8 -32.11 9.19 -51.51
C GLY H 8 -32.78 10.44 -52.06
N GLY H 9 -32.05 11.54 -52.21
CA GLY H 9 -32.62 12.78 -52.70
C GLY H 9 -33.21 12.65 -54.10
N GLY H 10 -34.43 13.17 -54.29
CA GLY H 10 -35.07 13.09 -55.57
C GLY H 10 -36.14 14.15 -55.72
N VAL H 11 -37.08 13.89 -56.62
CA VAL H 11 -38.18 14.79 -56.93
C VAL H 11 -39.48 14.13 -56.50
N VAL H 12 -40.35 14.89 -55.83
CA VAL H 12 -41.61 14.37 -55.33
C VAL H 12 -42.66 15.47 -55.41
N GLN H 13 -43.91 15.06 -55.62
CA GLN H 13 -45.03 15.98 -55.54
C GLN H 13 -45.36 16.28 -54.08
N PRO H 14 -46.11 17.36 -53.82
CA PRO H 14 -46.46 17.68 -52.44
C PRO H 14 -47.32 16.58 -51.81
N GLY H 15 -47.18 16.46 -50.49
CA GLY H 15 -48.01 15.55 -49.71
C GLY H 15 -47.80 14.08 -49.99
N ARG H 16 -46.54 13.64 -50.08
CA ARG H 16 -46.24 12.22 -50.20
C ARG H 16 -44.96 11.91 -49.45
N SER H 17 -44.82 10.66 -49.03
CA SER H 17 -43.71 10.25 -48.17
C SER H 17 -42.41 10.16 -48.95
N LEU H 18 -41.31 10.39 -48.22
CA LEU H 18 -39.97 10.25 -48.80
C LEU H 18 -39.00 9.93 -47.67
N ARG H 19 -37.92 9.24 -48.04
CA ARG H 19 -36.86 8.87 -47.10
C ARG H 19 -35.53 9.43 -47.56
N LEU H 20 -34.77 9.97 -46.62
CA LEU H 20 -33.41 10.44 -46.86
C LEU H 20 -32.46 9.70 -45.90
N SER H 21 -31.43 9.07 -46.45
CA SER H 21 -30.49 8.29 -45.67
C SER H 21 -29.19 9.06 -45.51
N CYS H 22 -28.61 8.96 -44.32
CA CYS H 22 -27.29 9.52 -44.01
C CYS H 22 -26.43 8.39 -43.48
N ALA H 23 -25.34 8.08 -44.19
CA ALA H 23 -24.41 7.05 -43.78
C ALA H 23 -23.12 7.68 -43.30
N ALA H 24 -22.66 7.24 -42.13
CA ALA H 24 -21.47 7.77 -41.49
C ALA H 24 -20.31 6.80 -41.68
N SER H 25 -19.09 7.34 -41.61
CA SER H 25 -17.91 6.52 -41.79
C SER H 25 -16.75 7.14 -41.03
N GLY H 26 -16.04 6.28 -40.29
CA GLY H 26 -14.76 6.63 -39.71
C GLY H 26 -14.79 7.37 -38.38
N PHE H 27 -15.94 7.49 -37.74
CA PHE H 27 -15.99 8.19 -36.46
C PHE H 27 -17.12 7.62 -35.61
N SER H 28 -17.11 8.00 -34.32
CA SER H 28 -18.00 7.44 -33.32
C SER H 28 -19.41 8.00 -33.50
N PHE H 29 -20.20 7.28 -34.29
CA PHE H 29 -21.59 7.65 -34.54
C PHE H 29 -22.50 7.25 -33.39
N SER H 30 -22.03 6.36 -32.50
CA SER H 30 -22.83 5.86 -31.39
C SER H 30 -22.71 6.72 -30.13
N HIS H 31 -21.77 7.66 -30.08
CA HIS H 31 -21.53 8.49 -28.91
C HIS H 31 -21.99 9.92 -29.08
N TYR H 32 -22.44 10.31 -30.28
CA TYR H 32 -22.74 11.69 -30.60
C TYR H 32 -24.24 11.87 -30.91
N ALA H 33 -24.69 13.13 -30.80
CA ALA H 33 -26.01 13.52 -31.29
C ALA H 33 -25.91 13.81 -32.78
N MET H 34 -27.05 13.73 -33.48
CA MET H 34 -27.02 13.86 -34.93
C MET H 34 -27.98 14.97 -35.35
N HIS H 35 -27.58 15.70 -36.40
CA HIS H 35 -28.33 16.86 -36.87
C HIS H 35 -28.69 16.70 -38.33
N TRP H 36 -29.83 17.27 -38.70
CA TRP H 36 -30.26 17.35 -40.09
C TRP H 36 -30.71 18.78 -40.33
N VAL H 37 -30.18 19.40 -41.39
CA VAL H 37 -30.46 20.82 -41.65
C VAL H 37 -30.80 21.00 -43.12
N ARG H 38 -31.52 22.08 -43.42
CA ARG H 38 -31.96 22.38 -44.76
C ARG H 38 -31.67 23.83 -45.12
N GLN H 39 -31.16 24.04 -46.33
CA GLN H 39 -30.88 25.36 -46.88
C GLN H 39 -31.37 25.38 -48.31
N ALA H 40 -32.32 26.26 -48.61
CA ALA H 40 -32.87 26.30 -49.95
C ALA H 40 -31.87 26.92 -50.92
N PRO H 41 -31.87 26.50 -52.19
CA PRO H 41 -30.95 27.08 -53.16
C PRO H 41 -31.11 28.60 -53.25
N GLY H 42 -30.01 29.32 -53.06
CA GLY H 42 -30.05 30.76 -53.09
C GLY H 42 -30.84 31.39 -51.96
N LYS H 43 -30.75 30.83 -50.75
CA LYS H 43 -31.50 31.29 -49.59
C LYS H 43 -30.64 31.21 -48.34
N GLY H 44 -31.26 31.47 -47.19
CA GLY H 44 -30.60 31.38 -45.90
C GLY H 44 -30.71 30.00 -45.29
N LEU H 45 -30.37 29.89 -44.00
CA LEU H 45 -30.34 28.63 -43.29
C LEU H 45 -31.29 28.68 -42.09
N GLU H 46 -32.10 27.64 -41.96
CA GLU H 46 -32.88 27.41 -40.76
C GLU H 46 -32.75 25.94 -40.37
N TRP H 47 -32.56 25.72 -39.07
CA TRP H 47 -32.35 24.37 -38.54
C TRP H 47 -33.61 23.53 -38.71
N VAL H 48 -33.42 22.22 -38.93
CA VAL H 48 -34.54 21.33 -39.19
C VAL H 48 -34.78 20.38 -38.02
N ALA H 49 -33.83 19.51 -37.73
CA ALA H 49 -34.09 18.43 -36.79
C ALA H 49 -32.80 18.02 -36.11
N VAL H 50 -32.93 17.46 -34.91
CA VAL H 50 -31.80 16.96 -34.16
C VAL H 50 -32.25 15.76 -33.34
N ILE H 51 -31.61 14.62 -33.56
CA ILE H 51 -31.95 13.37 -32.89
C ILE H 51 -30.84 13.01 -31.92
N SER H 52 -31.25 12.40 -30.81
CA SER H 52 -30.35 12.04 -29.72
C SER H 52 -29.38 10.96 -30.17
N TYR H 53 -28.30 10.81 -29.38
CA TYR H 53 -27.30 9.80 -29.68
C TYR H 53 -27.89 8.39 -29.58
N ASP H 54 -28.80 8.18 -28.62
CA ASP H 54 -29.41 6.88 -28.41
C ASP H 54 -30.66 6.66 -29.26
N GLY H 55 -31.16 7.69 -29.93
CA GLY H 55 -32.40 7.58 -30.67
C GLY H 55 -33.65 7.69 -29.83
N GLU H 56 -33.52 7.98 -28.53
CA GLU H 56 -34.69 8.10 -27.67
C GLU H 56 -35.33 9.47 -27.78
N ASN H 57 -34.59 10.53 -27.48
CA ASN H 57 -35.11 11.89 -27.49
C ASN H 57 -34.84 12.54 -28.83
N THR H 58 -35.86 13.21 -29.37
CA THR H 58 -35.77 13.87 -30.67
C THR H 58 -36.34 15.27 -30.56
N TYR H 59 -35.85 16.18 -31.40
CA TYR H 59 -36.37 17.54 -31.45
C TYR H 59 -36.50 17.99 -32.90
N TYR H 60 -37.60 18.69 -33.18
CA TYR H 60 -37.94 19.14 -34.52
C TYR H 60 -38.20 20.64 -34.50
N ALA H 61 -38.15 21.26 -35.67
CA ALA H 61 -38.53 22.66 -35.80
C ALA H 61 -40.04 22.80 -35.67
N ASP H 62 -40.45 23.95 -35.12
CA ASP H 62 -41.89 24.17 -34.89
C ASP H 62 -42.66 24.18 -36.19
N SER H 63 -42.12 24.81 -37.25
CA SER H 63 -42.81 24.88 -38.52
C SER H 63 -42.97 23.51 -39.16
N VAL H 64 -42.25 22.50 -38.69
CA VAL H 64 -42.33 21.15 -39.23
C VAL H 64 -42.60 20.15 -38.10
N LYS H 65 -42.97 20.66 -36.93
CA LYS H 65 -43.20 19.81 -35.78
C LYS H 65 -44.27 18.77 -36.10
N GLY H 66 -43.94 17.50 -35.82
CA GLY H 66 -44.87 16.41 -36.04
C GLY H 66 -44.93 15.88 -37.45
N ARG H 67 -44.17 16.46 -38.38
CA ARG H 67 -44.19 16.00 -39.78
C ARG H 67 -43.03 15.04 -40.06
N PHE H 68 -41.80 15.49 -39.85
CA PHE H 68 -40.65 14.63 -40.07
C PHE H 68 -40.69 13.45 -39.09
N SER H 69 -40.00 12.37 -39.47
CA SER H 69 -39.75 11.27 -38.55
C SER H 69 -38.30 10.87 -38.65
N ILE H 70 -37.52 11.17 -37.63
CA ILE H 70 -36.08 10.94 -37.62
C ILE H 70 -35.79 9.67 -36.85
N SER H 71 -34.94 8.81 -37.42
CA SER H 71 -34.60 7.54 -36.79
C SER H 71 -33.14 7.24 -37.08
N ARG H 72 -32.57 6.34 -36.28
CA ARG H 72 -31.18 5.94 -36.46
C ARG H 72 -31.04 4.48 -36.10
N ASP H 73 -30.21 3.78 -36.88
CA ASP H 73 -29.93 2.36 -36.67
C ASP H 73 -28.44 2.20 -36.40
N ASN H 74 -28.13 1.66 -35.22
CA ASN H 74 -26.75 1.38 -34.85
C ASN H 74 -26.18 0.25 -35.69
N SER H 75 -26.99 -0.78 -35.97
CA SER H 75 -26.52 -1.91 -36.75
C SER H 75 -26.15 -1.47 -38.16
N LYS H 76 -26.95 -0.60 -38.77
CA LYS H 76 -26.67 -0.07 -40.09
C LYS H 76 -25.86 1.22 -40.04
N ASN H 77 -25.45 1.66 -38.84
CA ASN H 77 -24.56 2.80 -38.67
C ASN H 77 -25.07 3.99 -39.47
N THR H 78 -26.38 4.23 -39.40
CA THR H 78 -26.97 5.22 -40.30
C THR H 78 -28.12 5.95 -39.63
N VAL H 79 -28.48 7.08 -40.23
CA VAL H 79 -29.64 7.87 -39.86
C VAL H 79 -30.59 7.87 -41.05
N SER H 80 -31.88 8.01 -40.76
CA SER H 80 -32.91 8.13 -41.78
C SER H 80 -33.86 9.24 -41.36
N LEU H 81 -34.38 9.97 -42.33
CA LEU H 81 -35.37 11.01 -42.08
C LEU H 81 -36.54 10.80 -43.04
N GLN H 82 -37.74 10.69 -42.49
CA GLN H 82 -38.95 10.54 -43.30
C GLN H 82 -39.65 11.89 -43.45
N MET H 83 -39.83 12.32 -44.69
CA MET H 83 -40.61 13.51 -45.06
C MET H 83 -42.07 13.06 -45.14
N ASN H 84 -42.89 13.56 -44.22
CA ASN H 84 -44.32 13.31 -44.24
C ASN H 84 -45.08 14.63 -44.39
N SER H 85 -46.16 14.59 -45.17
CA SER H 85 -47.00 15.76 -45.41
C SER H 85 -46.17 16.90 -46.02
N LEU H 86 -45.65 16.64 -47.22
CA LEU H 86 -44.80 17.61 -47.89
C LEU H 86 -45.61 18.83 -48.34
N ARG H 87 -44.92 19.96 -48.41
CA ARG H 87 -45.52 21.21 -48.87
C ARG H 87 -44.57 21.88 -49.85
N PRO H 88 -45.09 22.76 -50.72
CA PRO H 88 -44.24 23.34 -51.77
C PRO H 88 -43.02 24.10 -51.24
N GLU H 89 -43.14 24.77 -50.09
CA GLU H 89 -42.03 25.54 -49.55
C GLU H 89 -40.96 24.68 -48.90
N ASP H 90 -41.00 23.36 -49.08
CA ASP H 90 -40.02 22.47 -48.47
C ASP H 90 -38.84 22.16 -49.38
N THR H 91 -38.78 22.75 -50.57
CA THR H 91 -37.65 22.51 -51.47
C THR H 91 -36.36 23.06 -50.88
N ALA H 92 -35.30 22.23 -50.87
CA ALA H 92 -34.01 22.69 -50.39
C ALA H 92 -32.93 21.61 -50.49
N LEU H 93 -31.67 22.01 -50.27
CA LEU H 93 -30.56 21.07 -50.13
C LEU H 93 -30.39 20.78 -48.65
N TYR H 94 -30.31 19.49 -48.30
CA TYR H 94 -30.23 19.06 -46.91
C TYR H 94 -28.84 18.54 -46.62
N TYR H 95 -28.30 18.93 -45.46
CA TYR H 95 -27.00 18.48 -44.99
C TYR H 95 -27.18 17.67 -43.71
N CYS H 96 -26.51 16.53 -43.65
CA CYS H 96 -26.46 15.68 -42.46
C CYS H 96 -25.19 15.98 -41.69
N ALA H 97 -25.32 16.24 -40.38
CA ALA H 97 -24.21 16.80 -39.62
C ALA H 97 -24.07 16.10 -38.26
N ARG H 98 -22.87 16.25 -37.71
CA ARG H 98 -22.47 15.67 -36.43
C ARG H 98 -22.18 16.79 -35.43
N ASP H 99 -22.38 16.51 -34.15
CA ASP H 99 -22.23 17.53 -33.13
C ASP H 99 -20.81 17.52 -32.55
N ARG H 100 -20.39 18.67 -32.05
CA ARG H 100 -19.03 18.87 -31.59
C ARG H 100 -18.83 18.55 -30.11
N ILE H 101 -19.82 17.92 -29.47
CA ILE H 101 -19.69 17.41 -28.11
C ILE H 101 -20.45 16.10 -27.97
N VAL H 102 -19.91 15.20 -27.15
CA VAL H 102 -20.27 13.79 -27.13
C VAL H 102 -21.50 13.56 -26.26
N ASP H 103 -22.31 12.58 -26.67
CA ASP H 103 -23.42 12.06 -25.87
C ASP H 103 -24.15 13.14 -25.07
N ASP H 104 -24.55 14.23 -25.72
CA ASP H 104 -25.14 15.36 -25.04
C ASP H 104 -26.57 15.55 -25.52
N TYR H 105 -27.53 15.40 -24.59
CA TYR H 105 -28.92 15.72 -24.90
C TYR H 105 -29.14 17.20 -25.20
N TYR H 106 -28.53 18.10 -24.43
CA TYR H 106 -28.61 19.53 -24.68
C TYR H 106 -27.72 19.83 -25.88
N TYR H 107 -28.29 19.70 -27.07
CA TYR H 107 -27.54 19.71 -28.31
C TYR H 107 -26.89 21.06 -28.55
N TYR H 108 -25.78 21.05 -29.28
CA TYR H 108 -25.06 22.25 -29.70
C TYR H 108 -24.92 22.21 -31.22
N GLY H 109 -24.10 23.11 -31.74
CA GLY H 109 -23.94 23.25 -33.17
C GLY H 109 -23.44 22.00 -33.86
N MET H 110 -23.08 22.17 -35.14
CA MET H 110 -22.68 21.08 -36.02
C MET H 110 -21.27 21.34 -36.54
N ASP H 111 -20.48 20.28 -36.70
CA ASP H 111 -19.05 20.41 -36.97
C ASP H 111 -18.64 19.88 -38.33
N VAL H 112 -18.97 18.63 -38.65
CA VAL H 112 -18.57 18.00 -39.91
C VAL H 112 -19.82 17.77 -40.76
N TRP H 113 -19.76 18.21 -42.01
CA TRP H 113 -20.88 18.12 -42.93
C TRP H 113 -20.58 17.11 -44.03
N GLY H 114 -21.60 16.80 -44.83
CA GLY H 114 -21.45 15.96 -46.00
C GLY H 114 -21.80 16.71 -47.28
N GLN H 115 -21.63 16.00 -48.41
CA GLN H 115 -21.87 16.60 -49.71
C GLN H 115 -23.25 17.23 -49.82
N GLY H 116 -24.28 16.64 -49.21
CA GLY H 116 -25.61 17.19 -49.23
C GLY H 116 -26.48 16.57 -50.32
N ALA H 117 -27.78 16.49 -50.02
CA ALA H 117 -28.76 15.92 -50.92
C ALA H 117 -29.82 16.95 -51.23
N THR H 118 -30.02 17.23 -52.53
CA THR H 118 -30.98 18.23 -52.95
C THR H 118 -32.35 17.57 -53.18
N VAL H 119 -33.37 18.09 -52.50
CA VAL H 119 -34.74 17.60 -52.66
C VAL H 119 -35.59 18.77 -53.14
N THR H 120 -36.31 18.55 -54.24
CA THR H 120 -37.18 19.57 -54.83
C THR H 120 -38.62 19.07 -54.78
N VAL H 121 -39.52 19.93 -54.30
CA VAL H 121 -40.94 19.60 -54.17
C VAL H 121 -41.71 20.53 -55.10
N SER H 122 -42.49 19.93 -56.00
CA SER H 122 -43.31 20.68 -56.94
C SER H 122 -44.25 19.73 -57.64
N SER H 123 -45.49 20.15 -57.83
CA SER H 123 -46.48 19.30 -58.49
C SER H 123 -46.11 19.03 -59.95
N ALA H 124 -45.37 19.94 -60.57
CA ALA H 124 -44.98 19.79 -61.97
C ALA H 124 -44.07 18.58 -62.12
N SER H 125 -44.28 17.79 -63.17
CA SER H 125 -43.51 16.58 -63.41
C SER H 125 -42.17 16.93 -64.06
N THR H 126 -41.36 15.91 -64.33
CA THR H 126 -40.03 16.11 -64.90
C THR H 126 -40.12 16.41 -66.40
N LYS H 127 -39.10 17.10 -66.89
CA LYS H 127 -39.02 17.44 -68.31
C LYS H 127 -37.56 17.40 -68.74
N GLY H 128 -37.34 17.08 -70.02
CA GLY H 128 -36.01 16.91 -70.54
C GLY H 128 -35.53 18.11 -71.32
N PRO H 129 -34.25 18.46 -71.20
CA PRO H 129 -33.73 19.69 -71.81
C PRO H 129 -33.51 19.54 -73.31
N SER H 130 -33.36 20.69 -73.97
CA SER H 130 -32.91 20.78 -75.35
C SER H 130 -31.76 21.77 -75.40
N VAL H 131 -30.77 21.48 -76.24
CA VAL H 131 -29.49 22.17 -76.24
C VAL H 131 -29.29 22.87 -77.58
N PHE H 132 -28.83 24.12 -77.52
CA PHE H 132 -28.52 24.93 -78.69
C PHE H 132 -27.15 25.54 -78.50
N PRO H 133 -26.47 25.94 -79.58
CA PRO H 133 -25.13 26.52 -79.47
C PRO H 133 -25.16 28.04 -79.34
N LEU H 134 -23.99 28.59 -79.03
CA LEU H 134 -23.80 30.04 -78.96
C LEU H 134 -22.35 30.32 -79.32
N ALA H 135 -22.12 30.92 -80.49
CA ALA H 135 -20.78 31.09 -81.04
C ALA H 135 -20.49 32.56 -81.27
N PRO H 136 -19.44 33.13 -80.66
CA PRO H 136 -19.03 34.49 -81.02
C PRO H 136 -18.21 34.51 -82.30
N SER H 137 -17.66 35.67 -82.64
CA SER H 137 -16.82 35.81 -83.83
C SER H 137 -15.81 34.67 -83.94
N GLY H 144 -6.02 37.01 -77.19
CA GLY H 144 -6.65 35.98 -78.00
C GLY H 144 -7.42 34.97 -77.17
N THR H 145 -8.70 35.25 -76.94
CA THR H 145 -9.56 34.37 -76.17
C THR H 145 -11.01 34.72 -76.46
N ALA H 146 -11.77 33.75 -76.95
CA ALA H 146 -13.18 33.96 -77.26
C ALA H 146 -14.05 33.47 -76.12
N ALA H 147 -15.37 33.65 -76.29
CA ALA H 147 -16.35 33.26 -75.28
C ALA H 147 -17.47 32.48 -75.96
N LEU H 148 -17.33 31.16 -76.02
CA LEU H 148 -18.36 30.32 -76.61
C LEU H 148 -19.42 30.01 -75.55
N GLY H 149 -20.44 29.24 -75.91
CA GLY H 149 -21.41 28.86 -74.92
C GLY H 149 -22.50 27.98 -75.49
N CYS H 150 -23.40 27.56 -74.60
CA CYS H 150 -24.53 26.72 -74.95
C CYS H 150 -25.79 27.24 -74.26
N LEU H 151 -26.94 26.73 -74.71
CA LEU H 151 -28.25 27.25 -74.33
C LEU H 151 -29.17 26.06 -74.06
N VAL H 152 -29.58 25.89 -72.80
CA VAL H 152 -30.43 24.80 -72.37
C VAL H 152 -31.83 25.35 -72.14
N LYS H 153 -32.83 24.68 -72.73
CA LYS H 153 -34.22 25.12 -72.62
C LYS H 153 -35.12 23.95 -72.32
N ASP H 154 -36.28 24.26 -71.71
CA ASP H 154 -37.35 23.29 -71.48
C ASP H 154 -36.85 22.11 -70.63
N TYR H 155 -36.46 22.42 -69.39
CA TYR H 155 -36.05 21.40 -68.44
C TYR H 155 -36.58 21.72 -67.06
N PHE H 156 -36.74 20.68 -66.26
CA PHE H 156 -37.23 20.81 -64.89
C PHE H 156 -36.84 19.56 -64.09
N PRO H 157 -36.37 19.68 -62.85
CA PRO H 157 -36.11 20.90 -62.05
C PRO H 157 -34.66 21.37 -62.08
N GLU H 158 -34.43 22.58 -61.54
CA GLU H 158 -33.11 23.12 -61.29
C GLU H 158 -32.44 22.31 -60.19
N PRO H 159 -31.10 22.14 -60.19
CA PRO H 159 -30.09 22.55 -61.18
C PRO H 159 -29.89 21.57 -62.33
N VAL H 160 -29.14 21.99 -63.34
CA VAL H 160 -28.71 21.15 -64.44
C VAL H 160 -27.21 21.33 -64.61
N THR H 161 -26.49 20.21 -64.72
CA THR H 161 -25.03 20.23 -64.76
C THR H 161 -24.56 20.42 -66.20
N VAL H 162 -24.08 21.62 -66.51
CA VAL H 162 -23.59 21.95 -67.84
C VAL H 162 -22.07 21.91 -67.74
N SER H 163 -21.48 20.83 -68.24
CA SER H 163 -20.04 20.58 -68.08
C SER H 163 -19.34 20.55 -69.43
N TRP H 164 -18.01 20.67 -69.37
CA TRP H 164 -17.13 20.52 -70.52
C TRP H 164 -15.97 19.60 -70.13
N ASN H 165 -15.62 18.70 -71.04
CA ASN H 165 -14.49 17.78 -70.85
C ASN H 165 -14.63 16.99 -69.56
N SER H 166 -15.86 16.58 -69.23
CA SER H 166 -16.13 15.77 -68.05
C SER H 166 -15.58 16.44 -66.79
N GLY H 167 -15.66 17.76 -66.75
CA GLY H 167 -15.21 18.52 -65.60
C GLY H 167 -13.74 18.87 -65.59
N ALA H 168 -12.96 18.41 -66.57
CA ALA H 168 -11.55 18.77 -66.62
C ALA H 168 -11.37 20.26 -66.84
N LEU H 169 -12.19 20.84 -67.73
CA LEU H 169 -12.13 22.28 -68.01
C LEU H 169 -13.31 22.97 -67.31
N THR H 170 -13.06 23.35 -66.05
CA THR H 170 -14.05 24.04 -65.24
C THR H 170 -13.75 25.51 -65.02
N SER H 171 -12.49 25.91 -65.07
CA SER H 171 -12.14 27.31 -64.89
C SER H 171 -12.55 28.12 -66.10
N GLY H 172 -12.81 29.41 -65.89
CA GLY H 172 -13.21 30.29 -66.98
C GLY H 172 -14.57 29.93 -67.54
N VAL H 173 -15.53 29.63 -66.67
CA VAL H 173 -16.87 29.24 -67.06
C VAL H 173 -17.86 30.10 -66.29
N HIS H 174 -19.06 30.27 -66.85
CA HIS H 174 -20.13 31.03 -66.22
C HIS H 174 -21.45 30.35 -66.59
N THR H 175 -22.02 29.62 -65.63
CA THR H 175 -23.32 29.00 -65.81
C THR H 175 -24.38 29.98 -65.33
N PHE H 176 -25.15 30.54 -66.27
CA PHE H 176 -26.16 31.51 -65.91
C PHE H 176 -27.15 30.90 -64.95
N PRO H 177 -27.54 31.61 -63.88
CA PRO H 177 -28.63 31.11 -63.04
C PRO H 177 -29.93 31.13 -63.82
N ALA H 178 -30.62 30.00 -63.82
CA ALA H 178 -31.79 29.83 -64.66
C ALA H 178 -32.94 30.71 -64.16
N VAL H 179 -33.89 30.96 -65.05
CA VAL H 179 -35.02 31.84 -64.76
C VAL H 179 -36.33 31.10 -65.02
N LEU H 180 -37.27 31.27 -64.10
CA LEU H 180 -38.59 30.65 -64.20
C LEU H 180 -39.54 31.55 -64.97
N GLN H 181 -40.05 31.06 -66.10
CA GLN H 181 -41.08 31.77 -66.83
C GLN H 181 -42.45 31.51 -66.19
N SER H 182 -43.47 32.21 -66.71
CA SER H 182 -44.79 32.16 -66.11
C SER H 182 -45.40 30.77 -66.13
N SER H 183 -44.97 29.90 -67.04
CA SER H 183 -45.56 28.58 -67.15
C SER H 183 -45.08 27.61 -66.09
N GLY H 184 -44.08 27.99 -65.28
CA GLY H 184 -43.56 27.11 -64.25
C GLY H 184 -42.50 26.18 -64.81
N LEU H 185 -41.50 26.74 -65.48
CA LEU H 185 -40.45 25.97 -66.12
C LEU H 185 -39.19 26.82 -66.15
N TYR H 186 -38.05 26.14 -66.26
CA TYR H 186 -36.75 26.78 -66.10
C TYR H 186 -35.96 26.77 -67.40
N SER H 187 -35.27 27.88 -67.65
CA SER H 187 -34.43 28.04 -68.84
C SER H 187 -33.06 28.55 -68.40
N LEU H 188 -32.03 28.16 -69.16
CA LEU H 188 -30.66 28.41 -68.73
C LEU H 188 -29.76 28.51 -69.96
N SER H 189 -28.57 29.08 -69.75
CA SER H 189 -27.50 29.03 -70.73
C SER H 189 -26.18 29.24 -70.00
N SER H 190 -25.08 28.99 -70.69
CA SER H 190 -23.77 29.07 -70.06
C SER H 190 -22.76 29.55 -71.09
N VAL H 191 -21.75 30.28 -70.62
CA VAL H 191 -20.72 30.85 -71.47
C VAL H 191 -19.35 30.48 -70.90
N VAL H 192 -18.49 29.94 -71.75
CA VAL H 192 -17.14 29.55 -71.36
C VAL H 192 -16.15 30.39 -72.16
N THR H 193 -15.23 31.03 -71.45
CA THR H 193 -14.15 31.79 -72.09
C THR H 193 -12.98 30.84 -72.33
N VAL H 194 -12.63 30.65 -73.60
CA VAL H 194 -11.63 29.65 -73.99
C VAL H 194 -10.76 30.23 -75.09
N PRO H 195 -9.54 29.70 -75.25
CA PRO H 195 -8.60 30.29 -76.21
C PRO H 195 -9.18 30.34 -77.62
N SER H 196 -8.86 31.42 -78.33
CA SER H 196 -9.39 31.63 -79.67
C SER H 196 -8.42 31.23 -80.77
N SER H 197 -7.12 31.50 -80.59
CA SER H 197 -6.15 31.24 -81.64
C SER H 197 -6.08 29.75 -81.96
N SER H 198 -6.23 28.90 -80.95
CA SER H 198 -6.12 27.45 -81.13
C SER H 198 -7.46 26.80 -81.48
N LEU H 199 -8.52 27.57 -81.68
CA LEU H 199 -9.82 26.99 -81.99
C LEU H 199 -9.72 26.07 -83.20
N GLY H 200 -10.55 25.03 -83.21
CA GLY H 200 -10.55 24.04 -84.26
C GLY H 200 -9.83 22.75 -83.91
N THR H 201 -9.15 22.71 -82.76
CA THR H 201 -8.43 21.51 -82.33
C THR H 201 -9.02 20.90 -81.07
N GLN H 202 -9.18 21.69 -80.00
CA GLN H 202 -9.68 21.16 -78.75
C GLN H 202 -11.16 20.79 -78.88
N THR H 203 -11.54 19.68 -78.23
CA THR H 203 -12.91 19.21 -78.25
C THR H 203 -13.74 20.05 -77.28
N TYR H 204 -14.49 21.02 -77.81
CA TYR H 204 -15.32 21.92 -77.01
C TYR H 204 -16.77 21.47 -77.20
N ILE H 205 -17.20 20.52 -76.36
CA ILE H 205 -18.54 19.96 -76.41
C ILE H 205 -19.19 20.18 -75.05
N CYS H 206 -20.33 20.88 -75.03
CA CYS H 206 -21.08 21.09 -73.81
C CYS H 206 -21.97 19.88 -73.58
N ASN H 207 -21.79 19.24 -72.42
CA ASN H 207 -22.62 18.10 -72.02
C ASN H 207 -23.52 18.56 -70.89
N VAL H 208 -24.83 18.53 -71.13
CA VAL H 208 -25.82 18.86 -70.12
C VAL H 208 -26.33 17.55 -69.54
N ASN H 209 -26.05 17.33 -68.26
CA ASN H 209 -26.53 16.17 -67.52
C ASN H 209 -27.56 16.64 -66.51
N HIS H 210 -28.74 16.03 -66.56
CA HIS H 210 -29.85 16.35 -65.68
C HIS H 210 -30.15 15.07 -64.91
N LYS H 211 -29.55 14.94 -63.73
CA LYS H 211 -29.67 13.72 -62.95
C LYS H 211 -31.10 13.42 -62.53
N PRO H 212 -31.89 14.37 -62.01
CA PRO H 212 -33.28 14.03 -61.65
C PRO H 212 -34.08 13.46 -62.81
N SER H 213 -33.87 13.97 -64.03
CA SER H 213 -34.47 13.38 -65.22
C SER H 213 -33.54 12.37 -65.90
N ASN H 214 -32.28 12.29 -65.48
CA ASN H 214 -31.32 11.35 -66.07
C ASN H 214 -31.17 11.60 -67.57
N THR H 215 -31.23 12.86 -67.98
CA THR H 215 -31.12 13.20 -69.40
C THR H 215 -29.74 13.76 -69.68
N LYS H 216 -29.03 13.16 -70.65
CA LYS H 216 -27.65 13.53 -70.97
C LYS H 216 -27.59 13.92 -72.45
N VAL H 217 -27.52 15.22 -72.72
CA VAL H 217 -27.51 15.73 -74.08
C VAL H 217 -26.16 16.40 -74.34
N ASP H 218 -25.51 15.99 -75.41
CA ASP H 218 -24.15 16.44 -75.73
C ASP H 218 -24.20 17.21 -77.05
N LYS H 219 -23.80 18.48 -77.03
CA LYS H 219 -23.77 19.31 -78.22
C LYS H 219 -22.42 19.98 -78.37
N LYS H 220 -21.84 19.90 -79.58
CA LYS H 220 -20.53 20.44 -79.87
C LYS H 220 -20.66 21.77 -80.62
N VAL H 221 -19.92 22.77 -80.16
CA VAL H 221 -19.85 24.07 -80.81
C VAL H 221 -18.53 24.13 -81.57
N GLU H 222 -18.61 24.30 -82.88
CA GLU H 222 -17.45 24.30 -83.76
C GLU H 222 -17.51 25.50 -84.69
N PRO H 223 -16.34 25.99 -85.15
CA PRO H 223 -16.32 27.15 -86.04
C PRO H 223 -17.04 26.89 -87.37
N ASP I 21 -40.52 30.75 -29.89
CA ASP I 21 -39.22 30.30 -30.48
C ASP I 21 -38.23 31.45 -30.54
N ILE I 22 -36.94 31.13 -30.42
CA ILE I 22 -35.91 32.14 -30.49
C ILE I 22 -35.83 32.68 -31.91
N GLN I 23 -35.85 34.01 -32.04
CA GLN I 23 -35.77 34.67 -33.33
C GLN I 23 -34.46 35.45 -33.42
N MET I 24 -33.80 35.34 -34.57
CA MET I 24 -32.41 35.75 -34.75
C MET I 24 -32.32 36.76 -35.89
N THR I 25 -31.77 37.93 -35.61
CA THR I 25 -31.55 38.94 -36.64
C THR I 25 -30.06 39.23 -36.79
N GLN I 26 -29.58 39.14 -38.02
CA GLN I 26 -28.16 39.30 -38.32
C GLN I 26 -27.98 40.48 -39.28
N SER I 27 -26.93 41.28 -39.02
CA SER I 27 -26.70 42.49 -39.78
C SER I 27 -25.22 42.63 -40.15
N PRO I 28 -24.90 43.21 -41.31
CA PRO I 28 -25.85 43.60 -42.37
C PRO I 28 -26.28 42.40 -43.19
N SER I 29 -27.46 42.47 -43.82
CA SER I 29 -27.96 41.34 -44.59
C SER I 29 -26.96 40.87 -45.64
N SER I 30 -26.24 41.79 -46.26
CA SER I 30 -25.19 41.44 -47.22
C SER I 30 -24.09 42.48 -47.11
N LEU I 31 -22.87 42.06 -47.41
CA LEU I 31 -21.71 42.91 -47.24
C LEU I 31 -20.69 42.62 -48.33
N SER I 32 -19.94 43.65 -48.71
CA SER I 32 -18.84 43.52 -49.67
C SER I 32 -17.66 44.34 -49.17
N ALA I 33 -16.47 43.89 -49.53
CA ALA I 33 -15.24 44.55 -49.11
C ALA I 33 -14.15 44.22 -50.13
N SER I 34 -12.90 44.51 -49.78
CA SER I 34 -11.75 44.22 -50.63
C SER I 34 -10.74 43.41 -49.83
N VAL I 35 -9.80 42.78 -50.56
CA VAL I 35 -8.81 41.95 -49.91
C VAL I 35 -7.96 42.78 -48.96
N GLY I 36 -7.77 42.28 -47.75
CA GLY I 36 -6.99 42.95 -46.74
C GLY I 36 -7.79 43.88 -45.84
N ASP I 37 -9.07 44.09 -46.09
CA ASP I 37 -9.87 44.99 -45.28
C ASP I 37 -10.33 44.31 -44.00
N ARG I 38 -11.06 45.06 -43.18
CA ARG I 38 -11.64 44.58 -41.93
C ARG I 38 -13.15 44.62 -42.04
N VAL I 39 -13.83 43.62 -41.48
CA VAL I 39 -15.27 43.57 -41.48
C VAL I 39 -15.77 43.12 -40.10
N THR I 40 -16.97 43.60 -39.76
CA THR I 40 -17.64 43.24 -38.52
C THR I 40 -19.10 42.91 -38.82
N ILE I 41 -19.56 41.80 -38.25
CA ILE I 41 -20.92 41.32 -38.46
C ILE I 41 -21.58 41.13 -37.10
N THR I 42 -22.81 41.62 -36.97
CA THR I 42 -23.53 41.58 -35.70
C THR I 42 -24.65 40.55 -35.76
N CYS I 43 -24.83 39.84 -34.65
CA CYS I 43 -25.86 38.83 -34.52
C CYS I 43 -26.62 39.06 -33.22
N GLN I 44 -27.93 39.24 -33.32
CA GLN I 44 -28.78 39.56 -32.19
C GLN I 44 -29.85 38.48 -32.02
N ALA I 45 -30.05 38.07 -30.77
CA ALA I 45 -31.05 37.08 -30.41
C ALA I 45 -32.25 37.76 -29.78
N SER I 46 -33.40 37.09 -29.86
CA SER I 46 -34.62 37.65 -29.31
C SER I 46 -34.53 37.82 -27.79
N GLN I 47 -33.95 36.83 -27.10
CA GLN I 47 -33.90 36.84 -25.65
C GLN I 47 -32.46 36.57 -25.21
N ASP I 48 -32.24 36.64 -23.89
CA ASP I 48 -30.89 36.61 -23.35
C ASP I 48 -30.30 35.20 -23.37
N ILE I 49 -29.08 35.08 -23.89
CA ILE I 49 -28.30 33.86 -23.82
C ILE I 49 -26.92 34.22 -23.32
N LYS I 50 -26.42 33.47 -22.33
CA LYS I 50 -25.19 33.85 -21.64
C LYS I 50 -24.01 33.91 -22.59
N LYS I 51 -23.57 32.77 -23.10
CA LYS I 51 -22.47 32.73 -24.06
C LYS I 51 -22.69 31.72 -25.17
N TYR I 52 -23.90 31.17 -25.31
CA TYR I 52 -24.15 30.02 -26.17
C TYR I 52 -24.43 30.50 -27.59
N LEU I 53 -23.36 30.64 -28.37
CA LEU I 53 -23.49 31.03 -29.77
C LEU I 53 -22.29 30.50 -30.55
N ASN I 54 -22.53 30.20 -31.83
CA ASN I 54 -21.51 29.77 -32.76
C ASN I 54 -21.59 30.59 -34.03
N TRP I 55 -20.43 30.79 -34.66
CA TRP I 55 -20.32 31.46 -35.95
C TRP I 55 -19.97 30.44 -37.00
N TYR I 56 -20.70 30.46 -38.12
CA TYR I 56 -20.60 29.48 -39.19
C TYR I 56 -20.20 30.13 -40.50
N HIS I 57 -19.24 29.50 -41.17
CA HIS I 57 -18.86 29.82 -42.53
C HIS I 57 -19.70 29.00 -43.50
N GLN I 58 -19.78 29.48 -44.74
CA GLN I 58 -20.30 28.67 -45.83
C GLN I 58 -19.67 29.19 -47.11
N LYS I 59 -18.69 28.45 -47.61
CA LYS I 59 -18.00 28.82 -48.84
C LYS I 59 -18.93 28.61 -50.03
N PRO I 60 -18.76 29.39 -51.11
CA PRO I 60 -19.65 29.24 -52.26
C PRO I 60 -19.56 27.84 -52.86
N GLY I 61 -20.73 27.23 -53.09
CA GLY I 61 -20.79 25.90 -53.66
C GLY I 61 -20.11 24.84 -52.83
N LYS I 62 -20.22 24.93 -51.50
CA LYS I 62 -19.56 24.00 -50.60
C LYS I 62 -20.42 23.80 -49.37
N VAL I 63 -19.95 22.93 -48.48
CA VAL I 63 -20.65 22.68 -47.21
C VAL I 63 -20.26 23.76 -46.21
N PRO I 64 -21.15 24.16 -45.29
CA PRO I 64 -20.77 25.17 -44.30
C PRO I 64 -19.70 24.67 -43.34
N GLU I 65 -18.93 25.61 -42.83
CA GLU I 65 -18.04 25.37 -41.69
C GLU I 65 -18.51 26.16 -40.49
N LEU I 66 -18.22 25.62 -39.30
CA LEU I 66 -18.45 26.31 -38.05
C LEU I 66 -17.20 27.12 -37.71
N LEU I 67 -17.23 28.43 -38.00
CA LEU I 67 -16.06 29.26 -37.74
C LEU I 67 -15.57 29.10 -36.31
N MET I 68 -16.49 29.24 -35.36
CA MET I 68 -16.11 29.16 -33.95
C MET I 68 -17.35 28.85 -33.12
N HIS I 69 -17.11 28.45 -31.88
CA HIS I 69 -18.18 28.03 -30.99
C HIS I 69 -18.05 28.76 -29.66
N ASP I 70 -19.19 28.87 -28.96
CA ASP I 70 -19.31 29.60 -27.71
C ASP I 70 -19.07 31.10 -27.89
N ALA I 71 -19.03 31.57 -29.13
CA ALA I 71 -18.88 32.96 -29.55
C ALA I 71 -17.46 33.49 -29.33
N SER I 72 -16.58 32.75 -28.67
CA SER I 72 -15.21 33.22 -28.47
C SER I 72 -14.17 32.11 -28.54
N ASN I 73 -14.57 30.88 -28.83
CA ASN I 73 -13.66 29.74 -28.90
C ASN I 73 -13.61 29.24 -30.34
N LEU I 74 -12.46 29.41 -30.98
CA LEU I 74 -12.31 29.05 -32.38
C LEU I 74 -12.38 27.55 -32.56
N GLU I 75 -12.73 27.14 -33.78
CA GLU I 75 -12.67 25.74 -34.19
C GLU I 75 -11.31 25.47 -34.81
N THR I 76 -10.52 24.63 -34.14
CA THR I 76 -9.15 24.40 -34.56
C THR I 76 -9.10 23.95 -36.01
N GLY I 77 -7.96 24.20 -36.66
CA GLY I 77 -7.81 23.95 -38.07
C GLY I 77 -8.19 25.11 -38.96
N VAL I 78 -8.30 26.31 -38.40
CA VAL I 78 -8.72 27.51 -39.14
C VAL I 78 -7.80 28.66 -38.76
N PRO I 79 -7.58 29.65 -39.63
CA PRO I 79 -6.72 30.77 -39.25
C PRO I 79 -7.29 31.58 -38.10
N SER I 80 -6.40 32.28 -37.38
CA SER I 80 -6.79 33.07 -36.23
C SER I 80 -7.44 34.40 -36.62
N ARG I 81 -7.58 34.68 -37.91
CA ARG I 81 -8.12 35.97 -38.33
C ARG I 81 -9.53 36.19 -37.79
N PHE I 82 -10.37 35.16 -37.82
CA PHE I 82 -11.71 35.27 -37.24
C PHE I 82 -11.62 35.51 -35.74
N SER I 83 -12.47 36.39 -35.24
CA SER I 83 -12.59 36.59 -33.80
C SER I 83 -14.04 36.82 -33.44
N GLY I 84 -14.45 36.33 -32.28
CA GLY I 84 -15.83 36.47 -31.81
C GLY I 84 -15.87 37.07 -30.43
N ARG I 85 -16.80 37.99 -30.24
CA ARG I 85 -16.98 38.63 -28.93
C ARG I 85 -18.46 38.90 -28.71
N GLY I 86 -18.78 39.44 -27.54
CA GLY I 86 -20.14 39.81 -27.19
C GLY I 86 -20.65 38.99 -26.03
N SER I 87 -21.92 39.22 -25.70
CA SER I 87 -22.58 38.55 -24.58
C SER I 87 -24.06 38.86 -24.66
N GLY I 88 -24.80 38.41 -23.64
CA GLY I 88 -26.22 38.65 -23.56
C GLY I 88 -26.95 38.28 -24.84
N THR I 89 -27.52 39.28 -25.51
CA THR I 89 -28.24 39.06 -26.76
C THR I 89 -27.43 39.43 -27.99
N ASP I 90 -26.32 40.15 -27.83
CA ASP I 90 -25.58 40.69 -28.95
C ASP I 90 -24.20 40.07 -29.03
N PHE I 91 -23.85 39.57 -30.23
CA PHE I 91 -22.54 39.00 -30.47
C PHE I 91 -22.00 39.56 -31.78
N THR I 92 -20.68 39.57 -31.92
CA THR I 92 -20.00 40.19 -33.04
C THR I 92 -18.88 39.30 -33.54
N LEU I 93 -18.74 39.24 -34.86
CA LEU I 93 -17.66 38.53 -35.53
C LEU I 93 -16.81 39.56 -36.28
N THR I 94 -15.51 39.54 -36.03
CA THR I 94 -14.57 40.50 -36.61
C THR I 94 -13.52 39.75 -37.41
N ILE I 95 -13.28 40.23 -38.64
CA ILE I 95 -12.18 39.78 -39.48
C ILE I 95 -11.27 40.97 -39.71
N SER I 96 -9.98 40.80 -39.39
CA SER I 96 -9.03 41.90 -39.48
C SER I 96 -8.63 42.14 -40.93
N SER I 97 -8.07 41.12 -41.59
CA SER I 97 -7.58 41.23 -42.96
C SER I 97 -8.30 40.20 -43.82
N LEU I 98 -9.14 40.67 -44.74
CA LEU I 98 -9.87 39.78 -45.61
C LEU I 98 -8.94 39.10 -46.60
N GLN I 99 -9.34 37.90 -47.03
CA GLN I 99 -8.64 37.11 -48.03
C GLN I 99 -9.62 36.68 -49.09
N PRO I 100 -9.16 36.44 -50.33
CA PRO I 100 -10.11 36.05 -51.38
C PRO I 100 -10.90 34.80 -51.05
N GLU I 101 -10.31 33.86 -50.31
CA GLU I 101 -11.02 32.66 -49.91
C GLU I 101 -12.05 32.92 -48.82
N ASP I 102 -12.02 34.09 -48.18
CA ASP I 102 -12.94 34.43 -47.11
C ASP I 102 -14.33 34.76 -47.61
N ILE I 103 -14.51 34.85 -48.93
CA ILE I 103 -15.81 35.17 -49.51
C ILE I 103 -16.77 34.02 -49.26
N GLY I 104 -18.06 34.27 -49.46
CA GLY I 104 -19.07 33.25 -49.21
C GLY I 104 -20.25 33.81 -48.44
N THR I 105 -20.71 33.10 -47.42
CA THR I 105 -21.80 33.61 -46.59
C THR I 105 -21.61 33.13 -45.16
N TYR I 106 -21.82 34.04 -44.20
CA TYR I 106 -21.63 33.78 -42.79
C TYR I 106 -22.97 33.77 -42.07
N TYR I 107 -23.05 33.00 -40.99
CA TYR I 107 -24.26 32.86 -40.18
C TYR I 107 -23.90 32.70 -38.72
N CYS I 108 -24.92 32.79 -37.85
CA CYS I 108 -24.76 32.58 -36.41
C CYS I 108 -25.86 31.67 -35.90
N GLN I 109 -25.54 30.85 -34.89
CA GLN I 109 -26.45 29.87 -34.33
C GLN I 109 -26.37 29.89 -32.81
N GLN I 110 -27.43 29.40 -32.16
CA GLN I 110 -27.52 29.37 -30.70
C GLN I 110 -27.93 28.00 -30.21
N TYR I 111 -27.51 27.66 -28.99
CA TYR I 111 -27.85 26.40 -28.34
C TYR I 111 -28.20 26.63 -26.86
N ASP I 112 -29.04 27.64 -26.60
CA ASP I 112 -29.26 28.12 -25.24
C ASP I 112 -30.06 27.09 -24.44
N ASN I 113 -29.38 26.03 -24.01
CA ASN I 113 -29.88 25.13 -22.98
C ASN I 113 -31.00 24.23 -23.45
N LEU I 114 -31.53 24.46 -24.65
CA LEU I 114 -32.69 23.70 -25.12
C LEU I 114 -32.89 23.89 -26.62
N PRO I 115 -33.33 22.85 -27.33
CA PRO I 115 -33.83 23.06 -28.70
C PRO I 115 -35.19 23.73 -28.66
N PRO I 116 -35.72 24.17 -29.82
CA PRO I 116 -35.12 24.03 -31.15
C PRO I 116 -33.95 24.99 -31.40
N LEU I 117 -32.97 24.54 -32.19
CA LEU I 117 -31.85 25.39 -32.58
C LEU I 117 -32.28 26.34 -33.68
N THR I 118 -31.50 27.38 -33.95
CA THR I 118 -31.90 28.40 -34.90
C THR I 118 -30.69 28.91 -35.65
N PHE I 119 -30.89 29.18 -36.94
CA PHE I 119 -29.86 29.74 -37.81
C PHE I 119 -30.24 31.15 -38.26
N GLY I 120 -29.23 31.93 -38.62
CA GLY I 120 -29.41 33.30 -39.02
C GLY I 120 -29.82 33.43 -40.48
N GLY I 121 -30.17 34.65 -40.86
CA GLY I 121 -30.57 34.94 -42.23
C GLY I 121 -29.44 34.93 -43.23
N GLY I 122 -28.22 35.22 -42.80
CA GLY I 122 -27.06 35.15 -43.67
C GLY I 122 -26.48 36.51 -43.99
N THR I 123 -25.15 36.53 -44.13
CA THR I 123 -24.42 37.72 -44.53
C THR I 123 -23.47 37.32 -45.64
N LYS I 124 -23.74 37.77 -46.86
CA LYS I 124 -22.89 37.46 -47.99
C LYS I 124 -21.64 38.33 -47.99
N VAL I 125 -20.54 37.76 -48.48
CA VAL I 125 -19.27 38.46 -48.54
C VAL I 125 -18.63 38.21 -49.90
N GLU I 126 -18.52 39.26 -50.70
CA GLU I 126 -17.92 39.20 -52.02
C GLU I 126 -17.06 40.45 -52.21
N ILE I 127 -16.44 40.59 -53.38
CA ILE I 127 -15.47 41.63 -53.64
C ILE I 127 -15.92 42.43 -54.87
N LYS I 128 -15.46 43.67 -54.94
CA LYS I 128 -15.77 44.57 -56.04
C LYS I 128 -14.58 44.64 -57.01
N ARG I 129 -14.82 45.26 -58.16
CA ARG I 129 -13.88 45.22 -59.27
C ARG I 129 -13.74 46.58 -59.95
N THR I 130 -14.09 47.66 -59.24
CA THR I 130 -13.84 49.02 -59.70
C THR I 130 -14.39 49.26 -61.11
N VAL I 131 -15.63 48.85 -61.32
CA VAL I 131 -16.39 49.03 -62.57
C VAL I 131 -15.56 48.73 -63.82
N ALA I 132 -16.08 47.84 -64.66
CA ALA I 132 -15.43 47.46 -65.90
C ALA I 132 -16.40 47.66 -67.06
N ALA I 133 -15.84 47.87 -68.25
CA ALA I 133 -16.66 48.13 -69.43
C ALA I 133 -17.48 46.89 -69.79
N PRO I 134 -18.69 47.08 -70.34
CA PRO I 134 -19.53 45.92 -70.67
C PRO I 134 -19.30 45.37 -72.07
N SER I 135 -20.03 44.32 -72.43
CA SER I 135 -20.03 43.76 -73.78
C SER I 135 -21.47 43.48 -74.17
N VAL I 136 -21.77 43.61 -75.46
CA VAL I 136 -23.13 43.51 -75.98
C VAL I 136 -23.14 42.51 -77.14
N PHE I 137 -24.18 41.67 -77.19
CA PHE I 137 -24.39 40.75 -78.29
C PHE I 137 -25.89 40.53 -78.45
N ILE I 138 -26.29 39.97 -79.59
CA ILE I 138 -27.69 39.72 -79.88
C ILE I 138 -27.77 38.49 -80.77
N PHE I 139 -28.82 37.68 -80.57
CA PHE I 139 -28.99 36.47 -81.35
C PHE I 139 -30.47 36.12 -81.40
N PRO I 140 -30.91 35.43 -82.47
CA PRO I 140 -32.28 34.93 -82.53
C PRO I 140 -32.37 33.52 -81.98
N PRO I 141 -33.57 32.93 -81.95
CA PRO I 141 -33.68 31.52 -81.51
C PRO I 141 -33.22 30.52 -82.55
N SER I 142 -33.35 29.24 -82.24
CA SER I 142 -33.04 28.18 -83.19
C SER I 142 -34.22 28.01 -84.14
N ASP I 143 -34.22 26.92 -84.92
CA ASP I 143 -35.27 26.66 -85.90
C ASP I 143 -36.29 25.64 -85.39
N GLU I 144 -35.81 24.50 -84.88
CA GLU I 144 -36.75 23.48 -84.41
C GLU I 144 -37.64 24.01 -83.31
N GLN I 145 -37.16 24.97 -82.52
CA GLN I 145 -38.01 25.61 -81.53
C GLN I 145 -39.15 26.36 -82.19
N LEU I 146 -38.90 26.94 -83.36
CA LEU I 146 -39.98 27.59 -84.11
C LEU I 146 -41.03 26.58 -84.53
N LYS I 147 -40.63 25.41 -84.99
CA LYS I 147 -41.60 24.36 -85.32
C LYS I 147 -42.35 23.92 -84.07
N SER I 148 -41.67 23.85 -82.93
CA SER I 148 -42.33 23.46 -81.69
C SER I 148 -43.44 24.41 -81.30
N GLY I 149 -43.40 25.65 -81.78
CA GLY I 149 -44.43 26.63 -81.49
C GLY I 149 -44.01 27.81 -80.64
N THR I 150 -42.72 27.98 -80.36
CA THR I 150 -42.25 29.06 -79.51
C THR I 150 -40.91 29.58 -80.02
N ALA I 151 -40.75 30.89 -80.02
CA ALA I 151 -39.51 31.55 -80.40
C ALA I 151 -39.02 32.40 -79.23
N SER I 152 -37.71 32.63 -79.22
CA SER I 152 -37.08 33.40 -78.14
C SER I 152 -35.89 34.17 -78.71
N VAL I 153 -35.89 35.48 -78.53
CA VAL I 153 -34.79 36.33 -78.97
C VAL I 153 -33.96 36.72 -77.75
N VAL I 154 -32.64 36.63 -77.89
CA VAL I 154 -31.73 36.82 -76.76
C VAL I 154 -30.86 38.04 -77.02
N CYS I 155 -30.80 38.94 -76.05
CA CYS I 155 -29.80 39.98 -76.01
C CYS I 155 -28.85 39.68 -74.85
N LEU I 156 -27.58 39.49 -75.19
CA LEU I 156 -26.59 38.92 -74.28
C LEU I 156 -25.65 40.01 -73.80
N LEU I 157 -25.42 40.02 -72.49
CA LEU I 157 -24.47 40.93 -71.86
C LEU I 157 -23.43 40.09 -71.14
N ASN I 158 -22.15 40.36 -71.44
CA ASN I 158 -21.06 39.58 -70.89
C ASN I 158 -19.96 40.53 -70.44
N ASN I 159 -19.33 40.20 -69.31
CA ASN I 159 -18.21 40.98 -68.79
C ASN I 159 -18.63 42.41 -68.52
N PHE I 160 -19.58 42.58 -67.60
CA PHE I 160 -20.16 43.88 -67.29
C PHE I 160 -20.24 44.11 -65.80
N TYR I 161 -20.18 45.39 -65.41
CA TYR I 161 -20.39 45.85 -64.04
C TYR I 161 -20.46 47.37 -64.08
N PRO I 162 -21.31 48.02 -63.27
CA PRO I 162 -22.21 47.53 -62.22
C PRO I 162 -23.39 46.70 -62.75
N ARG I 163 -24.24 46.25 -61.83
CA ARG I 163 -25.44 45.51 -62.22
C ARG I 163 -26.46 46.37 -62.94
N GLU I 164 -26.29 47.69 -62.94
CA GLU I 164 -27.23 48.61 -63.59
C GLU I 164 -27.02 48.50 -65.10
N ALA I 165 -27.49 47.39 -65.67
CA ALA I 165 -27.41 47.13 -67.10
C ALA I 165 -28.81 46.71 -67.56
N LYS I 166 -29.52 47.63 -68.21
CA LYS I 166 -30.90 47.40 -68.59
C LYS I 166 -31.02 47.17 -70.09
N VAL I 167 -31.89 46.24 -70.45
CA VAL I 167 -32.13 45.87 -71.84
C VAL I 167 -33.60 46.14 -72.16
N GLN I 168 -33.85 46.87 -73.24
CA GLN I 168 -35.19 47.16 -73.73
C GLN I 168 -35.36 46.47 -75.08
N TRP I 169 -36.37 45.61 -75.19
CA TRP I 169 -36.66 44.96 -76.46
C TRP I 169 -37.59 45.84 -77.30
N LYS I 170 -37.34 45.84 -78.61
CA LYS I 170 -38.11 46.63 -79.55
C LYS I 170 -38.51 45.73 -80.70
N VAL I 171 -39.82 45.49 -80.84
CA VAL I 171 -40.39 44.75 -81.95
C VAL I 171 -41.49 45.60 -82.54
N ASP I 172 -41.21 46.26 -83.66
CA ASP I 172 -42.14 47.20 -84.28
C ASP I 172 -42.60 48.25 -83.28
N ASN I 173 -41.63 48.79 -82.53
CA ASN I 173 -41.90 49.82 -81.53
C ASN I 173 -42.94 49.36 -80.51
N ALA I 174 -42.77 48.13 -80.02
CA ALA I 174 -43.66 47.56 -79.01
C ALA I 174 -42.80 46.83 -77.98
N LEU I 175 -42.43 47.52 -76.92
CA LEU I 175 -41.65 46.90 -75.86
C LEU I 175 -42.46 45.78 -75.21
N GLN I 176 -41.78 44.71 -74.84
CA GLN I 176 -42.41 43.53 -74.26
C GLN I 176 -42.13 43.50 -72.75
N SER I 177 -43.19 43.50 -71.95
CA SER I 177 -43.08 43.41 -70.50
C SER I 177 -44.03 42.35 -69.98
N GLY I 178 -43.63 41.70 -68.89
CA GLY I 178 -44.41 40.61 -68.35
C GLY I 178 -44.25 39.30 -69.08
N ASN I 179 -43.38 39.25 -70.10
CA ASN I 179 -43.13 38.02 -70.84
C ASN I 179 -41.65 37.83 -71.16
N SER I 180 -40.76 38.59 -70.52
CA SER I 180 -39.33 38.51 -70.76
C SER I 180 -38.63 38.20 -69.45
N GLN I 181 -37.40 37.68 -69.55
CA GLN I 181 -36.65 37.27 -68.37
C GLN I 181 -35.18 37.60 -68.57
N GLU I 182 -34.44 37.61 -67.48
CA GLU I 182 -33.00 37.90 -67.49
C GLU I 182 -32.29 37.00 -66.49
N SER I 183 -30.99 36.80 -66.73
CA SER I 183 -30.17 35.97 -65.85
C SER I 183 -28.78 36.57 -65.78
N VAL I 184 -28.29 36.79 -64.56
CA VAL I 184 -26.98 37.40 -64.33
C VAL I 184 -26.12 36.45 -63.50
N THR I 185 -24.80 36.53 -63.68
CA THR I 185 -23.84 35.55 -63.18
C THR I 185 -23.29 35.94 -61.82
N GLU I 186 -22.32 35.14 -61.35
CA GLU I 186 -21.61 35.37 -60.10
C GLU I 186 -20.31 36.11 -60.38
N GLN I 187 -19.47 36.22 -59.36
CA GLN I 187 -18.16 36.86 -59.49
C GLN I 187 -17.25 35.94 -60.30
N ASP I 188 -16.84 36.40 -61.48
CA ASP I 188 -15.93 35.63 -62.32
C ASP I 188 -14.61 35.38 -61.58
N SER I 189 -13.85 34.39 -62.02
CA SER I 189 -12.62 33.99 -61.32
C SER I 189 -11.36 34.63 -61.88
N LYS I 190 -11.37 35.09 -63.13
CA LYS I 190 -10.19 35.70 -63.74
C LYS I 190 -10.39 37.19 -64.03
N ASP I 191 -11.43 37.54 -64.78
CA ASP I 191 -11.74 38.94 -65.04
C ASP I 191 -12.63 39.54 -63.96
N SER I 192 -13.25 38.71 -63.13
CA SER I 192 -14.07 39.08 -61.98
C SER I 192 -15.44 39.63 -62.38
N THR I 193 -15.68 39.88 -63.66
CA THR I 193 -16.88 40.59 -64.09
C THR I 193 -18.05 39.62 -64.26
N TYR I 194 -19.27 40.16 -64.27
CA TYR I 194 -20.49 39.40 -64.39
C TYR I 194 -20.82 39.19 -65.87
N SER I 195 -21.99 38.62 -66.13
CA SER I 195 -22.50 38.46 -67.48
C SER I 195 -24.00 38.21 -67.41
N LEU I 196 -24.76 39.00 -68.17
CA LEU I 196 -26.21 38.97 -68.11
C LEU I 196 -26.79 38.69 -69.49
N SER I 197 -27.75 37.78 -69.56
CA SER I 197 -28.46 37.47 -70.80
C SER I 197 -29.95 37.63 -70.57
N SER I 198 -30.61 38.32 -71.50
CA SER I 198 -32.05 38.55 -71.43
C SER I 198 -32.74 37.85 -72.59
N THR I 199 -33.77 37.08 -72.29
CA THR I 199 -34.52 36.32 -73.27
C THR I 199 -35.97 36.80 -73.31
N LEU I 200 -36.45 37.09 -74.51
CA LEU I 200 -37.84 37.45 -74.76
C LEU I 200 -38.48 36.30 -75.54
N THR I 201 -39.45 35.64 -74.92
CA THR I 201 -40.06 34.42 -75.46
C THR I 201 -41.50 34.71 -75.85
N LEU I 202 -41.84 34.44 -77.11
CA LEU I 202 -43.19 34.60 -77.61
C LEU I 202 -43.57 33.35 -78.40
N SER I 203 -44.84 33.29 -78.80
CA SER I 203 -45.30 32.21 -79.67
C SER I 203 -44.92 32.50 -81.11
N LYS I 204 -44.80 31.42 -81.91
CA LYS I 204 -44.42 31.59 -83.31
C LYS I 204 -45.48 32.36 -84.07
N ALA I 205 -46.76 32.13 -83.75
CA ALA I 205 -47.83 32.86 -84.43
C ALA I 205 -47.69 34.36 -84.19
N ASP I 206 -47.40 34.76 -82.95
CA ASP I 206 -47.14 36.17 -82.66
C ASP I 206 -45.77 36.61 -83.16
N TYR I 207 -44.81 35.68 -83.21
CA TYR I 207 -43.47 36.02 -83.70
C TYR I 207 -43.50 36.43 -85.16
N GLU I 208 -44.23 35.71 -86.00
CA GLU I 208 -44.18 35.96 -87.43
C GLU I 208 -44.83 37.29 -87.81
N LYS I 209 -45.70 37.84 -86.95
CA LYS I 209 -46.41 39.06 -87.30
C LYS I 209 -45.44 40.21 -87.53
N HIS I 210 -44.43 40.35 -86.66
CA HIS I 210 -43.50 41.45 -86.70
C HIS I 210 -42.23 41.08 -87.46
N LYS I 211 -41.46 42.10 -87.82
CA LYS I 211 -40.26 41.92 -88.64
C LYS I 211 -39.00 42.33 -87.90
N VAL I 212 -38.97 43.55 -87.38
CA VAL I 212 -37.76 44.08 -86.75
C VAL I 212 -37.65 43.55 -85.33
N TYR I 213 -36.43 43.25 -84.90
CA TYR I 213 -36.16 42.78 -83.54
C TYR I 213 -34.86 43.42 -83.06
N ALA I 214 -34.94 44.30 -82.06
CA ALA I 214 -33.77 45.02 -81.58
C ALA I 214 -33.74 45.00 -80.05
N CYS I 215 -32.53 45.11 -79.51
CA CYS I 215 -32.33 45.26 -78.08
C CYS I 215 -31.45 46.48 -77.82
N GLU I 216 -31.90 47.33 -76.91
CA GLU I 216 -31.22 48.56 -76.53
C GLU I 216 -30.66 48.40 -75.13
N VAL I 217 -29.35 48.63 -74.98
CA VAL I 217 -28.62 48.34 -73.75
C VAL I 217 -28.19 49.67 -73.15
N THR I 218 -28.56 49.88 -71.89
CA THR I 218 -28.12 51.02 -71.11
C THR I 218 -27.25 50.54 -69.96
N HIS I 219 -26.05 51.12 -69.84
CA HIS I 219 -25.11 50.73 -68.81
C HIS I 219 -24.23 51.93 -68.47
N GLN I 220 -23.63 51.89 -67.28
CA GLN I 220 -22.80 53.00 -66.83
C GLN I 220 -21.61 53.21 -67.75
N GLY I 221 -20.88 52.13 -68.08
CA GLY I 221 -19.73 52.27 -68.95
C GLY I 221 -20.11 52.80 -70.33
N LEU I 222 -21.24 52.35 -70.86
CA LEU I 222 -21.72 52.80 -72.16
C LEU I 222 -22.54 54.06 -71.93
N SER I 223 -21.86 55.22 -71.93
CA SER I 223 -22.56 56.48 -71.80
C SER I 223 -23.60 56.67 -72.90
N SER I 224 -23.34 56.11 -74.07
CA SER I 224 -24.31 56.10 -75.16
C SER I 224 -24.90 54.70 -75.26
N PRO I 225 -26.18 54.51 -74.94
CA PRO I 225 -26.74 53.15 -74.97
C PRO I 225 -26.59 52.53 -76.34
N VAL I 226 -26.29 51.24 -76.36
CA VAL I 226 -26.07 50.52 -77.62
C VAL I 226 -27.41 50.03 -78.16
N THR I 227 -27.48 49.90 -79.49
CA THR I 227 -28.72 49.55 -80.19
C THR I 227 -28.42 48.40 -81.15
N LYS I 228 -28.53 47.16 -80.66
CA LYS I 228 -28.38 46.00 -81.51
C LYS I 228 -29.69 45.72 -82.24
N SER I 229 -29.59 45.36 -83.52
CA SER I 229 -30.77 45.13 -84.35
C SER I 229 -30.56 43.91 -85.22
N PHE I 230 -31.66 43.24 -85.55
CA PHE I 230 -31.66 42.11 -86.49
C PHE I 230 -33.08 41.90 -86.98
N ASN I 231 -33.19 41.18 -88.09
CA ASN I 231 -34.44 40.97 -88.79
C ASN I 231 -34.97 39.57 -88.52
N ARG I 232 -36.09 39.23 -89.16
CA ARG I 232 -36.75 37.93 -89.00
C ARG I 232 -36.79 37.26 -90.38
N GLY I 233 -35.72 36.54 -90.71
CA GLY I 233 -35.62 35.86 -91.99
C GLY I 233 -34.82 36.65 -93.00
#